data_8ULS
#
_entry.id   8ULS
#
_cell.length_a   1.00
_cell.length_b   1.00
_cell.length_c   1.00
_cell.angle_alpha   90.00
_cell.angle_beta   90.00
_cell.angle_gamma   90.00
#
_symmetry.space_group_name_H-M   'P 1'
#
loop_
_entity.id
_entity.type
_entity.pdbx_description
1 polymer 'Envelope glycoprotein gp160'
2 polymer 'BG505 DS-SOSIP glycoprotein gp41'
3 polymer '01_D03 Fab Heavy Chain'
4 polymer '01_D03 Fab Light Chain'
5 branched 2-acetamido-2-deoxy-beta-D-glucopyranose-(1-4)-2-acetamido-2-deoxy-beta-D-glucopyranose
6 branched beta-D-mannopyranose-(1-4)-2-acetamido-2-deoxy-beta-D-glucopyranose-(1-4)-2-acetamido-2-deoxy-beta-D-glucopyranose
7 branched alpha-D-mannopyranose-(1-3)-[alpha-D-mannopyranose-(1-6)]beta-D-mannopyranose-(1-4)-2-acetamido-2-deoxy-beta-D-glucopyranose-(1-4)-2-acetamido-2-deoxy-beta-D-glucopyranose
8 branched alpha-D-mannopyranose-(1-3)-beta-D-mannopyranose-(1-4)-2-acetamido-2-deoxy-beta-D-glucopyranose-(1-4)-2-acetamido-2-deoxy-beta-D-glucopyranose
9 branched alpha-D-mannopyranose-(1-6)-beta-D-mannopyranose-(1-4)-2-acetamido-2-deoxy-beta-D-glucopyranose-(1-4)-2-acetamido-2-deoxy-beta-D-glucopyranose
10 non-polymer 2-acetamido-2-deoxy-beta-D-glucopyranose
#
loop_
_entity_poly.entity_id
_entity_poly.type
_entity_poly.pdbx_seq_one_letter_code
_entity_poly.pdbx_strand_id
1 'polypeptide(L)'
;NLWVTVYYGVPVWKDAETTLFCASDAKAYETEKHNVWATHACVPTDPNPQEIHLENVTEEFNMWKNNMVEQMHTDIISLW
DQSLKPCVKLTPLCVTLQCTNVTNNITDDMRGELKNCSFNMTTELRDKKQKVYSLFYRLDVVQINENQGNRSNNSNKEYR
LINCNTSAITQACPKVSFEPIPIHYCAPAGFAILKCKDKKFNGTGPCPSVSTVQCTHGIKPVVSTQLLLNGSLAEEEVMI
RSENITNNAKNILVQFNTPVQINCTRPNNNTRKSIRIGPGQAFYATGDIIGDIRQAHCNVSKATWNETLGKVVKQLRKHF
GNNTIIRFANSSGGDLEVTTHSFNCGGEFFYCNTSGLFNSTWISNTSVQGSNSTGSNDSITLPCRIKQIINMWQRIGQAM
YAPPIQGVIRCVSNITGLILTRDGGSTNSTTETFRPGGGDMRDNWRSELYKYKVVKIEPLGVAPTRCKRRVVGRRRRRR
;
A,C,E
2 'polypeptide(L)'
;AVGIGAVFLGFLGAAGSTMGAASMTLTVQARNLLSGIVQQQSNLLRAPEAQQHLLKLTVWGIKQLQARVLAVERYLRDQQ
LLGIWGCSGKLICCTNVPWNSSWSNRNLSEIWDNMTWLQWDKEISNYTQIIYGLLEESQNQQEKNEQDLLALD
;
B,D,F
3 'polypeptide(L)'
;HVQLWQSGAEVKKPGASVKISCSAWGFGTTSGYSFRDYRVHWVRHIAGQGFQWMGHMQPRYGAVNYARQFQGRITMTREV
SFDASGGTAYMELRSLRSDDTAVYYCVTHKLYDGEDASDLTWRLDPWGQGTRVIVSSASTKGPSVFPLAPSSKSTSGGTA
ALGCLVKDYFPEPVTVSWNSGALTSGVHTFPAVLQSSGLYSLSSVVTVPSSSLGTQTYICNVNHKPSNTKVDKRVEPKSC
DKTHHHHHH
;
H,I,J
4 'polypeptide(L)'
;GVHLTQSPASLSASVGDRVTFTCQASQDITNAINWYQLRPGKTPKLMIHDGSTLRRGVPSRFAGSGFGTKFTFTIDNLQP
EDLATYFCQHYEFFPPVGTQVELNRTVAAPSVFIFPPSDEQLKSGTASVVCLLNNFYPREAKVQWKVDNALQSGNSQESV
TEQDSKDSTYSLSSTLTLSKADYEKHKVYACEVTHQGLSSPVTKSFNRGEC
;
L,M,N
#
loop_
_chem_comp.id
_chem_comp.type
_chem_comp.name
_chem_comp.formula
BMA D-saccharide, beta linking beta-D-mannopyranose 'C6 H12 O6'
MAN D-saccharide, alpha linking alpha-D-mannopyranose 'C6 H12 O6'
NAG D-saccharide, beta linking 2-acetamido-2-deoxy-beta-D-glucopyranose 'C8 H15 N O6'
#
# COMPACT_ATOMS: atom_id res chain seq x y z
N ASN A 1 42.15 -33.75 23.02
CA ASN A 1 41.91 -32.57 22.21
C ASN A 1 40.44 -32.40 21.81
N LEU A 2 40.04 -31.15 21.54
CA LEU A 2 38.67 -30.81 21.20
C LEU A 2 38.67 -29.92 19.97
N TRP A 3 37.64 -30.08 19.14
CA TRP A 3 37.51 -29.29 17.93
C TRP A 3 36.06 -28.84 17.78
N VAL A 4 35.89 -27.67 17.17
CA VAL A 4 34.56 -27.07 17.06
C VAL A 4 33.70 -27.89 16.11
N THR A 5 32.48 -28.21 16.54
CA THR A 5 31.51 -28.95 15.74
C THR A 5 30.23 -28.13 15.68
N VAL A 6 29.87 -27.67 14.49
CA VAL A 6 28.68 -26.84 14.30
C VAL A 6 27.49 -27.75 14.04
N TYR A 7 26.40 -27.51 14.75
CA TYR A 7 25.17 -28.29 14.62
C TYR A 7 24.06 -27.38 14.11
N TYR A 8 23.35 -27.83 13.08
CA TYR A 8 22.23 -27.11 12.50
C TYR A 8 20.92 -27.73 12.94
N GLY A 9 19.99 -26.89 13.38
CA GLY A 9 18.71 -27.37 13.85
C GLY A 9 18.65 -27.74 15.31
N VAL A 10 19.47 -27.12 16.14
CA VAL A 10 19.44 -27.37 17.58
C VAL A 10 18.16 -26.78 18.16
N PRO A 11 17.58 -27.38 19.20
CA PRO A 11 16.35 -26.84 19.80
C PRO A 11 16.64 -25.67 20.73
N VAL A 12 17.05 -24.55 20.13
CA VAL A 12 17.46 -23.36 20.86
C VAL A 12 16.62 -22.19 20.38
N TRP A 13 16.06 -21.43 21.31
CA TRP A 13 15.27 -20.25 21.00
C TRP A 13 15.71 -19.09 21.88
N LYS A 14 15.47 -17.88 21.39
CA LYS A 14 15.73 -16.66 22.15
C LYS A 14 14.51 -15.75 22.08
N ASP A 15 14.33 -14.97 23.14
CA ASP A 15 13.20 -14.06 23.22
C ASP A 15 13.33 -12.96 22.16
N ALA A 16 12.27 -12.78 21.37
CA ALA A 16 12.30 -11.78 20.31
C ALA A 16 10.87 -11.47 19.88
N GLU A 17 10.72 -10.35 19.18
CA GLU A 17 9.44 -9.92 18.62
C GLU A 17 9.44 -10.13 17.12
N THR A 18 8.25 -10.29 16.56
CA THR A 18 8.09 -10.58 15.14
C THR A 18 6.69 -10.17 14.71
N THR A 19 6.40 -10.34 13.42
CA THR A 19 5.11 -10.03 12.84
C THR A 19 4.26 -11.30 12.85
N LEU A 20 3.16 -11.27 13.60
CA LEU A 20 2.31 -12.43 13.80
C LEU A 20 1.10 -12.31 12.89
N PHE A 21 1.04 -13.13 11.84
CA PHE A 21 -0.06 -13.07 10.89
C PHE A 21 -1.28 -13.77 11.48
N CYS A 22 -2.37 -13.81 10.73
CA CYS A 22 -3.65 -14.32 11.21
C CYS A 22 -4.05 -15.59 10.47
N ALA A 23 -4.68 -16.50 11.20
CA ALA A 23 -5.30 -17.69 10.64
C ALA A 23 -6.63 -17.90 11.32
N SER A 24 -7.61 -18.41 10.58
CA SER A 24 -8.94 -18.61 11.13
C SER A 24 -9.62 -19.77 10.41
N ASP A 25 -10.62 -20.35 11.09
CA ASP A 25 -11.39 -21.43 10.49
C ASP A 25 -12.26 -20.91 9.34
N ALA A 26 -12.37 -21.73 8.30
CA ALA A 26 -13.25 -21.38 7.19
C ALA A 26 -14.71 -21.38 7.61
N LYS A 27 -15.10 -22.32 8.47
CA LYS A 27 -16.49 -22.41 8.91
C LYS A 27 -16.86 -21.34 9.91
N ALA A 28 -15.87 -20.67 10.53
CA ALA A 28 -16.17 -19.63 11.51
C ALA A 28 -16.94 -18.48 10.88
N TYR A 29 -16.52 -18.04 9.70
CA TYR A 29 -17.19 -16.97 8.99
C TYR A 29 -18.08 -17.53 7.89
N GLU A 30 -19.18 -16.82 7.62
CA GLU A 30 -20.23 -17.32 6.74
C GLU A 30 -19.78 -17.37 5.27
N THR A 31 -18.70 -16.65 4.92
CA THR A 31 -18.13 -16.60 3.58
C THR A 31 -19.03 -15.81 2.64
N GLU A 32 -20.19 -15.36 3.15
CA GLU A 32 -21.08 -14.50 2.39
C GLU A 32 -21.10 -13.06 2.91
N LYS A 33 -20.94 -12.86 4.21
CA LYS A 33 -21.05 -11.55 4.82
C LYS A 33 -19.69 -11.10 5.34
N HIS A 34 -19.36 -9.84 5.10
CA HIS A 34 -18.07 -9.31 5.51
C HIS A 34 -18.01 -9.12 7.02
N ASN A 35 -16.78 -8.90 7.51
CA ASN A 35 -16.52 -8.72 8.93
C ASN A 35 -15.64 -7.50 9.13
N VAL A 36 -15.86 -6.79 10.23
CA VAL A 36 -15.01 -5.65 10.57
C VAL A 36 -13.58 -6.12 10.82
N TRP A 37 -13.43 -7.29 11.43
CA TRP A 37 -12.13 -7.96 11.53
C TRP A 37 -12.04 -8.92 10.36
N ALA A 38 -11.28 -8.53 9.33
CA ALA A 38 -11.21 -9.30 8.09
C ALA A 38 -10.75 -10.72 8.33
N THR A 39 -11.65 -11.69 8.13
CA THR A 39 -11.35 -13.09 8.31
C THR A 39 -11.03 -13.80 7.01
N HIS A 40 -11.58 -13.32 5.88
CA HIS A 40 -11.29 -13.92 4.59
C HIS A 40 -9.81 -13.77 4.24
N ALA A 41 -9.21 -12.63 4.58
CA ALA A 41 -7.80 -12.40 4.26
C ALA A 41 -6.87 -13.26 5.10
N CYS A 42 -7.33 -13.76 6.24
CA CYS A 42 -6.50 -14.64 7.06
C CYS A 42 -6.30 -15.96 6.34
N VAL A 43 -5.09 -16.52 6.48
CA VAL A 43 -4.81 -17.81 5.85
C VAL A 43 -5.64 -18.89 6.51
N PRO A 44 -6.11 -19.91 5.78
CA PRO A 44 -6.92 -20.96 6.42
C PRO A 44 -6.07 -21.80 7.37
N THR A 45 -6.51 -21.89 8.62
CA THR A 45 -5.77 -22.63 9.62
C THR A 45 -5.91 -24.14 9.38
N ASP A 46 -4.94 -24.89 9.91
CA ASP A 46 -4.95 -26.33 9.75
C ASP A 46 -6.10 -26.93 10.56
N PRO A 47 -6.82 -27.91 10.00
CA PRO A 47 -7.92 -28.53 10.75
C PRO A 47 -7.48 -29.17 12.06
N ASN A 48 -6.28 -29.75 12.09
CA ASN A 48 -5.75 -30.36 13.31
C ASN A 48 -4.60 -29.53 13.82
N PRO A 49 -4.75 -28.79 14.92
CA PRO A 49 -3.63 -28.02 15.46
C PRO A 49 -2.49 -28.93 15.88
N GLN A 50 -1.27 -28.46 15.65
CA GLN A 50 -0.05 -29.22 15.94
C GLN A 50 0.59 -28.62 17.19
N GLU A 51 0.18 -29.11 18.35
CA GLU A 51 0.72 -28.69 19.64
C GLU A 51 1.71 -29.75 20.12
N ILE A 52 2.94 -29.34 20.38
CA ILE A 52 4.01 -30.23 20.79
C ILE A 52 4.39 -29.90 22.23
N HIS A 53 4.31 -30.89 23.11
CA HIS A 53 4.73 -30.71 24.50
C HIS A 53 6.25 -30.77 24.59
N LEU A 54 6.80 -29.96 25.50
CA LEU A 54 8.24 -29.90 25.74
C LEU A 54 8.51 -30.35 27.16
N GLU A 55 9.22 -31.47 27.31
CA GLU A 55 9.44 -32.00 28.69
C GLU A 55 10.75 -31.41 29.23
N ASN A 56 10.82 -31.19 30.54
CA ASN A 56 12.06 -30.66 31.17
C ASN A 56 12.34 -29.23 30.70
N VAL A 57 11.30 -28.49 30.29
CA VAL A 57 11.51 -27.12 29.76
C VAL A 57 10.83 -26.09 30.67
N THR A 58 11.60 -25.22 31.31
CA THR A 58 11.05 -24.15 32.13
C THR A 58 11.43 -22.82 31.50
N GLU A 59 10.42 -22.02 31.16
CA GLU A 59 10.62 -20.76 30.49
C GLU A 59 9.98 -19.64 31.29
N GLU A 60 10.63 -18.47 31.28
CA GLU A 60 10.14 -17.30 32.00
C GLU A 60 9.16 -16.54 31.11
N PHE A 61 7.92 -16.45 31.56
CA PHE A 61 6.87 -15.74 30.84
C PHE A 61 6.59 -14.40 31.53
N ASN A 62 6.03 -13.47 30.77
CA ASN A 62 5.63 -12.18 31.33
C ASN A 62 4.49 -11.63 30.48
N MET A 63 3.26 -11.77 30.98
CA MET A 63 2.10 -11.28 30.25
C MET A 63 2.04 -9.76 30.19
N TRP A 64 2.66 -9.07 31.14
CA TRP A 64 2.64 -7.61 31.18
C TRP A 64 3.70 -6.97 30.30
N LYS A 65 4.66 -7.74 29.81
CA LYS A 65 5.68 -7.27 28.88
C LYS A 65 5.68 -8.10 27.61
N ASN A 66 4.49 -8.48 27.16
CA ASN A 66 4.32 -9.31 25.98
C ASN A 66 3.96 -8.43 24.78
N ASN A 67 4.75 -8.52 23.72
CA ASN A 67 4.47 -7.77 22.50
C ASN A 67 3.25 -8.28 21.76
N MET A 68 2.78 -9.49 22.09
CA MET A 68 1.60 -10.05 21.43
C MET A 68 0.37 -9.18 21.65
N VAL A 69 0.18 -8.70 22.88
CA VAL A 69 -1.03 -7.92 23.19
C VAL A 69 -0.97 -6.56 22.49
N GLU A 70 0.20 -5.92 22.45
CA GLU A 70 0.32 -4.65 21.75
C GLU A 70 0.11 -4.83 20.26
N GLN A 71 0.68 -5.90 19.68
CA GLN A 71 0.48 -6.14 18.26
C GLN A 71 -0.98 -6.43 17.94
N MET A 72 -1.66 -7.17 18.82
CA MET A 72 -3.08 -7.41 18.60
C MET A 72 -3.91 -6.14 18.72
N HIS A 73 -3.55 -5.27 19.68
CA HIS A 73 -4.25 -4.00 19.81
C HIS A 73 -4.09 -3.16 18.55
N THR A 74 -2.86 -3.08 18.03
CA THR A 74 -2.62 -2.36 16.78
C THR A 74 -3.38 -2.99 15.62
N ASP A 75 -3.42 -4.32 15.56
CA ASP A 75 -4.13 -5.00 14.49
C ASP A 75 -5.63 -4.70 14.53
N ILE A 76 -6.22 -4.75 15.72
CA ILE A 76 -7.65 -4.47 15.85
C ILE A 76 -7.94 -3.01 15.49
N ILE A 77 -7.09 -2.09 15.93
CA ILE A 77 -7.30 -0.68 15.58
C ILE A 77 -7.23 -0.49 14.07
N SER A 78 -6.24 -1.11 13.43
CA SER A 78 -6.09 -0.98 11.98
C SER A 78 -7.27 -1.60 11.24
N LEU A 79 -7.75 -2.75 11.70
CA LEU A 79 -8.91 -3.38 11.07
C LEU A 79 -10.14 -2.50 11.20
N TRP A 80 -10.37 -1.96 12.39
CA TRP A 80 -11.54 -1.10 12.62
C TRP A 80 -11.45 0.16 11.76
N ASP A 81 -10.25 0.72 11.62
CA ASP A 81 -10.10 1.94 10.83
C ASP A 81 -10.27 1.67 9.34
N GLN A 82 -9.74 0.55 8.85
CA GLN A 82 -9.84 0.24 7.43
C GLN A 82 -11.23 -0.26 7.06
N SER A 83 -12.00 -0.76 8.02
CA SER A 83 -13.37 -1.17 7.73
C SER A 83 -14.28 0.02 7.50
N LEU A 84 -13.94 1.18 8.09
CA LEU A 84 -14.76 2.38 7.96
C LEU A 84 -14.35 3.26 6.80
N LYS A 85 -13.24 2.94 6.12
CA LYS A 85 -12.78 3.79 5.02
C LYS A 85 -13.76 3.86 3.86
N PRO A 86 -14.30 2.76 3.32
CA PRO A 86 -15.23 2.86 2.19
C PRO A 86 -16.64 3.24 2.58
N CYS A 87 -16.94 3.39 3.87
CA CYS A 87 -18.31 3.63 4.31
C CYS A 87 -18.66 5.11 4.16
N VAL A 88 -19.94 5.41 4.42
CA VAL A 88 -20.47 6.75 4.19
C VAL A 88 -19.98 7.70 5.28
N LYS A 89 -19.56 8.89 4.86
CA LYS A 89 -19.16 9.95 5.79
C LYS A 89 -20.36 10.82 6.10
N LEU A 90 -20.75 10.88 7.37
CA LEU A 90 -21.93 11.64 7.78
C LEU A 90 -21.58 13.07 8.18
N THR A 91 -20.92 13.80 7.30
CA THR A 91 -20.65 15.21 7.54
C THR A 91 -21.91 16.07 7.36
N PRO A 92 -22.81 15.79 6.41
CA PRO A 92 -24.03 16.59 6.33
C PRO A 92 -24.94 16.43 7.54
N LEU A 93 -24.78 15.37 8.33
CA LEU A 93 -25.67 15.09 9.44
C LEU A 93 -25.49 16.05 10.60
N CYS A 94 -24.39 16.80 10.66
CA CYS A 94 -24.24 17.90 11.62
C CYS A 94 -25.05 19.09 11.13
N VAL A 95 -26.31 19.12 11.56
CA VAL A 95 -27.19 20.25 11.37
C VAL A 95 -27.87 20.57 12.69
N THR A 96 -28.73 21.58 12.68
CA THR A 96 -29.49 21.96 13.87
C THR A 96 -30.75 21.13 13.92
N LEU A 97 -30.82 20.22 14.89
CA LEU A 97 -31.91 19.26 15.00
C LEU A 97 -33.06 19.86 15.80
N GLN A 98 -34.28 19.69 15.32
CA GLN A 98 -35.49 20.08 16.03
C GLN A 98 -36.04 18.82 16.70
N CYS A 99 -35.62 18.59 17.94
CA CYS A 99 -35.92 17.36 18.65
C CYS A 99 -37.05 17.56 19.64
N THR A 100 -37.90 16.54 19.75
CA THR A 100 -39.01 16.52 20.74
C THR A 100 -39.00 15.10 21.31
N ASN A 101 -39.35 14.92 22.59
CA ASN A 101 -39.23 13.58 23.22
C ASN A 101 -40.31 12.65 22.66
N VAL A 102 -40.00 11.35 22.56
CA VAL A 102 -41.01 10.36 22.10
C VAL A 102 -41.84 9.95 23.32
N THR A 103 -43.12 10.33 23.36
CA THR A 103 -44.00 9.98 24.48
C THR A 103 -45.03 8.92 24.08
N ASN A 104 -44.74 8.14 23.05
CA ASN A 104 -45.68 7.13 22.54
C ASN A 104 -45.30 5.77 23.12
N ASN A 105 -46.10 5.29 24.08
CA ASN A 105 -45.94 3.96 24.67
C ASN A 105 -44.56 3.77 25.28
N ILE A 106 -44.14 4.75 26.08
CA ILE A 106 -42.83 4.72 26.74
C ILE A 106 -43.03 4.40 28.21
N THR A 107 -42.18 3.53 28.74
CA THR A 107 -42.17 3.27 30.17
C THR A 107 -41.42 4.38 30.91
N ASP A 108 -41.62 4.45 32.22
CA ASP A 108 -40.98 5.48 33.02
C ASP A 108 -39.46 5.32 33.07
N ASP A 109 -38.95 4.12 32.80
CA ASP A 109 -37.51 3.91 32.81
C ASP A 109 -36.84 4.64 31.65
N MET A 110 -37.48 4.66 30.49
CA MET A 110 -36.95 5.29 29.28
C MET A 110 -37.82 6.49 28.88
N ARG A 111 -38.18 7.31 29.86
CA ARG A 111 -39.06 8.44 29.62
C ARG A 111 -38.43 9.42 28.63
N GLY A 112 -37.18 9.80 28.86
CA GLY A 112 -36.55 10.82 28.03
C GLY A 112 -35.28 10.39 27.33
N GLU A 113 -35.06 9.07 27.23
CA GLU A 113 -33.84 8.57 26.61
C GLU A 113 -33.87 8.73 25.09
N LEU A 114 -35.05 8.67 24.48
CA LEU A 114 -35.20 8.75 23.04
C LEU A 114 -35.73 10.11 22.63
N LYS A 115 -35.18 10.65 21.55
CA LYS A 115 -35.57 11.99 21.06
C LYS A 115 -35.91 11.87 19.58
N ASN A 116 -37.09 12.31 19.15
CA ASN A 116 -37.51 12.26 17.73
C ASN A 116 -37.02 13.53 17.07
N CYS A 117 -35.86 13.48 16.41
CA CYS A 117 -35.22 14.72 15.89
C CYS A 117 -35.50 14.94 14.41
N SER A 118 -36.12 16.05 14.04
CA SER A 118 -36.37 16.40 12.65
C SER A 118 -35.37 17.46 12.22
N PHE A 119 -34.75 17.23 11.05
CA PHE A 119 -33.69 18.13 10.53
C PHE A 119 -33.81 18.25 9.02
N ASN A 120 -32.98 19.10 8.40
CA ASN A 120 -33.00 19.28 6.94
C ASN A 120 -31.74 18.70 6.35
N MET A 121 -31.84 17.67 5.52
CA MET A 121 -30.63 17.00 5.00
C MET A 121 -30.64 17.07 3.48
N THR A 122 -29.51 17.41 2.87
CA THR A 122 -29.39 17.49 1.42
C THR A 122 -29.86 16.19 0.77
N THR A 123 -30.54 16.33 -0.36
CA THR A 123 -30.93 15.18 -1.18
C THR A 123 -29.85 14.93 -2.24
N GLU A 124 -30.17 14.11 -3.23
CA GLU A 124 -29.19 13.83 -4.29
C GLU A 124 -28.85 15.08 -5.08
N LEU A 125 -29.80 15.99 -5.22
CA LEU A 125 -29.55 17.28 -5.86
C LEU A 125 -29.18 18.30 -4.79
N ARG A 126 -27.99 18.88 -4.90
CA ARG A 126 -27.49 19.74 -3.83
C ARG A 126 -28.27 21.06 -3.74
N ASP A 127 -29.02 21.43 -4.77
CA ASP A 127 -29.81 22.65 -4.74
C ASP A 127 -31.19 22.45 -4.13
N LYS A 128 -31.59 21.22 -3.86
CA LYS A 128 -32.85 20.91 -3.20
C LYS A 128 -32.57 20.35 -1.80
N LYS A 129 -33.42 20.70 -0.86
CA LYS A 129 -33.32 20.25 0.53
C LYS A 129 -34.38 19.20 0.81
N GLN A 130 -34.15 18.45 1.89
CA GLN A 130 -35.06 17.41 2.33
C GLN A 130 -35.30 17.55 3.83
N LYS A 131 -36.56 17.47 4.23
CA LYS A 131 -36.94 17.52 5.64
C LYS A 131 -37.25 16.09 6.10
N VAL A 132 -36.36 15.52 6.91
CA VAL A 132 -36.51 14.15 7.39
C VAL A 132 -36.41 14.16 8.92
N TYR A 133 -36.88 13.07 9.51
CA TYR A 133 -36.88 12.92 10.96
C TYR A 133 -36.22 11.59 11.34
N SER A 134 -35.65 11.56 12.53
CA SER A 134 -34.96 10.36 13.02
C SER A 134 -35.09 10.30 14.53
N LEU A 135 -34.92 9.10 15.06
CA LEU A 135 -34.96 8.86 16.50
C LEU A 135 -33.52 8.70 17.01
N PHE A 136 -33.08 9.66 17.82
CA PHE A 136 -31.74 9.65 18.38
C PHE A 136 -31.82 9.45 19.89
N TYR A 137 -30.90 8.64 20.41
CA TYR A 137 -30.80 8.45 21.85
C TYR A 137 -30.34 9.73 22.53
N ARG A 138 -30.65 9.84 23.82
CA ARG A 138 -30.29 11.04 24.57
C ARG A 138 -28.77 11.23 24.61
N LEU A 139 -28.02 10.14 24.72
CA LEU A 139 -26.57 10.22 24.80
C LEU A 139 -25.92 10.63 23.48
N ASP A 140 -26.67 10.62 22.38
CA ASP A 140 -26.14 10.95 21.07
C ASP A 140 -26.46 12.38 20.63
N VAL A 141 -27.21 13.12 21.43
CA VAL A 141 -27.60 14.49 21.10
C VAL A 141 -27.33 15.39 22.29
N VAL A 142 -26.82 16.58 22.03
CA VAL A 142 -26.54 17.57 23.06
C VAL A 142 -27.26 18.87 22.70
N GLN A 143 -27.93 19.46 23.68
CA GLN A 143 -28.71 20.66 23.44
C GLN A 143 -27.81 21.86 23.14
N ILE A 144 -28.32 22.76 22.31
CA ILE A 144 -27.62 23.99 21.95
C ILE A 144 -28.37 25.16 22.58
N ASN A 145 -27.64 25.98 23.34
CA ASN A 145 -28.23 27.12 24.01
C ASN A 145 -27.65 28.43 23.47
N ASN A 156 -40.17 23.42 20.57
CA ASN A 156 -39.08 22.46 20.69
C ASN A 156 -37.72 23.14 20.75
N LYS A 157 -36.73 22.43 21.30
CA LYS A 157 -35.39 22.96 21.46
C LYS A 157 -34.50 22.55 20.30
N GLU A 158 -33.29 23.10 20.29
CA GLU A 158 -32.30 22.82 19.25
C GLU A 158 -31.26 21.85 19.78
N TYR A 159 -30.94 20.83 18.99
CA TYR A 159 -29.97 19.81 19.37
C TYR A 159 -28.98 19.60 18.24
N ARG A 160 -27.93 18.84 18.56
CA ARG A 160 -26.92 18.44 17.58
C ARG A 160 -26.26 17.17 18.10
N LEU A 161 -25.52 16.50 17.20
CA LEU A 161 -24.82 15.27 17.59
C LEU A 161 -23.77 15.57 18.65
N ILE A 162 -23.59 14.62 19.57
CA ILE A 162 -22.65 14.82 20.66
C ILE A 162 -21.21 14.93 20.15
N ASN A 163 -20.84 14.11 19.17
CA ASN A 163 -19.51 14.15 18.58
C ASN A 163 -19.58 14.89 17.25
N CYS A 164 -19.77 16.22 17.32
CA CYS A 164 -19.87 17.05 16.10
C CYS A 164 -19.04 18.31 16.29
N ASN A 165 -18.41 18.47 17.45
CA ASN A 165 -17.51 19.60 17.69
C ASN A 165 -16.16 19.02 18.04
N THR A 166 -15.97 17.72 17.82
CA THR A 166 -14.71 17.07 18.23
C THR A 166 -14.25 16.04 17.20
N SER A 167 -15.16 15.57 16.35
CA SER A 167 -14.79 14.55 15.37
C SER A 167 -15.82 14.50 14.26
N ALA A 168 -15.41 13.90 13.14
CA ALA A 168 -16.28 13.72 11.98
C ALA A 168 -16.90 12.33 12.03
N ILE A 169 -18.21 12.26 11.85
CA ILE A 169 -18.95 11.01 12.00
C ILE A 169 -18.88 10.22 10.70
N THR A 170 -18.48 8.96 10.79
CA THR A 170 -18.48 8.04 9.66
C THR A 170 -19.43 6.89 9.98
N GLN A 171 -20.51 6.76 9.21
CA GLN A 171 -21.48 5.71 9.45
C GLN A 171 -20.89 4.35 9.13
N ALA A 172 -21.02 3.41 10.07
CA ALA A 172 -20.55 2.06 9.83
C ALA A 172 -21.37 1.41 8.73
N CYS A 173 -20.69 0.65 7.87
CA CYS A 173 -21.37 0.00 6.76
C CYS A 173 -22.37 -1.02 7.31
N PRO A 174 -23.64 -0.97 6.89
CA PRO A 174 -24.65 -1.86 7.48
C PRO A 174 -24.42 -3.33 7.19
N LYS A 175 -23.67 -3.68 6.14
CA LYS A 175 -23.38 -5.07 5.83
C LYS A 175 -22.16 -5.61 6.53
N VAL A 176 -21.26 -4.75 7.00
CA VAL A 176 -20.09 -5.19 7.74
C VAL A 176 -20.52 -5.63 9.13
N SER A 177 -20.26 -6.88 9.47
CA SER A 177 -20.68 -7.43 10.75
C SER A 177 -19.65 -7.12 11.84
N PHE A 178 -20.15 -6.84 13.04
CA PHE A 178 -19.32 -6.59 14.20
C PHE A 178 -19.18 -7.80 15.10
N GLU A 179 -19.63 -8.97 14.65
CA GLU A 179 -19.58 -10.18 15.46
C GLU A 179 -18.14 -10.65 15.62
N PRO A 180 -17.66 -10.85 16.85
CA PRO A 180 -16.29 -11.38 17.03
C PRO A 180 -16.14 -12.77 16.43
N ILE A 181 -15.08 -12.93 15.64
CA ILE A 181 -14.76 -14.21 15.01
C ILE A 181 -13.36 -14.61 15.50
N PRO A 182 -13.18 -15.84 15.98
CA PRO A 182 -11.85 -16.22 16.49
C PRO A 182 -10.77 -16.10 15.43
N ILE A 183 -9.61 -15.60 15.85
CA ILE A 183 -8.45 -15.42 14.99
C ILE A 183 -7.25 -16.03 15.68
N HIS A 184 -6.45 -16.79 14.91
CA HIS A 184 -5.27 -17.45 15.45
C HIS A 184 -4.03 -16.69 15.01
N TYR A 185 -3.28 -16.19 15.99
CA TYR A 185 -2.04 -15.47 15.72
C TYR A 185 -0.92 -16.49 15.58
N CYS A 186 -0.36 -16.59 14.38
CA CYS A 186 0.63 -17.59 14.05
C CYS A 186 1.97 -16.94 13.77
N ALA A 187 3.03 -17.48 14.35
CA ALA A 187 4.38 -16.98 14.12
C ALA A 187 4.88 -17.43 12.75
N PRO A 188 5.73 -16.63 12.10
CA PRO A 188 6.31 -17.04 10.82
C PRO A 188 7.28 -18.19 11.01
N ALA A 189 7.76 -18.70 9.88
CA ALA A 189 8.76 -19.77 9.91
C ALA A 189 10.05 -19.26 10.54
N GLY A 190 10.66 -20.10 11.37
CA GLY A 190 11.79 -19.68 12.17
C GLY A 190 11.44 -19.09 13.50
N PHE A 191 10.16 -18.86 13.77
CA PHE A 191 9.68 -18.38 15.06
C PHE A 191 8.67 -19.37 15.62
N ALA A 192 8.69 -19.54 16.94
CA ALA A 192 7.78 -20.45 17.62
C ALA A 192 7.04 -19.70 18.71
N ILE A 193 5.82 -20.15 19.00
CA ILE A 193 4.98 -19.58 20.05
C ILE A 193 4.91 -20.57 21.20
N LEU A 194 5.40 -20.17 22.36
CA LEU A 194 5.42 -21.03 23.53
C LEU A 194 4.13 -20.86 24.32
N LYS A 195 3.45 -21.97 24.57
CA LYS A 195 2.20 -21.98 25.33
C LYS A 195 2.45 -22.59 26.70
N CYS A 196 2.07 -21.87 27.74
CA CYS A 196 2.25 -22.32 29.12
C CYS A 196 1.01 -23.09 29.55
N LYS A 197 1.17 -24.39 29.79
CA LYS A 197 0.06 -25.25 30.15
C LYS A 197 -0.14 -25.35 31.66
N ASP A 198 0.62 -24.59 32.45
CA ASP A 198 0.43 -24.59 33.89
C ASP A 198 -0.96 -24.07 34.24
N LYS A 199 -1.69 -24.82 35.06
CA LYS A 199 -3.06 -24.46 35.39
C LYS A 199 -3.15 -23.40 36.49
N LYS A 200 -2.05 -23.13 37.19
CA LYS A 200 -1.98 -22.06 38.18
C LYS A 200 -0.81 -21.17 37.79
N PHE A 201 -1.05 -20.27 36.83
CA PHE A 201 0.04 -19.38 36.33
C PHE A 201 -0.28 -17.94 36.69
N ASN A 202 0.62 -17.26 37.41
CA ASN A 202 0.33 -15.88 37.88
C ASN A 202 0.65 -14.88 36.77
N GLY A 203 1.11 -15.35 35.61
CA GLY A 203 1.40 -14.46 34.48
C GLY A 203 2.85 -14.01 34.43
N THR A 204 3.61 -14.29 35.49
CA THR A 204 5.01 -13.87 35.56
C THR A 204 5.81 -14.97 36.24
N GLY A 205 7.05 -15.15 35.78
CA GLY A 205 7.92 -16.15 36.35
C GLY A 205 7.98 -17.42 35.52
N PRO A 206 8.72 -18.41 36.01
CA PRO A 206 8.90 -19.65 35.25
C PRO A 206 7.60 -20.43 35.12
N CYS A 207 7.48 -21.16 34.01
CA CYS A 207 6.34 -22.02 33.74
C CYS A 207 6.82 -23.45 33.62
N PRO A 208 6.56 -24.33 34.59
CA PRO A 208 7.12 -25.69 34.53
C PRO A 208 6.67 -26.48 33.31
N SER A 209 5.44 -26.28 32.84
CA SER A 209 4.89 -27.04 31.72
C SER A 209 4.78 -26.09 30.52
N VAL A 210 5.82 -26.09 29.69
CA VAL A 210 5.89 -25.23 28.51
C VAL A 210 5.65 -26.09 27.28
N SER A 211 4.71 -25.66 26.44
CA SER A 211 4.40 -26.32 25.19
C SER A 211 4.67 -25.37 24.03
N THR A 212 4.76 -25.95 22.83
CA THR A 212 5.06 -25.19 21.61
C THR A 212 3.90 -25.35 20.63
N VAL A 213 3.40 -24.22 20.14
CA VAL A 213 2.33 -24.21 19.14
C VAL A 213 2.76 -23.36 17.96
N GLN A 214 2.16 -23.65 16.80
CA GLN A 214 2.38 -22.83 15.61
C GLN A 214 1.39 -21.69 15.52
N CYS A 215 0.21 -21.83 16.13
CA CYS A 215 -0.81 -20.80 16.16
C CYS A 215 -1.42 -20.76 17.55
N THR A 216 -1.93 -19.59 17.92
CA THR A 216 -2.66 -19.46 19.17
C THR A 216 -4.05 -20.09 19.02
N HIS A 217 -4.80 -20.10 20.12
CA HIS A 217 -6.15 -20.64 20.10
C HIS A 217 -7.09 -19.59 19.50
N GLY A 218 -8.40 -19.82 19.62
CA GLY A 218 -9.34 -18.89 19.04
C GLY A 218 -9.56 -17.69 19.92
N ILE A 219 -8.85 -16.60 19.61
CA ILE A 219 -8.90 -15.38 20.42
C ILE A 219 -9.96 -14.46 19.85
N LYS A 220 -11.15 -14.50 20.42
CA LYS A 220 -12.25 -13.67 19.95
C LYS A 220 -11.98 -12.21 20.30
N PRO A 221 -11.92 -11.31 19.31
CA PRO A 221 -11.67 -9.90 19.62
C PRO A 221 -12.88 -9.21 20.22
N VAL A 222 -13.27 -9.62 21.42
CA VAL A 222 -14.43 -9.04 22.10
C VAL A 222 -13.98 -7.80 22.85
N VAL A 223 -14.50 -6.64 22.47
CA VAL A 223 -14.20 -5.38 23.12
C VAL A 223 -15.23 -5.16 24.23
N SER A 224 -14.76 -4.99 25.46
CA SER A 224 -15.65 -4.87 26.59
C SER A 224 -14.93 -4.18 27.75
N THR A 225 -15.73 -3.69 28.70
CA THR A 225 -15.22 -3.04 29.90
C THR A 225 -15.97 -3.57 31.11
N GLN A 226 -15.23 -3.70 32.22
CA GLN A 226 -15.75 -4.14 33.52
C GLN A 226 -16.11 -5.62 33.53
N LEU A 227 -16.08 -6.26 32.36
CA LEU A 227 -16.44 -7.66 32.21
C LEU A 227 -15.77 -8.19 30.95
N LEU A 228 -15.18 -9.38 31.05
CA LEU A 228 -14.63 -10.07 29.88
C LEU A 228 -15.67 -11.05 29.37
N LEU A 229 -16.24 -10.75 28.21
CA LEU A 229 -17.36 -11.56 27.71
C LEU A 229 -16.84 -12.59 26.70
N ASN A 230 -17.53 -13.72 26.56
CA ASN A 230 -17.14 -14.75 25.58
C ASN A 230 -15.63 -14.88 25.57
N GLY A 231 -15.04 -15.41 26.62
CA GLY A 231 -13.56 -15.45 26.66
C GLY A 231 -13.01 -16.79 27.11
N SER A 232 -11.69 -16.89 27.30
CA SER A 232 -11.15 -18.18 27.65
C SER A 232 -11.07 -18.33 29.17
N LEU A 233 -11.54 -19.47 29.66
CA LEU A 233 -11.67 -19.70 31.10
C LEU A 233 -10.34 -20.13 31.71
N ALA A 234 -10.29 -20.08 33.05
CA ALA A 234 -9.30 -20.82 33.81
C ALA A 234 -9.73 -22.28 33.92
N GLU A 235 -8.82 -23.13 34.38
CA GLU A 235 -9.04 -24.57 34.41
C GLU A 235 -9.21 -25.15 35.79
N GLU A 236 -8.37 -24.78 36.76
CA GLU A 236 -8.48 -25.32 38.11
C GLU A 236 -9.27 -24.40 39.02
N GLU A 237 -8.81 -23.17 39.18
CA GLU A 237 -9.41 -22.20 40.11
C GLU A 237 -9.51 -20.83 39.44
N VAL A 238 -10.28 -19.95 40.10
CA VAL A 238 -10.33 -18.56 39.68
C VAL A 238 -8.96 -17.94 39.90
N MET A 239 -8.41 -17.33 38.86
CA MET A 239 -7.04 -16.84 38.86
C MET A 239 -7.05 -15.32 38.94
N ILE A 240 -6.40 -14.78 39.97
CA ILE A 240 -6.18 -13.35 40.10
C ILE A 240 -4.76 -13.03 39.62
N ARG A 241 -4.66 -12.19 38.60
CA ARG A 241 -3.39 -11.86 37.98
C ARG A 241 -3.29 -10.35 37.82
N SER A 242 -2.31 -9.75 38.48
CA SER A 242 -2.06 -8.32 38.39
C SER A 242 -0.57 -8.07 38.22
N GLU A 243 -0.22 -6.92 37.64
CA GLU A 243 1.21 -6.57 37.46
C GLU A 243 1.84 -6.46 38.84
N ASN A 244 1.20 -5.71 39.72
CA ASN A 244 1.68 -5.58 41.10
C ASN A 244 0.46 -5.39 41.99
N ILE A 245 0.02 -6.44 42.67
CA ILE A 245 -1.24 -6.34 43.46
C ILE A 245 -1.10 -5.24 44.52
N THR A 246 0.11 -4.91 44.97
CA THR A 246 0.24 -3.80 45.90
C THR A 246 -0.05 -2.46 45.23
N ASN A 247 0.25 -2.33 43.94
CA ASN A 247 0.01 -1.10 43.21
C ASN A 247 -1.47 -0.99 42.87
N ASN A 248 -2.12 0.08 43.36
CA ASN A 248 -3.53 0.29 43.09
C ASN A 248 -3.78 0.86 41.69
N ALA A 249 -2.74 1.38 41.04
CA ALA A 249 -2.89 1.93 39.70
C ALA A 249 -2.86 0.85 38.62
N LYS A 250 -2.59 -0.40 38.97
CA LYS A 250 -2.55 -1.51 38.03
C LYS A 250 -3.88 -2.25 38.06
N ASN A 251 -4.46 -2.46 36.89
CA ASN A 251 -5.72 -3.18 36.80
C ASN A 251 -5.54 -4.64 37.23
N ILE A 252 -6.54 -5.15 37.95
CA ILE A 252 -6.53 -6.52 38.43
C ILE A 252 -7.39 -7.36 37.47
N LEU A 253 -6.75 -8.33 36.82
CA LEU A 253 -7.43 -9.19 35.87
C LEU A 253 -7.88 -10.47 36.58
N VAL A 254 -9.19 -10.74 36.54
CA VAL A 254 -9.77 -11.93 37.15
C VAL A 254 -10.22 -12.87 36.04
N GLN A 255 -10.09 -14.17 36.27
CA GLN A 255 -10.53 -15.18 35.33
C GLN A 255 -11.42 -16.18 36.03
N PHE A 256 -12.53 -16.54 35.37
CA PHE A 256 -13.55 -17.40 35.97
C PHE A 256 -13.38 -18.83 35.47
N ASN A 257 -13.50 -19.79 36.39
CA ASN A 257 -13.42 -21.20 36.02
C ASN A 257 -14.76 -21.75 35.54
N THR A 258 -15.86 -21.04 35.79
CA THR A 258 -17.18 -21.48 35.37
C THR A 258 -17.93 -20.35 34.68
N PRO A 259 -18.84 -20.68 33.79
CA PRO A 259 -19.66 -19.66 33.15
C PRO A 259 -20.36 -18.75 34.14
N VAL A 260 -20.47 -17.48 33.78
CA VAL A 260 -21.42 -16.56 34.40
C VAL A 260 -22.26 -16.01 33.25
N GLN A 261 -23.33 -16.73 32.90
CA GLN A 261 -24.11 -16.40 31.72
C GLN A 261 -24.86 -15.09 31.94
N ILE A 262 -24.71 -14.18 30.96
CA ILE A 262 -25.39 -12.85 31.00
C ILE A 262 -26.26 -12.77 29.75
N ASN A 263 -27.55 -12.51 29.91
CA ASN A 263 -28.47 -12.50 28.74
C ASN A 263 -28.89 -11.07 28.43
N CYS A 264 -28.33 -10.48 27.38
CA CYS A 264 -28.67 -9.10 27.00
C CYS A 264 -29.91 -9.08 26.16
N THR A 265 -30.64 -7.99 26.19
CA THR A 265 -31.68 -7.84 25.19
C THR A 265 -31.96 -6.36 24.95
N ARG A 266 -32.54 -6.09 23.79
CA ARG A 266 -32.97 -4.74 23.39
C ARG A 266 -34.44 -4.84 23.01
N PRO A 267 -35.35 -4.63 23.96
CA PRO A 267 -36.77 -4.93 23.71
C PRO A 267 -37.40 -4.10 22.60
N ASN A 268 -36.85 -2.95 22.27
CA ASN A 268 -37.55 -2.11 21.25
C ASN A 268 -37.40 -2.80 19.88
N ASN A 269 -38.45 -2.80 19.07
CA ASN A 269 -38.39 -3.40 17.70
C ASN A 269 -38.03 -2.28 16.72
N ASN A 270 -36.78 -1.83 16.72
CA ASN A 270 -36.37 -0.66 15.90
C ASN A 270 -36.59 -0.92 14.42
N THR A 271 -36.87 0.14 13.67
CA THR A 271 -36.98 0.01 12.22
C THR A 271 -36.00 0.97 11.56
N ARG A 272 -35.33 0.48 10.52
CA ARG A 272 -34.32 1.26 9.81
C ARG A 272 -34.94 1.92 8.59
N LYS A 273 -34.74 3.23 8.48
CA LYS A 273 -35.22 4.00 7.34
C LYS A 273 -34.02 4.60 6.62
N SER A 274 -33.93 4.36 5.32
CA SER A 274 -32.81 4.83 4.52
C SER A 274 -33.11 6.22 3.98
N ILE A 275 -32.22 7.16 4.27
CA ILE A 275 -32.33 8.54 3.81
C ILE A 275 -31.17 8.83 2.87
N ARG A 276 -31.48 9.32 1.67
CA ARG A 276 -30.47 9.62 0.68
C ARG A 276 -29.88 10.99 0.98
N ILE A 277 -28.62 11.01 1.40
CA ILE A 277 -27.94 12.26 1.76
C ILE A 277 -26.99 12.74 0.67
N GLY A 278 -26.95 12.07 -0.48
CA GLY A 278 -26.05 12.44 -1.53
C GLY A 278 -26.17 11.54 -2.75
N PRO A 279 -25.37 11.81 -3.77
CA PRO A 279 -25.43 11.00 -4.99
C PRO A 279 -24.81 9.63 -4.81
N GLY A 280 -25.57 8.68 -4.26
CA GLY A 280 -25.11 7.34 -4.03
C GLY A 280 -24.87 6.99 -2.58
N GLN A 281 -24.95 7.97 -1.68
CA GLN A 281 -24.76 7.75 -0.26
C GLN A 281 -26.11 7.67 0.44
N ALA A 282 -26.22 6.76 1.40
CA ALA A 282 -27.46 6.54 2.14
C ALA A 282 -27.17 6.58 3.63
N PHE A 283 -27.97 7.34 4.36
CA PHE A 283 -27.87 7.42 5.81
C PHE A 283 -29.05 6.66 6.42
N TYR A 284 -28.75 5.66 7.23
CA TYR A 284 -29.76 4.81 7.84
C TYR A 284 -30.13 5.37 9.21
N ALA A 285 -31.40 5.74 9.36
CA ALA A 285 -31.88 6.37 10.58
C ALA A 285 -33.00 5.54 11.20
N THR A 286 -33.12 5.64 12.52
CA THR A 286 -34.19 4.97 13.27
C THR A 286 -35.49 5.69 13.01
N GLY A 287 -36.26 5.20 12.03
CA GLY A 287 -37.52 5.84 11.68
C GLY A 287 -38.57 5.75 12.76
N ASP A 288 -39.08 4.54 13.01
CA ASP A 288 -40.12 4.32 14.01
C ASP A 288 -39.82 3.03 14.76
N ILE A 289 -40.47 2.87 15.90
CA ILE A 289 -40.40 1.66 16.71
C ILE A 289 -41.80 1.08 16.81
N ILE A 290 -41.96 -0.18 16.40
CA ILE A 290 -43.26 -0.84 16.39
C ILE A 290 -43.42 -1.53 17.74
N GLY A 291 -44.28 -0.98 18.60
CA GLY A 291 -44.66 -1.61 19.84
C GLY A 291 -44.33 -0.73 21.02
N ASP A 292 -44.28 -1.36 22.19
CA ASP A 292 -43.98 -0.66 23.43
C ASP A 292 -42.49 -0.31 23.49
N ILE A 293 -42.20 0.72 24.28
CA ILE A 293 -40.83 1.20 24.47
C ILE A 293 -40.36 0.74 25.85
N ARG A 294 -39.31 -0.07 25.87
CA ARG A 294 -38.77 -0.62 27.11
C ARG A 294 -37.26 -0.43 27.16
N GLN A 295 -36.74 -0.32 28.37
CA GLN A 295 -35.30 -0.09 28.54
C GLN A 295 -34.51 -1.36 28.27
N ALA A 296 -33.44 -1.22 27.50
CA ALA A 296 -32.53 -2.34 27.28
C ALA A 296 -31.86 -2.74 28.60
N HIS A 297 -31.67 -4.04 28.78
CA HIS A 297 -31.17 -4.53 30.06
C HIS A 297 -30.41 -5.84 29.84
N CYS A 298 -29.61 -6.21 30.82
CA CYS A 298 -28.89 -7.50 30.74
C CYS A 298 -29.15 -8.22 32.06
N ASN A 299 -29.44 -9.52 32.01
CA ASN A 299 -29.78 -10.25 33.25
C ASN A 299 -28.62 -11.17 33.62
N VAL A 300 -28.30 -11.27 34.91
CA VAL A 300 -27.22 -12.18 35.38
C VAL A 300 -27.77 -12.94 36.57
N SER A 301 -27.78 -14.26 36.53
CA SER A 301 -28.29 -15.10 37.61
C SER A 301 -27.72 -14.64 38.94
N LYS A 302 -28.60 -14.49 39.94
CA LYS A 302 -28.18 -13.96 41.23
C LYS A 302 -27.30 -14.95 41.99
N ALA A 303 -27.73 -16.21 42.05
CA ALA A 303 -26.97 -17.22 42.79
C ALA A 303 -25.63 -17.51 42.11
N THR A 304 -25.62 -17.59 40.78
CA THR A 304 -24.38 -17.84 40.06
C THR A 304 -23.39 -16.70 40.27
N TRP A 305 -23.86 -15.46 40.21
CA TRP A 305 -22.92 -14.35 40.48
C TRP A 305 -22.47 -14.45 41.93
N ASN A 306 -23.39 -14.39 42.87
CA ASN A 306 -23.01 -14.36 44.31
C ASN A 306 -21.99 -15.47 44.57
N GLU A 307 -22.14 -16.63 43.95
CA GLU A 307 -21.12 -17.70 44.10
C GLU A 307 -19.82 -17.21 43.48
N THR A 308 -19.81 -16.96 42.18
CA THR A 308 -18.61 -16.51 41.48
C THR A 308 -17.88 -15.44 42.28
N LEU A 309 -18.62 -14.50 42.86
CA LEU A 309 -18.00 -13.49 43.71
C LEU A 309 -17.40 -14.12 44.96
N GLY A 310 -18.02 -15.18 45.50
CA GLY A 310 -17.42 -15.89 46.61
C GLY A 310 -16.09 -16.52 46.25
N LYS A 311 -16.03 -17.17 45.08
CA LYS A 311 -14.75 -17.71 44.62
C LYS A 311 -13.74 -16.60 44.41
N VAL A 312 -14.17 -15.46 43.86
CA VAL A 312 -13.28 -14.34 43.60
C VAL A 312 -12.71 -13.80 44.90
N VAL A 313 -13.54 -13.61 45.91
CA VAL A 313 -13.06 -13.08 47.18
C VAL A 313 -12.17 -14.10 47.88
N LYS A 314 -12.48 -15.39 47.76
CA LYS A 314 -11.62 -16.42 48.34
C LYS A 314 -10.23 -16.38 47.71
N GLN A 315 -10.16 -16.20 46.40
CA GLN A 315 -8.85 -16.11 45.74
C GLN A 315 -8.16 -14.77 46.00
N LEU A 316 -8.93 -13.70 46.20
CA LEU A 316 -8.34 -12.39 46.46
C LEU A 316 -7.80 -12.27 47.88
N ARG A 317 -8.38 -12.98 48.83
CA ARG A 317 -7.93 -12.90 50.22
C ARG A 317 -6.52 -13.45 50.39
N LYS A 318 -6.02 -14.22 49.42
CA LYS A 318 -4.67 -14.77 49.52
C LYS A 318 -3.62 -13.67 49.49
N HIS A 319 -3.78 -12.68 48.61
CA HIS A 319 -2.76 -11.66 48.42
C HIS A 319 -2.76 -10.64 49.56
N PHE A 320 -3.93 -10.37 50.14
CA PHE A 320 -4.08 -9.29 51.11
C PHE A 320 -4.18 -9.78 52.55
N GLY A 321 -4.37 -11.08 52.76
CA GLY A 321 -4.52 -11.61 54.13
C GLY A 321 -5.88 -12.25 54.35
N ASN A 322 -6.00 -13.12 55.36
CA ASN A 322 -7.28 -13.85 55.55
C ASN A 322 -8.21 -13.05 56.47
N ASN A 323 -7.76 -11.91 56.97
CA ASN A 323 -8.59 -11.13 57.95
C ASN A 323 -9.03 -9.78 57.34
N THR A 324 -8.97 -9.63 56.02
CA THR A 324 -9.46 -8.42 55.39
C THR A 324 -10.92 -8.55 55.01
N ILE A 325 -11.64 -7.43 55.08
CA ILE A 325 -13.05 -7.37 54.71
C ILE A 325 -13.07 -6.88 53.27
N ILE A 326 -13.12 -7.83 52.33
CA ILE A 326 -13.15 -7.48 50.92
C ILE A 326 -14.53 -6.95 50.57
N ARG A 327 -14.56 -5.79 49.91
CA ARG A 327 -15.86 -5.17 49.54
C ARG A 327 -15.82 -4.87 48.05
N PHE A 328 -16.92 -5.11 47.34
CA PHE A 328 -16.98 -4.73 45.92
C PHE A 328 -17.92 -3.52 45.81
N ALA A 329 -17.63 -2.58 44.92
CA ALA A 329 -18.47 -1.37 44.81
C ALA A 329 -18.61 -0.98 43.34
N ASN A 330 -19.35 0.09 43.03
CA ASN A 330 -19.61 0.42 41.61
C ASN A 330 -18.60 1.43 41.11
N SER A 331 -18.41 1.52 39.79
CA SER A 331 -17.35 2.40 39.28
C SER A 331 -17.63 3.83 39.64
N SER A 332 -16.69 4.49 40.31
CA SER A 332 -16.80 5.90 40.66
C SER A 332 -16.09 6.72 39.59
N GLY A 333 -16.79 7.72 39.06
CA GLY A 333 -16.20 8.64 38.10
C GLY A 333 -15.85 8.00 36.76
N GLY A 334 -15.45 8.82 35.81
CA GLY A 334 -15.05 8.35 34.49
C GLY A 334 -16.13 8.58 33.45
N ASP A 335 -15.77 8.25 32.22
CA ASP A 335 -16.70 8.35 31.10
C ASP A 335 -17.67 7.18 31.11
N LEU A 336 -18.62 7.20 30.17
CA LEU A 336 -19.59 6.11 30.08
C LEU A 336 -18.93 4.79 29.71
N GLU A 337 -17.77 4.83 29.06
CA GLU A 337 -17.08 3.61 28.67
C GLU A 337 -16.40 2.92 29.85
N VAL A 338 -16.25 3.60 30.99
CA VAL A 338 -15.64 3.01 32.17
C VAL A 338 -16.63 2.88 33.33
N THR A 339 -17.48 3.89 33.53
CA THR A 339 -18.47 3.84 34.60
C THR A 339 -19.57 2.82 34.33
N THR A 340 -19.66 2.30 33.11
CA THR A 340 -20.68 1.32 32.74
C THR A 340 -20.03 0.21 31.93
N HIS A 341 -20.65 -0.96 31.96
CA HIS A 341 -20.18 -2.12 31.20
C HIS A 341 -20.48 -1.89 29.71
N SER A 342 -19.45 -1.54 28.95
CA SER A 342 -19.60 -1.28 27.52
C SER A 342 -19.28 -2.53 26.73
N PHE A 343 -20.16 -2.89 25.80
CA PHE A 343 -19.94 -4.03 24.93
C PHE A 343 -20.81 -3.87 23.69
N ASN A 344 -20.62 -4.76 22.74
CA ASN A 344 -21.35 -4.74 21.47
C ASN A 344 -22.19 -6.00 21.36
N CYS A 345 -23.50 -5.81 21.13
CA CYS A 345 -24.45 -6.91 21.01
C CYS A 345 -25.18 -6.78 19.68
N GLY A 346 -24.75 -7.56 18.69
CA GLY A 346 -25.43 -7.59 17.41
C GLY A 346 -25.42 -6.28 16.65
N GLY A 347 -24.34 -5.52 16.73
CA GLY A 347 -24.23 -4.26 16.03
C GLY A 347 -24.72 -3.04 16.79
N GLU A 348 -25.30 -3.23 17.98
CA GLU A 348 -25.75 -2.13 18.82
C GLU A 348 -24.90 -2.11 20.08
N PHE A 349 -24.43 -0.92 20.45
CA PHE A 349 -23.51 -0.77 21.56
C PHE A 349 -24.28 -0.51 22.85
N PHE A 350 -23.98 -1.32 23.88
CA PHE A 350 -24.66 -1.25 25.15
C PHE A 350 -23.74 -0.65 26.21
N TYR A 351 -24.32 0.14 27.11
CA TYR A 351 -23.62 0.70 28.27
C TYR A 351 -24.49 0.41 29.49
N CYS A 352 -24.19 -0.71 30.14
CA CYS A 352 -25.04 -1.22 31.26
C CYS A 352 -24.51 -0.84 32.64
N ASN A 353 -25.38 -0.37 33.52
CA ASN A 353 -25.02 0.04 34.88
C ASN A 353 -24.79 -1.21 35.72
N THR A 354 -23.53 -1.60 35.87
CA THR A 354 -23.17 -2.81 36.63
C THR A 354 -22.95 -2.39 38.07
N SER A 355 -23.97 -1.85 38.71
CA SER A 355 -23.85 -1.46 40.13
C SER A 355 -24.45 -2.59 40.96
N GLY A 356 -25.47 -3.26 40.45
CA GLY A 356 -26.10 -4.38 41.17
C GLY A 356 -25.17 -5.57 41.18
N LEU A 357 -24.44 -5.77 40.10
CA LEU A 357 -23.48 -6.89 40.02
C LEU A 357 -22.47 -6.73 41.15
N PHE A 358 -21.92 -5.53 41.34
CA PHE A 358 -20.84 -5.36 42.35
C PHE A 358 -21.44 -5.12 43.73
N ASN A 359 -21.73 -3.87 44.11
CA ASN A 359 -22.37 -3.55 45.42
C ASN A 359 -22.51 -4.78 46.33
N SER A 360 -21.47 -5.08 47.12
CA SER A 360 -21.49 -6.25 48.04
C SER A 360 -20.35 -6.17 49.05
N THR A 361 -20.51 -6.78 50.23
CA THR A 361 -19.42 -6.81 51.23
C THR A 361 -19.23 -8.25 51.71
N TRP A 362 -18.00 -8.73 51.73
CA TRP A 362 -17.67 -10.11 52.10
C TRP A 362 -16.78 -10.09 53.34
N ILE A 363 -17.37 -10.45 54.48
CA ILE A 363 -16.64 -10.55 55.73
C ILE A 363 -16.02 -11.94 55.81
N SER A 364 -14.87 -12.06 56.47
CA SER A 364 -14.18 -13.34 56.63
C SER A 364 -15.07 -14.36 57.34
N ASN A 377 -32.92 -18.99 40.85
CA ASN A 377 -34.09 -18.54 40.13
C ASN A 377 -34.13 -17.03 39.94
N ASP A 378 -33.77 -16.30 40.99
CA ASP A 378 -33.75 -14.85 40.92
C ASP A 378 -32.63 -14.37 40.00
N SER A 379 -32.89 -13.26 39.31
CA SER A 379 -31.95 -12.69 38.36
C SER A 379 -31.70 -11.23 38.69
N ILE A 380 -30.50 -10.77 38.36
CA ILE A 380 -30.11 -9.38 38.56
C ILE A 380 -30.29 -8.65 37.24
N THR A 381 -31.09 -7.59 37.25
CA THR A 381 -31.38 -6.82 36.05
C THR A 381 -30.51 -5.57 36.03
N LEU A 382 -29.71 -5.43 34.99
CA LEU A 382 -28.82 -4.28 34.83
C LEU A 382 -29.38 -3.34 33.77
N PRO A 383 -29.85 -2.15 34.14
CA PRO A 383 -30.30 -1.20 33.12
C PRO A 383 -29.16 -0.82 32.19
N CYS A 384 -29.49 -0.69 30.91
CA CYS A 384 -28.50 -0.41 29.87
C CYS A 384 -28.94 0.76 29.03
N ARG A 385 -27.97 1.46 28.46
CA ARG A 385 -28.21 2.59 27.57
C ARG A 385 -27.51 2.35 26.25
N ILE A 386 -28.19 2.71 25.16
CA ILE A 386 -27.72 2.46 23.80
C ILE A 386 -27.16 3.76 23.23
N LYS A 387 -26.02 3.66 22.55
CA LYS A 387 -25.41 4.78 21.86
C LYS A 387 -25.17 4.39 20.41
N GLN A 388 -25.34 5.36 19.51
CA GLN A 388 -25.10 5.14 18.09
C GLN A 388 -23.84 5.82 17.58
N ILE A 389 -23.47 6.97 18.15
CA ILE A 389 -22.23 7.66 17.80
C ILE A 389 -21.17 7.15 18.76
N ILE A 390 -20.25 6.31 18.25
CA ILE A 390 -19.28 5.60 19.07
C ILE A 390 -17.89 6.05 18.69
N ASN A 391 -17.10 6.47 19.67
CA ASN A 391 -15.67 6.72 19.52
C ASN A 391 -14.96 5.60 20.28
N MET A 392 -14.59 4.54 19.55
CA MET A 392 -14.13 3.31 20.18
C MET A 392 -12.74 3.49 20.79
N TRP A 393 -11.74 3.80 19.96
CA TRP A 393 -10.36 3.84 20.39
C TRP A 393 -9.89 5.25 20.73
N GLN A 394 -10.82 6.15 21.02
CA GLN A 394 -10.50 7.53 21.42
C GLN A 394 -9.63 8.22 20.38
N ARG A 395 -9.89 7.92 19.10
CA ARG A 395 -9.14 8.51 18.01
C ARG A 395 -9.51 9.99 17.86
N ILE A 396 -8.50 10.82 17.61
CA ILE A 396 -8.71 12.26 17.51
C ILE A 396 -9.31 12.57 16.14
N GLY A 397 -10.50 13.17 16.14
CA GLY A 397 -11.16 13.53 14.91
C GLY A 397 -11.82 12.38 14.17
N GLN A 398 -12.02 11.24 14.83
CA GLN A 398 -12.64 10.07 14.21
C GLN A 398 -13.73 9.53 15.11
N ALA A 399 -14.91 9.31 14.53
CA ALA A 399 -16.02 8.69 15.24
C ALA A 399 -16.75 7.76 14.29
N MET A 400 -17.69 6.99 14.84
CA MET A 400 -18.46 6.03 14.06
C MET A 400 -19.92 6.08 14.47
N TYR A 401 -20.80 6.05 13.48
CA TYR A 401 -22.24 5.99 13.70
C TYR A 401 -22.70 4.56 13.43
N ALA A 402 -23.09 3.87 14.50
CA ALA A 402 -23.61 2.52 14.33
C ALA A 402 -25.01 2.58 13.73
N PRO A 403 -25.23 1.99 12.56
CA PRO A 403 -26.56 2.06 11.96
C PRO A 403 -27.57 1.29 12.80
N PRO A 404 -28.85 1.69 12.77
CA PRO A 404 -29.85 0.96 13.53
C PRO A 404 -29.99 -0.47 13.06
N ILE A 405 -30.29 -1.37 14.00
CA ILE A 405 -30.46 -2.79 13.71
C ILE A 405 -31.94 -3.12 13.81
N GLN A 406 -32.49 -3.66 12.72
CA GLN A 406 -33.91 -3.97 12.67
C GLN A 406 -34.23 -5.14 13.60
N GLY A 407 -35.42 -5.10 14.18
CA GLY A 407 -35.87 -6.17 15.04
C GLY A 407 -35.38 -6.05 16.47
N VAL A 408 -35.65 -7.10 17.23
CA VAL A 408 -35.28 -7.17 18.65
C VAL A 408 -33.94 -7.90 18.75
N ILE A 409 -33.00 -7.32 19.49
CA ILE A 409 -31.66 -7.85 19.64
C ILE A 409 -31.56 -8.57 20.97
N ARG A 410 -31.00 -9.78 20.96
CA ARG A 410 -30.79 -10.56 22.16
C ARG A 410 -29.40 -11.17 22.13
N CYS A 411 -28.76 -11.24 23.30
CA CYS A 411 -27.43 -11.82 23.43
C CYS A 411 -27.41 -12.82 24.57
N VAL A 412 -26.59 -13.86 24.40
CA VAL A 412 -26.32 -14.85 25.44
C VAL A 412 -24.80 -15.00 25.49
N SER A 413 -24.16 -14.27 26.40
CA SER A 413 -22.69 -14.30 26.47
C SER A 413 -22.26 -14.87 27.82
N ASN A 414 -20.97 -15.10 27.99
CA ASN A 414 -20.45 -15.69 29.24
C ASN A 414 -19.50 -14.72 29.89
N ILE A 415 -19.78 -14.24 31.10
CA ILE A 415 -18.78 -13.39 31.80
C ILE A 415 -17.65 -14.32 32.22
N THR A 416 -16.54 -14.36 31.49
CA THR A 416 -15.41 -15.23 31.78
C THR A 416 -14.30 -14.53 32.57
N GLY A 417 -14.51 -13.29 32.99
CA GLY A 417 -13.48 -12.59 33.74
C GLY A 417 -13.92 -11.22 34.17
N LEU A 418 -13.04 -10.56 34.90
CA LEU A 418 -13.28 -9.21 35.42
C LEU A 418 -12.03 -8.37 35.24
N ILE A 419 -12.23 -7.05 35.24
CA ILE A 419 -11.13 -6.09 35.29
C ILE A 419 -11.38 -5.21 36.50
N LEU A 420 -10.81 -5.60 37.64
CA LEU A 420 -11.05 -4.91 38.89
C LEU A 420 -9.97 -3.86 39.16
N THR A 421 -10.16 -3.09 40.23
CA THR A 421 -9.22 -2.03 40.60
C THR A 421 -9.37 -1.75 42.08
N ARG A 422 -8.30 -2.00 42.84
CA ARG A 422 -8.25 -1.65 44.25
C ARG A 422 -8.17 -0.13 44.39
N ASP A 423 -8.70 0.40 45.49
CA ASP A 423 -8.92 1.83 45.60
C ASP A 423 -7.66 2.62 45.97
N GLY A 424 -7.11 2.40 47.16
CA GLY A 424 -5.94 3.21 47.50
C GLY A 424 -5.48 3.21 48.94
N GLY A 425 -5.15 4.41 49.43
CA GLY A 425 -4.47 4.60 50.68
C GLY A 425 -5.28 4.33 51.93
N SER A 426 -5.89 3.14 52.01
CA SER A 426 -6.46 2.66 53.26
C SER A 426 -5.30 2.23 54.16
N THR A 427 -4.83 3.14 55.00
CA THR A 427 -3.59 2.91 55.73
C THR A 427 -3.79 1.89 56.83
N ASN A 428 -4.67 2.17 57.79
CA ASN A 428 -4.94 1.24 58.88
C ASN A 428 -6.20 0.42 58.68
N SER A 429 -7.04 0.78 57.71
CA SER A 429 -8.29 0.08 57.50
C SER A 429 -8.06 -1.36 57.06
N THR A 430 -8.86 -2.27 57.61
CA THR A 430 -8.79 -3.67 57.24
C THR A 430 -9.58 -4.00 55.98
N THR A 431 -10.46 -3.11 55.55
CA THR A 431 -11.27 -3.36 54.37
C THR A 431 -10.50 -2.98 53.10
N GLU A 432 -10.81 -3.68 52.02
CA GLU A 432 -10.19 -3.45 50.71
C GLU A 432 -11.30 -3.46 49.66
N THR A 433 -11.63 -2.29 49.11
CA THR A 433 -12.71 -2.16 48.16
C THR A 433 -12.20 -2.31 46.74
N PHE A 434 -12.91 -3.11 45.94
CA PHE A 434 -12.52 -3.41 44.57
C PHE A 434 -13.61 -2.93 43.63
N ARG A 435 -13.41 -1.77 43.02
CA ARG A 435 -14.33 -1.27 42.01
C ARG A 435 -13.94 -1.78 40.63
N PRO A 436 -14.91 -1.93 39.73
CA PRO A 436 -14.59 -2.35 38.36
C PRO A 436 -13.99 -1.20 37.55
N GLY A 437 -13.79 -1.47 36.26
CA GLY A 437 -13.29 -0.46 35.36
C GLY A 437 -12.26 -0.99 34.38
N GLY A 438 -12.50 -0.75 33.10
CA GLY A 438 -11.61 -1.20 32.05
C GLY A 438 -10.92 -0.05 31.35
N GLY A 439 -11.43 0.31 30.17
CA GLY A 439 -10.84 1.39 29.39
C GLY A 439 -9.78 0.89 28.44
N ASP A 440 -8.64 0.46 28.98
CA ASP A 440 -7.58 -0.08 28.14
C ASP A 440 -7.96 -1.46 27.63
N MET A 441 -8.22 -1.55 26.33
CA MET A 441 -8.54 -2.83 25.70
C MET A 441 -7.34 -3.76 25.62
N ARG A 442 -6.13 -3.24 25.82
CA ARG A 442 -4.94 -4.07 25.89
C ARG A 442 -4.98 -5.02 27.09
N ASP A 443 -5.56 -4.58 28.21
CA ASP A 443 -5.84 -5.48 29.32
C ASP A 443 -6.95 -6.47 28.99
N ASN A 444 -7.92 -6.07 28.18
CA ASN A 444 -8.97 -6.99 27.75
C ASN A 444 -8.39 -8.13 26.92
N TRP A 445 -7.45 -7.82 26.03
CA TRP A 445 -6.80 -8.83 25.20
C TRP A 445 -5.58 -9.45 25.86
N ARG A 446 -5.16 -8.95 27.02
CA ARG A 446 -4.10 -9.60 27.78
C ARG A 446 -4.60 -10.86 28.48
N SER A 447 -5.90 -10.93 28.78
CA SER A 447 -6.46 -12.10 29.43
C SER A 447 -6.51 -13.32 28.51
N GLU A 448 -6.29 -13.12 27.21
CA GLU A 448 -6.24 -14.22 26.25
C GLU A 448 -4.83 -14.60 25.83
N LEU A 449 -3.89 -13.66 25.91
CA LEU A 449 -2.51 -13.89 25.49
C LEU A 449 -1.56 -14.04 26.67
N TYR A 450 -2.09 -14.29 27.87
CA TYR A 450 -1.21 -14.43 29.04
C TYR A 450 -0.37 -15.69 28.97
N LYS A 451 -0.89 -16.75 28.37
CA LYS A 451 -0.20 -18.04 28.30
C LYS A 451 0.71 -18.17 27.09
N TYR A 452 0.69 -17.22 26.16
CA TYR A 452 1.42 -17.32 24.91
C TYR A 452 2.66 -16.43 24.94
N LYS A 453 3.71 -16.88 24.26
CA LYS A 453 4.97 -16.17 24.22
C LYS A 453 5.69 -16.51 22.92
N VAL A 454 6.24 -15.49 22.27
CA VAL A 454 6.90 -15.63 20.98
C VAL A 454 8.40 -15.73 21.20
N VAL A 455 9.03 -16.76 20.64
CA VAL A 455 10.47 -16.96 20.74
C VAL A 455 11.04 -17.11 19.34
N LYS A 456 12.30 -16.71 19.19
CA LYS A 456 13.00 -16.77 17.91
C LYS A 456 13.95 -17.96 17.91
N ILE A 457 13.77 -18.86 16.94
CA ILE A 457 14.55 -20.09 16.89
C ILE A 457 15.95 -19.76 16.37
N GLU A 458 16.97 -20.13 17.15
CA GLU A 458 18.37 -20.01 16.75
C GLU A 458 18.92 -21.42 16.56
N PRO A 459 18.76 -22.01 15.37
CA PRO A 459 19.13 -23.43 15.20
C PRO A 459 20.61 -23.67 14.97
N LEU A 460 21.44 -22.64 15.03
CA LEU A 460 22.88 -22.78 14.85
C LEU A 460 23.58 -22.75 16.20
N GLY A 461 24.37 -23.78 16.47
CA GLY A 461 25.10 -23.86 17.73
C GLY A 461 26.42 -24.56 17.52
N VAL A 462 27.39 -24.22 18.37
CA VAL A 462 28.72 -24.82 18.34
C VAL A 462 28.93 -25.60 19.62
N ALA A 463 29.48 -26.80 19.49
CA ALA A 463 29.69 -27.70 20.61
C ALA A 463 31.03 -28.40 20.45
N PRO A 464 31.68 -28.77 21.56
CA PRO A 464 33.01 -29.41 21.46
C PRO A 464 32.93 -30.92 21.31
N THR A 465 33.62 -31.45 20.31
CA THR A 465 33.76 -32.89 20.12
C THR A 465 35.20 -33.22 19.79
N ARG A 466 35.51 -34.52 19.74
CA ARG A 466 36.83 -35.00 19.40
C ARG A 466 36.99 -35.27 17.91
N CYS A 467 36.05 -34.81 17.09
CA CYS A 467 36.10 -35.02 15.65
C CYS A 467 37.16 -34.15 15.01
N LYS A 468 37.60 -34.56 13.81
CA LYS A 468 38.63 -33.83 13.06
C LYS A 468 38.28 -33.86 11.58
N ARG A 469 38.09 -32.68 10.99
CA ARG A 469 37.84 -32.60 9.56
C ARG A 469 39.09 -33.01 8.78
N ARG A 470 38.88 -33.78 7.72
CA ARG A 470 39.99 -34.24 6.89
C ARG A 470 40.33 -33.23 5.80
N PHE B 8 9.48 -39.95 17.00
CA PHE B 8 9.07 -38.60 16.65
C PHE B 8 8.67 -37.81 17.89
N LEU B 9 9.42 -36.73 18.16
CA LEU B 9 9.14 -35.87 19.29
C LEU B 9 8.55 -34.52 18.89
N GLY B 10 8.42 -34.24 17.58
CA GLY B 10 7.85 -33.00 17.13
C GLY B 10 8.85 -31.86 17.13
N PHE B 11 8.38 -30.70 16.68
CA PHE B 11 9.23 -29.51 16.64
C PHE B 11 9.64 -29.11 18.04
N LEU B 12 10.95 -28.90 18.22
CA LEU B 12 11.54 -28.56 19.52
C LEU B 12 11.19 -29.60 20.58
N GLY B 13 11.00 -30.85 20.16
CA GLY B 13 10.62 -31.89 21.09
C GLY B 13 11.70 -32.21 22.11
N ALA B 14 12.96 -32.17 21.68
CA ALA B 14 14.09 -32.48 22.55
C ALA B 14 14.75 -31.23 23.12
N ALA B 15 13.97 -30.17 23.35
CA ALA B 15 14.52 -28.95 23.93
C ALA B 15 15.05 -29.20 25.34
N GLY B 16 14.30 -29.91 26.16
CA GLY B 16 14.73 -30.29 27.48
C GLY B 16 15.47 -31.60 27.57
N SER B 17 15.72 -32.25 26.43
CA SER B 17 16.42 -33.52 26.42
C SER B 17 17.92 -33.31 26.39
N THR B 18 18.66 -34.41 26.49
CA THR B 18 20.12 -34.37 26.44
C THR B 18 20.59 -33.91 25.06
N MET B 19 21.77 -33.28 25.03
CA MET B 19 22.32 -32.80 23.77
C MET B 19 22.53 -33.93 22.76
N GLY B 20 22.74 -35.16 23.25
CA GLY B 20 22.83 -36.28 22.33
C GLY B 20 21.53 -36.55 21.60
N ALA B 21 20.42 -36.56 22.34
CA ALA B 21 19.12 -36.77 21.71
C ALA B 21 18.78 -35.63 20.76
N ALA B 22 19.12 -34.40 21.14
CA ALA B 22 18.88 -33.26 20.26
C ALA B 22 19.73 -33.35 19.00
N SER B 23 20.99 -33.78 19.13
CA SER B 23 21.82 -34.00 17.95
C SER B 23 21.24 -35.10 17.08
N MET B 24 20.60 -36.10 17.68
CA MET B 24 19.93 -37.14 16.91
C MET B 24 18.71 -36.60 16.17
N THR B 25 17.95 -35.70 16.78
CA THR B 25 16.68 -35.22 16.23
C THR B 25 16.80 -33.85 15.55
N LEU B 26 18.02 -33.38 15.31
CA LEU B 26 18.24 -32.10 14.63
C LEU B 26 17.36 -31.91 13.40
N THR B 27 17.09 -32.99 12.65
CA THR B 27 16.39 -32.84 11.37
C THR B 27 14.96 -32.34 11.57
N VAL B 28 14.34 -32.67 12.71
CA VAL B 28 12.97 -32.23 12.97
C VAL B 28 12.92 -30.71 13.09
N GLN B 29 13.86 -30.13 13.83
CA GLN B 29 13.93 -28.67 13.91
C GLN B 29 14.36 -28.07 12.57
N ALA B 30 15.24 -28.78 11.85
CA ALA B 30 15.73 -28.25 10.58
C ALA B 30 14.62 -28.13 9.54
N ARG B 31 13.67 -29.08 9.53
CA ARG B 31 12.61 -29.05 8.54
C ARG B 31 11.75 -27.79 8.66
N ASN B 32 11.35 -27.45 9.88
CA ASN B 32 10.42 -26.33 10.11
C ASN B 32 11.15 -25.01 10.35
N LEU B 33 12.02 -24.61 9.43
CA LEU B 33 12.71 -23.33 9.52
C LEU B 33 12.39 -22.38 8.37
N LEU B 34 11.76 -22.86 7.31
CA LEU B 34 11.45 -22.05 6.14
C LEU B 34 9.98 -22.05 5.75
N SER B 35 9.27 -23.15 5.94
CA SER B 35 7.87 -23.26 5.55
C SER B 35 6.98 -23.36 6.79
N GLY B 36 5.97 -22.50 6.85
CA GLY B 36 4.97 -22.57 7.89
C GLY B 36 3.61 -22.88 7.31
N ILE B 37 2.54 -22.49 8.00
CA ILE B 37 1.20 -22.66 7.44
C ILE B 37 1.00 -21.67 6.30
N VAL B 38 1.87 -20.68 6.20
CA VAL B 38 1.80 -19.69 5.14
C VAL B 38 2.38 -20.25 3.85
N GLN B 52 -5.59 -16.51 -1.88
CA GLN B 52 -4.37 -16.94 -1.20
C GLN B 52 -3.13 -16.61 -2.02
N HIS B 53 -3.15 -17.03 -3.30
CA HIS B 53 -2.01 -16.74 -4.18
C HIS B 53 -1.86 -15.24 -4.41
N LEU B 54 -2.96 -14.53 -4.58
CA LEU B 54 -2.91 -13.09 -4.81
C LEU B 54 -2.46 -12.35 -3.56
N LEU B 55 -1.87 -11.19 -3.76
CA LEU B 55 -1.36 -10.35 -2.68
C LEU B 55 -2.31 -9.19 -2.45
N LYS B 56 -2.69 -8.98 -1.20
CA LYS B 56 -3.60 -7.91 -0.81
C LYS B 56 -2.92 -6.97 0.17
N LEU B 57 -3.40 -5.73 0.20
CA LEU B 57 -2.85 -4.69 1.06
C LEU B 57 -3.68 -4.45 2.31
N THR B 58 -4.57 -5.37 2.66
CA THR B 58 -5.16 -5.35 3.98
C THR B 58 -4.07 -5.64 5.03
N VAL B 59 -4.45 -5.53 6.30
CA VAL B 59 -3.48 -5.72 7.38
C VAL B 59 -2.91 -7.14 7.33
N TRP B 60 -3.78 -8.14 7.15
CA TRP B 60 -3.35 -9.53 7.24
C TRP B 60 -2.45 -9.95 6.08
N GLY B 61 -2.78 -9.56 4.85
CA GLY B 61 -1.90 -9.85 3.73
C GLY B 61 -0.56 -9.15 3.86
N ILE B 62 -0.59 -7.92 4.38
CA ILE B 62 0.63 -7.16 4.60
C ILE B 62 1.54 -7.88 5.59
N LYS B 63 0.97 -8.30 6.73
CA LYS B 63 1.73 -9.02 7.74
C LYS B 63 2.19 -10.38 7.21
N GLN B 64 1.37 -11.02 6.38
CA GLN B 64 1.74 -12.28 5.77
C GLN B 64 2.98 -12.14 4.87
N LEU B 65 2.98 -11.10 4.03
CA LEU B 65 4.15 -10.85 3.19
C LEU B 65 5.38 -10.55 4.03
N GLN B 66 5.22 -9.75 5.08
CA GLN B 66 6.35 -9.45 5.96
C GLN B 66 6.89 -10.73 6.61
N ALA B 67 5.99 -11.60 7.07
CA ALA B 67 6.41 -12.84 7.71
C ALA B 67 7.14 -13.76 6.73
N ARG B 68 6.63 -13.88 5.50
CA ARG B 68 7.28 -14.70 4.50
C ARG B 68 8.69 -14.19 4.21
N VAL B 69 8.82 -12.87 4.01
CA VAL B 69 10.14 -12.31 3.72
C VAL B 69 11.09 -12.50 4.90
N LEU B 70 10.60 -12.29 6.12
CA LEU B 70 11.44 -12.45 7.31
C LEU B 70 11.94 -13.87 7.44
N ALA B 71 11.05 -14.85 7.27
CA ALA B 71 11.46 -16.25 7.35
C ALA B 71 12.48 -16.58 6.28
N VAL B 72 12.25 -16.09 5.05
CA VAL B 72 13.17 -16.36 3.95
C VAL B 72 14.55 -15.82 4.28
N GLU B 73 14.63 -14.58 4.74
CA GLU B 73 15.94 -13.97 4.95
C GLU B 73 16.65 -14.59 6.14
N ARG B 74 15.91 -14.95 7.20
CA ARG B 74 16.56 -15.59 8.35
C ARG B 74 17.11 -16.96 7.97
N TYR B 75 16.32 -17.77 7.24
CA TYR B 75 16.82 -19.06 6.81
C TYR B 75 18.02 -18.91 5.90
N LEU B 76 17.98 -17.91 5.01
CA LEU B 76 19.12 -17.70 4.11
C LEU B 76 20.37 -17.28 4.88
N ARG B 77 20.22 -16.44 5.90
CA ARG B 77 21.37 -16.06 6.72
C ARG B 77 21.97 -17.26 7.43
N ASP B 78 21.12 -18.11 8.01
CA ASP B 78 21.64 -19.32 8.66
C ASP B 78 22.34 -20.23 7.64
N GLN B 79 21.75 -20.40 6.46
CA GLN B 79 22.35 -21.24 5.44
C GLN B 79 23.68 -20.67 4.95
N GLN B 80 23.77 -19.34 4.82
CA GLN B 80 25.03 -18.72 4.42
C GLN B 80 26.09 -18.93 5.49
N LEU B 81 25.72 -18.77 6.77
CA LEU B 81 26.68 -19.03 7.83
C LEU B 81 27.17 -20.48 7.81
N LEU B 82 26.27 -21.42 7.51
CA LEU B 82 26.71 -22.81 7.35
C LEU B 82 27.65 -22.98 6.17
N GLY B 83 27.30 -22.38 5.02
CA GLY B 83 28.06 -22.60 3.80
C GLY B 83 29.45 -22.00 3.79
N ILE B 84 29.61 -20.81 4.36
CA ILE B 84 30.91 -20.15 4.30
C ILE B 84 31.91 -20.81 5.24
N TRP B 85 31.43 -21.69 6.13
CA TRP B 85 32.34 -22.52 6.92
C TRP B 85 32.61 -23.87 6.26
N GLY B 86 32.17 -24.07 5.02
CA GLY B 86 32.33 -25.36 4.36
C GLY B 86 31.51 -26.47 4.99
N CYS B 87 30.31 -26.15 5.48
CA CYS B 87 29.42 -27.13 6.07
C CYS B 87 28.02 -27.06 5.45
N SER B 88 27.92 -26.58 4.21
CA SER B 88 26.62 -26.49 3.56
C SER B 88 26.02 -27.87 3.33
N GLY B 89 24.75 -28.02 3.67
CA GLY B 89 24.06 -29.28 3.50
C GLY B 89 24.37 -30.32 4.55
N LYS B 90 25.12 -29.97 5.59
CA LYS B 90 25.49 -30.90 6.65
C LYS B 90 24.87 -30.45 7.96
N LEU B 91 24.10 -31.34 8.59
CA LEU B 91 23.53 -31.02 9.90
C LEU B 91 24.60 -31.03 10.98
N ILE B 92 25.50 -32.01 10.94
CA ILE B 92 26.66 -32.08 11.84
C ILE B 92 27.91 -31.98 10.98
N CYS B 93 28.74 -30.98 11.26
CA CYS B 93 29.93 -30.71 10.46
C CYS B 93 31.15 -30.65 11.37
N CYS B 94 32.24 -31.26 10.92
CA CYS B 94 33.49 -31.30 11.67
C CYS B 94 34.42 -30.23 11.12
N THR B 95 35.04 -29.47 12.01
CA THR B 95 35.89 -28.34 11.63
C THR B 95 37.30 -28.56 12.15
N ASN B 96 38.17 -27.58 11.91
CA ASN B 96 39.59 -27.69 12.22
C ASN B 96 40.08 -26.71 13.27
N VAL B 97 39.20 -25.92 13.88
CA VAL B 97 39.64 -24.96 14.89
C VAL B 97 39.54 -25.59 16.28
N PRO B 98 40.61 -25.55 17.07
CA PRO B 98 40.56 -26.10 18.43
C PRO B 98 39.71 -25.22 19.36
N TRP B 99 39.59 -25.69 20.60
CA TRP B 99 38.90 -24.96 21.65
C TRP B 99 39.91 -24.29 22.57
N ASN B 100 39.86 -22.97 22.65
CA ASN B 100 40.73 -22.22 23.55
C ASN B 100 40.30 -22.40 25.00
N SER B 101 41.24 -22.18 25.91
CA SER B 101 40.93 -22.27 27.34
C SER B 101 39.98 -21.17 27.79
N SER B 102 39.90 -20.06 27.05
CA SER B 102 38.95 -19.01 27.41
C SER B 102 37.51 -19.51 27.31
N TRP B 103 37.20 -20.28 26.28
CA TRP B 103 35.89 -20.87 26.13
C TRP B 103 35.67 -21.97 27.16
N SER B 104 34.41 -22.36 27.33
CA SER B 104 34.04 -23.31 28.38
C SER B 104 34.81 -24.61 28.24
N ASN B 105 35.37 -25.09 29.36
CA ASN B 105 36.27 -26.23 29.36
C ASN B 105 35.73 -27.39 30.21
N ARG B 106 34.41 -27.47 30.37
CA ARG B 106 33.84 -28.52 31.21
C ARG B 106 33.91 -29.87 30.49
N ASN B 107 33.70 -30.93 31.25
CA ASN B 107 33.98 -32.28 30.77
C ASN B 107 33.06 -32.68 29.63
N LEU B 108 33.60 -33.51 28.73
CA LEU B 108 32.84 -33.97 27.57
C LEU B 108 31.62 -34.77 27.98
N SER B 109 31.80 -35.69 28.94
CA SER B 109 30.67 -36.49 29.41
C SER B 109 29.60 -35.61 30.03
N GLU B 110 30.00 -34.63 30.84
CA GLU B 110 29.01 -33.75 31.46
C GLU B 110 28.27 -32.92 30.42
N ILE B 111 28.98 -32.37 29.44
CA ILE B 111 28.32 -31.57 28.40
C ILE B 111 27.35 -32.43 27.60
N TRP B 112 27.77 -33.63 27.21
CA TRP B 112 26.95 -34.43 26.30
C TRP B 112 26.02 -35.41 27.00
N ASP B 113 25.96 -35.42 28.33
CA ASP B 113 25.07 -36.34 29.02
C ASP B 113 24.22 -35.63 30.08
N ASN B 114 24.68 -34.46 30.54
CA ASN B 114 24.02 -33.75 31.64
C ASN B 114 23.56 -32.35 31.25
N MET B 115 23.38 -32.07 29.95
CA MET B 115 23.07 -30.73 29.48
C MET B 115 21.91 -30.74 28.50
N THR B 116 21.22 -29.61 28.45
CA THR B 116 20.34 -29.26 27.34
C THR B 116 21.01 -28.20 26.48
N TRP B 117 20.55 -28.08 25.24
CA TRP B 117 21.18 -27.13 24.32
C TRP B 117 20.94 -25.68 24.73
N LEU B 118 19.79 -25.40 25.36
CA LEU B 118 19.53 -24.04 25.83
C LEU B 118 20.55 -23.60 26.88
N GLN B 119 20.86 -24.49 27.82
CA GLN B 119 21.87 -24.18 28.83
C GLN B 119 23.24 -23.97 28.19
N TRP B 120 23.58 -24.80 27.20
CA TRP B 120 24.86 -24.66 26.52
C TRP B 120 24.97 -23.34 25.78
N ASP B 121 23.88 -22.91 25.12
CA ASP B 121 23.88 -21.60 24.49
C ASP B 121 24.03 -20.49 25.53
N LYS B 122 23.29 -20.61 26.65
CA LYS B 122 23.39 -19.60 27.70
C LYS B 122 24.81 -19.51 28.25
N GLU B 123 25.53 -20.64 28.28
CA GLU B 123 26.86 -20.67 28.85
C GLU B 123 27.91 -20.04 27.93
N ILE B 124 27.82 -20.27 26.63
CA ILE B 124 28.85 -19.78 25.72
C ILE B 124 28.29 -18.67 24.83
N SER B 125 27.29 -17.96 25.34
CA SER B 125 26.60 -16.95 24.49
C SER B 125 27.55 -15.87 24.00
N ASN B 126 28.59 -15.54 24.76
CA ASN B 126 29.43 -14.38 24.36
C ASN B 126 30.51 -14.77 23.36
N TYR B 127 31.05 -15.99 23.45
CA TYR B 127 32.20 -16.33 22.58
C TYR B 127 31.77 -16.73 21.18
N THR B 128 30.54 -16.40 20.75
CA THR B 128 30.08 -16.89 19.47
C THR B 128 30.83 -16.26 18.30
N GLN B 129 30.98 -14.92 18.32
CA GLN B 129 31.50 -14.21 17.16
C GLN B 129 32.94 -14.58 16.84
N ILE B 130 33.78 -14.70 17.87
CA ILE B 130 35.18 -15.04 17.64
C ILE B 130 35.31 -16.47 17.13
N ILE B 131 34.49 -17.38 17.65
CA ILE B 131 34.48 -18.75 17.11
C ILE B 131 34.09 -18.74 15.64
N TYR B 132 33.07 -17.95 15.29
CA TYR B 132 32.66 -17.85 13.90
C TYR B 132 33.79 -17.31 13.02
N GLY B 133 34.49 -16.28 13.50
CA GLY B 133 35.59 -15.72 12.74
C GLY B 133 36.73 -16.70 12.54
N LEU B 134 37.07 -17.45 13.59
CA LEU B 134 38.06 -18.51 13.45
C LEU B 134 37.62 -19.56 12.43
N LEU B 135 36.33 -19.89 12.43
CA LEU B 135 35.81 -20.83 11.44
C LEU B 135 35.97 -20.29 10.03
N GLU B 136 35.66 -19.01 9.82
CA GLU B 136 35.83 -18.38 8.52
C GLU B 136 37.29 -18.47 8.07
N GLU B 137 38.22 -18.08 8.95
CA GLU B 137 39.63 -18.06 8.59
C GLU B 137 40.13 -19.47 8.28
N SER B 138 39.76 -20.45 9.09
CA SER B 138 40.18 -21.83 8.85
C SER B 138 39.63 -22.37 7.54
N GLN B 139 38.36 -22.08 7.26
CA GLN B 139 37.77 -22.55 6.01
C GLN B 139 38.48 -21.94 4.81
N ASN B 140 38.74 -20.64 4.84
CA ASN B 140 39.44 -20.00 3.73
C ASN B 140 40.85 -20.56 3.57
N GLN B 141 41.56 -20.74 4.69
CA GLN B 141 42.93 -21.26 4.62
C GLN B 141 42.96 -22.66 4.04
N GLN B 142 42.03 -23.52 4.46
CA GLN B 142 42.05 -24.88 3.93
C GLN B 142 41.55 -24.93 2.49
N GLU B 143 40.69 -23.99 2.08
CA GLU B 143 40.36 -23.88 0.66
C GLU B 143 41.59 -23.53 -0.16
N LYS B 144 42.39 -22.57 0.31
CA LYS B 144 43.63 -22.24 -0.38
C LYS B 144 44.57 -23.43 -0.43
N ASN B 145 44.69 -24.16 0.69
CA ASN B 145 45.57 -25.32 0.74
C ASN B 145 45.11 -26.40 -0.24
N GLU B 146 43.81 -26.67 -0.29
CA GLU B 146 43.28 -27.67 -1.20
C GLU B 146 43.50 -27.27 -2.66
N GLN B 147 43.27 -25.99 -2.96
CA GLN B 147 43.51 -25.52 -4.33
C GLN B 147 44.97 -25.65 -4.72
N ASP B 148 45.88 -25.34 -3.77
CA ASP B 148 47.30 -25.43 -4.06
C ASP B 148 47.75 -26.88 -4.25
N LEU B 149 47.31 -27.77 -3.38
CA LEU B 149 47.74 -29.16 -3.48
C LEU B 149 47.10 -29.87 -4.67
N LEU B 150 45.89 -29.45 -5.06
CA LEU B 150 45.22 -30.07 -6.19
C LEU B 150 45.83 -29.66 -7.52
N ALA B 151 46.57 -28.55 -7.56
CA ALA B 151 47.23 -28.12 -8.79
C ALA B 151 48.42 -29.00 -9.15
N LEU B 152 48.99 -29.71 -8.18
CA LEU B 152 50.13 -30.58 -8.45
C LEU B 152 49.70 -31.83 -9.20
N ASN C 1 48.96 -26.36 -18.94
CA ASN C 1 47.52 -26.35 -19.06
C ASN C 1 46.83 -25.47 -18.02
N LEU C 2 45.63 -24.99 -18.36
CA LEU C 2 44.86 -24.10 -17.51
C LEU C 2 43.43 -24.61 -17.40
N TRP C 3 42.82 -24.40 -16.24
CA TRP C 3 41.45 -24.84 -15.99
C TRP C 3 40.71 -23.74 -15.25
N VAL C 4 39.40 -23.66 -15.53
CA VAL C 4 38.59 -22.57 -14.96
C VAL C 4 38.46 -22.76 -13.46
N THR C 5 38.69 -21.69 -12.71
CA THR C 5 38.56 -21.68 -11.26
C THR C 5 37.63 -20.55 -10.87
N VAL C 6 36.47 -20.89 -10.31
CA VAL C 6 35.46 -19.90 -9.94
C VAL C 6 35.74 -19.45 -8.51
N TYR C 7 35.75 -18.13 -8.30
CA TYR C 7 36.00 -17.53 -6.99
C TYR C 7 34.75 -16.78 -6.55
N TYR C 8 34.33 -17.02 -5.32
CA TYR C 8 33.17 -16.35 -4.74
C TYR C 8 33.63 -15.30 -3.75
N GLY C 9 33.06 -14.10 -3.85
CA GLY C 9 33.43 -13.01 -2.98
C GLY C 9 34.59 -12.17 -3.46
N VAL C 10 34.79 -12.08 -4.78
CA VAL C 10 35.86 -11.24 -5.32
C VAL C 10 35.48 -9.78 -5.12
N PRO C 11 36.45 -8.89 -4.92
CA PRO C 11 36.13 -7.45 -4.74
C PRO C 11 35.86 -6.76 -6.07
N VAL C 12 34.75 -7.11 -6.69
CA VAL C 12 34.37 -6.63 -8.01
C VAL C 12 32.99 -5.98 -7.90
N TRP C 13 32.87 -4.78 -8.45
CA TRP C 13 31.60 -4.06 -8.47
C TRP C 13 31.34 -3.51 -9.88
N LYS C 14 30.07 -3.29 -10.17
CA LYS C 14 29.65 -2.68 -11.42
C LYS C 14 28.66 -1.56 -11.14
N ASP C 15 28.65 -0.55 -12.00
CA ASP C 15 27.77 0.60 -11.85
C ASP C 15 26.32 0.15 -12.03
N ALA C 16 25.47 0.48 -11.07
CA ALA C 16 24.06 0.10 -11.13
C ALA C 16 23.25 0.96 -10.17
N GLU C 17 21.94 0.96 -10.39
CA GLU C 17 21.01 1.68 -9.54
C GLU C 17 20.24 0.69 -8.66
N THR C 18 19.76 1.18 -7.52
CA THR C 18 19.09 0.33 -6.54
C THR C 18 18.21 1.22 -5.66
N THR C 19 17.50 0.57 -4.74
CA THR C 19 16.62 1.26 -3.80
C THR C 19 17.42 1.53 -2.52
N LEU C 20 17.61 2.81 -2.21
CA LEU C 20 18.44 3.22 -1.08
C LEU C 20 17.53 3.59 0.09
N PHE C 21 17.50 2.75 1.12
CA PHE C 21 16.64 2.99 2.27
C PHE C 21 17.27 4.04 3.17
N CYS C 22 16.60 4.38 4.27
CA CYS C 22 17.00 5.47 5.14
C CYS C 22 17.44 4.95 6.51
N ALA C 23 18.45 5.60 7.07
CA ALA C 23 18.88 5.37 8.44
C ALA C 23 19.17 6.72 9.08
N SER C 24 18.89 6.83 10.38
CA SER C 24 19.09 8.09 11.08
C SER C 24 19.38 7.82 12.55
N ASP C 25 20.02 8.80 13.19
CA ASP C 25 20.31 8.70 14.61
C ASP C 25 19.04 8.77 15.44
N ALA C 26 19.00 7.97 16.51
CA ALA C 26 17.87 8.04 17.43
C ALA C 26 17.81 9.37 18.15
N LYS C 27 18.97 9.92 18.52
CA LYS C 27 19.01 11.18 19.25
C LYS C 27 18.71 12.38 18.36
N ALA C 28 18.78 12.22 17.04
CA ALA C 28 18.53 13.34 16.14
C ALA C 28 17.10 13.85 16.28
N TYR C 29 16.13 12.93 16.34
CA TYR C 29 14.73 13.29 16.51
C TYR C 29 14.30 13.10 17.95
N GLU C 30 13.36 13.95 18.37
CA GLU C 30 12.97 14.02 19.78
C GLU C 30 12.22 12.79 20.25
N THR C 31 11.70 11.98 19.32
CA THR C 31 10.96 10.74 19.60
C THR C 31 9.59 11.05 20.19
N GLU C 32 9.31 12.34 20.42
CA GLU C 32 8.00 12.78 20.86
C GLU C 32 7.21 13.51 19.78
N LYS C 33 7.88 14.26 18.91
CA LYS C 33 7.23 15.09 17.91
C LYS C 33 7.51 14.54 16.52
N HIS C 34 6.47 14.50 15.70
CA HIS C 34 6.59 13.95 14.36
C HIS C 34 7.38 14.89 13.45
N ASN C 35 7.77 14.37 12.30
CA ASN C 35 8.55 15.10 11.31
C ASN C 35 7.93 14.91 9.93
N VAL C 36 8.02 15.96 9.12
CA VAL C 36 7.53 15.86 7.74
C VAL C 36 8.35 14.84 6.96
N TRP C 37 9.65 14.77 7.24
CA TRP C 37 10.51 13.69 6.75
C TRP C 37 10.55 12.63 7.84
N ALA C 38 9.79 11.55 7.63
CA ALA C 38 9.63 10.52 8.65
C ALA C 38 10.98 9.92 9.06
N THR C 39 11.38 10.18 10.30
CA THR C 39 12.64 9.68 10.84
C THR C 39 12.45 8.44 11.69
N HIS C 40 11.29 8.29 12.32
CA HIS C 40 11.02 7.10 13.12
C HIS C 40 11.01 5.84 12.26
N ALA C 41 10.48 5.93 11.05
CA ALA C 41 10.41 4.77 10.17
C ALA C 41 11.78 4.36 9.65
N CYS C 42 12.76 5.26 9.66
CA CYS C 42 14.11 4.91 9.24
C CYS C 42 14.73 3.94 10.24
N VAL C 43 15.50 2.98 9.71
CA VAL C 43 16.16 2.02 10.59
C VAL C 43 17.20 2.74 11.43
N PRO C 44 17.45 2.34 12.67
CA PRO C 44 18.46 3.03 13.50
C PRO C 44 19.85 2.75 12.96
N THR C 45 20.59 3.83 12.67
CA THR C 45 21.93 3.69 12.13
C THR C 45 22.91 3.22 13.21
N ASP C 46 24.00 2.62 12.75
CA ASP C 46 25.00 2.13 13.69
C ASP C 46 25.71 3.29 14.36
N PRO C 47 25.96 3.20 15.67
CA PRO C 47 26.65 4.30 16.37
C PRO C 47 28.03 4.59 15.81
N ASN C 48 28.76 3.57 15.35
CA ASN C 48 30.08 3.77 14.76
C ASN C 48 30.01 3.47 13.27
N PRO C 49 30.07 4.48 12.40
CA PRO C 49 30.05 4.20 10.96
C PRO C 49 31.26 3.36 10.55
N GLN C 50 31.03 2.45 9.60
CA GLN C 50 32.04 1.53 9.12
C GLN C 50 32.48 2.01 7.73
N GLU C 51 33.47 2.88 7.70
CA GLU C 51 34.05 3.39 6.47
C GLU C 51 35.37 2.67 6.21
N ILE C 52 35.48 2.04 5.04
CA ILE C 52 36.65 1.26 4.67
C ILE C 52 37.35 1.96 3.51
N HIS C 53 38.62 2.29 3.70
CA HIS C 53 39.42 2.88 2.63
C HIS C 53 39.85 1.81 1.64
N LEU C 54 39.91 2.20 0.37
CA LEU C 54 40.32 1.30 -0.71
C LEU C 54 41.59 1.85 -1.34
N GLU C 55 42.68 1.09 -1.24
CA GLU C 55 43.97 1.63 -1.77
C GLU C 55 44.12 1.18 -3.23
N ASN C 56 44.77 1.99 -4.05
CA ASN C 56 45.02 1.62 -5.48
C ASN C 56 43.69 1.54 -6.24
N VAL C 57 42.66 2.25 -5.78
CA VAL C 57 41.31 2.16 -6.44
C VAL C 57 40.93 3.51 -7.05
N THR C 58 40.87 3.59 -8.38
CA THR C 58 40.44 4.81 -9.05
C THR C 58 39.11 4.52 -9.75
N GLU C 59 38.08 5.28 -9.39
CA GLU C 59 36.74 5.07 -9.93
C GLU C 59 36.23 6.36 -10.56
N GLU C 60 35.48 6.21 -11.65
CA GLU C 60 34.92 7.33 -12.38
C GLU C 60 33.59 7.72 -11.75
N PHE C 61 33.52 8.94 -11.22
CA PHE C 61 32.32 9.46 -10.61
C PHE C 61 31.65 10.47 -11.53
N ASN C 62 30.35 10.69 -11.34
CA ASN C 62 29.62 11.68 -12.12
C ASN C 62 28.43 12.15 -11.26
N MET C 63 28.58 13.32 -10.65
CA MET C 63 27.51 13.86 -9.82
C MET C 63 26.30 14.30 -10.63
N TRP C 64 26.49 14.62 -11.92
CA TRP C 64 25.39 15.08 -12.76
C TRP C 64 24.60 13.94 -13.38
N LYS C 65 25.10 12.71 -13.31
CA LYS C 65 24.39 11.52 -13.78
C LYS C 65 24.25 10.51 -12.65
N ASN C 66 24.01 10.99 -11.45
CA ASN C 66 23.90 10.15 -10.26
C ASN C 66 22.42 9.93 -9.94
N ASN C 67 22.01 8.66 -9.87
CA ASN C 67 20.63 8.33 -9.52
C ASN C 67 20.32 8.62 -8.07
N MET C 68 21.34 8.84 -7.22
CA MET C 68 21.09 9.13 -5.81
C MET C 68 20.30 10.42 -5.64
N VAL C 69 20.65 11.46 -6.41
CA VAL C 69 19.98 12.74 -6.25
C VAL C 69 18.53 12.66 -6.71
N GLU C 70 18.27 11.96 -7.82
CA GLU C 70 16.89 11.80 -8.29
C GLU C 70 16.08 10.97 -7.30
N GLN C 71 16.67 9.91 -6.76
CA GLN C 71 15.95 9.09 -5.79
C GLN C 71 15.65 9.90 -4.52
N MET C 72 16.60 10.72 -4.08
CA MET C 72 16.35 11.56 -2.92
C MET C 72 15.28 12.61 -3.19
N HIS C 73 15.27 13.19 -4.40
CA HIS C 73 14.23 14.14 -4.75
C HIS C 73 12.86 13.48 -4.71
N THR C 74 12.74 12.28 -5.28
CA THR C 74 11.49 11.55 -5.24
C THR C 74 11.10 11.21 -3.80
N ASP C 75 12.08 10.81 -2.98
CA ASP C 75 11.79 10.48 -1.58
C ASP C 75 11.26 11.69 -0.82
N ILE C 76 11.88 12.85 -1.01
CA ILE C 76 11.44 14.05 -0.32
C ILE C 76 10.05 14.46 -0.78
N ILE C 77 9.80 14.37 -2.10
CA ILE C 77 8.46 14.70 -2.61
C ILE C 77 7.41 13.78 -2.01
N SER C 78 7.71 12.47 -1.96
CA SER C 78 6.76 11.51 -1.41
C SER C 78 6.52 11.75 0.07
N LEU C 79 7.58 12.05 0.82
CA LEU C 79 7.42 12.34 2.24
C LEU C 79 6.56 13.57 2.47
N TRP C 80 6.83 14.64 1.70
CA TRP C 80 6.05 15.87 1.85
C TRP C 80 4.59 15.64 1.48
N ASP C 81 4.33 14.82 0.45
CA ASP C 81 2.96 14.57 0.04
C ASP C 81 2.23 13.70 1.04
N GLN C 82 2.90 12.70 1.61
CA GLN C 82 2.25 11.80 2.56
C GLN C 82 2.10 12.44 3.93
N SER C 83 2.90 13.47 4.24
CA SER C 83 2.74 14.17 5.50
C SER C 83 1.50 15.04 5.51
N LEU C 84 1.04 15.49 4.33
CA LEU C 84 -0.13 16.34 4.22
C LEU C 84 -1.43 15.57 4.03
N LYS C 85 -1.35 14.25 3.84
CA LYS C 85 -2.57 13.47 3.60
C LYS C 85 -3.54 13.50 4.77
N PRO C 86 -3.14 13.24 6.02
CA PRO C 86 -4.11 13.26 7.11
C PRO C 86 -4.48 14.65 7.62
N CYS C 87 -3.86 15.70 7.08
CA CYS C 87 -4.08 17.04 7.59
C CYS C 87 -5.38 17.64 7.04
N VAL C 88 -5.72 18.82 7.56
CA VAL C 88 -7.00 19.45 7.23
C VAL C 88 -6.96 20.03 5.83
N LYS C 89 -8.03 19.81 5.08
CA LYS C 89 -8.18 20.37 3.74
C LYS C 89 -8.93 21.70 3.86
N LEU C 90 -8.28 22.79 3.43
CA LEU C 90 -8.86 24.12 3.54
C LEU C 90 -9.64 24.52 2.29
N THR C 91 -10.58 23.68 1.88
CA THR C 91 -11.46 24.04 0.77
C THR C 91 -12.51 25.09 1.17
N PRO C 92 -13.07 25.08 2.39
CA PRO C 92 -13.99 26.18 2.75
C PRO C 92 -13.32 27.54 2.83
N LEU C 93 -12.00 27.60 2.94
CA LEU C 93 -11.30 28.86 3.13
C LEU C 93 -11.29 29.73 1.87
N CYS C 94 -11.59 29.15 0.70
CA CYS C 94 -11.81 29.95 -0.51
C CYS C 94 -13.19 30.59 -0.44
N VAL C 95 -13.23 31.78 0.14
CA VAL C 95 -14.41 32.64 0.15
C VAL C 95 -13.99 34.04 -0.27
N THR C 96 -14.96 34.95 -0.30
CA THR C 96 -14.69 36.34 -0.62
C THR C 96 -14.30 37.08 0.66
N LEU C 97 -13.02 37.46 0.74
CA LEU C 97 -12.47 38.06 1.95
C LEU C 97 -12.69 39.57 1.94
N GLN C 98 -13.12 40.11 3.07
CA GLN C 98 -13.24 41.56 3.25
C GLN C 98 -12.00 42.01 4.01
N CYS C 99 -10.96 42.40 3.25
CA CYS C 99 -9.66 42.71 3.81
C CYS C 99 -9.45 44.22 3.92
N THR C 100 -8.80 44.64 5.01
CA THR C 100 -8.41 46.04 5.21
C THR C 100 -6.96 45.99 5.70
N ASN C 101 -6.17 47.04 5.49
CA ASN C 101 -4.71 46.97 5.84
C ASN C 101 -4.54 47.16 7.34
N VAL C 102 -3.59 46.43 7.94
CA VAL C 102 -3.30 46.61 9.39
C VAL C 102 -2.45 47.87 9.54
N THR C 103 -2.99 48.92 10.17
CA THR C 103 -2.24 50.15 10.39
C THR C 103 -1.89 50.38 11.85
N ASN C 104 -1.85 49.30 12.64
CA ASN C 104 -1.60 49.39 14.07
C ASN C 104 -0.13 49.09 14.34
N ASN C 105 0.64 50.12 14.65
CA ASN C 105 2.05 49.99 15.03
C ASN C 105 2.88 49.30 13.95
N ILE C 106 2.71 49.76 12.71
CA ILE C 106 3.41 49.21 11.56
C ILE C 106 4.51 50.17 11.13
N THR C 107 5.68 49.63 10.83
CA THR C 107 6.75 50.43 10.25
C THR C 107 6.50 50.65 8.76
N ASP C 108 7.21 51.63 8.19
CA ASP C 108 7.05 51.94 6.78
C ASP C 108 7.52 50.81 5.87
N ASP C 109 8.40 49.93 6.38
CA ASP C 109 8.88 48.81 5.57
C ASP C 109 7.76 47.82 5.29
N MET C 110 6.90 47.57 6.28
CA MET C 110 5.79 46.61 6.17
C MET C 110 4.45 47.35 6.24
N ARG C 111 4.35 48.46 5.50
CA ARG C 111 3.14 49.27 5.53
C ARG C 111 1.92 48.47 5.05
N GLY C 112 2.04 47.80 3.91
CA GLY C 112 0.91 47.12 3.32
C GLY C 112 1.09 45.63 3.12
N GLU C 113 2.07 45.04 3.78
CA GLU C 113 2.34 43.61 3.59
C GLU C 113 1.30 42.74 4.29
N LEU C 114 0.71 43.22 5.38
CA LEU C 114 -0.26 42.45 6.16
C LEU C 114 -1.66 42.99 5.91
N LYS C 115 -2.62 42.06 5.75
CA LYS C 115 -4.02 42.46 5.47
C LYS C 115 -4.91 41.78 6.50
N ASN C 116 -5.74 42.53 7.22
CA ASN C 116 -6.68 41.96 8.23
C ASN C 116 -7.93 41.53 7.49
N CYS C 117 -8.04 40.26 7.14
CA CYS C 117 -9.17 39.80 6.28
C CYS C 117 -10.29 39.14 7.08
N SER C 118 -11.51 39.65 6.99
CA SER C 118 -12.68 39.07 7.65
C SER C 118 -13.53 38.37 6.60
N PHE C 119 -13.94 37.14 6.90
CA PHE C 119 -14.69 36.32 5.93
C PHE C 119 -15.74 35.49 6.67
N ASN C 120 -16.58 34.77 5.94
CA ASN C 120 -17.64 33.94 6.55
C ASN C 120 -17.25 32.48 6.39
N MET C 121 -17.06 31.75 7.49
CA MET C 121 -16.59 30.35 7.40
C MET C 121 -17.59 29.44 8.10
N THR C 122 -17.92 28.29 7.52
CA THR C 122 -18.83 27.32 8.13
C THR C 122 -18.33 26.90 9.51
N THR C 123 -19.26 26.73 10.44
CA THR C 123 -18.98 26.20 11.75
C THR C 123 -19.19 24.69 11.73
N GLU C 124 -19.23 24.06 12.91
CA GLU C 124 -19.45 22.62 12.97
C GLU C 124 -20.81 22.23 12.42
N LEU C 125 -21.81 23.10 12.57
CA LEU C 125 -23.13 22.89 11.99
C LEU C 125 -23.17 23.58 10.62
N ARG C 126 -23.42 22.79 9.57
CA ARG C 126 -23.33 23.33 8.21
C ARG C 126 -24.43 24.33 7.91
N ASP C 127 -25.51 24.34 8.69
CA ASP C 127 -26.60 25.29 8.47
C ASP C 127 -26.38 26.62 9.17
N LYS C 128 -25.36 26.73 10.01
CA LYS C 128 -24.98 27.98 10.66
C LYS C 128 -23.66 28.47 10.11
N LYS C 129 -23.54 29.79 10.00
CA LYS C 129 -22.33 30.43 9.50
C LYS C 129 -21.58 31.10 10.64
N GLN C 130 -20.30 31.38 10.40
CA GLN C 130 -19.44 32.04 11.38
C GLN C 130 -18.69 33.17 10.70
N LYS C 131 -18.65 34.32 11.34
CA LYS C 131 -17.90 35.48 10.85
C LYS C 131 -16.61 35.59 11.65
N VAL C 132 -15.49 35.27 11.02
CA VAL C 132 -14.18 35.30 11.66
C VAL C 132 -13.24 36.17 10.84
N TYR C 133 -12.15 36.58 11.47
CA TYR C 133 -11.15 37.42 10.84
C TYR C 133 -9.78 36.79 11.00
N SER C 134 -8.89 37.10 10.05
CA SER C 134 -7.54 36.56 10.06
C SER C 134 -6.60 37.56 9.43
N LEU C 135 -5.31 37.43 9.74
CA LEU C 135 -4.27 38.28 9.20
C LEU C 135 -3.53 37.50 8.11
N PHE C 136 -3.67 37.93 6.87
CA PHE C 136 -3.04 37.31 5.73
C PHE C 136 -1.97 38.22 5.14
N TYR C 137 -0.85 37.65 4.75
CA TYR C 137 0.20 38.41 4.09
C TYR C 137 -0.27 38.85 2.71
N ARG C 138 0.37 39.91 2.19
CA ARG C 138 -0.01 40.45 0.89
C ARG C 138 0.20 39.42 -0.22
N LEU C 139 1.26 38.62 -0.11
CA LEU C 139 1.56 37.63 -1.14
C LEU C 139 0.59 36.45 -1.13
N ASP C 140 -0.23 36.32 -0.09
CA ASP C 140 -1.17 35.21 0.02
C ASP C 140 -2.59 35.58 -0.37
N VAL C 141 -2.84 36.84 -0.72
CA VAL C 141 -4.18 37.31 -1.10
C VAL C 141 -4.07 38.10 -2.40
N VAL C 142 -5.04 37.90 -3.30
CA VAL C 142 -5.11 38.61 -4.56
C VAL C 142 -6.47 39.28 -4.66
N GLN C 143 -6.47 40.56 -5.07
CA GLN C 143 -7.70 41.32 -5.14
C GLN C 143 -8.60 40.81 -6.27
N ILE C 144 -9.90 40.93 -6.05
CA ILE C 144 -10.92 40.53 -7.03
C ILE C 144 -11.58 41.80 -7.55
N ASN C 145 -11.58 41.97 -8.86
CA ASN C 145 -12.19 43.14 -9.48
C ASN C 145 -13.39 42.75 -10.34
N ASN C 156 -14.04 48.74 2.06
CA ASN C 156 -13.00 47.74 1.86
C ASN C 156 -13.18 46.97 0.56
N LYS C 157 -12.09 46.39 0.07
CA LYS C 157 -12.11 45.65 -1.19
C LYS C 157 -12.31 44.16 -0.94
N GLU C 158 -12.48 43.42 -2.04
CA GLU C 158 -12.68 41.98 -1.99
C GLU C 158 -11.39 41.27 -2.37
N TYR C 159 -11.02 40.26 -1.58
CA TYR C 159 -9.80 39.49 -1.81
C TYR C 159 -10.11 38.01 -1.75
N ARG C 160 -9.11 37.21 -2.14
CA ARG C 160 -9.17 35.75 -2.07
C ARG C 160 -7.75 35.23 -2.02
N LEU C 161 -7.63 33.94 -1.66
CA LEU C 161 -6.31 33.32 -1.60
C LEU C 161 -5.65 33.30 -2.98
N ILE C 162 -4.33 33.46 -2.99
CA ILE C 162 -3.61 33.50 -4.26
C ILE C 162 -3.70 32.17 -4.99
N ASN C 163 -3.59 31.05 -4.27
CA ASN C 163 -3.70 29.72 -4.86
C ASN C 163 -5.08 29.16 -4.58
N CYS C 164 -6.08 29.74 -5.25
CA CYS C 164 -7.49 29.32 -5.05
C CYS C 164 -8.16 29.22 -6.42
N ASN C 165 -7.41 29.44 -7.49
CA ASN C 165 -7.95 29.27 -8.86
C ASN C 165 -6.98 28.34 -9.58
N THR C 166 -6.11 27.67 -8.83
CA THR C 166 -5.07 26.82 -9.47
C THR C 166 -4.82 25.56 -8.64
N SER C 167 -5.19 25.54 -7.36
CA SER C 167 -4.92 24.39 -6.53
C SER C 167 -5.78 24.44 -5.27
N ALA C 168 -5.92 23.29 -4.63
CA ALA C 168 -6.68 23.16 -3.39
C ALA C 168 -5.71 23.24 -2.21
N ILE C 169 -6.06 24.08 -1.24
CA ILE C 169 -5.16 24.35 -0.12
C ILE C 169 -5.35 23.28 0.95
N THR C 170 -4.24 22.69 1.38
CA THR C 170 -4.23 21.73 2.49
C THR C 170 -3.36 22.29 3.60
N GLN C 171 -3.97 22.56 4.75
CA GLN C 171 -3.22 23.14 5.86
C GLN C 171 -2.25 22.12 6.44
N ALA C 172 -1.00 22.54 6.59
CA ALA C 172 0.00 21.66 7.20
C ALA C 172 -0.35 21.39 8.66
N CYS C 173 -0.16 20.16 9.09
CA CYS C 173 -0.47 19.79 10.46
C CYS C 173 0.41 20.57 11.42
N PRO C 174 -0.16 21.26 12.42
CA PRO C 174 0.67 22.11 13.29
C PRO C 174 1.66 21.34 14.14
N LYS C 175 1.46 20.05 14.38
CA LYS C 175 2.38 19.25 15.16
C LYS C 175 3.50 18.63 14.34
N VAL C 176 3.31 18.52 13.02
CA VAL C 176 4.36 17.99 12.15
C VAL C 176 5.45 19.03 11.99
N SER C 177 6.67 18.70 12.38
CA SER C 177 7.78 19.63 12.33
C SER C 177 8.42 19.64 10.95
N PHE C 178 8.83 20.83 10.50
CA PHE C 178 9.52 21.01 9.24
C PHE C 178 11.03 21.11 9.42
N GLU C 179 11.55 20.84 10.60
CA GLU C 179 12.98 20.95 10.87
C GLU C 179 13.75 19.87 10.14
N PRO C 180 14.75 20.21 9.33
CA PRO C 180 15.55 19.17 8.66
C PRO C 180 16.29 18.30 9.67
N ILE C 181 16.16 16.99 9.49
CA ILE C 181 16.82 15.99 10.33
C ILE C 181 17.72 15.17 9.42
N PRO C 182 19.00 14.97 9.77
CA PRO C 182 19.89 14.21 8.89
C PRO C 182 19.38 12.80 8.65
N ILE C 183 19.51 12.35 7.40
CA ILE C 183 19.10 11.01 6.99
C ILE C 183 20.25 10.38 6.21
N HIS C 184 20.54 9.12 6.53
CA HIS C 184 21.63 8.39 5.90
C HIS C 184 21.05 7.42 4.86
N TYR C 185 21.42 7.62 3.60
CA TYR C 185 20.98 6.75 2.52
C TYR C 185 21.90 5.54 2.46
N CYS C 186 21.38 4.37 2.77
CA CYS C 186 22.17 3.15 2.88
C CYS C 186 21.78 2.18 1.77
N ALA C 187 22.79 1.60 1.12
CA ALA C 187 22.55 0.61 0.08
C ALA C 187 22.17 -0.72 0.69
N PRO C 188 21.35 -1.51 0.01
CA PRO C 188 21.01 -2.84 0.51
C PRO C 188 22.22 -3.78 0.46
N ALA C 189 22.02 -4.97 1.01
CA ALA C 189 23.07 -5.98 0.97
C ALA C 189 23.34 -6.39 -0.47
N GLY C 190 24.62 -6.57 -0.79
CA GLY C 190 25.04 -6.81 -2.15
C GLY C 190 25.32 -5.54 -2.95
N PHE C 191 25.03 -4.37 -2.38
CA PHE C 191 25.35 -3.09 -3.00
C PHE C 191 26.22 -2.28 -2.05
N ALA C 192 27.15 -1.53 -2.62
CA ALA C 192 28.07 -0.70 -1.85
C ALA C 192 28.00 0.73 -2.36
N ILE C 193 28.26 1.68 -1.46
CA ILE C 193 28.27 3.10 -1.78
C ILE C 193 29.71 3.58 -1.72
N LEU C 194 30.23 4.04 -2.85
CA LEU C 194 31.60 4.51 -2.94
C LEU C 194 31.66 6.00 -2.61
N LYS C 195 32.52 6.34 -1.65
CA LYS C 195 32.71 7.72 -1.23
C LYS C 195 34.06 8.21 -1.72
N CYS C 196 34.06 9.34 -2.41
CA CYS C 196 35.29 9.93 -2.95
C CYS C 196 35.86 10.89 -1.91
N LYS C 197 37.04 10.54 -1.39
CA LYS C 197 37.68 11.35 -0.35
C LYS C 197 38.64 12.39 -0.92
N ASP C 198 38.70 12.54 -2.25
CA ASP C 198 39.53 13.57 -2.84
C ASP C 198 39.03 14.95 -2.42
N LYS C 199 39.95 15.78 -1.92
CA LYS C 199 39.59 17.09 -1.42
C LYS C 199 39.42 18.13 -2.52
N LYS C 200 39.88 17.84 -3.73
CA LYS C 200 39.69 18.70 -4.90
C LYS C 200 39.02 17.85 -5.98
N PHE C 201 37.69 17.69 -5.87
CA PHE C 201 36.94 16.84 -6.83
C PHE C 201 36.02 17.72 -7.66
N ASN C 202 36.11 17.66 -8.99
CA ASN C 202 35.31 18.54 -9.86
C ASN C 202 33.94 17.91 -10.12
N GLY C 203 33.65 16.77 -9.52
CA GLY C 203 32.33 16.13 -9.67
C GLY C 203 32.29 15.15 -10.83
N THR C 204 33.32 15.12 -11.66
CA THR C 204 33.35 14.27 -12.83
C THR C 204 34.78 13.79 -13.05
N GLY C 205 34.91 12.55 -13.52
CA GLY C 205 36.20 11.97 -13.78
C GLY C 205 36.68 11.05 -12.67
N PRO C 206 37.90 10.53 -12.82
CA PRO C 206 38.43 9.59 -11.83
C PRO C 206 38.66 10.24 -10.48
N CYS C 207 38.51 9.44 -9.43
CA CYS C 207 38.76 9.86 -8.05
C CYS C 207 39.88 9.02 -7.48
N PRO C 208 41.09 9.58 -7.29
CA PRO C 208 42.20 8.74 -6.82
C PRO C 208 41.97 8.09 -5.47
N SER C 209 41.28 8.76 -4.56
CA SER C 209 41.04 8.26 -3.21
C SER C 209 39.57 7.87 -3.08
N VAL C 210 39.28 6.59 -3.35
CA VAL C 210 37.93 6.06 -3.30
C VAL C 210 37.78 5.23 -2.03
N SER C 211 36.74 5.53 -1.26
CA SER C 211 36.42 4.79 -0.04
C SER C 211 35.05 4.14 -0.19
N THR C 212 34.77 3.17 0.69
CA THR C 212 33.53 2.41 0.66
C THR C 212 32.79 2.62 1.98
N VAL C 213 31.52 3.00 1.90
CA VAL C 213 30.68 3.18 3.08
C VAL C 213 29.40 2.37 2.89
N GLN C 214 28.79 2.01 4.02
CA GLN C 214 27.50 1.35 4.01
C GLN C 214 26.35 2.34 4.02
N CYS C 215 26.58 3.54 4.56
CA CYS C 215 25.58 4.60 4.60
C CYS C 215 26.27 5.92 4.29
N THR C 216 25.48 6.86 3.74
CA THR C 216 25.99 8.20 3.52
C THR C 216 26.08 8.95 4.85
N HIS C 217 26.59 10.17 4.79
CA HIS C 217 26.70 11.00 5.98
C HIS C 217 25.33 11.61 6.28
N GLY C 218 25.29 12.59 7.19
CA GLY C 218 24.03 13.18 7.55
C GLY C 218 23.59 14.23 6.55
N ILE C 219 22.72 13.82 5.62
CA ILE C 219 22.28 14.70 4.54
C ILE C 219 21.00 15.40 4.97
N LYS C 220 21.12 16.61 5.48
CA LYS C 220 19.96 17.36 5.93
C LYS C 220 19.11 17.79 4.75
N PRO C 221 17.84 17.40 4.68
CA PRO C 221 17.01 17.80 3.53
C PRO C 221 16.58 19.26 3.62
N VAL C 222 17.53 20.17 3.51
CA VAL C 222 17.25 21.59 3.58
C VAL C 222 16.87 22.08 2.19
N VAL C 223 15.63 22.55 2.05
CA VAL C 223 15.13 23.10 0.80
C VAL C 223 15.42 24.59 0.79
N SER C 224 16.13 25.06 -0.25
CA SER C 224 16.55 26.45 -0.30
C SER C 224 16.87 26.83 -1.73
N THR C 225 16.90 28.14 -1.99
CA THR C 225 17.26 28.69 -3.29
C THR C 225 18.23 29.84 -3.11
N GLN C 226 19.17 29.95 -4.05
CA GLN C 226 20.17 31.01 -4.11
C GLN C 226 21.23 30.86 -3.03
N LEU C 227 21.01 29.93 -2.10
CA LEU C 227 21.92 29.70 -0.97
C LEU C 227 21.71 28.28 -0.48
N LEU C 228 22.80 27.58 -0.20
CA LEU C 228 22.74 26.26 0.41
C LEU C 228 22.94 26.41 1.91
N LEU C 229 21.87 26.27 2.67
CA LEU C 229 21.98 26.56 4.12
C LEU C 229 22.27 25.26 4.87
N ASN C 230 22.89 25.35 6.04
CA ASN C 230 23.15 24.16 6.87
C ASN C 230 23.55 23.00 5.97
N GLY C 231 24.75 23.05 5.39
CA GLY C 231 25.12 21.99 4.44
C GLY C 231 26.53 21.48 4.64
N SER C 232 27.00 20.58 3.78
CA SER C 232 28.34 20.02 4.01
C SER C 232 29.37 20.86 3.29
N LEU C 233 30.46 21.20 4.00
CA LEU C 233 31.47 22.11 3.50
C LEU C 233 32.47 21.39 2.59
N ALA C 234 33.25 22.19 1.86
CA ALA C 234 34.49 21.73 1.27
C ALA C 234 35.58 21.70 2.35
N GLU C 235 36.70 21.08 2.01
CA GLU C 235 37.77 20.84 2.98
C GLU C 235 39.03 21.66 2.74
N GLU C 236 39.51 21.74 1.50
CA GLU C 236 40.71 22.50 1.21
C GLU C 236 40.40 23.91 0.73
N GLU C 237 39.66 24.02 -0.38
CA GLU C 237 39.35 25.30 -0.98
C GLU C 237 37.88 25.36 -1.40
N VAL C 238 37.44 26.58 -1.74
CA VAL C 238 36.11 26.75 -2.30
C VAL C 238 36.06 26.05 -3.66
N MET C 239 35.08 25.18 -3.84
CA MET C 239 35.02 24.32 -5.02
C MET C 239 33.90 24.80 -5.94
N ILE C 240 34.26 25.11 -7.18
CA ILE C 240 33.28 25.44 -8.21
C ILE C 240 33.06 24.19 -9.06
N ARG C 241 31.82 23.73 -9.11
CA ARG C 241 31.46 22.49 -9.82
C ARG C 241 30.23 22.75 -10.68
N SER C 242 30.39 22.61 -11.98
CA SER C 242 29.29 22.77 -12.92
C SER C 242 29.33 21.65 -13.95
N GLU C 243 28.18 21.37 -14.56
CA GLU C 243 28.11 20.30 -15.60
C GLU C 243 28.99 20.73 -16.76
N ASN C 244 28.82 21.95 -17.23
CA ASN C 244 29.70 22.46 -18.29
C ASN C 244 29.81 23.96 -18.07
N ILE C 245 30.92 24.42 -17.50
CA ILE C 245 31.07 25.86 -17.14
C ILE C 245 30.91 26.73 -18.39
N THR C 246 31.17 26.21 -19.59
CA THR C 246 30.92 27.00 -20.78
C THR C 246 29.42 27.18 -21.04
N ASN C 247 28.60 26.20 -20.66
CA ASN C 247 27.16 26.28 -20.86
C ASN C 247 26.56 27.19 -19.80
N ASN C 248 25.91 28.26 -20.24
CA ASN C 248 25.27 29.19 -19.33
C ASN C 248 23.93 28.68 -18.80
N ALA C 249 23.36 27.66 -19.44
CA ALA C 249 22.09 27.09 -18.99
C ALA C 249 22.27 26.10 -17.84
N LYS C 250 23.49 25.77 -17.48
CA LYS C 250 23.77 24.85 -16.39
C LYS C 250 24.07 25.62 -15.12
N ASN C 251 23.40 25.27 -14.04
CA ASN C 251 23.62 25.93 -12.76
C ASN C 251 25.02 25.66 -12.25
N ILE C 252 25.64 26.69 -11.67
CA ILE C 252 26.98 26.59 -11.11
C ILE C 252 26.85 26.40 -9.61
N LEU C 253 27.34 25.26 -9.11
CA LEU C 253 27.27 24.93 -7.70
C LEU C 253 28.58 25.33 -7.03
N VAL C 254 28.48 26.18 -6.01
CA VAL C 254 29.63 26.65 -5.25
C VAL C 254 29.57 26.02 -3.87
N GLN C 255 30.74 25.71 -3.31
CA GLN C 255 30.84 25.16 -1.97
C GLN C 255 31.83 25.97 -1.16
N PHE C 256 31.48 26.28 0.09
CA PHE C 256 32.27 27.14 0.94
C PHE C 256 33.10 26.30 1.91
N ASN C 257 34.36 26.69 2.09
CA ASN C 257 35.23 26.02 3.04
C ASN C 257 35.07 26.55 4.46
N THR C 258 34.43 27.70 4.63
CA THR C 258 34.23 28.28 5.95
C THR C 258 32.79 28.73 6.12
N PRO C 259 32.29 28.76 7.35
CA PRO C 259 30.95 29.25 7.60
C PRO C 259 30.71 30.63 7.02
N VAL C 260 29.50 30.85 6.54
CA VAL C 260 28.96 32.20 6.31
C VAL C 260 27.66 32.26 7.11
N GLN C 261 27.77 32.61 8.39
CA GLN C 261 26.62 32.56 9.27
C GLN C 261 25.59 33.62 8.89
N ILE C 262 24.36 33.16 8.69
CA ILE C 262 23.22 34.06 8.33
C ILE C 262 22.22 33.98 9.46
N ASN C 263 21.81 35.11 10.02
CA ASN C 263 20.91 35.08 11.20
C ASN C 263 19.53 35.60 10.80
N CYS C 264 18.57 34.69 10.67
CA CYS C 264 17.20 35.08 10.30
C CYS C 264 16.41 35.46 11.52
N THR C 265 15.43 36.32 11.35
CA THR C 265 14.48 36.51 12.45
C THR C 265 13.14 36.99 11.89
N ARG C 266 12.09 36.77 12.68
CA ARG C 266 10.74 37.22 12.37
C ARG C 266 10.26 38.04 13.57
N PRO C 267 10.49 39.36 13.55
CA PRO C 267 10.26 40.16 14.77
C PRO C 267 8.81 40.16 15.24
N ASN C 268 7.84 39.92 14.37
CA ASN C 268 6.44 40.05 14.83
C ASN C 268 6.13 38.89 15.80
N ASN C 269 5.45 39.17 16.91
CA ASN C 269 5.08 38.13 17.90
C ASN C 269 3.71 37.59 17.50
N ASN C 270 3.63 36.76 16.46
CA ASN C 270 2.32 36.30 15.93
C ASN C 270 1.59 35.45 16.96
N THR C 271 0.26 35.47 16.90
CA THR C 271 -0.55 34.62 17.76
C THR C 271 -1.47 33.76 16.90
N ARG C 272 -1.59 32.49 17.27
CA ARG C 272 -2.39 31.53 16.53
C ARG C 272 -3.78 31.42 17.15
N LYS C 273 -4.81 31.58 16.33
CA LYS C 273 -6.19 31.44 16.75
C LYS C 273 -6.82 30.29 15.99
N SER C 274 -7.40 29.34 16.73
CA SER C 274 -8.01 28.17 16.13
C SER C 274 -9.47 28.45 15.78
N ILE C 275 -9.81 28.24 14.51
CA ILE C 275 -11.18 28.43 14.02
C ILE C 275 -11.71 27.08 13.57
N ARG C 276 -12.88 26.70 14.09
CA ARG C 276 -13.50 25.43 13.76
C ARG C 276 -14.24 25.56 12.43
N ILE C 277 -13.71 24.92 11.39
CA ILE C 277 -14.31 24.99 10.06
C ILE C 277 -15.13 23.76 9.71
N GLY C 278 -15.31 22.83 10.65
CA GLY C 278 -16.04 21.62 10.38
C GLY C 278 -16.12 20.71 11.59
N PRO C 279 -16.77 19.56 11.43
CA PRO C 279 -16.91 18.63 12.55
C PRO C 279 -15.62 17.89 12.85
N GLY C 280 -14.72 18.52 13.62
CA GLY C 280 -13.45 17.95 13.99
C GLY C 280 -12.26 18.57 13.31
N GLN C 281 -12.47 19.45 12.35
CA GLN C 281 -11.39 20.13 11.64
C GLN C 281 -11.21 21.54 12.20
N ALA C 282 -9.95 21.95 12.34
CA ALA C 282 -9.60 23.25 12.87
C ALA C 282 -8.66 23.96 11.92
N PHE C 283 -8.97 25.22 11.64
CA PHE C 283 -8.13 26.08 10.80
C PHE C 283 -7.44 27.09 11.70
N TYR C 284 -6.12 27.09 11.68
CA TYR C 284 -5.32 27.97 12.53
C TYR C 284 -4.99 29.24 11.76
N ALA C 285 -5.45 30.39 12.28
CA ALA C 285 -5.31 31.67 11.61
C ALA C 285 -4.53 32.63 12.51
N THR C 286 -3.83 33.57 11.86
CA THR C 286 -3.10 34.62 12.57
C THR C 286 -4.09 35.62 13.12
N GLY C 287 -4.47 35.44 14.38
CA GLY C 287 -5.45 36.33 15.00
C GLY C 287 -4.96 37.75 15.19
N ASP C 288 -3.99 37.93 16.09
CA ASP C 288 -3.44 39.24 16.39
C ASP C 288 -1.93 39.12 16.58
N ILE C 289 -1.26 40.27 16.51
CA ILE C 289 0.18 40.36 16.77
C ILE C 289 0.38 41.29 17.95
N ILE C 290 1.05 40.80 18.99
CA ILE C 290 1.27 41.56 20.21
C ILE C 290 2.58 42.32 20.06
N GLY C 291 2.49 43.64 19.86
CA GLY C 291 3.65 44.50 19.84
C GLY C 291 3.77 45.24 18.53
N ASP C 292 4.97 45.74 18.28
CA ASP C 292 5.26 46.48 17.07
C ASP C 292 5.34 45.54 15.87
N ILE C 293 5.11 46.09 14.69
CA ILE C 293 5.16 45.35 13.44
C ILE C 293 6.44 45.72 12.72
N ARG C 294 7.30 44.72 12.49
CA ARG C 294 8.60 44.94 11.86
C ARG C 294 8.80 43.92 10.75
N GLN C 295 9.57 44.31 9.74
CA GLN C 295 9.82 43.44 8.60
C GLN C 295 10.79 42.32 8.96
N ALA C 296 10.45 41.10 8.57
CA ALA C 296 11.37 39.97 8.75
C ALA C 296 12.61 40.19 7.90
N HIS C 297 13.77 39.80 8.44
CA HIS C 297 15.02 40.07 7.77
C HIS C 297 16.05 39.01 8.15
N CYS C 298 17.10 38.92 7.34
CA CYS C 298 18.19 37.98 7.62
C CYS C 298 19.48 38.80 7.54
N ASN C 299 20.41 38.60 8.47
CA ASN C 299 21.64 39.42 8.49
C ASN C 299 22.82 38.53 8.09
N VAL C 300 23.77 39.06 7.33
CA VAL C 300 24.98 38.29 6.94
C VAL C 300 26.17 39.21 7.16
N SER C 301 27.12 38.83 8.00
CA SER C 301 28.31 39.63 8.27
C SER C 301 28.90 40.17 6.97
N LYS C 302 29.19 41.47 6.96
CA LYS C 302 29.67 42.10 5.73
C LYS C 302 31.07 41.65 5.36
N ALA C 303 31.99 41.65 6.35
CA ALA C 303 33.36 41.25 6.07
C ALA C 303 33.46 39.78 5.72
N THR C 304 32.72 38.93 6.42
CA THR C 304 32.74 37.49 6.12
C THR C 304 32.21 37.23 4.72
N TRP C 305 31.14 37.88 4.32
CA TRP C 305 30.66 37.67 2.94
C TRP C 305 31.70 38.18 1.97
N ASN C 306 32.05 39.46 2.05
CA ASN C 306 32.97 40.05 1.05
C ASN C 306 34.20 39.15 0.92
N GLU C 307 34.68 38.58 2.02
CA GLU C 307 35.81 37.63 1.92
C GLU C 307 35.36 36.42 1.11
N THR C 308 34.35 35.71 1.62
CA THR C 308 33.84 34.52 0.95
C THR C 308 33.67 34.77 -0.55
N LEU C 309 33.15 35.95 -0.91
CA LEU C 309 33.03 36.30 -2.32
C LEU C 309 34.40 36.46 -2.98
N GLY C 310 35.40 36.94 -2.22
CA GLY C 310 36.74 36.99 -2.75
C GLY C 310 37.30 35.61 -3.06
N LYS C 311 37.10 34.66 -2.15
CA LYS C 311 37.51 33.28 -2.42
C LYS C 311 36.75 32.72 -3.62
N VAL C 312 35.45 33.03 -3.72
CA VAL C 312 34.63 32.52 -4.81
C VAL C 312 35.13 33.05 -6.14
N VAL C 313 35.42 34.35 -6.21
CA VAL C 313 35.89 34.93 -7.48
C VAL C 313 37.29 34.42 -7.81
N LYS C 314 38.14 34.21 -6.79
CA LYS C 314 39.46 33.65 -7.03
C LYS C 314 39.36 32.25 -7.64
N GLN C 315 38.43 31.43 -7.14
CA GLN C 315 38.26 30.10 -7.71
C GLN C 315 37.53 30.12 -9.06
N LEU C 316 36.67 31.12 -9.29
CA LEU C 316 35.95 31.22 -10.55
C LEU C 316 36.84 31.72 -11.68
N ARG C 317 37.84 32.56 -11.36
CA ARG C 317 38.71 33.09 -12.39
C ARG C 317 39.55 32.00 -13.07
N LYS C 318 39.65 30.82 -12.46
CA LYS C 318 40.43 29.74 -13.06
C LYS C 318 39.80 29.26 -14.36
N HIS C 319 38.48 29.11 -14.39
CA HIS C 319 37.81 28.54 -15.55
C HIS C 319 37.72 29.53 -16.71
N PHE C 320 37.61 30.82 -16.40
CA PHE C 320 37.34 31.83 -17.41
C PHE C 320 38.57 32.65 -17.78
N GLY C 321 39.65 32.56 -17.01
CA GLY C 321 40.87 33.33 -17.29
C GLY C 321 41.19 34.32 -16.18
N ASN C 322 42.44 34.78 -16.10
CA ASN C 322 42.81 35.65 -14.96
C ASN C 322 42.51 37.10 -15.29
N ASN C 323 42.13 37.40 -16.53
CA ASN C 323 41.92 38.82 -16.93
C ASN C 323 40.42 39.13 -17.14
N THR C 324 39.53 38.36 -16.52
CA THR C 324 38.11 38.66 -16.59
C THR C 324 37.66 39.47 -15.38
N ILE C 325 36.69 40.36 -15.62
CA ILE C 325 36.12 41.18 -14.55
C ILE C 325 34.86 40.45 -14.10
N ILE C 326 35.00 39.64 -13.06
CA ILE C 326 33.87 38.89 -12.53
C ILE C 326 32.95 39.83 -11.78
N ARG C 327 31.68 39.82 -12.14
CA ARG C 327 30.71 40.73 -11.50
C ARG C 327 29.56 39.87 -11.00
N PHE C 328 29.09 40.11 -9.79
CA PHE C 328 27.89 39.38 -9.34
C PHE C 328 26.72 40.33 -9.55
N ALA C 329 25.48 39.85 -9.48
CA ALA C 329 24.32 40.76 -9.62
C ALA C 329 23.08 40.09 -9.04
N ASN C 330 21.95 40.77 -9.01
CA ASN C 330 20.77 40.17 -8.33
C ASN C 330 19.91 39.41 -9.32
N SER C 331 19.14 38.45 -8.84
CA SER C 331 18.37 37.59 -9.77
C SER C 331 17.44 38.45 -10.59
N SER C 332 17.52 38.33 -11.90
CA SER C 332 16.62 39.02 -12.83
C SER C 332 15.50 38.08 -13.23
N GLY C 333 14.26 38.54 -13.10
CA GLY C 333 13.11 37.77 -13.53
C GLY C 333 12.86 36.52 -12.72
N GLY C 334 11.73 35.86 -12.96
CA GLY C 334 11.39 34.63 -12.30
C GLY C 334 10.34 34.84 -11.22
N ASP C 335 9.91 33.72 -10.64
CA ASP C 335 8.96 33.74 -9.55
C ASP C 335 9.66 34.13 -8.24
N LEU C 336 8.87 34.25 -7.17
CA LEU C 336 9.43 34.60 -5.87
C LEU C 336 10.36 33.51 -5.36
N GLU C 337 10.17 32.27 -5.80
CA GLU C 337 11.02 31.18 -5.34
C GLU C 337 12.42 31.21 -5.97
N VAL C 338 12.63 32.00 -7.02
CA VAL C 338 13.93 32.12 -7.66
C VAL C 338 14.51 33.51 -7.53
N THR C 339 13.68 34.55 -7.68
CA THR C 339 14.16 35.92 -7.53
C THR C 339 14.52 36.28 -6.09
N THR C 340 14.15 35.44 -5.12
CA THR C 340 14.46 35.69 -3.72
C THR C 340 14.96 34.39 -3.09
N HIS C 341 15.74 34.53 -2.02
CA HIS C 341 16.26 33.39 -1.28
C HIS C 341 15.12 32.77 -0.48
N SER C 342 14.61 31.64 -0.95
CA SER C 342 13.51 30.95 -0.31
C SER C 342 14.06 29.86 0.61
N PHE C 343 13.57 29.84 1.85
CA PHE C 343 13.96 28.80 2.81
C PHE C 343 12.89 28.73 3.89
N ASN C 344 13.04 27.74 4.77
CA ASN C 344 12.09 27.51 5.85
C ASN C 344 12.80 27.71 7.18
N CYS C 345 12.25 28.58 8.02
CA CYS C 345 12.79 28.89 9.34
C CYS C 345 11.73 28.64 10.39
N GLY C 346 11.81 27.50 11.06
CA GLY C 346 10.91 27.19 12.16
C GLY C 346 9.45 27.09 11.77
N GLY C 347 9.15 26.56 10.58
CA GLY C 347 7.79 26.40 10.13
C GLY C 347 7.22 27.57 9.37
N GLU C 348 7.95 28.68 9.26
CA GLU C 348 7.53 29.84 8.49
C GLU C 348 8.46 30.01 7.30
N PHE C 349 7.89 30.22 6.13
CA PHE C 349 8.65 30.27 4.89
C PHE C 349 9.07 31.71 4.60
N PHE C 350 10.36 31.89 4.36
CA PHE C 350 10.96 33.20 4.11
C PHE C 350 11.34 33.35 2.64
N TYR C 351 11.15 34.55 2.11
CA TYR C 351 11.58 34.91 0.77
C TYR C 351 12.35 36.22 0.87
N CYS C 352 13.68 36.10 0.97
CA CYS C 352 14.55 37.27 1.23
C CYS C 352 15.20 37.83 -0.03
N ASN C 353 15.28 39.15 -0.15
CA ASN C 353 15.84 39.82 -1.33
C ASN C 353 17.35 39.85 -1.18
N THR C 354 18.01 38.88 -1.80
CA THR C 354 19.48 38.79 -1.75
C THR C 354 20.03 39.63 -2.91
N SER C 355 19.93 40.94 -2.80
CA SER C 355 20.43 41.84 -3.83
C SER C 355 21.64 42.57 -3.28
N GLY C 356 21.71 42.68 -1.95
CA GLY C 356 22.87 43.32 -1.31
C GLY C 356 23.96 42.28 -1.12
N LEU C 357 23.57 41.03 -0.94
CA LEU C 357 24.56 39.94 -0.83
C LEU C 357 25.34 39.91 -2.14
N PHE C 358 24.64 39.95 -3.27
CA PHE C 358 25.32 39.83 -4.59
C PHE C 358 25.86 41.20 -5.00
N ASN C 359 25.17 41.98 -5.85
CA ASN C 359 25.78 43.27 -6.28
C ASN C 359 27.26 43.05 -6.57
N SER C 360 28.14 43.98 -6.19
CA SER C 360 29.63 43.77 -6.29
C SER C 360 30.20 43.78 -7.71
N THR C 361 31.51 43.97 -7.83
CA THR C 361 32.23 43.96 -9.13
C THR C 361 33.70 43.75 -8.78
N TRP C 362 34.27 42.59 -9.09
CA TRP C 362 35.61 42.18 -8.69
C TRP C 362 36.55 42.31 -9.89
N ILE C 363 37.38 43.35 -9.87
CA ILE C 363 38.40 43.55 -10.90
C ILE C 363 39.64 42.75 -10.54
N SER C 364 40.37 42.28 -11.54
CA SER C 364 41.60 41.52 -11.32
C SER C 364 42.62 42.32 -10.51
N ASN C 377 32.26 43.93 11.89
CA ASN C 377 31.21 44.47 12.75
C ASN C 377 29.94 44.82 11.99
N ASP C 378 30.10 45.40 10.80
CA ASP C 378 28.94 45.75 9.98
C ASP C 378 28.26 44.50 9.45
N SER C 379 26.94 44.58 9.32
CA SER C 379 26.14 43.46 8.85
C SER C 379 25.28 43.89 7.68
N ILE C 380 24.98 42.94 6.80
CA ILE C 380 24.13 43.17 5.64
C ILE C 380 22.73 42.69 5.99
N THR C 381 21.75 43.59 5.90
CA THR C 381 20.36 43.28 6.24
C THR C 381 19.60 43.00 4.96
N LEU C 382 19.03 41.79 4.88
CA LEU C 382 18.25 41.37 3.72
C LEU C 382 16.77 41.39 4.07
N PRO C 383 15.97 42.31 3.49
CA PRO C 383 14.53 42.28 3.74
C PRO C 383 13.93 40.97 3.25
N CYS C 384 12.97 40.45 4.03
CA CYS C 384 12.36 39.16 3.75
C CYS C 384 10.84 39.30 3.78
N ARG C 385 10.17 38.43 3.02
CA ARG C 385 8.72 38.39 2.96
C ARG C 385 8.24 36.99 3.32
N ILE C 386 7.16 36.92 4.08
CA ILE C 386 6.63 35.67 4.60
C ILE C 386 5.41 35.26 3.79
N LYS C 387 5.33 33.99 3.45
CA LYS C 387 4.18 33.42 2.75
C LYS C 387 3.64 32.24 3.54
N GLN C 388 2.32 32.08 3.54
CA GLN C 388 1.68 30.96 4.21
C GLN C 388 1.13 29.92 3.26
N ILE C 389 0.68 30.32 2.07
CA ILE C 389 0.20 29.40 1.06
C ILE C 389 1.41 29.06 0.19
N ILE C 390 1.93 27.85 0.34
CA ILE C 390 3.18 27.45 -0.28
C ILE C 390 2.91 26.29 -1.25
N ASN C 391 3.37 26.45 -2.49
CA ASN C 391 3.40 25.38 -3.48
C ASN C 391 4.86 25.00 -3.66
N MET C 392 5.30 23.98 -2.92
CA MET C 392 6.73 23.68 -2.83
C MET C 392 7.26 23.10 -4.13
N TRP C 393 6.74 21.94 -4.53
CA TRP C 393 7.28 21.20 -5.66
C TRP C 393 6.50 21.46 -6.95
N GLN C 394 5.79 22.59 -7.02
CA GLN C 394 5.06 22.98 -8.23
C GLN C 394 4.07 21.89 -8.67
N ARG C 395 3.48 21.21 -7.68
CA ARG C 395 2.52 20.16 -7.97
C ARG C 395 1.23 20.75 -8.52
N ILE C 396 0.66 20.10 -9.52
CA ILE C 396 -0.54 20.59 -10.17
C ILE C 396 -1.75 20.28 -9.29
N GLY C 397 -2.47 21.32 -8.87
CA GLY C 397 -3.63 21.15 -8.04
C GLY C 397 -3.35 20.85 -6.58
N GLN C 398 -2.13 21.08 -6.11
CA GLN C 398 -1.75 20.82 -4.73
C GLN C 398 -1.02 22.02 -4.16
N ALA C 399 -1.45 22.47 -2.98
CA ALA C 399 -0.80 23.56 -2.27
C ALA C 399 -0.81 23.24 -0.78
N MET C 400 -0.10 24.05 0.00
CA MET C 400 -0.01 23.86 1.44
C MET C 400 -0.12 25.20 2.14
N TYR C 401 -0.89 25.23 3.22
CA TYR C 401 -1.02 26.40 4.08
C TYR C 401 -0.19 26.17 5.33
N ALA C 402 0.89 26.91 5.46
CA ALA C 402 1.72 26.82 6.66
C ALA C 402 1.00 27.49 7.81
N PRO C 403 0.68 26.76 8.89
CA PRO C 403 -0.01 27.38 10.01
C PRO C 403 0.86 28.43 10.68
N PRO C 404 0.27 29.45 11.28
CA PRO C 404 1.07 30.46 11.98
C PRO C 404 1.85 29.86 13.14
N ILE C 405 3.03 30.41 13.38
CA ILE C 405 3.91 29.96 14.45
C ILE C 405 3.90 31.01 15.55
N GLN C 406 3.52 30.59 16.76
CA GLN C 406 3.43 31.52 17.87
C GLN C 406 4.81 31.99 18.29
N GLY C 407 4.88 33.23 18.76
CA GLY C 407 6.12 33.80 19.24
C GLY C 407 7.00 34.34 18.13
N VAL C 408 8.22 34.72 18.53
CA VAL C 408 9.21 35.30 17.63
C VAL C 408 10.12 34.18 17.14
N ILE C 409 10.32 34.11 15.83
CA ILE C 409 11.11 33.06 15.20
C ILE C 409 12.50 33.61 14.89
N ARG C 410 13.53 32.85 15.24
CA ARG C 410 14.91 33.22 14.96
C ARG C 410 15.66 32.00 14.43
N CYS C 411 16.55 32.23 13.48
CA CYS C 411 17.37 31.17 12.90
C CYS C 411 18.83 31.58 12.89
N VAL C 412 19.69 30.58 13.05
CA VAL C 412 21.14 30.75 12.93
C VAL C 412 21.62 29.62 12.03
N SER C 413 21.76 29.93 10.73
CA SER C 413 22.15 28.90 9.75
C SER C 413 23.50 29.26 9.13
N ASN C 414 24.06 28.35 8.33
CA ASN C 414 25.36 28.61 7.69
C ASN C 414 25.19 28.58 6.18
N ILE C 415 25.58 29.63 5.49
CA ILE C 415 25.55 29.57 4.00
C ILE C 415 26.76 28.73 3.58
N THR C 416 26.58 27.43 3.35
CA THR C 416 27.66 26.54 2.96
C THR C 416 27.84 26.41 1.45
N GLY C 417 27.11 27.18 0.66
CA GLY C 417 27.25 27.07 -0.78
C GLY C 417 26.37 28.06 -1.51
N LEU C 418 26.50 28.05 -2.83
CA LEU C 418 25.75 28.93 -3.71
C LEU C 418 25.25 28.14 -4.91
N ILE C 419 24.21 28.65 -5.55
CA ILE C 419 23.74 28.15 -6.84
C ILE C 419 23.76 29.33 -7.79
N LEU C 420 24.87 29.51 -8.51
CA LEU C 420 25.06 30.66 -9.38
C LEU C 420 24.65 30.32 -10.81
N THR C 421 24.67 31.34 -11.66
CA THR C 421 24.28 31.18 -13.07
C THR C 421 24.95 32.28 -13.88
N ARG C 422 25.84 31.89 -14.80
CA ARG C 422 26.42 32.83 -15.73
C ARG C 422 25.37 33.28 -16.75
N ASP C 423 25.53 34.50 -17.26
CA ASP C 423 24.45 35.13 -18.01
C ASP C 423 24.34 34.66 -19.45
N GLY C 424 25.36 34.93 -20.28
CA GLY C 424 25.20 34.51 -21.66
C GLY C 424 26.18 35.06 -22.69
N GLY C 425 25.62 35.46 -23.84
CA GLY C 425 26.40 35.79 -25.01
C GLY C 425 27.18 37.08 -24.95
N SER C 426 28.01 37.24 -23.91
CA SER C 426 29.00 38.30 -23.89
C SER C 426 30.13 37.88 -24.83
N THR C 427 30.05 38.31 -26.08
CA THR C 427 30.94 37.79 -27.12
C THR C 427 32.36 38.31 -26.95
N ASN C 428 32.53 39.64 -27.03
CA ASN C 428 33.85 40.24 -26.86
C ASN C 428 34.07 40.81 -25.46
N SER C 429 33.02 40.92 -24.65
CA SER C 429 33.15 41.53 -23.33
C SER C 429 34.04 40.67 -22.43
N THR C 430 34.90 41.35 -21.66
CA THR C 430 35.76 40.66 -20.71
C THR C 430 35.07 40.37 -19.38
N THR C 431 33.94 41.01 -19.11
CA THR C 431 33.23 40.81 -17.86
C THR C 431 32.34 39.56 -17.94
N GLU C 432 32.15 38.92 -16.79
CA GLU C 432 31.31 37.74 -16.67
C GLU C 432 30.45 37.90 -15.43
N THR C 433 29.14 38.12 -15.63
CA THR C 433 28.23 38.38 -14.53
C THR C 433 27.60 37.07 -14.06
N PHE C 434 27.56 36.88 -12.75
CA PHE C 434 27.04 35.65 -12.13
C PHE C 434 25.87 36.02 -11.23
N ARG C 435 24.66 35.82 -11.74
CA ARG C 435 23.46 36.02 -10.93
C ARG C 435 23.10 34.73 -10.20
N PRO C 436 22.45 34.84 -9.05
CA PRO C 436 22.01 33.66 -8.31
C PRO C 436 20.78 33.04 -8.96
N GLY C 437 20.23 32.01 -8.30
CA GLY C 437 19.02 31.37 -8.76
C GLY C 437 19.05 29.86 -8.61
N GLY C 438 18.03 29.32 -7.96
CA GLY C 438 17.94 27.88 -7.75
C GLY C 438 16.79 27.26 -8.51
N GLY C 439 15.68 27.02 -7.81
CA GLY C 439 14.51 26.41 -8.42
C GLY C 439 14.54 24.91 -8.34
N ASP C 440 15.44 24.28 -9.09
CA ASP C 440 15.58 22.83 -9.05
C ASP C 440 16.23 22.40 -7.74
N MET C 441 15.46 21.76 -6.87
CA MET C 441 15.99 21.25 -5.62
C MET C 441 16.91 20.06 -5.80
N ARG C 442 16.89 19.44 -6.98
CA ARG C 442 17.84 18.38 -7.29
C ARG C 442 19.27 18.88 -7.33
N ASP C 443 19.49 20.12 -7.77
CA ASP C 443 20.80 20.76 -7.62
C ASP C 443 21.12 21.09 -6.16
N ASN C 444 20.10 21.41 -5.36
CA ASN C 444 20.32 21.66 -3.94
C ASN C 444 20.81 20.39 -3.24
N TRP C 445 20.23 19.24 -3.58
CA TRP C 445 20.64 17.98 -2.99
C TRP C 445 21.78 17.31 -3.75
N ARG C 446 22.19 17.85 -4.89
CA ARG C 446 23.38 17.36 -5.57
C ARG C 446 24.66 17.80 -4.87
N SER C 447 24.62 18.93 -4.15
CA SER C 447 25.79 19.41 -3.43
C SER C 447 26.14 18.53 -2.24
N GLU C 448 25.25 17.62 -1.85
CA GLU C 448 25.52 16.69 -0.75
C GLU C 448 25.86 15.29 -1.23
N LEU C 449 25.39 14.91 -2.42
CA LEU C 449 25.61 13.56 -2.96
C LEU C 449 26.65 13.56 -4.08
N TYR C 450 27.46 14.61 -4.20
CA TYR C 450 28.46 14.65 -5.26
C TYR C 450 29.57 13.63 -5.03
N LYS C 451 29.90 13.34 -3.78
CA LYS C 451 30.99 12.43 -3.45
C LYS C 451 30.55 10.98 -3.35
N TYR C 452 29.25 10.69 -3.43
CA TYR C 452 28.73 9.36 -3.21
C TYR C 452 28.34 8.71 -4.54
N LYS C 453 28.50 7.39 -4.62
CA LYS C 453 28.21 6.65 -5.82
C LYS C 453 27.83 5.22 -5.44
N VAL C 454 26.77 4.70 -6.07
CA VAL C 454 26.25 3.38 -5.76
C VAL C 454 26.78 2.38 -6.79
N VAL C 455 27.37 1.29 -6.30
CA VAL C 455 27.89 0.24 -7.16
C VAL C 455 27.27 -1.09 -6.74
N LYS C 456 27.15 -1.99 -7.71
CA LYS C 456 26.56 -3.31 -7.49
C LYS C 456 27.68 -4.35 -7.40
N ILE C 457 27.74 -5.06 -6.29
CA ILE C 457 28.81 -6.02 -6.05
C ILE C 457 28.55 -7.27 -6.88
N GLU C 458 29.52 -7.64 -7.72
CA GLU C 458 29.50 -8.88 -8.48
C GLU C 458 30.58 -9.79 -7.93
N PRO C 459 30.28 -10.59 -6.89
CA PRO C 459 31.32 -11.37 -6.22
C PRO C 459 31.70 -12.66 -6.91
N LEU C 460 31.12 -12.95 -8.08
CA LEU C 460 31.44 -14.16 -8.83
C LEU C 460 32.39 -13.82 -9.97
N GLY C 461 33.52 -14.52 -10.02
CA GLY C 461 34.49 -14.31 -11.06
C GLY C 461 35.20 -15.61 -11.41
N VAL C 462 35.66 -15.70 -12.66
CA VAL C 462 36.38 -16.86 -13.15
C VAL C 462 37.80 -16.45 -13.47
N ALA C 463 38.76 -17.27 -13.06
CA ALA C 463 40.18 -16.99 -13.23
C ALA C 463 40.90 -18.27 -13.61
N PRO C 464 42.00 -18.17 -14.37
CA PRO C 464 42.72 -19.38 -14.80
C PRO C 464 43.76 -19.85 -13.80
N THR C 465 43.72 -21.13 -13.43
CA THR C 465 44.72 -21.76 -12.58
C THR C 465 45.09 -23.10 -13.17
N ARG C 466 46.12 -23.73 -12.58
CA ARG C 466 46.57 -25.04 -12.98
C ARG C 466 45.89 -26.16 -12.19
N CYS C 467 44.84 -25.84 -11.44
CA CYS C 467 44.14 -26.83 -10.63
C CYS C 467 43.31 -27.76 -11.50
N LYS C 468 42.99 -28.94 -10.95
CA LYS C 468 42.21 -29.94 -11.65
C LYS C 468 41.25 -30.61 -10.68
N ARG C 469 39.95 -30.50 -10.95
CA ARG C 469 38.96 -31.19 -10.12
C ARG C 469 39.08 -32.69 -10.29
N ARG C 470 38.98 -33.42 -9.18
CA ARG C 470 39.06 -34.87 -9.22
C ARG C 470 37.70 -35.50 -9.48
N PHE D 8 42.88 -7.93 8.67
CA PHE D 8 41.55 -7.45 8.32
C PHE D 8 41.61 -6.17 7.50
N LEU D 9 41.12 -6.24 6.26
CA LEU D 9 41.09 -5.09 5.37
C LEU D 9 39.69 -4.51 5.18
N GLY D 10 38.66 -5.14 5.74
CA GLY D 10 37.31 -4.65 5.61
C GLY D 10 36.66 -5.05 4.30
N PHE D 11 35.40 -4.64 4.16
CA PHE D 11 34.65 -4.95 2.95
C PHE D 11 35.28 -4.27 1.75
N LEU D 12 35.52 -5.06 0.69
CA LEU D 12 36.19 -4.58 -0.53
C LEU D 12 37.55 -3.98 -0.22
N GLY D 13 38.21 -4.46 0.83
CA GLY D 13 39.49 -3.91 1.22
C GLY D 13 40.59 -4.17 0.20
N ALA D 14 40.57 -5.34 -0.43
CA ALA D 14 41.58 -5.72 -1.41
C ALA D 14 41.12 -5.48 -2.83
N ALA D 15 40.28 -4.47 -3.06
CA ALA D 15 39.82 -4.16 -4.41
C ALA D 15 40.99 -3.76 -5.31
N GLY D 16 41.88 -2.90 -4.81
CA GLY D 16 43.06 -2.50 -5.53
C GLY D 16 44.27 -3.37 -5.28
N SER D 17 44.07 -4.45 -4.53
CA SER D 17 45.20 -5.35 -4.17
C SER D 17 45.32 -6.46 -5.22
N THR D 18 46.43 -7.19 -5.19
CA THR D 18 46.68 -8.27 -6.12
C THR D 18 45.60 -9.33 -6.01
N MET D 19 45.35 -10.03 -7.13
CA MET D 19 44.33 -11.08 -7.14
C MET D 19 44.63 -12.17 -6.12
N GLY D 20 45.90 -12.39 -5.79
CA GLY D 20 46.22 -13.35 -4.74
C GLY D 20 45.70 -12.92 -3.39
N ALA D 21 45.91 -11.66 -3.02
CA ALA D 21 45.40 -11.15 -1.75
C ALA D 21 43.89 -11.16 -1.73
N ALA D 22 43.25 -10.82 -2.85
CA ALA D 22 41.80 -10.86 -2.92
C ALA D 22 41.28 -12.29 -2.79
N SER D 23 41.96 -13.25 -3.41
CA SER D 23 41.59 -14.65 -3.23
C SER D 23 41.76 -15.09 -1.78
N MET D 24 42.75 -14.53 -1.10
CA MET D 24 42.92 -14.81 0.33
C MET D 24 41.79 -14.22 1.16
N THR D 25 41.32 -13.03 0.83
CA THR D 25 40.35 -12.30 1.65
C THR D 25 38.92 -12.42 1.11
N LEU D 26 38.68 -13.32 0.15
CA LEU D 26 37.33 -13.54 -0.39
C LEU D 26 36.25 -13.59 0.68
N THR D 27 36.55 -14.17 1.85
CA THR D 27 35.51 -14.40 2.85
C THR D 27 34.94 -13.08 3.38
N VAL D 28 35.76 -12.03 3.41
CA VAL D 28 35.29 -10.74 3.92
C VAL D 28 34.19 -10.19 3.02
N GLN D 29 34.41 -10.24 1.70
CA GLN D 29 33.35 -9.83 0.78
C GLN D 29 32.18 -10.80 0.80
N ALA D 30 32.46 -12.09 1.00
CA ALA D 30 31.39 -13.08 1.01
C ALA D 30 30.43 -12.88 2.17
N ARG D 31 30.93 -12.47 3.34
CA ARG D 31 30.07 -12.29 4.50
C ARG D 31 29.01 -11.22 4.26
N ASN D 32 29.40 -10.08 3.71
CA ASN D 32 28.50 -8.93 3.56
C ASN D 32 27.80 -8.93 2.21
N LEU D 33 27.11 -10.02 1.87
CA LEU D 33 26.34 -10.10 0.64
C LEU D 33 24.85 -10.30 0.86
N LEU D 34 24.43 -10.64 2.08
CA LEU D 34 23.04 -10.90 2.38
C LEU D 34 22.48 -10.06 3.52
N SER D 35 23.28 -9.73 4.52
CA SER D 35 22.82 -8.99 5.69
C SER D 35 23.46 -7.61 5.70
N GLY D 36 22.63 -6.58 5.83
CA GLY D 36 23.10 -5.23 6.00
C GLY D 36 22.69 -4.68 7.35
N ILE D 37 22.58 -3.35 7.47
CA ILE D 37 22.08 -2.78 8.71
C ILE D 37 20.58 -3.04 8.84
N VAL D 38 19.96 -3.46 7.75
CA VAL D 38 18.54 -3.77 7.75
C VAL D 38 18.30 -5.15 8.33
N GLN D 52 10.24 -1.79 14.16
CA GLN D 52 11.25 -2.38 13.29
C GLN D 52 10.76 -3.70 12.70
N HIS D 53 10.28 -4.59 13.57
CA HIS D 53 9.78 -5.88 13.11
C HIS D 53 8.53 -5.71 12.26
N LEU D 54 7.65 -4.79 12.65
CA LEU D 54 6.42 -4.56 11.89
C LEU D 54 6.73 -3.90 10.55
N LEU D 55 5.84 -4.13 9.58
CA LEU D 55 5.98 -3.59 8.24
C LEU D 55 5.02 -2.41 8.06
N LYS D 56 5.55 -1.30 7.57
CA LYS D 56 4.77 -0.09 7.35
C LYS D 56 4.81 0.30 5.88
N LEU D 57 3.78 1.02 5.45
CA LEU D 57 3.63 1.44 4.06
C LEU D 57 4.03 2.89 3.84
N THR D 58 4.76 3.50 4.78
CA THR D 58 5.42 4.75 4.49
C THR D 58 6.51 4.53 3.45
N VAL D 59 7.13 5.62 3.00
CA VAL D 59 8.15 5.51 1.95
C VAL D 59 9.32 4.65 2.43
N TRP D 60 9.78 4.89 3.66
CA TRP D 60 10.99 4.22 4.14
C TRP D 60 10.79 2.74 4.37
N GLY D 61 9.67 2.33 4.97
CA GLY D 61 9.40 0.91 5.13
C GLY D 61 9.22 0.22 3.79
N ILE D 62 8.60 0.90 2.84
CA ILE D 62 8.42 0.38 1.49
C ILE D 62 9.78 0.11 0.84
N LYS D 63 10.67 1.11 0.90
CA LYS D 63 11.99 0.97 0.31
C LYS D 63 12.80 -0.09 1.06
N GLN D 64 12.60 -0.19 2.37
CA GLN D 64 13.28 -1.21 3.18
C GLN D 64 12.89 -2.61 2.73
N LEU D 65 11.58 -2.84 2.54
CA LEU D 65 11.12 -4.14 2.06
C LEU D 65 11.67 -4.44 0.67
N GLN D 66 11.67 -3.44 -0.21
CA GLN D 66 12.23 -3.64 -1.54
C GLN D 66 13.72 -4.00 -1.47
N ALA D 67 14.48 -3.31 -0.61
CA ALA D 67 15.90 -3.58 -0.49
C ALA D 67 16.15 -4.99 0.06
N ARG D 68 15.39 -5.40 1.07
CA ARG D 68 15.53 -6.74 1.62
C ARG D 68 15.27 -7.80 0.55
N VAL D 69 14.18 -7.64 -0.20
CA VAL D 69 13.84 -8.62 -1.23
C VAL D 69 14.92 -8.64 -2.31
N LEU D 70 15.41 -7.46 -2.72
CA LEU D 70 16.43 -7.40 -3.77
C LEU D 70 17.71 -8.09 -3.33
N ALA D 71 18.16 -7.82 -2.10
CA ALA D 71 19.36 -8.48 -1.60
C ALA D 71 19.17 -9.98 -1.53
N VAL D 72 18.00 -10.43 -1.05
CA VAL D 72 17.73 -11.86 -0.95
C VAL D 72 17.82 -12.53 -2.32
N GLU D 73 17.16 -11.93 -3.32
CA GLU D 73 17.12 -12.59 -4.63
C GLU D 73 18.48 -12.55 -5.32
N ARG D 74 19.23 -11.46 -5.15
CA ARG D 74 20.56 -11.41 -5.76
C ARG D 74 21.50 -12.43 -5.14
N TYR D 75 21.49 -12.54 -3.81
CA TYR D 75 22.32 -13.54 -3.16
C TYR D 75 21.90 -14.94 -3.57
N LEU D 76 20.59 -15.18 -3.69
CA LEU D 76 20.13 -16.50 -4.10
C LEU D 76 20.54 -16.82 -5.53
N ARG D 77 20.50 -15.83 -6.43
CA ARG D 77 20.94 -16.07 -7.80
C ARG D 77 22.43 -16.42 -7.84
N ASP D 78 23.25 -15.69 -7.08
CA ASP D 78 24.68 -16.02 -7.04
C ASP D 78 24.90 -17.41 -6.47
N GLN D 79 24.18 -17.76 -5.40
CA GLN D 79 24.33 -19.08 -4.79
C GLN D 79 23.88 -20.18 -5.74
N GLN D 80 22.81 -19.95 -6.50
CA GLN D 80 22.36 -20.93 -7.48
C GLN D 80 23.41 -21.11 -8.58
N LEU D 81 23.99 -20.02 -9.06
CA LEU D 81 25.05 -20.12 -10.06
C LEU D 81 26.24 -20.92 -9.52
N LEU D 82 26.57 -20.72 -8.24
CA LEU D 82 27.63 -21.54 -7.64
C LEU D 82 27.23 -23.00 -7.58
N GLY D 83 26.01 -23.28 -7.13
CA GLY D 83 25.59 -24.65 -6.88
C GLY D 83 25.43 -25.50 -8.12
N ILE D 84 24.89 -24.92 -9.21
CA ILE D 84 24.64 -25.73 -10.40
C ILE D 84 25.94 -26.06 -11.13
N TRP D 85 27.05 -25.43 -10.76
CA TRP D 85 28.36 -25.85 -11.24
C TRP D 85 29.04 -26.84 -10.31
N GLY D 86 28.34 -27.34 -9.30
CA GLY D 86 28.95 -28.23 -8.32
C GLY D 86 30.00 -27.56 -7.46
N CYS D 87 29.79 -26.29 -7.11
CA CYS D 87 30.72 -25.55 -6.26
C CYS D 87 29.99 -24.90 -5.08
N SER D 88 28.84 -25.44 -4.69
CA SER D 88 28.09 -24.88 -3.58
C SER D 88 28.89 -24.98 -2.28
N GLY D 89 28.92 -23.88 -1.53
CA GLY D 89 29.64 -23.84 -0.27
C GLY D 89 31.14 -23.72 -0.39
N LYS D 90 31.66 -23.54 -1.60
CA LYS D 90 33.10 -23.42 -1.82
C LYS D 90 33.42 -22.02 -2.33
N LEU D 91 34.32 -21.33 -1.63
CA LEU D 91 34.76 -20.01 -2.09
C LEU D 91 35.65 -20.13 -3.32
N ILE D 92 36.56 -21.10 -3.31
CA ILE D 92 37.41 -21.41 -4.45
C ILE D 92 37.09 -22.83 -4.89
N CYS D 93 36.67 -22.97 -6.16
CA CYS D 93 36.24 -24.25 -6.68
C CYS D 93 37.01 -24.56 -7.95
N CYS D 94 37.45 -25.82 -8.08
CA CYS D 94 38.20 -26.29 -9.24
C CYS D 94 37.25 -27.00 -10.19
N THR D 95 37.35 -26.68 -11.47
CA THR D 95 36.44 -27.21 -12.49
C THR D 95 37.23 -27.99 -13.54
N ASN D 96 36.51 -28.49 -14.55
CA ASN D 96 37.10 -29.37 -15.55
C ASN D 96 37.10 -28.80 -16.96
N VAL D 97 36.68 -27.55 -17.15
CA VAL D 97 36.66 -26.96 -18.50
C VAL D 97 37.96 -26.21 -18.75
N PRO D 98 38.66 -26.50 -19.86
CA PRO D 98 39.89 -25.77 -20.18
C PRO D 98 39.61 -24.34 -20.60
N TRP D 99 40.70 -23.61 -20.87
CA TRP D 99 40.63 -22.25 -21.36
C TRP D 99 40.91 -22.23 -22.86
N ASN D 100 39.93 -21.76 -23.64
CA ASN D 100 40.11 -21.64 -25.08
C ASN D 100 41.03 -20.47 -25.40
N SER D 101 41.63 -20.54 -26.60
CA SER D 101 42.50 -19.46 -27.05
C SER D 101 41.74 -18.16 -27.30
N SER D 102 40.43 -18.23 -27.52
CA SER D 102 39.63 -17.02 -27.70
C SER D 102 39.65 -16.16 -26.44
N TRP D 103 39.54 -16.81 -25.28
CA TRP D 103 39.61 -16.09 -24.00
C TRP D 103 41.03 -15.62 -23.73
N SER D 104 41.17 -14.71 -22.77
CA SER D 104 42.45 -14.06 -22.51
C SER D 104 43.52 -15.09 -22.19
N ASN D 105 44.68 -14.95 -22.82
CA ASN D 105 45.75 -15.94 -22.74
C ASN D 105 47.03 -15.35 -22.15
N ARG D 106 46.91 -14.31 -21.33
CA ARG D 106 48.10 -13.67 -20.76
C ARG D 106 48.70 -14.56 -19.67
N ASN D 107 49.94 -14.24 -19.29
CA ASN D 107 50.73 -15.14 -18.46
C ASN D 107 50.13 -15.28 -17.06
N LEU D 108 50.33 -16.48 -16.48
CA LEU D 108 49.81 -16.77 -15.14
C LEU D 108 50.41 -15.86 -14.09
N SER D 109 51.74 -15.65 -14.15
CA SER D 109 52.39 -14.77 -13.19
C SER D 109 51.87 -13.35 -13.32
N GLU D 110 51.70 -12.86 -14.54
CA GLU D 110 51.20 -11.50 -14.73
C GLU D 110 49.77 -11.36 -14.22
N ILE D 111 48.90 -12.32 -14.51
CA ILE D 111 47.52 -12.26 -14.03
C ILE D 111 47.48 -12.29 -12.50
N TRP D 112 48.24 -13.18 -11.88
CA TRP D 112 48.11 -13.38 -10.44
C TRP D 112 49.10 -12.55 -9.61
N ASP D 113 49.90 -11.68 -10.23
CA ASP D 113 50.83 -10.87 -9.47
C ASP D 113 50.75 -9.40 -9.86
N ASN D 114 50.24 -9.10 -11.05
CA ASN D 114 50.23 -7.74 -11.59
C ASN D 114 48.83 -7.24 -11.90
N MET D 115 47.79 -7.83 -11.32
CA MET D 115 46.42 -7.49 -11.66
C MET D 115 45.57 -7.26 -10.41
N THR D 116 44.52 -6.46 -10.59
CA THR D 116 43.40 -6.40 -9.68
C THR D 116 42.20 -7.11 -10.31
N TRP D 117 41.25 -7.51 -9.47
CA TRP D 117 40.10 -8.26 -9.96
C TRP D 117 39.20 -7.41 -10.85
N LEU D 118 39.13 -6.11 -10.59
CA LEU D 118 38.32 -5.24 -11.44
C LEU D 118 38.85 -5.21 -12.87
N GLN D 119 40.18 -5.10 -13.02
CA GLN D 119 40.77 -5.13 -14.35
C GLN D 119 40.51 -6.47 -15.04
N TRP D 120 40.61 -7.57 -14.29
CA TRP D 120 40.37 -8.89 -14.87
C TRP D 120 38.93 -9.04 -15.34
N ASP D 121 37.97 -8.53 -14.56
CA ASP D 121 36.58 -8.54 -15.01
C ASP D 121 36.40 -7.68 -16.26
N LYS D 122 37.01 -6.49 -16.27
CA LYS D 122 36.92 -5.63 -17.44
C LYS D 122 37.49 -6.30 -18.68
N GLU D 123 38.51 -7.12 -18.51
CA GLU D 123 39.18 -7.77 -19.63
C GLU D 123 38.36 -8.90 -20.22
N ILE D 124 37.73 -9.72 -19.38
CA ILE D 124 37.01 -10.89 -19.88
C ILE D 124 35.50 -10.71 -19.73
N SER D 125 35.07 -9.45 -19.69
CA SER D 125 33.63 -9.16 -19.47
C SER D 125 32.84 -10.03 -20.44
N ASN D 126 32.96 -9.75 -21.74
CA ASN D 126 32.32 -10.64 -22.73
C ASN D 126 32.98 -12.00 -22.55
N TYR D 127 32.29 -13.09 -22.87
CA TYR D 127 32.82 -14.48 -22.70
C TYR D 127 32.18 -15.06 -21.43
N THR D 128 31.77 -14.21 -20.48
CA THR D 128 31.26 -14.81 -19.26
C THR D 128 30.22 -15.89 -19.53
N GLN D 129 29.26 -15.61 -20.42
CA GLN D 129 28.11 -16.50 -20.59
C GLN D 129 28.52 -17.86 -21.15
N ILE D 130 29.42 -17.87 -22.13
CA ILE D 130 29.82 -19.15 -22.73
C ILE D 130 30.64 -19.96 -21.73
N ILE D 131 31.47 -19.31 -20.92
CA ILE D 131 32.17 -20.02 -19.86
C ILE D 131 31.19 -20.64 -18.89
N TYR D 132 30.15 -19.88 -18.51
CA TYR D 132 29.14 -20.42 -17.61
C TYR D 132 28.44 -21.62 -18.22
N GLY D 133 28.10 -21.55 -19.51
CA GLY D 133 27.44 -22.66 -20.17
C GLY D 133 28.31 -23.90 -20.24
N LEU D 134 29.60 -23.71 -20.54
CA LEU D 134 30.53 -24.84 -20.50
C LEU D 134 30.60 -25.44 -19.11
N LEU D 135 30.59 -24.59 -18.08
CA LEU D 135 30.58 -25.10 -16.71
C LEU D 135 29.34 -25.93 -16.43
N GLU D 136 28.17 -25.45 -16.87
CA GLU D 136 26.94 -26.21 -16.70
C GLU D 136 27.04 -27.58 -17.37
N GLU D 137 27.48 -27.61 -18.62
CA GLU D 137 27.56 -28.86 -19.36
C GLU D 137 28.54 -29.82 -18.72
N SER D 138 29.71 -29.33 -18.32
CA SER D 138 30.70 -30.19 -17.67
C SER D 138 30.19 -30.74 -16.36
N GLN D 139 29.53 -29.91 -15.55
CA GLN D 139 28.99 -30.38 -14.28
C GLN D 139 27.95 -31.47 -14.50
N ASN D 140 27.03 -31.26 -15.45
CA ASN D 140 26.02 -32.27 -15.71
C ASN D 140 26.64 -33.56 -16.23
N GLN D 141 27.62 -33.45 -17.13
CA GLN D 141 28.27 -34.63 -17.69
C GLN D 141 28.99 -35.43 -16.60
N GLN D 142 29.70 -34.73 -15.71
CA GLN D 142 30.42 -35.47 -14.67
C GLN D 142 29.47 -36.01 -13.61
N GLU D 143 28.31 -35.36 -13.40
CA GLU D 143 27.30 -35.95 -12.54
C GLU D 143 26.79 -37.27 -13.13
N LYS D 144 26.51 -37.28 -14.44
CA LYS D 144 26.11 -38.53 -15.09
C LYS D 144 27.20 -39.59 -14.98
N ASN D 145 28.45 -39.19 -15.20
CA ASN D 145 29.56 -40.15 -15.12
C ASN D 145 29.69 -40.72 -13.71
N GLU D 146 29.58 -39.87 -12.68
CA GLU D 146 29.67 -40.35 -11.30
C GLU D 146 28.52 -41.28 -10.97
N GLN D 147 27.30 -40.94 -11.41
CA GLN D 147 26.16 -41.82 -11.15
C GLN D 147 26.34 -43.16 -11.84
N ASP D 148 26.88 -43.16 -13.06
CA ASP D 148 27.07 -44.41 -13.80
C ASP D 148 28.16 -45.27 -13.15
N LEU D 149 29.29 -44.67 -12.79
CA LEU D 149 30.37 -45.44 -12.20
C LEU D 149 30.04 -45.92 -10.79
N LEU D 150 29.22 -45.15 -10.05
CA LEU D 150 28.86 -45.54 -8.70
C LEU D 150 27.87 -46.69 -8.67
N ALA D 151 27.16 -46.94 -9.78
CA ALA D 151 26.23 -48.05 -9.84
C ALA D 151 26.93 -49.39 -9.92
N LEU D 152 28.18 -49.42 -10.36
CA LEU D 152 28.93 -50.68 -10.46
C LEU D 152 29.33 -51.18 -9.08
N ASN E 1 19.04 -55.30 -6.84
CA ASN E 1 18.64 -54.31 -5.85
C ASN E 1 18.45 -52.91 -6.45
N LEU E 2 17.63 -52.10 -5.78
CA LEU E 2 17.30 -50.76 -6.22
C LEU E 2 17.45 -49.79 -5.06
N TRP E 3 17.87 -48.57 -5.37
CA TRP E 3 18.05 -47.54 -4.36
C TRP E 3 17.50 -46.22 -4.88
N VAL E 4 16.99 -45.40 -3.96
CA VAL E 4 16.33 -44.15 -4.34
C VAL E 4 17.37 -43.18 -4.89
N THR E 5 17.06 -42.59 -6.04
CA THR E 5 17.91 -41.59 -6.67
C THR E 5 17.07 -40.35 -6.93
N VAL E 6 17.42 -39.25 -6.27
CA VAL E 6 16.69 -38.00 -6.38
C VAL E 6 17.26 -37.19 -7.53
N TYR E 7 16.40 -36.70 -8.40
CA TYR E 7 16.79 -35.90 -9.56
C TYR E 7 16.21 -34.49 -9.42
N TYR E 8 17.06 -33.48 -9.61
CA TYR E 8 16.65 -32.10 -9.55
C TYR E 8 16.55 -31.52 -10.96
N GLY E 9 15.46 -30.82 -11.23
CA GLY E 9 15.24 -30.25 -12.53
C GLY E 9 14.56 -31.16 -13.53
N VAL E 10 13.74 -32.09 -13.07
CA VAL E 10 13.00 -32.97 -13.96
C VAL E 10 11.91 -32.15 -14.67
N PRO E 11 11.56 -32.48 -15.91
CA PRO E 11 10.52 -31.72 -16.63
C PRO E 11 9.12 -32.16 -16.20
N VAL E 12 8.77 -31.81 -14.97
CA VAL E 12 7.51 -32.21 -14.34
C VAL E 12 6.78 -30.96 -13.89
N TRP E 13 5.50 -30.86 -14.23
CA TRP E 13 4.67 -29.74 -13.84
C TRP E 13 3.35 -30.25 -13.29
N LYS E 14 2.71 -29.44 -12.44
CA LYS E 14 1.39 -29.73 -11.92
C LYS E 14 0.50 -28.51 -12.07
N ASP E 15 -0.80 -28.76 -12.23
CA ASP E 15 -1.77 -27.68 -12.39
C ASP E 15 -1.85 -26.86 -11.10
N ALA E 16 -1.71 -25.54 -11.23
CA ALA E 16 -1.75 -24.66 -10.07
C ALA E 16 -2.01 -23.23 -10.53
N GLU E 17 -2.42 -22.40 -9.58
CA GLU E 17 -2.65 -20.98 -9.81
C GLU E 17 -1.52 -20.16 -9.18
N THR E 18 -1.30 -18.98 -9.73
CA THR E 18 -0.21 -18.11 -9.29
C THR E 18 -0.53 -16.68 -9.67
N THR E 19 0.36 -15.77 -9.30
CA THR E 19 0.23 -14.35 -9.61
C THR E 19 0.97 -14.07 -10.91
N LEU E 20 0.23 -13.65 -11.93
CA LEU E 20 0.78 -13.44 -13.26
C LEU E 20 1.01 -11.95 -13.47
N PHE E 21 2.28 -11.53 -13.48
CA PHE E 21 2.61 -10.12 -13.62
C PHE E 21 2.49 -9.73 -15.10
N CYS E 22 2.77 -8.46 -15.41
CA CYS E 22 2.56 -7.91 -16.74
C CYS E 22 3.88 -7.53 -17.39
N ALA E 23 3.95 -7.74 -18.71
CA ALA E 23 5.05 -7.28 -19.53
C ALA E 23 4.49 -6.71 -20.81
N SER E 24 5.13 -5.67 -21.35
CA SER E 24 4.64 -5.03 -22.56
C SER E 24 5.81 -4.43 -23.32
N ASP E 25 5.58 -4.21 -24.61
CA ASP E 25 6.60 -3.58 -25.45
C ASP E 25 6.77 -2.11 -25.08
N ALA E 26 8.02 -1.65 -25.14
CA ALA E 26 8.29 -0.24 -24.89
C ALA E 26 7.70 0.63 -25.99
N LYS E 27 7.76 0.17 -27.24
CA LYS E 27 7.25 0.95 -28.36
C LYS E 27 5.72 0.96 -28.43
N ALA E 28 5.06 0.05 -27.73
CA ALA E 28 3.60 0.00 -27.76
C ALA E 28 2.99 1.27 -27.21
N TYR E 29 3.52 1.76 -26.09
CA TYR E 29 3.05 2.99 -25.47
C TYR E 29 3.98 4.14 -25.81
N GLU E 30 3.39 5.34 -25.90
CA GLU E 30 4.10 6.51 -26.39
C GLU E 30 5.17 7.00 -25.43
N THR E 31 5.10 6.59 -24.15
CA THR E 31 6.05 6.94 -23.10
C THR E 31 5.88 8.39 -22.69
N GLU E 32 4.97 9.11 -23.37
CA GLU E 32 4.63 10.47 -23.00
C GLU E 32 3.24 10.60 -22.39
N LYS E 33 2.30 9.77 -22.82
CA LYS E 33 0.91 9.88 -22.39
C LYS E 33 0.54 8.66 -21.55
N HIS E 34 -0.16 8.91 -20.45
CA HIS E 34 -0.54 7.84 -19.54
C HIS E 34 -1.64 6.97 -20.15
N ASN E 35 -1.85 5.81 -19.51
CA ASN E 35 -2.84 4.84 -19.95
C ASN E 35 -3.68 4.39 -18.76
N VAL E 36 -4.96 4.13 -19.03
CA VAL E 36 -5.83 3.61 -17.98
C VAL E 36 -5.34 2.23 -17.52
N TRP E 37 -4.84 1.43 -18.46
CA TRP E 37 -4.14 0.19 -18.13
C TRP E 37 -2.65 0.53 -18.08
N ALA E 38 -2.12 0.65 -16.87
CA ALA E 38 -0.75 1.10 -16.67
C ALA E 38 0.24 0.19 -17.40
N THR E 39 0.89 0.74 -18.43
CA THR E 39 1.88 0.00 -19.20
C THR E 39 3.31 0.31 -18.79
N HIS E 40 3.56 1.51 -18.27
CA HIS E 40 4.89 1.86 -17.80
C HIS E 40 5.33 0.98 -16.64
N ALA E 41 4.39 0.65 -15.73
CA ALA E 41 4.73 -0.18 -14.58
C ALA E 41 5.03 -1.62 -14.98
N CYS E 42 4.55 -2.07 -16.13
CA CYS E 42 4.86 -3.42 -16.59
C CYS E 42 6.33 -3.54 -16.92
N VAL E 43 6.91 -4.70 -16.60
CA VAL E 43 8.33 -4.92 -16.89
C VAL E 43 8.52 -4.96 -18.41
N PRO E 44 9.63 -4.48 -18.95
CA PRO E 44 9.83 -4.52 -20.41
C PRO E 44 10.01 -5.96 -20.88
N THR E 45 9.18 -6.37 -21.84
CA THR E 45 9.25 -7.73 -22.35
C THR E 45 10.47 -7.91 -23.23
N ASP E 46 10.89 -9.17 -23.37
CA ASP E 46 12.06 -9.47 -24.19
C ASP E 46 11.74 -9.24 -25.67
N PRO E 47 12.65 -8.63 -26.42
CA PRO E 47 12.40 -8.40 -27.85
C PRO E 47 12.13 -9.67 -28.63
N ASN E 48 12.78 -10.78 -28.28
CA ASN E 48 12.56 -12.06 -28.95
C ASN E 48 11.87 -13.02 -28.00
N PRO E 49 10.58 -13.30 -28.18
CA PRO E 49 9.91 -14.26 -27.30
C PRO E 49 10.56 -15.63 -27.37
N GLN E 50 10.62 -16.31 -26.23
CA GLN E 50 11.25 -17.62 -26.10
C GLN E 50 10.14 -18.67 -25.98
N GLU E 51 9.66 -19.16 -27.12
CA GLU E 51 8.64 -20.19 -27.16
C GLU E 51 9.32 -21.53 -27.47
N ILE E 52 9.11 -22.51 -26.60
CA ILE E 52 9.73 -23.82 -26.71
C ILE E 52 8.65 -24.85 -26.99
N HIS E 53 8.79 -25.58 -28.10
CA HIS E 53 7.87 -26.65 -28.43
C HIS E 53 8.16 -27.88 -27.59
N LEU E 54 7.11 -28.60 -27.21
CA LEU E 54 7.22 -29.81 -26.41
C LEU E 54 6.69 -30.98 -27.24
N GLU E 55 7.56 -31.94 -27.56
CA GLU E 55 7.12 -33.08 -28.40
C GLU E 55 6.61 -34.19 -27.49
N ASN E 56 5.62 -34.95 -27.93
CA ASN E 56 5.08 -36.09 -27.13
C ASN E 56 4.41 -35.58 -25.85
N VAL E 57 3.91 -34.35 -25.85
CA VAL E 57 3.29 -33.78 -24.61
C VAL E 57 1.80 -33.49 -24.87
N THR E 58 0.91 -34.30 -24.30
CA THR E 58 -0.52 -34.05 -24.39
C THR E 58 -1.02 -33.59 -23.02
N GLU E 59 -1.60 -32.39 -22.98
CA GLU E 59 -2.06 -31.80 -21.72
C GLU E 59 -3.54 -31.46 -21.84
N GLU E 60 -4.25 -31.62 -20.72
CA GLU E 60 -5.67 -31.33 -20.65
C GLU E 60 -5.87 -29.86 -20.33
N PHE E 61 -6.50 -29.13 -21.26
CA PHE E 61 -6.78 -27.72 -21.10
C PHE E 61 -8.26 -27.52 -20.80
N ASN E 62 -8.58 -26.39 -20.18
CA ASN E 62 -9.98 -26.04 -19.91
C ASN E 62 -10.06 -24.52 -19.83
N MET E 63 -10.55 -23.90 -20.91
CA MET E 63 -10.69 -22.45 -20.95
C MET E 63 -11.78 -21.94 -20.03
N TRP E 64 -12.77 -22.78 -19.70
CA TRP E 64 -13.88 -22.36 -18.84
C TRP E 64 -13.55 -22.49 -17.35
N LYS E 65 -12.46 -23.17 -16.99
CA LYS E 65 -12.00 -23.27 -15.62
C LYS E 65 -10.57 -22.76 -15.50
N ASN E 66 -10.26 -21.70 -16.22
CA ASN E 66 -8.92 -21.13 -16.24
C ASN E 66 -8.87 -19.91 -15.32
N ASN E 67 -7.95 -19.94 -14.36
CA ASN E 67 -7.79 -18.81 -13.46
C ASN E 67 -7.19 -17.59 -14.14
N MET E 68 -6.62 -17.76 -15.34
CA MET E 68 -6.03 -16.63 -16.05
C MET E 68 -7.08 -15.58 -16.39
N VAL E 69 -8.27 -16.00 -16.83
CA VAL E 69 -9.29 -15.05 -17.22
C VAL E 69 -9.83 -14.29 -16.01
N GLU E 70 -10.03 -14.99 -14.88
CA GLU E 70 -10.48 -14.31 -13.68
C GLU E 70 -9.43 -13.34 -13.16
N GLN E 71 -8.16 -13.74 -13.19
CA GLN E 71 -7.10 -12.84 -12.74
C GLN E 71 -7.00 -11.62 -13.64
N MET E 72 -7.17 -11.81 -14.95
CA MET E 72 -7.15 -10.67 -15.87
C MET E 72 -8.34 -9.75 -15.63
N HIS E 73 -9.52 -10.33 -15.37
CA HIS E 73 -10.69 -9.50 -15.07
C HIS E 73 -10.46 -8.66 -13.83
N THR E 74 -9.91 -9.28 -12.77
CA THR E 74 -9.60 -8.54 -11.55
C THR E 74 -8.56 -7.46 -11.82
N ASP E 75 -7.54 -7.78 -12.63
CA ASP E 75 -6.50 -6.81 -12.94
C ASP E 75 -7.07 -5.60 -13.69
N ILE E 76 -7.94 -5.84 -14.67
CA ILE E 76 -8.52 -4.75 -15.43
C ILE E 76 -9.42 -3.90 -14.54
N ILE E 77 -10.21 -4.55 -13.68
CA ILE E 77 -11.06 -3.79 -12.75
C ILE E 77 -10.21 -2.92 -11.84
N SER E 78 -9.13 -3.48 -11.30
CA SER E 78 -8.26 -2.72 -10.40
C SER E 78 -7.60 -1.56 -11.13
N LEU E 79 -7.14 -1.78 -12.36
CA LEU E 79 -6.51 -0.71 -13.12
C LEU E 79 -7.52 0.41 -13.40
N TRP E 80 -8.73 0.05 -13.81
CA TRP E 80 -9.74 1.05 -14.10
C TRP E 80 -10.11 1.83 -12.85
N ASP E 81 -10.17 1.15 -11.69
CA ASP E 81 -10.53 1.83 -10.45
C ASP E 81 -9.42 2.75 -9.98
N GLN E 82 -8.16 2.31 -10.11
CA GLN E 82 -7.05 3.12 -9.64
C GLN E 82 -6.72 4.27 -10.60
N SER E 83 -7.15 4.15 -11.86
CA SER E 83 -6.95 5.25 -12.79
C SER E 83 -7.88 6.42 -12.50
N LEU E 84 -9.03 6.15 -11.89
CA LEU E 84 -10.01 7.18 -11.57
C LEU E 84 -9.81 7.80 -10.19
N LYS E 85 -8.91 7.26 -9.38
CA LYS E 85 -8.73 7.77 -8.02
C LYS E 85 -8.24 9.22 -7.99
N PRO E 86 -7.19 9.62 -8.72
CA PRO E 86 -6.75 11.02 -8.65
C PRO E 86 -7.58 11.99 -9.48
N CYS E 87 -8.58 11.51 -10.22
CA CYS E 87 -9.34 12.37 -11.11
C CYS E 87 -10.40 13.14 -10.34
N VAL E 88 -11.06 14.05 -11.07
CA VAL E 88 -12.02 14.98 -10.46
C VAL E 88 -13.31 14.24 -10.12
N LYS E 89 -13.83 14.50 -8.92
CA LYS E 89 -15.12 13.95 -8.49
C LYS E 89 -16.22 14.95 -8.84
N LEU E 90 -17.16 14.53 -9.68
CA LEU E 90 -18.24 15.41 -10.14
C LEU E 90 -19.48 15.31 -9.25
N THR E 91 -19.29 15.51 -7.95
CA THR E 91 -20.43 15.58 -7.04
C THR E 91 -21.22 16.88 -7.17
N PRO E 92 -20.58 18.04 -7.42
CA PRO E 92 -21.39 19.25 -7.63
C PRO E 92 -22.24 19.20 -8.89
N LEU E 93 -21.93 18.32 -9.83
CA LEU E 93 -22.63 18.28 -11.12
C LEU E 93 -24.05 17.74 -11.00
N CYS E 94 -24.40 17.08 -9.90
CA CYS E 94 -25.79 16.73 -9.61
C CYS E 94 -26.53 17.97 -9.13
N VAL E 95 -27.09 18.69 -10.09
CA VAL E 95 -27.99 19.80 -9.83
C VAL E 95 -29.23 19.64 -10.71
N THR E 96 -30.15 20.59 -10.59
CA THR E 96 -31.35 20.59 -11.42
C THR E 96 -31.04 21.30 -12.73
N LEU E 97 -31.02 20.53 -13.82
CA LEU E 97 -30.61 21.04 -15.12
C LEU E 97 -31.82 21.62 -15.86
N GLN E 98 -31.63 22.79 -16.46
CA GLN E 98 -32.65 23.41 -17.31
C GLN E 98 -32.26 23.09 -18.75
N CYS E 99 -32.80 21.98 -19.27
CA CYS E 99 -32.41 21.45 -20.57
C CYS E 99 -33.44 21.80 -21.62
N THR E 100 -32.95 22.16 -22.81
CA THR E 100 -33.82 22.43 -23.98
C THR E 100 -33.15 21.69 -25.14
N ASN E 101 -33.92 21.23 -26.13
CA ASN E 101 -33.32 20.39 -27.20
C ASN E 101 -32.47 21.24 -28.13
N VAL E 102 -31.41 20.65 -28.69
CA VAL E 102 -30.58 21.40 -29.68
C VAL E 102 -31.24 21.19 -31.05
N THR E 103 -31.81 22.26 -31.63
CA THR E 103 -32.45 22.19 -32.93
C THR E 103 -31.65 22.90 -34.02
N ASN E 104 -30.35 23.06 -33.81
CA ASN E 104 -29.48 23.78 -34.75
C ASN E 104 -28.77 22.77 -35.64
N ASN E 105 -29.21 22.69 -36.90
CA ASN E 105 -28.56 21.86 -37.92
C ASN E 105 -28.52 20.39 -37.50
N ILE E 106 -29.67 19.87 -37.05
CA ILE E 106 -29.79 18.49 -36.61
C ILE E 106 -30.55 17.70 -37.67
N THR E 107 -30.07 16.50 -37.95
CA THR E 107 -30.80 15.59 -38.82
C THR E 107 -31.93 14.91 -38.04
N ASP E 108 -32.86 14.33 -38.80
CA ASP E 108 -34.00 13.66 -38.17
C ASP E 108 -33.59 12.43 -37.37
N ASP E 109 -32.42 11.85 -37.67
CA ASP E 109 -31.97 10.68 -36.92
C ASP E 109 -31.62 11.05 -35.48
N MET E 110 -31.02 12.21 -35.28
CA MET E 110 -30.60 12.68 -33.96
C MET E 110 -31.40 13.92 -33.55
N ARG E 111 -32.71 13.85 -33.76
CA ARG E 111 -33.58 14.99 -33.48
C ARG E 111 -33.53 15.36 -31.99
N GLY E 112 -33.69 14.38 -31.12
CA GLY E 112 -33.77 14.66 -29.69
C GLY E 112 -32.73 13.97 -28.84
N GLU E 113 -31.65 13.49 -29.46
CA GLU E 113 -30.62 12.77 -28.70
C GLU E 113 -29.77 13.71 -27.87
N LEU E 114 -29.58 14.95 -28.32
CA LEU E 114 -28.74 15.93 -27.64
C LEU E 114 -29.61 16.95 -26.91
N LYS E 115 -29.19 17.33 -25.70
CA LYS E 115 -29.94 18.31 -24.88
C LYS E 115 -28.97 19.40 -24.42
N ASN E 116 -29.30 20.68 -24.64
CA ASN E 116 -28.45 21.82 -24.20
C ASN E 116 -28.84 22.15 -22.78
N CYS E 117 -28.14 21.62 -21.78
CA CYS E 117 -28.57 21.77 -20.37
C CYS E 117 -27.82 22.90 -19.67
N SER E 118 -28.54 23.90 -19.18
CA SER E 118 -27.95 24.99 -18.40
C SER E 118 -28.24 24.77 -16.93
N PHE E 119 -27.21 24.99 -16.10
CA PHE E 119 -27.32 24.73 -14.65
C PHE E 119 -26.47 25.72 -13.88
N ASN E 120 -26.54 25.71 -12.55
CA ASN E 120 -25.75 26.65 -11.71
C ASN E 120 -24.69 25.84 -10.99
N MET E 121 -23.41 26.09 -11.27
CA MET E 121 -22.33 25.27 -10.68
C MET E 121 -21.44 26.17 -9.84
N THR E 122 -20.94 25.69 -8.70
CA THR E 122 -20.03 26.45 -7.86
C THR E 122 -18.76 26.81 -8.61
N THR E 123 -18.28 28.02 -8.38
CA THR E 123 -16.99 28.47 -8.91
C THR E 123 -15.91 28.19 -7.87
N GLU E 124 -14.72 28.77 -8.08
CA GLU E 124 -13.63 28.55 -7.13
C GLU E 124 -13.97 29.11 -5.76
N LEU E 125 -14.76 30.18 -5.69
CA LEU E 125 -15.23 30.72 -4.42
C LEU E 125 -16.60 30.10 -4.11
N ARG E 126 -16.70 29.41 -2.97
CA ARG E 126 -17.92 28.67 -2.68
C ARG E 126 -19.11 29.57 -2.39
N ASP E 127 -18.87 30.86 -2.09
CA ASP E 127 -19.96 31.79 -1.84
C ASP E 127 -20.50 32.44 -3.11
N LYS E 128 -19.85 32.24 -4.25
CA LYS E 128 -20.32 32.72 -5.54
C LYS E 128 -20.75 31.55 -6.41
N LYS E 129 -21.80 31.76 -7.19
CA LYS E 129 -22.34 30.75 -8.09
C LYS E 129 -21.98 31.10 -9.53
N GLN E 130 -22.06 30.09 -10.40
CA GLN E 130 -21.77 30.24 -11.81
C GLN E 130 -22.89 29.59 -12.62
N LYS E 131 -23.37 30.30 -13.65
CA LYS E 131 -24.38 29.79 -14.55
C LYS E 131 -23.70 29.36 -15.84
N VAL E 132 -23.62 28.05 -16.07
CA VAL E 132 -22.95 27.50 -17.24
C VAL E 132 -23.91 26.55 -17.94
N TYR E 133 -23.60 26.25 -19.20
CA TYR E 133 -24.41 25.37 -20.02
C TYR E 133 -23.53 24.28 -20.62
N SER E 134 -24.15 23.14 -20.90
CA SER E 134 -23.44 22.00 -21.45
C SER E 134 -24.39 21.19 -22.33
N LEU E 135 -23.81 20.42 -23.24
CA LEU E 135 -24.58 19.55 -24.14
C LEU E 135 -24.48 18.11 -23.61
N PHE E 136 -25.60 17.58 -23.16
CA PHE E 136 -25.68 16.22 -22.64
C PHE E 136 -26.51 15.36 -23.57
N TYR E 137 -26.06 14.12 -23.77
CA TYR E 137 -26.82 13.17 -24.55
C TYR E 137 -28.11 12.78 -23.82
N ARG E 138 -29.09 12.29 -24.59
CA ARG E 138 -30.37 11.92 -24.01
C ARG E 138 -30.22 10.81 -22.99
N LEU E 139 -29.32 9.85 -23.26
CA LEU E 139 -29.12 8.72 -22.37
C LEU E 139 -28.43 9.11 -21.07
N ASP E 140 -27.88 10.31 -20.97
CA ASP E 140 -27.17 10.76 -19.78
C ASP E 140 -28.00 11.65 -18.88
N VAL E 141 -29.23 11.99 -19.28
CA VAL E 141 -30.10 12.85 -18.51
C VAL E 141 -31.47 12.21 -18.40
N VAL E 142 -32.07 12.31 -17.21
CA VAL E 142 -33.41 11.78 -16.96
C VAL E 142 -34.27 12.91 -16.41
N GLN E 143 -35.49 13.02 -16.95
CA GLN E 143 -36.39 14.11 -16.56
C GLN E 143 -36.88 13.92 -15.13
N ILE E 144 -37.12 15.05 -14.46
CA ILE E 144 -37.64 15.07 -13.11
C ILE E 144 -39.06 15.61 -13.15
N ASN E 145 -40.00 14.84 -12.59
CA ASN E 145 -41.41 15.23 -12.58
C ASN E 145 -41.89 15.47 -11.15
N ASN E 156 -39.02 25.31 -20.38
CA ASN E 156 -38.15 24.14 -20.36
C ASN E 156 -38.40 23.25 -19.15
N LYS E 157 -38.02 21.98 -19.27
CA LYS E 157 -38.23 21.01 -18.21
C LYS E 157 -36.99 20.88 -17.34
N GLU E 158 -37.12 20.11 -16.26
CA GLU E 158 -36.05 19.88 -15.31
C GLU E 158 -35.45 18.50 -15.54
N TYR E 159 -34.13 18.42 -15.58
CA TYR E 159 -33.41 17.18 -15.81
C TYR E 159 -32.31 17.00 -14.77
N ARG E 160 -31.73 15.81 -14.76
CA ARG E 160 -30.59 15.48 -13.90
C ARG E 160 -29.85 14.32 -14.54
N LEU E 161 -28.63 14.08 -14.05
CA LEU E 161 -27.83 12.98 -14.58
C LEU E 161 -28.51 11.65 -14.29
N ILE E 162 -28.36 10.71 -15.23
CA ILE E 162 -29.01 9.40 -15.08
C ILE E 162 -28.45 8.64 -13.89
N ASN E 163 -27.14 8.69 -13.67
CA ASN E 163 -26.51 8.02 -12.54
C ASN E 163 -26.21 9.05 -11.46
N CYS E 164 -27.27 9.53 -10.79
CA CYS E 164 -27.11 10.56 -9.73
C CYS E 164 -27.96 10.20 -8.52
N ASN E 165 -28.75 9.13 -8.61
CA ASN E 165 -29.54 8.64 -7.46
C ASN E 165 -29.04 7.25 -7.15
N THR E 166 -27.91 6.86 -7.71
CA THR E 166 -27.43 5.47 -7.53
C THR E 166 -25.92 5.43 -7.34
N SER E 167 -25.18 6.39 -7.90
CA SER E 167 -23.73 6.37 -7.82
C SER E 167 -23.19 7.78 -7.92
N ALA E 168 -21.94 7.96 -7.48
CA ALA E 168 -21.26 9.24 -7.53
C ALA E 168 -20.39 9.29 -8.79
N ILE E 169 -20.51 10.37 -9.55
CA ILE E 169 -19.85 10.49 -10.84
C ILE E 169 -18.42 10.98 -10.62
N THR E 170 -17.46 10.27 -11.20
CA THR E 170 -16.06 10.67 -11.20
C THR E 170 -15.62 10.87 -12.64
N GLN E 171 -15.25 12.11 -12.99
CA GLN E 171 -14.85 12.42 -14.34
C GLN E 171 -13.52 11.76 -14.67
N ALA E 172 -13.46 11.06 -15.79
CA ALA E 172 -12.20 10.45 -16.23
C ALA E 172 -11.20 11.53 -16.57
N CYS E 173 -9.94 11.30 -16.19
CA CYS E 173 -8.89 12.27 -16.45
C CYS E 173 -8.70 12.43 -17.95
N PRO E 174 -8.75 13.66 -18.49
CA PRO E 174 -8.68 13.85 -19.95
C PRO E 174 -7.37 13.41 -20.56
N LYS E 175 -6.29 13.34 -19.79
CA LYS E 175 -4.99 12.92 -20.33
C LYS E 175 -4.78 11.42 -20.26
N VAL E 176 -5.53 10.71 -19.43
CA VAL E 176 -5.44 9.25 -19.36
C VAL E 176 -6.10 8.66 -20.58
N SER E 177 -5.34 7.90 -21.37
CA SER E 177 -5.84 7.33 -22.61
C SER E 177 -6.55 6.01 -22.34
N PHE E 178 -7.64 5.78 -23.07
CA PHE E 178 -8.39 4.53 -22.99
C PHE E 178 -8.05 3.56 -24.11
N GLU E 179 -6.99 3.84 -24.87
CA GLU E 179 -6.62 2.99 -25.99
C GLU E 179 -6.06 1.66 -25.50
N PRO E 180 -6.60 0.53 -25.94
CA PRO E 180 -6.05 -0.77 -25.53
C PRO E 180 -4.61 -0.93 -25.99
N ILE E 181 -3.74 -1.33 -25.06
CA ILE E 181 -2.34 -1.58 -25.32
C ILE E 181 -2.06 -3.04 -24.97
N PRO E 182 -1.42 -3.81 -25.85
CA PRO E 182 -1.19 -5.23 -25.54
C PRO E 182 -0.37 -5.41 -24.28
N ILE E 183 -0.76 -6.40 -23.48
CA ILE E 183 -0.09 -6.74 -22.23
C ILE E 183 0.18 -8.22 -22.21
N HIS E 184 1.39 -8.61 -21.83
CA HIS E 184 1.80 -10.01 -21.78
C HIS E 184 1.77 -10.49 -20.34
N TYR E 185 0.95 -11.49 -20.06
CA TYR E 185 0.84 -12.08 -18.74
C TYR E 185 1.93 -13.15 -18.61
N CYS E 186 2.90 -12.90 -17.73
CA CYS E 186 4.06 -13.76 -17.59
C CYS E 186 4.04 -14.44 -16.23
N ALA E 187 4.29 -15.74 -16.22
CA ALA E 187 4.37 -16.49 -14.98
C ALA E 187 5.68 -16.20 -14.25
N PRO E 188 5.68 -16.26 -12.92
CA PRO E 188 6.94 -16.09 -12.18
C PRO E 188 7.87 -17.27 -12.39
N ALA E 189 9.08 -17.12 -11.85
CA ALA E 189 10.05 -18.21 -11.92
C ALA E 189 9.55 -19.41 -11.13
N GLY E 190 9.76 -20.59 -11.69
CA GLY E 190 9.19 -21.82 -11.15
C GLY E 190 7.82 -22.15 -11.68
N PHE E 191 7.20 -21.25 -12.45
CA PHE E 191 5.92 -21.50 -13.09
C PHE E 191 6.07 -21.33 -14.59
N ALA E 192 5.35 -22.14 -15.35
CA ALA E 192 5.39 -22.10 -16.80
C ALA E 192 3.97 -21.96 -17.34
N ILE E 193 3.86 -21.32 -18.51
CA ILE E 193 2.59 -21.12 -19.18
C ILE E 193 2.57 -22.01 -20.42
N LEU E 194 1.63 -22.95 -20.46
CA LEU E 194 1.51 -23.88 -21.56
C LEU E 194 0.61 -23.30 -22.64
N LYS E 195 1.11 -23.23 -23.86
CA LYS E 195 0.36 -22.73 -25.01
C LYS E 195 -0.01 -23.88 -25.91
N CYS E 196 -1.31 -23.98 -26.23
CA CYS E 196 -1.82 -25.06 -27.09
C CYS E 196 -1.78 -24.56 -28.53
N LYS E 197 -0.94 -25.18 -29.35
CA LYS E 197 -0.79 -24.80 -30.74
C LYS E 197 -1.73 -25.55 -31.68
N ASP E 198 -2.63 -26.36 -31.14
CA ASP E 198 -3.60 -27.05 -31.99
C ASP E 198 -4.50 -26.03 -32.68
N LYS E 199 -4.63 -26.17 -34.00
CA LYS E 199 -5.40 -25.21 -34.78
C LYS E 199 -6.91 -25.47 -34.73
N LYS E 200 -7.32 -26.64 -34.25
CA LYS E 200 -8.73 -26.97 -34.05
C LYS E 200 -8.89 -27.39 -32.59
N PHE E 201 -8.98 -26.39 -31.70
CA PHE E 201 -9.07 -26.67 -30.23
C PHE E 201 -10.44 -26.24 -29.71
N ASN E 202 -11.18 -27.15 -29.08
CA ASN E 202 -12.56 -26.84 -28.64
C ASN E 202 -12.54 -26.16 -27.27
N GLY E 203 -11.36 -25.90 -26.72
CA GLY E 203 -11.26 -25.24 -25.41
C GLY E 203 -11.24 -26.21 -24.25
N THR E 204 -11.52 -27.49 -24.51
CA THR E 204 -11.58 -28.49 -23.45
C THR E 204 -11.03 -29.80 -23.98
N GLY E 205 -10.34 -30.53 -23.11
CA GLY E 205 -9.78 -31.82 -23.48
C GLY E 205 -8.31 -31.75 -23.81
N PRO E 206 -7.74 -32.88 -24.22
CA PRO E 206 -6.30 -32.92 -24.50
C PRO E 206 -5.91 -32.07 -25.70
N CYS E 207 -4.70 -31.55 -25.65
CA CYS E 207 -4.14 -30.77 -26.75
C CYS E 207 -2.89 -31.46 -27.27
N PRO E 208 -2.94 -32.07 -28.46
CA PRO E 208 -1.77 -32.84 -28.93
C PRO E 208 -0.50 -32.03 -29.07
N SER E 209 -0.61 -30.77 -29.46
CA SER E 209 0.55 -29.90 -29.70
C SER E 209 0.60 -28.87 -28.58
N VAL E 210 1.35 -29.17 -27.52
CA VAL E 210 1.49 -28.30 -26.37
C VAL E 210 2.87 -27.64 -26.42
N SER E 211 2.89 -26.32 -26.31
CA SER E 211 4.12 -25.55 -26.27
C SER E 211 4.23 -24.82 -24.93
N THR E 212 5.43 -24.35 -24.63
CA THR E 212 5.73 -23.67 -23.38
C THR E 212 6.22 -22.27 -23.69
N VAL E 213 5.61 -21.27 -23.05
CA VAL E 213 6.01 -19.88 -23.19
C VAL E 213 6.24 -19.29 -21.81
N GLN E 214 7.06 -18.24 -21.77
CA GLN E 214 7.28 -17.48 -20.54
C GLN E 214 6.28 -16.35 -20.38
N CYS E 215 5.75 -15.85 -21.50
CA CYS E 215 4.75 -14.79 -21.49
C CYS E 215 3.70 -15.10 -22.54
N THR E 216 2.48 -14.60 -22.31
CA THR E 216 1.43 -14.72 -23.31
C THR E 216 1.69 -13.76 -24.46
N HIS E 217 0.83 -13.82 -25.47
CA HIS E 217 0.95 -12.93 -26.62
C HIS E 217 0.38 -11.56 -26.25
N GLY E 218 0.18 -10.70 -27.23
CA GLY E 218 -0.33 -9.38 -26.94
C GLY E 218 -1.83 -9.38 -26.78
N ILE E 219 -2.28 -9.43 -25.53
CA ILE E 219 -3.69 -9.52 -25.21
C ILE E 219 -4.25 -8.12 -25.00
N LYS E 220 -4.83 -7.54 -26.04
CA LYS E 220 -5.38 -6.20 -25.95
C LYS E 220 -6.61 -6.19 -25.07
N PRO E 221 -6.63 -5.41 -23.98
CA PRO E 221 -7.81 -5.39 -23.11
C PRO E 221 -8.96 -4.61 -23.72
N VAL E 222 -9.52 -5.12 -24.82
CA VAL E 222 -10.62 -4.46 -25.50
C VAL E 222 -11.93 -4.89 -24.84
N VAL E 223 -12.65 -3.94 -24.25
CA VAL E 223 -13.93 -4.20 -23.63
C VAL E 223 -15.02 -3.99 -24.68
N SER E 224 -15.84 -5.01 -24.89
CA SER E 224 -16.85 -4.95 -25.94
C SER E 224 -17.95 -5.96 -25.65
N THR E 225 -19.09 -5.76 -26.32
CA THR E 225 -20.22 -6.67 -26.21
C THR E 225 -20.78 -6.95 -27.61
N GLN E 226 -21.24 -8.19 -27.80
CA GLN E 226 -21.86 -8.66 -29.03
C GLN E 226 -20.85 -8.80 -30.16
N LEU E 227 -19.62 -8.34 -29.95
CA LEU E 227 -18.57 -8.38 -30.96
C LEU E 227 -17.23 -8.31 -30.24
N LEU E 228 -16.29 -9.15 -30.67
CA LEU E 228 -14.92 -9.11 -30.17
C LEU E 228 -14.08 -8.29 -31.15
N LEU E 229 -13.73 -7.08 -30.72
CA LEU E 229 -13.04 -6.14 -31.63
C LEU E 229 -11.53 -6.23 -31.41
N ASN E 230 -10.75 -6.01 -32.46
CA ASN E 230 -9.28 -6.01 -32.33
C ASN E 230 -8.84 -7.18 -31.47
N GLY E 231 -8.96 -8.40 -31.98
CA GLY E 231 -8.64 -9.56 -31.15
C GLY E 231 -7.81 -10.60 -31.88
N SER E 232 -7.62 -11.78 -31.29
CA SER E 232 -6.76 -12.77 -31.93
C SER E 232 -7.62 -13.74 -32.75
N LEU E 233 -7.20 -14.00 -33.98
CA LEU E 233 -7.98 -14.79 -34.92
C LEU E 233 -7.77 -16.29 -34.69
N ALA E 234 -8.66 -17.08 -35.29
CA ALA E 234 -8.40 -18.49 -35.54
C ALA E 234 -7.48 -18.64 -36.75
N GLU E 235 -6.97 -19.84 -36.95
CA GLU E 235 -5.97 -20.09 -37.98
C GLU E 235 -6.47 -20.93 -39.14
N GLU E 236 -7.18 -22.03 -38.88
CA GLU E 236 -7.68 -22.87 -39.96
C GLU E 236 -9.12 -22.54 -40.33
N GLU E 237 -10.02 -22.63 -39.38
CA GLU E 237 -11.45 -22.43 -39.61
C GLU E 237 -12.06 -21.59 -38.50
N VAL E 238 -13.28 -21.13 -38.75
CA VAL E 238 -14.06 -20.45 -37.72
C VAL E 238 -14.36 -21.45 -36.61
N MET E 239 -14.02 -21.09 -35.37
CA MET E 239 -14.09 -22.02 -34.25
C MET E 239 -15.26 -21.62 -33.35
N ILE E 240 -16.18 -22.57 -33.15
CA ILE E 240 -17.27 -22.40 -32.20
C ILE E 240 -16.90 -23.11 -30.91
N ARG E 241 -16.84 -22.37 -29.81
CA ARG E 241 -16.40 -22.89 -28.52
C ARG E 241 -17.39 -22.44 -27.44
N SER E 242 -18.05 -23.41 -26.81
CA SER E 242 -18.99 -23.13 -25.74
C SER E 242 -18.74 -24.12 -24.60
N GLU E 243 -19.13 -23.71 -23.39
CA GLU E 243 -18.95 -24.57 -22.19
C GLU E 243 -19.81 -25.81 -22.37
N ASN E 244 -21.09 -25.62 -22.65
CA ASN E 244 -21.99 -26.76 -22.92
C ASN E 244 -22.96 -26.29 -24.00
N ILE E 245 -22.66 -26.56 -25.26
CA ILE E 245 -23.51 -26.04 -26.36
C ILE E 245 -24.97 -26.44 -26.13
N THR E 246 -25.26 -27.64 -25.64
CA THR E 246 -26.65 -27.96 -25.34
C THR E 246 -27.26 -26.98 -24.35
N ASN E 247 -26.47 -26.42 -23.44
CA ASN E 247 -26.97 -25.47 -22.46
C ASN E 247 -27.14 -24.11 -23.13
N ASN E 248 -28.37 -23.60 -23.11
CA ASN E 248 -28.66 -22.29 -23.69
C ASN E 248 -28.24 -21.14 -22.80
N ALA E 249 -27.98 -21.41 -21.52
CA ALA E 249 -27.54 -20.37 -20.59
C ALA E 249 -26.05 -20.07 -20.69
N LYS E 250 -25.31 -20.83 -21.48
CA LYS E 250 -23.87 -20.63 -21.66
C LYS E 250 -23.63 -19.85 -22.95
N ASN E 251 -22.84 -18.78 -22.84
CA ASN E 251 -22.53 -17.97 -24.00
C ASN E 251 -21.70 -18.76 -25.01
N ILE E 252 -21.99 -18.57 -26.29
CA ILE E 252 -21.29 -19.23 -27.37
C ILE E 252 -20.25 -18.26 -27.92
N LEU E 253 -18.97 -18.64 -27.81
CA LEU E 253 -17.87 -17.82 -28.28
C LEU E 253 -17.49 -18.25 -29.69
N VAL E 254 -17.53 -17.31 -30.63
CA VAL E 254 -17.19 -17.55 -32.02
C VAL E 254 -15.88 -16.82 -32.31
N GLN E 255 -15.04 -17.43 -33.15
CA GLN E 255 -13.78 -16.83 -33.56
C GLN E 255 -13.69 -16.83 -35.08
N PHE E 256 -13.24 -15.71 -35.65
CA PHE E 256 -13.20 -15.52 -37.09
C PHE E 256 -11.80 -15.77 -37.62
N ASN E 257 -11.71 -16.48 -38.74
CA ASN E 257 -10.43 -16.71 -39.39
C ASN E 257 -10.00 -15.58 -40.29
N THR E 258 -10.91 -14.67 -40.64
CA THR E 258 -10.60 -13.55 -41.51
C THR E 258 -11.14 -12.26 -40.91
N PRO E 259 -10.52 -11.13 -41.23
CA PRO E 259 -11.04 -9.85 -40.77
C PRO E 259 -12.50 -9.63 -41.13
N VAL E 260 -13.22 -8.98 -40.24
CA VAL E 260 -14.50 -8.34 -40.57
C VAL E 260 -14.34 -6.88 -40.16
N GLN E 261 -13.80 -6.07 -41.07
CA GLN E 261 -13.47 -4.69 -40.75
C GLN E 261 -14.74 -3.87 -40.51
N ILE E 262 -14.76 -3.20 -39.34
CA ILE E 262 -15.90 -2.32 -38.94
C ILE E 262 -15.34 -0.91 -38.79
N ASN E 263 -15.94 0.06 -39.47
CA ASN E 263 -15.39 1.44 -39.44
C ASN E 263 -16.32 2.34 -38.66
N CYS E 264 -15.95 2.72 -37.45
CA CYS E 264 -16.79 3.59 -36.62
C CYS E 264 -16.51 5.03 -36.95
N THR E 265 -17.50 5.88 -36.76
CA THR E 265 -17.18 7.30 -36.80
C THR E 265 -18.18 8.07 -35.94
N ARG E 266 -17.75 9.27 -35.53
CA ARG E 266 -18.57 10.20 -34.76
C ARG E 266 -18.57 11.52 -35.52
N PRO E 267 -19.53 11.72 -36.44
CA PRO E 267 -19.46 12.87 -37.35
C PRO E 267 -19.49 14.23 -36.66
N ASN E 268 -20.03 14.33 -35.46
CA ASN E 268 -20.16 15.68 -34.86
C ASN E 268 -18.77 16.19 -34.46
N ASN E 269 -18.45 17.45 -34.76
CA ASN E 269 -17.14 18.05 -34.40
C ASN E 269 -17.26 18.65 -33.01
N ASN E 270 -17.29 17.83 -31.97
CA ASN E 270 -17.54 18.33 -30.59
C ASN E 270 -16.42 19.27 -30.14
N THR E 271 -16.75 20.19 -29.24
CA THR E 271 -15.75 21.07 -28.65
C THR E 271 -15.82 20.98 -27.14
N ARG E 272 -14.65 20.92 -26.51
CA ARG E 272 -14.55 20.77 -25.06
C ARG E 272 -14.39 22.14 -24.42
N LYS E 273 -15.24 22.43 -23.44
CA LYS E 273 -15.18 23.68 -22.68
C LYS E 273 -14.90 23.34 -21.22
N SER E 274 -13.85 23.96 -20.66
CA SER E 274 -13.45 23.69 -19.29
C SER E 274 -14.20 24.62 -18.35
N ILE E 275 -14.88 24.03 -17.36
CA ILE E 275 -15.62 24.78 -16.35
C ILE E 275 -14.98 24.52 -15.00
N ARG E 276 -14.64 25.59 -14.29
CA ARG E 276 -14.00 25.48 -12.99
C ARG E 276 -15.08 25.24 -11.93
N ILE E 277 -15.10 24.03 -11.37
CA ILE E 277 -16.10 23.66 -10.37
C ILE E 277 -15.55 23.70 -8.95
N GLY E 278 -14.31 24.13 -8.77
CA GLY E 278 -13.71 24.16 -7.46
C GLY E 278 -12.30 24.71 -7.47
N PRO E 279 -11.67 24.76 -6.30
CA PRO E 279 -10.30 25.28 -6.24
C PRO E 279 -9.27 24.31 -6.79
N GLY E 280 -9.10 24.32 -8.11
CA GLY E 280 -8.14 23.44 -8.77
C GLY E 280 -8.78 22.32 -9.57
N GLN E 281 -10.10 22.14 -9.47
CA GLN E 281 -10.81 21.11 -10.21
C GLN E 281 -11.49 21.73 -11.42
N ALA E 282 -11.45 20.99 -12.54
CA ALA E 282 -12.03 21.46 -13.79
C ALA E 282 -12.96 20.37 -14.34
N PHE E 283 -14.16 20.78 -14.72
CA PHE E 283 -15.13 19.90 -15.35
C PHE E 283 -15.22 20.23 -16.83
N TYR E 284 -14.93 19.24 -17.67
CA TYR E 284 -14.92 19.44 -19.12
C TYR E 284 -16.29 19.09 -19.69
N ALA E 285 -16.93 20.07 -20.32
CA ALA E 285 -18.28 19.92 -20.82
C ALA E 285 -18.31 20.17 -22.32
N THR E 286 -19.26 19.53 -23.00
CA THR E 286 -19.47 19.72 -24.43
C THR E 286 -20.12 21.09 -24.65
N GLY E 287 -19.30 22.10 -24.93
CA GLY E 287 -19.80 23.44 -25.12
C GLY E 287 -20.66 23.60 -26.36
N ASP E 288 -20.04 23.51 -27.54
CA ASP E 288 -20.74 23.65 -28.80
C ASP E 288 -20.20 22.63 -29.80
N ILE E 289 -20.96 22.42 -30.87
CA ILE E 289 -20.58 21.55 -31.97
C ILE E 289 -20.52 22.40 -33.23
N ILE E 290 -19.36 22.41 -33.89
CA ILE E 290 -19.15 23.23 -35.09
C ILE E 290 -19.54 22.38 -36.29
N GLY E 291 -20.69 22.70 -36.90
CA GLY E 291 -21.09 22.09 -38.14
C GLY E 291 -22.42 21.39 -38.00
N ASP E 292 -22.71 20.51 -38.94
CA ASP E 292 -23.96 19.76 -38.95
C ASP E 292 -23.94 18.69 -37.86
N ILE E 293 -25.15 18.28 -37.45
CA ILE E 293 -25.33 17.27 -36.42
C ILE E 293 -25.76 15.99 -37.11
N ARG E 294 -24.96 14.94 -36.98
CA ARG E 294 -25.23 13.66 -37.62
C ARG E 294 -25.09 12.53 -36.60
N GLN E 295 -25.84 11.45 -36.82
CA GLN E 295 -25.81 10.33 -35.91
C GLN E 295 -24.53 9.52 -36.07
N ALA E 296 -23.91 9.18 -34.94
CA ALA E 296 -22.75 8.29 -34.97
C ALA E 296 -23.16 6.91 -35.46
N HIS E 297 -22.28 6.29 -36.25
CA HIS E 297 -22.63 5.03 -36.89
C HIS E 297 -21.37 4.21 -37.13
N CYS E 298 -21.56 2.91 -37.31
CA CYS E 298 -20.42 2.03 -37.60
C CYS E 298 -20.80 1.26 -38.86
N ASN E 299 -19.90 1.13 -39.83
CA ASN E 299 -20.25 0.47 -41.10
C ASN E 299 -19.56 -0.89 -41.15
N VAL E 300 -20.22 -1.90 -41.71
CA VAL E 300 -19.61 -3.25 -41.87
C VAL E 300 -19.92 -3.73 -43.27
N SER E 301 -18.91 -4.05 -44.08
CA SER E 301 -19.10 -4.53 -45.44
C SER E 301 -20.17 -5.61 -45.48
N LYS E 302 -21.11 -5.48 -46.43
CA LYS E 302 -22.24 -6.39 -46.48
C LYS E 302 -21.82 -7.77 -46.95
N ALA E 303 -21.02 -7.84 -48.03
CA ALA E 303 -20.59 -9.13 -48.55
C ALA E 303 -19.66 -9.85 -47.58
N THR E 304 -18.74 -9.12 -46.95
CA THR E 304 -17.83 -9.72 -45.99
C THR E 304 -18.59 -10.27 -44.79
N TRP E 305 -19.55 -9.53 -44.29
CA TRP E 305 -20.27 -10.03 -43.09
C TRP E 305 -21.07 -11.25 -43.52
N ASN E 306 -21.91 -11.10 -44.54
CA ASN E 306 -22.79 -12.21 -44.95
C ASN E 306 -21.92 -13.46 -45.19
N GLU E 307 -20.75 -13.30 -45.78
CA GLU E 307 -19.85 -14.47 -45.94
C GLU E 307 -19.51 -15.00 -44.55
N THR E 308 -18.87 -14.19 -43.74
CA THR E 308 -18.49 -14.57 -42.39
C THR E 308 -19.63 -15.29 -41.68
N LEU E 309 -20.86 -14.80 -41.84
CA LEU E 309 -22.01 -15.48 -41.28
C LEU E 309 -22.23 -16.84 -41.94
N GLY E 310 -21.92 -16.97 -43.22
CA GLY E 310 -21.99 -18.27 -43.86
C GLY E 310 -21.01 -19.26 -43.26
N LYS E 311 -19.77 -18.82 -43.04
CA LYS E 311 -18.80 -19.68 -42.36
C LYS E 311 -19.27 -20.03 -40.95
N VAL E 312 -19.84 -19.05 -40.25
CA VAL E 312 -20.30 -19.27 -38.88
C VAL E 312 -21.41 -20.30 -38.85
N VAL E 313 -22.38 -20.19 -39.75
CA VAL E 313 -23.49 -21.15 -39.77
C VAL E 313 -23.00 -22.52 -40.21
N LYS E 314 -22.03 -22.57 -41.13
CA LYS E 314 -21.47 -23.85 -41.53
C LYS E 314 -20.80 -24.56 -40.35
N GLN E 315 -20.08 -23.80 -39.52
CA GLN E 315 -19.44 -24.40 -38.36
C GLN E 315 -20.43 -24.69 -37.24
N LEU E 316 -21.51 -23.92 -37.15
CA LEU E 316 -22.53 -24.14 -36.12
C LEU E 316 -23.40 -25.35 -36.43
N ARG E 317 -23.63 -25.65 -37.70
CA ARG E 317 -24.48 -26.78 -38.07
C ARG E 317 -23.88 -28.11 -37.64
N LYS E 318 -22.59 -28.16 -37.33
CA LYS E 318 -21.97 -29.40 -36.90
C LYS E 318 -22.53 -29.88 -35.56
N HIS E 319 -22.72 -28.96 -34.61
CA HIS E 319 -23.14 -29.35 -33.27
C HIS E 319 -24.62 -29.71 -33.21
N PHE E 320 -25.43 -29.08 -34.04
CA PHE E 320 -26.89 -29.23 -33.95
C PHE E 320 -27.47 -30.12 -35.05
N GLY E 321 -26.68 -30.49 -36.04
CA GLY E 321 -27.19 -31.32 -37.15
C GLY E 321 -27.20 -30.56 -38.46
N ASN E 322 -27.18 -31.25 -39.60
CA ASN E 322 -27.10 -30.53 -40.89
C ASN E 322 -28.50 -30.16 -41.35
N ASN E 323 -29.54 -30.63 -40.64
CA ASN E 323 -30.93 -30.37 -41.10
C ASN E 323 -31.61 -29.31 -40.22
N THR E 324 -30.83 -28.41 -39.61
CA THR E 324 -31.42 -27.33 -38.83
C THR E 324 -31.40 -26.02 -39.62
N ILE E 325 -32.42 -25.21 -39.40
CA ILE E 325 -32.52 -23.89 -40.03
C ILE E 325 -31.97 -22.90 -39.02
N ILE E 326 -30.67 -22.60 -39.16
CA ILE E 326 -30.03 -21.65 -38.25
C ILE E 326 -30.49 -20.24 -38.60
N ARG E 327 -30.94 -19.53 -37.55
CA ARG E 327 -31.44 -18.15 -37.76
C ARG E 327 -30.72 -17.27 -36.76
N PHE E 328 -30.32 -16.07 -37.16
CA PHE E 328 -29.73 -15.14 -36.18
C PHE E 328 -30.82 -14.10 -35.89
N ALA E 329 -30.65 -13.27 -34.88
CA ALA E 329 -31.70 -12.30 -34.53
C ALA E 329 -31.10 -11.21 -33.66
N ASN E 330 -31.87 -10.22 -33.24
CA ASN E 330 -31.26 -9.09 -32.51
C ASN E 330 -31.47 -9.25 -31.01
N SER E 331 -30.59 -8.67 -30.21
CA SER E 331 -30.65 -8.89 -28.75
C SER E 331 -32.01 -8.48 -28.22
N SER E 332 -32.77 -9.43 -27.71
CA SER E 332 -34.05 -9.14 -27.08
C SER E 332 -33.82 -8.84 -25.61
N GLY E 333 -34.37 -7.72 -25.14
CA GLY E 333 -34.29 -7.36 -23.74
C GLY E 333 -32.90 -7.02 -23.25
N GLY E 334 -32.79 -6.55 -22.02
CA GLY E 334 -31.52 -6.23 -21.41
C GLY E 334 -31.24 -4.73 -21.40
N ASP E 335 -30.13 -4.38 -20.76
CA ASP E 335 -29.69 -3.01 -20.71
C ASP E 335 -29.04 -2.60 -22.03
N LEU E 336 -28.65 -1.33 -22.11
CA LEU E 336 -28.00 -0.83 -23.31
C LEU E 336 -26.66 -1.51 -23.55
N GLU E 337 -26.02 -2.00 -22.49
CA GLU E 337 -24.73 -2.66 -22.63
C GLU E 337 -24.83 -4.05 -23.23
N VAL E 338 -26.03 -4.63 -23.31
CA VAL E 338 -26.23 -5.95 -23.89
C VAL E 338 -27.08 -5.89 -25.14
N THR E 339 -28.14 -5.07 -25.14
CA THR E 339 -28.99 -4.95 -26.32
C THR E 339 -28.31 -4.23 -27.48
N THR E 340 -27.16 -3.60 -27.23
CA THR E 340 -26.42 -2.90 -28.27
C THR E 340 -24.95 -3.24 -28.15
N HIS E 341 -24.23 -3.12 -29.27
CA HIS E 341 -22.80 -3.36 -29.30
C HIS E 341 -22.08 -2.21 -28.61
N SER E 342 -21.61 -2.45 -27.39
CA SER E 342 -20.93 -1.44 -26.59
C SER E 342 -19.43 -1.58 -26.78
N PHE E 343 -18.75 -0.47 -27.06
CA PHE E 343 -17.31 -0.46 -27.20
C PHE E 343 -16.82 0.97 -27.00
N ASN E 344 -15.50 1.12 -26.96
CA ASN E 344 -14.86 2.42 -26.74
C ASN E 344 -14.04 2.77 -27.98
N CYS E 345 -14.32 3.95 -28.55
CA CYS E 345 -13.63 4.44 -29.73
C CYS E 345 -13.03 5.80 -29.43
N GLY E 346 -11.73 5.83 -29.14
CA GLY E 346 -11.03 7.08 -28.93
C GLY E 346 -11.49 7.88 -27.74
N GLY E 347 -11.89 7.22 -26.65
CA GLY E 347 -12.34 7.90 -25.46
C GLY E 347 -13.83 8.18 -25.39
N GLU E 348 -14.57 7.89 -26.46
CA GLU E 348 -16.02 8.06 -26.48
C GLU E 348 -16.67 6.68 -26.58
N PHE E 349 -17.68 6.44 -25.76
CA PHE E 349 -18.31 5.14 -25.66
C PHE E 349 -19.49 5.05 -26.61
N PHE E 350 -19.49 4.00 -27.44
CA PHE E 350 -20.51 3.80 -28.46
C PHE E 350 -21.43 2.66 -28.06
N TYR E 351 -22.71 2.80 -28.38
CA TYR E 351 -23.72 1.76 -28.19
C TYR E 351 -24.49 1.64 -29.51
N CYS E 352 -24.03 0.70 -30.34
CA CYS E 352 -24.57 0.56 -31.70
C CYS E 352 -25.63 -0.52 -31.83
N ASN E 353 -26.75 -0.22 -32.48
CA ASN E 353 -27.85 -1.17 -32.66
C ASN E 353 -27.45 -2.19 -33.72
N THR E 354 -26.90 -3.31 -33.26
CA THR E 354 -26.45 -4.37 -34.17
C THR E 354 -27.65 -5.26 -34.44
N SER E 355 -28.64 -4.72 -35.15
CA SER E 355 -29.85 -5.51 -35.49
C SER E 355 -29.81 -5.83 -36.97
N GLY E 356 -29.06 -5.04 -37.74
CA GLY E 356 -28.91 -5.30 -39.18
C GLY E 356 -27.78 -6.27 -39.38
N LEU E 357 -26.78 -6.21 -38.50
CA LEU E 357 -25.66 -7.17 -38.57
C LEU E 357 -26.25 -8.56 -38.39
N PHE E 358 -27.12 -8.73 -37.40
CA PHE E 358 -27.67 -10.09 -37.10
C PHE E 358 -28.87 -10.32 -38.02
N ASN E 359 -30.12 -10.19 -37.56
CA ASN E 359 -31.25 -10.51 -38.49
C ASN E 359 -30.92 -11.81 -39.22
N SER E 360 -31.23 -11.94 -40.50
CA SER E 360 -30.79 -13.11 -41.32
C SER E 360 -31.46 -14.45 -40.99
N THR E 361 -31.42 -15.40 -41.93
CA THR E 361 -31.95 -16.77 -41.75
C THR E 361 -31.24 -17.64 -42.78
N TRP E 362 -30.67 -18.76 -42.38
CA TRP E 362 -29.82 -19.62 -43.21
C TRP E 362 -30.45 -21.01 -43.29
N ILE E 363 -31.05 -21.32 -44.44
CA ILE E 363 -31.61 -22.64 -44.69
C ILE E 363 -30.50 -23.55 -45.21
N SER E 364 -30.60 -24.84 -44.91
CA SER E 364 -29.61 -25.82 -45.36
C SER E 364 -29.51 -25.84 -46.88
N ASN E 377 -19.31 -3.97 -52.28
CA ASN E 377 -19.42 -2.51 -52.35
C ASN E 377 -20.44 -1.95 -51.36
N ASP E 378 -21.57 -2.63 -51.21
CA ASP E 378 -22.59 -2.20 -50.27
C ASP E 378 -22.11 -2.39 -48.83
N SER E 379 -22.53 -1.47 -47.96
CA SER E 379 -22.13 -1.48 -46.56
C SER E 379 -23.37 -1.45 -45.67
N ILE E 380 -23.25 -2.05 -44.49
CA ILE E 380 -24.31 -2.07 -43.51
C ILE E 380 -24.03 -0.97 -42.49
N THR E 381 -24.99 -0.05 -42.34
CA THR E 381 -24.85 1.09 -41.44
C THR E 381 -25.58 0.78 -40.14
N LEU E 382 -24.83 0.80 -39.03
CA LEU E 382 -25.40 0.54 -37.72
C LEU E 382 -25.52 1.85 -36.95
N PRO E 383 -26.72 2.33 -36.68
CA PRO E 383 -26.87 3.54 -35.85
C PRO E 383 -26.30 3.31 -34.46
N CYS E 384 -25.65 4.34 -33.93
CA CYS E 384 -24.97 4.25 -32.65
C CYS E 384 -25.39 5.42 -31.76
N ARG E 385 -25.33 5.20 -30.46
CA ARG E 385 -25.65 6.21 -29.46
C ARG E 385 -24.47 6.38 -28.52
N ILE E 386 -24.18 7.63 -28.16
CA ILE E 386 -23.02 7.98 -27.35
C ILE E 386 -23.48 8.26 -25.93
N LYS E 387 -22.73 7.74 -24.95
CA LYS E 387 -22.98 7.99 -23.54
C LYS E 387 -21.72 8.54 -22.90
N GLN E 388 -21.88 9.45 -21.96
CA GLN E 388 -20.75 10.03 -21.23
C GLN E 388 -20.66 9.56 -19.80
N ILE E 389 -21.79 9.27 -19.15
CA ILE E 389 -21.81 8.72 -17.80
C ILE E 389 -21.82 7.20 -17.96
N ILE E 390 -20.69 6.56 -17.66
CA ILE E 390 -20.49 5.15 -17.92
C ILE E 390 -20.26 4.43 -16.60
N ASN E 391 -21.05 3.37 -16.36
CA ASN E 391 -20.83 2.43 -15.27
C ASN E 391 -20.33 1.14 -15.90
N MET E 392 -19.01 0.98 -15.95
CA MET E 392 -18.42 -0.09 -16.75
C MET E 392 -18.64 -1.45 -16.11
N TRP E 393 -18.12 -1.65 -14.89
CA TRP E 393 -18.13 -2.95 -14.25
C TRP E 393 -19.29 -3.11 -13.27
N GLN E 394 -20.34 -2.31 -13.42
CA GLN E 394 -21.54 -2.40 -12.58
C GLN E 394 -21.19 -2.26 -11.10
N ARG E 395 -20.20 -1.42 -10.81
CA ARG E 395 -19.77 -1.18 -9.44
C ARG E 395 -20.85 -0.40 -8.69
N ILE E 396 -21.08 -0.79 -7.43
CA ILE E 396 -22.12 -0.16 -6.62
C ILE E 396 -21.60 1.17 -6.10
N GLY E 397 -22.29 2.25 -6.45
CA GLY E 397 -21.90 3.57 -6.02
C GLY E 397 -20.73 4.18 -6.75
N GLN E 398 -20.35 3.64 -7.90
CA GLN E 398 -19.23 4.14 -8.68
C GLN E 398 -19.63 4.30 -10.13
N ALA E 399 -19.36 5.47 -10.70
CA ALA E 399 -19.60 5.74 -12.11
C ALA E 399 -18.46 6.58 -12.65
N MET E 400 -18.44 6.76 -13.97
CA MET E 400 -17.41 7.53 -14.64
C MET E 400 -18.02 8.42 -15.69
N TYR E 401 -17.54 9.67 -15.75
CA TYR E 401 -17.95 10.63 -16.77
C TYR E 401 -16.83 10.73 -17.80
N ALA E 402 -17.08 10.22 -18.99
CA ALA E 402 -16.09 10.32 -20.06
C ALA E 402 -16.05 11.75 -20.57
N PRO E 403 -14.91 12.44 -20.48
CA PRO E 403 -14.86 13.83 -20.95
C PRO E 403 -15.05 13.90 -22.45
N PRO E 404 -15.59 15.00 -22.96
CA PRO E 404 -15.77 15.12 -24.41
C PRO E 404 -14.43 15.10 -25.13
N ILE E 405 -14.45 14.54 -26.34
CA ILE E 405 -13.26 14.42 -27.17
C ILE E 405 -13.39 15.41 -28.32
N GLN E 406 -12.41 16.30 -28.44
CA GLN E 406 -12.46 17.33 -29.46
C GLN E 406 -12.26 16.71 -30.85
N GLY E 407 -12.91 17.30 -31.84
CA GLY E 407 -12.78 16.84 -33.22
C GLY E 407 -13.67 15.67 -33.54
N VAL E 408 -13.46 15.14 -34.75
CA VAL E 408 -14.23 14.01 -35.27
C VAL E 408 -13.47 12.73 -34.97
N ILE E 409 -14.18 11.75 -34.41
CA ILE E 409 -13.59 10.49 -33.99
C ILE E 409 -13.91 9.44 -35.04
N ARG E 410 -12.89 8.68 -35.45
CA ARG E 410 -13.04 7.60 -36.41
C ARG E 410 -12.27 6.37 -35.92
N CYS E 411 -12.84 5.19 -36.16
CA CYS E 411 -12.21 3.93 -35.77
C CYS E 411 -12.20 2.98 -36.96
N VAL E 412 -11.16 2.15 -37.01
CA VAL E 412 -11.05 1.07 -37.98
C VAL E 412 -10.64 -0.17 -37.18
N SER E 413 -11.63 -0.92 -36.73
CA SER E 413 -11.34 -2.09 -35.86
C SER E 413 -11.70 -3.38 -36.60
N ASN E 414 -11.45 -4.53 -35.98
CA ASN E 414 -11.69 -5.81 -36.67
C ASN E 414 -12.64 -6.66 -35.84
N ILE E 415 -13.78 -7.04 -36.37
CA ILE E 415 -14.67 -7.98 -35.62
C ILE E 415 -14.01 -9.36 -35.75
N THR E 416 -13.20 -9.78 -34.79
CA THR E 416 -12.51 -11.06 -34.77
C THR E 416 -13.29 -12.16 -34.07
N GLY E 417 -14.53 -11.90 -33.64
CA GLY E 417 -15.29 -12.93 -32.97
C GLY E 417 -16.68 -12.43 -32.61
N LEU E 418 -17.46 -13.36 -32.02
CA LEU E 418 -18.82 -13.09 -31.61
C LEU E 418 -19.06 -13.70 -30.24
N ILE E 419 -20.07 -13.19 -29.55
CA ILE E 419 -20.57 -13.77 -28.32
C ILE E 419 -22.06 -14.04 -28.54
N LEU E 420 -22.38 -15.24 -29.00
CA LEU E 420 -23.74 -15.59 -29.36
C LEU E 420 -24.45 -16.27 -28.18
N THR E 421 -25.75 -16.52 -28.37
CA THR E 421 -26.56 -17.16 -27.34
C THR E 421 -27.76 -17.83 -27.99
N ARG E 422 -27.83 -19.15 -27.88
CA ARG E 422 -28.99 -19.89 -28.34
C ARG E 422 -30.18 -19.61 -27.42
N ASP E 423 -31.39 -19.70 -27.98
CA ASP E 423 -32.56 -19.19 -27.28
C ASP E 423 -33.11 -20.14 -26.22
N GLY E 424 -33.59 -21.32 -26.61
CA GLY E 424 -34.15 -22.18 -25.59
C GLY E 424 -34.99 -23.37 -26.02
N GLY E 425 -36.11 -23.55 -25.33
CA GLY E 425 -36.90 -24.75 -25.43
C GLY E 425 -37.68 -24.92 -26.72
N SER E 426 -36.99 -24.84 -27.86
CA SER E 426 -37.57 -25.26 -29.13
C SER E 426 -37.58 -26.79 -29.14
N THR E 427 -38.70 -27.37 -28.72
CA THR E 427 -38.73 -28.81 -28.47
C THR E 427 -38.72 -29.60 -29.79
N ASN E 428 -39.74 -29.39 -30.62
CA ASN E 428 -39.82 -30.07 -31.91
C ASN E 428 -39.35 -29.23 -33.07
N SER E 429 -39.17 -27.92 -32.87
CA SER E 429 -38.79 -27.03 -33.96
C SER E 429 -37.40 -27.36 -34.49
N THR E 430 -37.25 -27.33 -35.81
CA THR E 430 -35.96 -27.58 -36.44
C THR E 430 -35.08 -26.34 -36.49
N THR E 431 -35.66 -25.16 -36.26
CA THR E 431 -34.88 -23.92 -36.30
C THR E 431 -34.18 -23.68 -34.98
N GLU E 432 -33.03 -23.01 -35.05
CA GLU E 432 -32.24 -22.65 -33.88
C GLU E 432 -31.79 -21.21 -34.03
N THR E 433 -32.36 -20.32 -33.23
CA THR E 433 -32.08 -18.89 -33.33
C THR E 433 -30.94 -18.51 -32.39
N PHE E 434 -30.00 -17.73 -32.92
CA PHE E 434 -28.80 -17.32 -32.17
C PHE E 434 -28.79 -15.80 -32.07
N ARG E 435 -29.21 -15.28 -30.92
CA ARG E 435 -29.13 -13.85 -30.67
C ARG E 435 -27.78 -13.50 -30.06
N PRO E 436 -27.29 -12.27 -30.28
CA PRO E 436 -26.04 -11.84 -29.67
C PRO E 436 -26.23 -11.51 -28.18
N GLY E 437 -25.17 -10.99 -27.58
CA GLY E 437 -25.22 -10.58 -26.19
C GLY E 437 -23.98 -10.94 -25.41
N GLY E 438 -23.37 -9.95 -24.76
CA GLY E 438 -22.18 -10.16 -23.97
C GLY E 438 -22.43 -9.96 -22.48
N GLY E 439 -22.06 -8.78 -21.98
CA GLY E 439 -22.22 -8.47 -20.57
C GLY E 439 -21.02 -8.87 -19.75
N ASP E 440 -20.80 -10.18 -19.60
CA ASP E 440 -19.65 -10.67 -18.87
C ASP E 440 -18.38 -10.46 -19.70
N MET E 441 -17.53 -9.55 -19.25
CA MET E 441 -16.25 -9.29 -19.92
C MET E 441 -15.26 -10.43 -19.73
N ARG E 442 -15.51 -11.33 -18.77
CA ARG E 442 -14.69 -12.51 -18.60
C ARG E 442 -14.78 -13.44 -19.80
N ASP E 443 -15.94 -13.52 -20.45
CA ASP E 443 -16.06 -14.20 -21.73
C ASP E 443 -15.35 -13.44 -22.85
N ASN E 444 -15.33 -12.11 -22.79
CA ASN E 444 -14.59 -11.33 -23.78
C ASN E 444 -13.11 -11.61 -23.70
N TRP E 445 -12.56 -11.73 -22.49
CA TRP E 445 -11.15 -12.03 -22.31
C TRP E 445 -10.85 -13.53 -22.28
N ARG E 446 -11.88 -14.38 -22.30
CA ARG E 446 -11.65 -15.81 -22.43
C ARG E 446 -11.29 -16.19 -23.86
N SER E 447 -11.72 -15.40 -24.85
CA SER E 447 -11.38 -15.67 -26.24
C SER E 447 -9.91 -15.44 -26.55
N GLU E 448 -9.17 -14.81 -25.65
CA GLU E 448 -7.74 -14.59 -25.81
C GLU E 448 -6.89 -15.54 -24.99
N LEU E 449 -7.43 -16.04 -23.87
CA LEU E 449 -6.70 -16.92 -22.97
C LEU E 449 -7.14 -18.37 -23.07
N TYR E 450 -7.84 -18.74 -24.15
CA TYR E 450 -8.31 -20.12 -24.29
C TYR E 450 -7.15 -21.08 -24.51
N LYS E 451 -6.09 -20.64 -25.18
CA LYS E 451 -4.96 -21.48 -25.53
C LYS E 451 -3.88 -21.52 -24.45
N TYR E 452 -4.00 -20.70 -23.41
CA TYR E 452 -2.96 -20.56 -22.40
C TYR E 452 -3.37 -21.28 -21.12
N LYS E 453 -2.38 -21.81 -20.41
CA LYS E 453 -2.60 -22.56 -19.18
C LYS E 453 -1.36 -22.44 -18.31
N VAL E 454 -1.57 -22.22 -17.02
CA VAL E 454 -0.50 -22.01 -16.05
C VAL E 454 -0.26 -23.32 -15.31
N VAL E 455 1.00 -23.77 -15.29
CA VAL E 455 1.39 -24.98 -14.59
C VAL E 455 2.52 -24.64 -13.63
N LYS E 456 2.60 -25.41 -12.55
CA LYS E 456 3.60 -25.22 -11.52
C LYS E 456 4.69 -26.29 -11.68
N ILE E 457 5.94 -25.85 -11.84
CA ILE E 457 7.04 -26.77 -12.09
C ILE E 457 7.42 -27.44 -10.79
N GLU E 458 7.42 -28.77 -10.79
CA GLU E 458 7.88 -29.59 -9.66
C GLU E 458 9.15 -30.30 -10.11
N PRO E 459 10.32 -29.66 -9.97
CA PRO E 459 11.56 -30.23 -10.52
C PRO E 459 12.19 -31.31 -9.66
N LEU E 460 11.58 -31.68 -8.55
CA LEU E 460 12.11 -32.72 -7.68
C LEU E 460 11.36 -34.03 -7.92
N GLY E 461 12.11 -35.08 -8.21
CA GLY E 461 11.53 -36.39 -8.45
C GLY E 461 12.46 -37.48 -7.96
N VAL E 462 11.86 -38.61 -7.60
CA VAL E 462 12.60 -39.78 -7.14
C VAL E 462 12.40 -40.90 -8.15
N ALA E 463 13.49 -41.60 -8.49
CA ALA E 463 13.47 -42.66 -9.47
C ALA E 463 14.38 -43.79 -9.01
N PRO E 464 14.08 -45.04 -9.40
CA PRO E 464 14.89 -46.17 -8.94
C PRO E 464 16.08 -46.45 -9.84
N THR E 465 17.27 -46.56 -9.25
CA THR E 465 18.49 -46.95 -9.95
C THR E 465 19.24 -47.97 -9.11
N ARG E 466 20.29 -48.53 -9.70
CA ARG E 466 21.16 -49.49 -9.02
C ARG E 466 22.34 -48.82 -8.33
N CYS E 467 22.32 -47.50 -8.21
CA CYS E 467 23.42 -46.77 -7.60
C CYS E 467 23.42 -46.97 -6.08
N LYS E 468 24.58 -46.73 -5.47
CA LYS E 468 24.76 -46.87 -4.03
C LYS E 468 25.64 -45.76 -3.51
N ARG E 469 25.12 -44.94 -2.60
CA ARG E 469 25.92 -43.90 -1.97
C ARG E 469 26.99 -44.52 -1.09
N ARG E 470 28.20 -43.97 -1.15
CA ARG E 470 29.31 -44.47 -0.35
C ARG E 470 29.33 -43.80 1.02
N PHE F 8 20.63 -28.20 -27.30
CA PHE F 8 19.76 -27.31 -26.56
C PHE F 8 18.28 -27.50 -26.94
N LEU F 9 17.48 -27.93 -25.98
CA LEU F 9 16.05 -28.13 -26.18
C LEU F 9 15.19 -27.06 -25.53
N GLY F 10 15.79 -26.14 -24.77
CA GLY F 10 15.03 -25.09 -24.13
C GLY F 10 14.40 -25.54 -22.82
N PHE F 11 13.71 -24.59 -22.19
CA PHE F 11 13.04 -24.87 -20.92
C PHE F 11 11.93 -25.90 -21.13
N LEU F 12 11.94 -26.95 -20.31
CA LEU F 12 10.99 -28.05 -20.41
C LEU F 12 11.02 -28.70 -21.80
N GLY F 13 12.17 -28.66 -22.45
CA GLY F 13 12.27 -29.20 -23.79
C GLY F 13 12.08 -30.71 -23.85
N ALA F 14 12.59 -31.42 -22.84
CA ALA F 14 12.52 -32.87 -22.78
C ALA F 14 11.36 -33.35 -21.91
N ALA F 15 10.26 -32.59 -21.86
CA ALA F 15 9.11 -33.01 -21.08
C ALA F 15 8.51 -34.30 -21.63
N GLY F 16 8.36 -34.39 -22.94
CA GLY F 16 7.89 -35.60 -23.58
C GLY F 16 8.96 -36.59 -23.98
N SER F 17 10.22 -36.29 -23.64
CA SER F 17 11.32 -37.17 -23.98
C SER F 17 11.50 -38.26 -22.90
N THR F 18 12.40 -39.18 -23.18
CA THR F 18 12.71 -40.25 -22.25
C THR F 18 13.34 -39.69 -20.98
N MET F 19 13.14 -40.40 -19.87
CA MET F 19 13.71 -39.96 -18.59
C MET F 19 15.22 -39.86 -18.65
N GLY F 20 15.88 -40.64 -19.51
CA GLY F 20 17.32 -40.50 -19.66
C GLY F 20 17.71 -39.15 -20.25
N ALA F 21 17.01 -38.73 -21.31
CA ALA F 21 17.28 -37.43 -21.90
C ALA F 21 16.97 -36.29 -20.93
N ALA F 22 15.89 -36.43 -20.17
CA ALA F 22 15.55 -35.42 -19.18
C ALA F 22 16.60 -35.37 -18.07
N SER F 23 17.11 -36.53 -17.64
CA SER F 23 18.19 -36.54 -16.67
C SER F 23 19.45 -35.89 -17.24
N MET F 24 19.67 -36.03 -18.56
CA MET F 24 20.79 -35.36 -19.20
C MET F 24 20.61 -33.84 -19.22
N THR F 25 19.38 -33.36 -19.45
CA THR F 25 19.11 -31.95 -19.65
C THR F 25 18.55 -31.26 -18.40
N LEU F 26 18.60 -31.94 -17.25
CA LEU F 26 18.14 -31.34 -15.99
C LEU F 26 18.60 -29.90 -15.79
N THR F 27 19.81 -29.56 -16.22
CA THR F 27 20.36 -28.24 -15.90
C THR F 27 19.56 -27.13 -16.57
N VAL F 28 18.96 -27.41 -17.73
CA VAL F 28 18.18 -26.38 -18.42
C VAL F 28 16.96 -25.99 -17.60
N GLN F 29 16.25 -26.97 -17.05
CA GLN F 29 15.14 -26.67 -16.16
C GLN F 29 15.64 -26.06 -14.85
N ALA F 30 16.81 -26.50 -14.38
CA ALA F 30 17.33 -26.00 -13.11
C ALA F 30 17.67 -24.52 -13.18
N ARG F 31 18.17 -24.05 -14.34
CA ARG F 31 18.55 -22.64 -14.46
C ARG F 31 17.36 -21.71 -14.27
N ASN F 32 16.24 -22.02 -14.93
CA ASN F 32 15.08 -21.13 -14.93
C ASN F 32 14.10 -21.45 -13.81
N LEU F 33 14.57 -21.46 -12.56
CA LEU F 33 13.70 -21.69 -11.41
C LEU F 33 13.66 -20.52 -10.45
N LEU F 34 14.57 -19.56 -10.59
CA LEU F 34 14.64 -18.42 -9.67
C LEU F 34 14.57 -17.06 -10.37
N SER F 35 15.12 -16.93 -11.57
CA SER F 35 15.15 -15.67 -12.29
C SER F 35 14.25 -15.74 -13.52
N GLY F 36 13.36 -14.76 -13.65
CA GLY F 36 12.54 -14.62 -14.83
C GLY F 36 12.86 -13.33 -15.55
N ILE F 37 11.91 -12.80 -16.30
CA ILE F 37 12.11 -11.49 -16.94
C ILE F 37 12.05 -10.40 -15.88
N VAL F 38 11.56 -10.73 -14.70
CA VAL F 38 11.49 -9.78 -13.60
C VAL F 38 12.84 -9.64 -12.92
N GLN F 52 12.04 0.82 -12.57
CA GLN F 52 12.18 -0.63 -12.45
C GLN F 52 12.72 -1.00 -11.08
N HIS F 53 13.83 -0.37 -10.68
CA HIS F 53 14.42 -0.63 -9.37
C HIS F 53 13.48 -0.21 -8.25
N LEU F 54 12.83 0.94 -8.40
CA LEU F 54 11.92 1.43 -7.38
C LEU F 54 10.67 0.56 -7.30
N LEU F 55 10.06 0.55 -6.12
CA LEU F 55 8.85 -0.24 -5.86
C LEU F 55 7.64 0.68 -5.84
N LYS F 56 6.61 0.31 -6.59
CA LYS F 56 5.38 1.09 -6.68
C LYS F 56 4.21 0.26 -6.20
N LEU F 57 3.16 0.95 -5.75
CA LEU F 57 1.96 0.32 -5.22
C LEU F 57 0.81 0.30 -6.22
N THR F 58 1.09 0.51 -7.50
CA THR F 58 0.10 0.21 -8.52
C THR F 58 -0.11 -1.30 -8.57
N VAL F 59 -1.08 -1.72 -9.38
CA VAL F 59 -1.42 -3.15 -9.46
C VAL F 59 -0.22 -3.95 -9.94
N TRP F 60 0.45 -3.46 -10.99
CA TRP F 60 1.52 -4.24 -11.61
C TRP F 60 2.75 -4.36 -10.73
N GLY F 61 3.18 -3.28 -10.08
CA GLY F 61 4.30 -3.39 -9.15
C GLY F 61 3.98 -4.29 -7.97
N ILE F 62 2.72 -4.23 -7.51
CA ILE F 62 2.27 -5.09 -6.41
C ILE F 62 2.37 -6.56 -6.81
N LYS F 63 1.84 -6.89 -7.99
CA LYS F 63 1.90 -8.26 -8.47
C LYS F 63 3.34 -8.69 -8.75
N GLN F 64 4.17 -7.76 -9.21
CA GLN F 64 5.57 -8.05 -9.45
C GLN F 64 6.29 -8.43 -8.15
N LEU F 65 6.06 -7.66 -7.09
CA LEU F 65 6.66 -7.99 -5.80
C LEU F 65 6.16 -9.34 -5.29
N GLN F 66 4.86 -9.60 -5.44
CA GLN F 66 4.32 -10.89 -5.04
C GLN F 66 4.97 -12.03 -5.80
N ALA F 67 5.13 -11.87 -7.12
CA ALA F 67 5.74 -12.90 -7.94
C ALA F 67 7.20 -13.15 -7.55
N ARG F 68 7.95 -12.07 -7.32
CA ARG F 68 9.34 -12.22 -6.90
C ARG F 68 9.44 -12.99 -5.58
N VAL F 69 8.61 -12.61 -4.60
CA VAL F 69 8.66 -13.29 -3.31
C VAL F 69 8.26 -14.75 -3.45
N LEU F 70 7.22 -15.03 -4.25
CA LEU F 70 6.76 -16.40 -4.44
C LEU F 70 7.83 -17.27 -5.07
N ALA F 71 8.48 -16.76 -6.12
CA ALA F 71 9.56 -17.51 -6.76
C ALA F 71 10.70 -17.75 -5.79
N VAL F 72 11.07 -16.72 -5.01
CA VAL F 72 12.16 -16.86 -4.05
C VAL F 72 11.85 -17.98 -3.05
N GLU F 73 10.64 -17.95 -2.48
CA GLU F 73 10.33 -18.91 -1.42
C GLU F 73 10.18 -20.32 -1.98
N ARG F 74 9.62 -20.46 -3.18
CA ARG F 74 9.51 -21.80 -3.77
C ARG F 74 10.88 -22.39 -4.07
N TYR F 75 11.77 -21.59 -4.67
CA TYR F 75 13.11 -22.08 -4.94
C TYR F 75 13.84 -22.43 -3.65
N LEU F 76 13.66 -21.61 -2.61
CA LEU F 76 14.30 -21.89 -1.33
C LEU F 76 13.77 -23.18 -0.70
N ARG F 77 12.46 -23.42 -0.81
CA ARG F 77 11.90 -24.67 -0.29
C ARG F 77 12.47 -25.88 -1.02
N ASP F 78 12.56 -25.80 -2.35
CA ASP F 78 13.15 -26.91 -3.10
C ASP F 78 14.62 -27.11 -2.71
N GLN F 79 15.37 -26.02 -2.57
CA GLN F 79 16.78 -26.13 -2.19
C GLN F 79 16.94 -26.70 -0.80
N GLN F 80 16.06 -26.32 0.14
CA GLN F 80 16.11 -26.89 1.48
C GLN F 80 15.82 -28.37 1.46
N LEU F 81 14.82 -28.80 0.69
CA LEU F 81 14.53 -30.22 0.55
C LEU F 81 15.72 -30.97 -0.01
N LEU F 82 16.42 -30.38 -0.98
CA LEU F 82 17.65 -31.01 -1.49
C LEU F 82 18.72 -31.09 -0.40
N GLY F 83 18.92 -29.99 0.33
CA GLY F 83 20.02 -29.92 1.28
C GLY F 83 19.88 -30.82 2.49
N ILE F 84 18.66 -30.93 3.03
CA ILE F 84 18.49 -31.71 4.26
C ILE F 84 18.58 -33.21 3.98
N TRP F 85 18.57 -33.60 2.70
CA TRP F 85 18.89 -34.99 2.34
C TRP F 85 20.36 -35.19 2.02
N GLY F 86 21.21 -34.19 2.27
CA GLY F 86 22.62 -34.29 1.91
C GLY F 86 22.86 -34.34 0.43
N CYS F 87 22.06 -33.61 -0.36
CA CYS F 87 22.23 -33.54 -1.81
C CYS F 87 22.29 -32.10 -2.30
N SER F 88 22.69 -31.17 -1.44
CA SER F 88 22.77 -29.77 -1.83
C SER F 88 23.81 -29.57 -2.93
N GLY F 89 23.44 -28.82 -3.96
CA GLY F 89 24.34 -28.56 -5.06
C GLY F 89 24.51 -29.69 -6.04
N LYS F 90 23.74 -30.77 -5.90
CA LYS F 90 23.84 -31.93 -6.78
C LYS F 90 22.54 -32.09 -7.55
N LEU F 91 22.64 -32.11 -8.89
CA LEU F 91 21.45 -32.35 -9.70
C LEU F 91 20.99 -33.80 -9.61
N ILE F 92 21.94 -34.73 -9.63
CA ILE F 92 21.66 -36.15 -9.44
C ILE F 92 22.40 -36.59 -8.18
N CYS F 93 21.65 -37.10 -7.21
CA CYS F 93 22.21 -37.49 -5.91
C CYS F 93 21.84 -38.92 -5.60
N CYS F 94 22.81 -39.67 -5.09
CA CYS F 94 22.64 -41.07 -4.72
C CYS F 94 22.39 -41.17 -3.22
N THR F 95 21.39 -41.94 -2.84
CA THR F 95 20.96 -42.06 -1.45
C THR F 95 21.10 -43.51 -0.98
N ASN F 96 20.70 -43.76 0.27
CA ASN F 96 20.89 -45.05 0.90
C ASN F 96 19.59 -45.77 1.26
N VAL F 97 18.43 -45.23 0.89
CA VAL F 97 17.16 -45.88 1.23
C VAL F 97 16.72 -46.78 0.08
N PRO F 98 16.43 -48.05 0.35
CA PRO F 98 15.95 -48.95 -0.71
C PRO F 98 14.54 -48.60 -1.16
N TRP F 99 14.07 -49.35 -2.15
CA TRP F 99 12.71 -49.23 -2.66
C TRP F 99 11.85 -50.35 -2.11
N ASN F 100 10.81 -49.99 -1.37
CA ASN F 100 9.87 -50.97 -0.84
C ASN F 100 8.99 -51.52 -1.96
N SER F 101 8.44 -52.72 -1.72
CA SER F 101 7.54 -53.34 -2.69
C SER F 101 6.22 -52.57 -2.83
N SER F 102 5.85 -51.76 -1.83
CA SER F 102 4.64 -50.94 -1.95
C SER F 102 4.77 -49.93 -3.07
N TRP F 103 5.95 -49.31 -3.20
CA TRP F 103 6.19 -48.37 -4.29
C TRP F 103 6.31 -49.13 -5.62
N SER F 104 6.24 -48.36 -6.71
CA SER F 104 6.19 -48.95 -8.04
C SER F 104 7.41 -49.82 -8.30
N ASN F 105 7.17 -51.03 -8.82
CA ASN F 105 8.21 -52.04 -8.97
C ASN F 105 8.41 -52.45 -10.43
N ARG F 106 8.09 -51.56 -11.37
CA ARG F 106 8.21 -51.88 -12.78
C ARG F 106 9.69 -51.91 -13.19
N ASN F 107 9.96 -52.49 -14.36
CA ASN F 107 11.32 -52.80 -14.76
C ASN F 107 12.15 -51.54 -14.98
N LEU F 108 13.45 -51.66 -14.70
CA LEU F 108 14.37 -50.53 -14.84
C LEU F 108 14.46 -50.07 -16.29
N SER F 109 14.57 -51.02 -17.23
CA SER F 109 14.62 -50.65 -18.64
C SER F 109 13.34 -49.94 -19.07
N GLU F 110 12.19 -50.45 -18.64
CA GLU F 110 10.94 -49.81 -19.03
C GLU F 110 10.81 -48.40 -18.44
N ILE F 111 11.18 -48.23 -17.17
CA ILE F 111 11.12 -46.90 -16.56
C ILE F 111 12.05 -45.93 -17.27
N TRP F 112 13.28 -46.35 -17.54
CA TRP F 112 14.28 -45.43 -18.06
C TRP F 112 14.38 -45.40 -19.58
N ASP F 113 13.53 -46.13 -20.29
CA ASP F 113 13.57 -46.10 -21.76
C ASP F 113 12.19 -45.87 -22.38
N ASN F 114 11.13 -46.15 -21.62
CA ASN F 114 9.77 -46.09 -22.14
C ASN F 114 8.87 -45.11 -21.39
N MET F 115 9.45 -44.16 -20.66
CA MET F 115 8.69 -43.27 -19.80
C MET F 115 9.08 -41.81 -20.00
N THR F 116 8.13 -40.94 -19.71
CA THR F 116 8.39 -39.53 -19.47
C THR F 116 8.29 -39.25 -17.98
N TRP F 117 8.89 -38.13 -17.55
CA TRP F 117 8.90 -37.81 -16.13
C TRP F 117 7.52 -37.48 -15.60
N LEU F 118 6.66 -36.88 -16.44
CA LEU F 118 5.30 -36.57 -16.02
C LEU F 118 4.53 -37.84 -15.66
N GLN F 119 4.65 -38.87 -16.50
CA GLN F 119 3.99 -40.14 -16.21
C GLN F 119 4.52 -40.75 -14.92
N TRP F 120 5.85 -40.68 -14.71
CA TRP F 120 6.44 -41.24 -13.51
C TRP F 120 5.95 -40.51 -12.26
N ASP F 121 5.83 -39.18 -12.32
CA ASP F 121 5.25 -38.45 -11.19
C ASP F 121 3.80 -38.85 -10.97
N LYS F 122 3.03 -38.96 -12.05
CA LYS F 122 1.63 -39.37 -11.92
C LYS F 122 1.52 -40.75 -11.28
N GLU F 123 2.48 -41.64 -11.55
CA GLU F 123 2.42 -43.00 -11.04
C GLU F 123 2.75 -43.09 -9.56
N ILE F 124 3.75 -42.33 -9.09
CA ILE F 124 4.17 -42.45 -7.70
C ILE F 124 3.79 -41.19 -6.90
N SER F 125 2.74 -40.51 -7.37
CA SER F 125 2.33 -39.25 -6.70
C SER F 125 2.22 -39.52 -5.21
N ASN F 126 1.27 -40.37 -4.81
CA ASN F 126 1.20 -40.77 -3.39
C ASN F 126 2.51 -41.48 -3.08
N TYR F 127 2.95 -41.47 -1.83
CA TYR F 127 4.23 -42.10 -1.39
C TYR F 127 5.29 -41.00 -1.30
N THR F 128 5.16 -39.92 -2.08
CA THR F 128 6.26 -38.96 -2.01
C THR F 128 6.68 -38.68 -0.57
N GLN F 129 5.71 -38.44 0.33
CA GLN F 129 6.03 -37.96 1.66
C GLN F 129 6.81 -38.99 2.47
N ILE F 130 6.42 -40.26 2.39
CA ILE F 130 7.11 -41.29 3.16
C ILE F 130 8.52 -41.50 2.63
N ILE F 131 8.71 -41.42 1.30
CA ILE F 131 10.05 -41.48 0.74
C ILE F 131 10.90 -40.32 1.26
N TYR F 132 10.32 -39.12 1.30
CA TYR F 132 11.06 -37.97 1.82
C TYR F 132 11.44 -38.18 3.29
N GLY F 133 10.52 -38.70 4.09
CA GLY F 133 10.82 -38.95 5.50
C GLY F 133 11.91 -39.98 5.69
N LEU F 134 11.88 -41.06 4.90
CA LEU F 134 12.96 -42.03 4.94
C LEU F 134 14.28 -41.40 4.55
N LEU F 135 14.27 -40.51 3.56
CA LEU F 135 15.49 -39.80 3.18
C LEU F 135 16.01 -38.95 4.33
N GLU F 136 15.12 -38.23 5.01
CA GLU F 136 15.53 -37.44 6.18
C GLU F 136 16.19 -38.32 7.24
N GLU F 137 15.54 -39.42 7.58
CA GLU F 137 16.05 -40.29 8.63
C GLU F 137 17.39 -40.89 8.25
N SER F 138 17.53 -41.35 7.00
CA SER F 138 18.79 -41.92 6.55
C SER F 138 19.90 -40.89 6.56
N GLN F 139 19.61 -39.66 6.09
CA GLN F 139 20.62 -38.62 6.09
C GLN F 139 21.09 -38.30 7.50
N ASN F 140 20.15 -38.16 8.44
CA ASN F 140 20.53 -37.87 9.82
C ASN F 140 21.35 -39.01 10.42
N GLN F 141 20.92 -40.26 10.18
CA GLN F 141 21.63 -41.41 10.72
C GLN F 141 23.06 -41.48 10.18
N GLN F 142 23.24 -41.25 8.88
CA GLN F 142 24.57 -41.35 8.33
C GLN F 142 25.43 -40.15 8.73
N GLU F 143 24.81 -38.99 9.00
CA GLU F 143 25.55 -37.88 9.58
C GLU F 143 26.08 -38.24 10.96
N LYS F 144 25.23 -38.86 11.79
CA LYS F 144 25.69 -39.32 13.10
C LYS F 144 26.81 -40.34 12.96
N ASN F 145 26.66 -41.29 12.03
CA ASN F 145 27.68 -42.31 11.84
C ASN F 145 29.01 -41.70 11.40
N GLU F 146 28.96 -40.75 10.46
CA GLU F 146 30.18 -40.09 10.00
C GLU F 146 30.84 -39.31 11.12
N GLN F 147 30.05 -38.59 11.93
CA GLN F 147 30.61 -37.85 13.04
C GLN F 147 31.25 -38.79 14.06
N ASP F 148 30.62 -39.94 14.31
CA ASP F 148 31.17 -40.88 15.27
C ASP F 148 32.46 -41.52 14.76
N LEU F 149 32.48 -41.95 13.50
CA LEU F 149 33.67 -42.60 12.97
C LEU F 149 34.81 -41.62 12.76
N LEU F 150 34.49 -40.35 12.48
CA LEU F 150 35.54 -39.36 12.26
C LEU F 150 36.21 -38.94 13.57
N ALA F 151 35.56 -39.17 14.71
CA ALA F 151 36.16 -38.84 15.99
C ALA F 151 37.30 -39.78 16.37
N LEU F 152 37.33 -40.99 15.80
CA LEU F 152 38.39 -41.95 16.09
C LEU F 152 39.70 -41.52 15.45
N HIS G 1 -29.80 -18.41 2.85
CA HIS G 1 -31.18 -18.85 2.63
C HIS G 1 -31.94 -17.85 1.77
N VAL G 2 -31.87 -18.07 0.45
CA VAL G 2 -32.56 -17.18 -0.49
C VAL G 2 -34.05 -17.52 -0.51
N GLN G 3 -34.89 -16.52 -0.30
CA GLN G 3 -36.34 -16.69 -0.31
C GLN G 3 -36.92 -15.83 -1.44
N LEU G 4 -37.85 -16.41 -2.20
CA LEU G 4 -38.50 -15.72 -3.30
C LEU G 4 -39.98 -15.58 -2.97
N TRP G 5 -40.46 -14.34 -2.96
CA TRP G 5 -41.85 -14.03 -2.69
C TRP G 5 -42.47 -13.37 -3.92
N GLN G 6 -43.62 -13.89 -4.34
CA GLN G 6 -44.28 -13.42 -5.56
C GLN G 6 -45.43 -12.48 -5.20
N SER G 7 -46.18 -12.08 -6.23
CA SER G 7 -47.34 -11.21 -6.05
C SER G 7 -48.60 -12.06 -5.89
N GLY G 8 -49.72 -11.39 -5.63
CA GLY G 8 -50.97 -12.10 -5.44
C GLY G 8 -51.55 -12.62 -6.74
N ALA G 9 -52.49 -13.54 -6.60
CA ALA G 9 -53.16 -14.11 -7.77
C ALA G 9 -53.97 -13.04 -8.50
N GLU G 10 -53.97 -13.11 -9.82
CA GLU G 10 -54.64 -12.13 -10.65
C GLU G 10 -55.64 -12.82 -11.58
N VAL G 11 -56.77 -12.17 -11.80
CA VAL G 11 -57.80 -12.66 -12.72
C VAL G 11 -57.91 -11.65 -13.85
N LYS G 12 -57.48 -12.04 -15.03
CA LYS G 12 -57.46 -11.16 -16.19
C LYS G 12 -58.46 -11.65 -17.25
N LYS G 13 -58.46 -10.99 -18.39
CA LYS G 13 -59.33 -11.29 -19.51
C LYS G 13 -58.47 -11.48 -20.75
N PRO G 14 -58.97 -12.21 -21.75
CA PRO G 14 -58.20 -12.40 -22.98
C PRO G 14 -57.82 -11.07 -23.61
N GLY G 15 -56.56 -10.95 -24.01
CA GLY G 15 -56.03 -9.72 -24.58
C GLY G 15 -55.39 -8.79 -23.58
N ALA G 16 -55.49 -9.08 -22.28
CA ALA G 16 -54.92 -8.23 -21.25
C ALA G 16 -53.46 -8.59 -21.00
N SER G 17 -52.84 -7.91 -20.04
CA SER G 17 -51.45 -8.14 -19.69
C SER G 17 -51.31 -8.24 -18.17
N VAL G 18 -50.56 -9.23 -17.71
CA VAL G 18 -50.33 -9.44 -16.29
C VAL G 18 -48.84 -9.27 -16.01
N LYS G 19 -48.53 -8.63 -14.87
CA LYS G 19 -47.15 -8.37 -14.46
C LYS G 19 -46.96 -8.95 -13.07
N ILE G 20 -46.29 -10.10 -13.00
CA ILE G 20 -46.05 -10.79 -11.73
C ILE G 20 -44.69 -10.38 -11.19
N SER G 21 -44.67 -9.87 -9.97
CA SER G 21 -43.43 -9.51 -9.31
C SER G 21 -42.84 -10.71 -8.58
N CYS G 22 -41.54 -10.62 -8.27
CA CYS G 22 -40.87 -11.69 -7.56
C CYS G 22 -39.77 -11.12 -6.66
N SER G 23 -40.08 -10.91 -5.40
CA SER G 23 -39.12 -10.33 -4.47
C SER G 23 -38.14 -11.39 -4.00
N ALA G 24 -36.85 -11.13 -4.19
CA ALA G 24 -35.78 -12.02 -3.79
C ALA G 24 -34.89 -11.32 -2.78
N TRP G 25 -34.56 -12.01 -1.70
CA TRP G 25 -33.73 -11.43 -0.63
C TRP G 25 -32.93 -12.54 0.03
N GLY G 26 -31.71 -12.21 0.46
CA GLY G 26 -30.88 -13.13 1.20
C GLY G 26 -29.72 -13.70 0.39
N PHE G 27 -29.48 -13.15 -0.80
CA PHE G 27 -28.42 -13.67 -1.66
C PHE G 27 -27.05 -13.46 -1.03
N GLY G 28 -26.74 -12.23 -0.65
CA GLY G 28 -25.42 -11.86 -0.18
C GLY G 28 -24.80 -10.79 -1.05
N THR G 29 -23.70 -10.25 -0.54
CA THR G 29 -23.04 -9.10 -1.17
C THR G 29 -21.79 -9.46 -1.97
N THR G 30 -21.02 -10.45 -1.52
CA THR G 30 -19.76 -10.78 -2.16
C THR G 30 -20.01 -11.27 -3.60
N SER G 31 -19.07 -10.95 -4.48
CA SER G 31 -19.17 -11.35 -5.88
C SER G 31 -19.29 -12.87 -5.99
N GLY G 32 -20.21 -13.32 -6.85
CA GLY G 32 -20.55 -14.72 -6.95
C GLY G 32 -21.64 -15.16 -6.00
N TYR G 33 -21.96 -14.35 -4.99
CA TYR G 33 -23.03 -14.63 -4.04
C TYR G 33 -24.09 -13.54 -4.05
N SER G 34 -24.10 -12.70 -5.07
CA SER G 34 -25.00 -11.55 -5.14
C SER G 34 -26.12 -11.81 -6.15
N PHE G 35 -27.14 -10.96 -6.08
CA PHE G 35 -28.28 -11.09 -6.97
C PHE G 35 -27.90 -10.83 -8.43
N ARG G 36 -26.81 -10.12 -8.68
CA ARG G 36 -26.36 -9.82 -10.03
C ARG G 36 -25.59 -10.97 -10.68
N ASP G 37 -25.70 -12.18 -10.13
CA ASP G 37 -25.04 -13.35 -10.70
C ASP G 37 -25.95 -14.54 -10.92
N TYR G 38 -27.11 -14.60 -10.27
CA TYR G 38 -27.97 -15.77 -10.28
C TYR G 38 -29.22 -15.45 -11.09
N ARG G 39 -29.42 -16.17 -12.20
CA ARG G 39 -30.56 -15.94 -13.06
C ARG G 39 -31.87 -16.28 -12.36
N VAL G 40 -32.94 -15.60 -12.76
CA VAL G 40 -34.26 -15.83 -12.22
C VAL G 40 -35.12 -16.41 -13.34
N HIS G 41 -35.19 -17.74 -13.40
CA HIS G 41 -36.05 -18.40 -14.37
C HIS G 41 -37.51 -18.17 -14.03
N TRP G 42 -38.36 -18.32 -15.04
CA TRP G 42 -39.81 -18.18 -14.88
C TRP G 42 -40.45 -19.44 -15.44
N VAL G 43 -41.07 -20.25 -14.58
CA VAL G 43 -41.59 -21.55 -14.94
C VAL G 43 -43.10 -21.53 -14.79
N ARG G 44 -43.81 -21.98 -15.83
CA ARG G 44 -45.26 -22.04 -15.84
C ARG G 44 -45.72 -23.46 -15.62
N HIS G 45 -46.67 -23.65 -14.72
CA HIS G 45 -47.23 -24.96 -14.38
C HIS G 45 -48.70 -24.98 -14.75
N ILE G 46 -49.00 -25.43 -15.96
CA ILE G 46 -50.39 -25.61 -16.39
C ILE G 46 -50.91 -26.92 -15.81
N ALA G 47 -52.06 -26.85 -15.16
CA ALA G 47 -52.65 -28.03 -14.55
C ALA G 47 -53.01 -29.09 -15.58
N GLY G 48 -52.28 -30.21 -15.59
CA GLY G 48 -52.51 -31.30 -16.50
C GLY G 48 -51.39 -31.51 -17.52
N GLN G 49 -50.75 -30.43 -17.95
CA GLN G 49 -49.68 -30.50 -18.95
C GLN G 49 -48.28 -30.43 -18.33
N GLY G 50 -48.18 -30.48 -17.01
CA GLY G 50 -46.89 -30.42 -16.37
C GLY G 50 -46.29 -29.01 -16.39
N PHE G 51 -45.04 -28.95 -15.93
CA PHE G 51 -44.33 -27.69 -15.84
C PHE G 51 -43.82 -27.27 -17.22
N GLN G 52 -43.67 -25.96 -17.41
CA GLN G 52 -43.19 -25.40 -18.66
C GLN G 52 -42.23 -24.26 -18.37
N TRP G 53 -41.14 -24.20 -19.13
CA TRP G 53 -40.13 -23.16 -18.95
C TRP G 53 -40.42 -22.01 -19.90
N MET G 54 -40.46 -20.79 -19.36
CA MET G 54 -40.85 -19.61 -20.11
C MET G 54 -39.67 -18.70 -20.43
N GLY G 55 -38.71 -18.59 -19.53
CA GLY G 55 -37.53 -17.78 -19.78
C GLY G 55 -36.79 -17.50 -18.49
N HIS G 56 -35.56 -17.00 -18.63
CA HIS G 56 -34.75 -16.63 -17.49
C HIS G 56 -34.13 -15.26 -17.72
N MET G 57 -33.92 -14.55 -16.62
CA MET G 57 -33.42 -13.18 -16.62
C MET G 57 -32.19 -13.11 -15.72
N GLN G 58 -31.05 -12.69 -16.27
CA GLN G 58 -29.82 -12.58 -15.50
C GLN G 58 -29.71 -11.16 -14.94
N PRO G 59 -29.76 -10.98 -13.63
CA PRO G 59 -30.01 -9.64 -13.06
C PRO G 59 -28.83 -8.68 -13.08
N ARG G 60 -27.68 -9.06 -13.65
CA ARG G 60 -26.57 -8.12 -13.71
C ARG G 60 -26.86 -7.00 -14.70
N TYR G 61 -27.05 -7.35 -15.97
CA TYR G 61 -27.37 -6.39 -17.02
C TYR G 61 -28.81 -6.52 -17.52
N GLY G 62 -29.61 -7.38 -16.91
CA GLY G 62 -30.96 -7.60 -17.37
C GLY G 62 -31.07 -8.47 -18.61
N ALA G 63 -30.00 -9.19 -18.96
CA ALA G 63 -30.03 -10.05 -20.13
C ALA G 63 -31.09 -11.13 -19.97
N VAL G 64 -32.11 -11.08 -20.81
CA VAL G 64 -33.23 -12.02 -20.76
C VAL G 64 -33.05 -13.04 -21.86
N ASN G 65 -33.80 -14.14 -21.75
CA ASN G 65 -33.79 -15.17 -22.78
C ASN G 65 -35.12 -15.91 -22.70
N TYR G 66 -36.04 -15.56 -23.61
CA TYR G 66 -37.39 -16.13 -23.58
C TYR G 66 -37.46 -17.44 -24.36
N ALA G 67 -38.46 -18.25 -24.03
CA ALA G 67 -38.74 -19.45 -24.79
C ALA G 67 -39.36 -19.10 -26.14
N ARG G 68 -39.26 -20.05 -27.08
CA ARG G 68 -39.68 -19.79 -28.45
C ARG G 68 -41.18 -19.52 -28.53
N GLN G 69 -41.98 -20.26 -27.76
CA GLN G 69 -43.44 -20.12 -27.83
C GLN G 69 -43.92 -18.77 -27.33
N PHE G 70 -43.11 -18.04 -26.59
CA PHE G 70 -43.53 -16.80 -25.96
C PHE G 70 -42.83 -15.56 -26.51
N GLN G 71 -41.96 -15.71 -27.51
CA GLN G 71 -41.24 -14.55 -28.03
C GLN G 71 -42.21 -13.52 -28.61
N GLY G 72 -41.98 -12.25 -28.26
CA GLY G 72 -42.79 -11.16 -28.73
C GLY G 72 -43.92 -10.77 -27.80
N ARG G 73 -44.19 -11.57 -26.76
CA ARG G 73 -45.27 -11.29 -25.84
C ARG G 73 -44.89 -11.38 -24.37
N ILE G 74 -43.62 -11.64 -24.05
CA ILE G 74 -43.17 -11.73 -22.66
C ILE G 74 -41.97 -10.80 -22.49
N THR G 75 -41.94 -10.07 -21.37
CA THR G 75 -40.86 -9.16 -21.05
C THR G 75 -40.49 -9.30 -19.58
N MET G 76 -39.20 -9.35 -19.30
CA MET G 76 -38.69 -9.48 -17.94
C MET G 76 -37.82 -8.28 -17.60
N THR G 77 -38.04 -7.71 -16.42
CA THR G 77 -37.26 -6.58 -15.93
C THR G 77 -36.83 -6.87 -14.49
N ARG G 78 -35.86 -6.10 -14.02
CA ARG G 78 -35.29 -6.33 -12.69
C ARG G 78 -35.33 -5.03 -11.90
N GLU G 79 -35.18 -5.15 -10.58
CA GLU G 79 -35.02 -4.00 -9.70
C GLU G 79 -33.94 -4.28 -8.66
N VAL G 80 -32.78 -4.78 -9.12
CA VAL G 80 -31.69 -5.14 -8.22
C VAL G 80 -31.39 -3.99 -7.28
N SER G 81 -31.21 -4.32 -6.00
CA SER G 81 -31.09 -3.31 -4.96
C SER G 81 -29.66 -2.77 -4.90
N PHE G 82 -29.40 -1.95 -3.87
CA PHE G 82 -28.08 -1.33 -3.75
C PHE G 82 -27.03 -2.34 -3.30
N ASP G 83 -27.28 -3.04 -2.19
CA ASP G 83 -26.33 -4.01 -1.67
C ASP G 83 -26.20 -5.25 -2.55
N ALA G 84 -27.09 -5.43 -3.53
CA ALA G 84 -27.06 -6.56 -4.46
C ALA G 84 -27.28 -7.90 -3.75
N SER G 85 -27.72 -7.88 -2.50
CA SER G 85 -28.12 -9.08 -1.80
C SER G 85 -29.60 -9.39 -1.98
N GLY G 86 -30.34 -8.50 -2.62
CA GLY G 86 -31.75 -8.72 -2.88
C GLY G 86 -32.17 -8.11 -4.20
N GLY G 87 -33.47 -8.02 -4.43
CA GLY G 87 -33.97 -7.44 -5.66
C GLY G 87 -35.38 -7.93 -5.94
N THR G 88 -35.91 -7.44 -7.06
CA THR G 88 -37.25 -7.79 -7.51
C THR G 88 -37.20 -8.14 -8.99
N ALA G 89 -37.91 -9.21 -9.37
CA ALA G 89 -37.96 -9.68 -10.75
C ALA G 89 -39.39 -9.61 -11.24
N TYR G 90 -39.58 -9.01 -12.41
CA TYR G 90 -40.91 -8.86 -13.01
C TYR G 90 -40.99 -9.66 -14.31
N MET G 91 -42.22 -10.06 -14.64
CA MET G 91 -42.51 -10.69 -15.91
C MET G 91 -43.86 -10.20 -16.41
N GLU G 92 -43.91 -9.72 -17.65
CA GLU G 92 -45.13 -9.22 -18.25
C GLU G 92 -45.49 -10.09 -19.44
N LEU G 93 -46.70 -10.65 -19.42
CA LEU G 93 -47.23 -11.45 -20.53
C LEU G 93 -48.36 -10.63 -21.15
N ARG G 94 -48.07 -10.02 -22.29
CA ARG G 94 -48.90 -8.95 -22.85
C ARG G 94 -50.03 -9.45 -23.74
N SER G 95 -50.09 -10.74 -24.03
CA SER G 95 -51.07 -11.31 -24.96
C SER G 95 -51.80 -12.48 -24.31
N LEU G 96 -52.31 -12.25 -23.09
CA LEU G 96 -52.95 -13.31 -22.33
C LEU G 96 -54.10 -13.93 -23.11
N ARG G 97 -54.16 -15.27 -23.08
CA ARG G 97 -55.20 -16.04 -23.72
C ARG G 97 -55.76 -17.04 -22.72
N SER G 98 -56.84 -17.71 -23.12
CA SER G 98 -57.53 -18.64 -22.23
C SER G 98 -56.64 -19.81 -21.83
N ASP G 99 -55.66 -20.16 -22.67
CA ASP G 99 -54.77 -21.28 -22.39
C ASP G 99 -53.55 -20.87 -21.56
N ASP G 100 -53.45 -19.61 -21.15
CA ASP G 100 -52.34 -19.14 -20.32
C ASP G 100 -52.65 -19.18 -18.84
N THR G 101 -53.83 -19.69 -18.46
CA THR G 101 -54.17 -19.80 -17.05
C THR G 101 -53.36 -20.93 -16.41
N ALA G 102 -52.59 -20.58 -15.38
CA ALA G 102 -51.69 -21.53 -14.71
C ALA G 102 -51.14 -20.85 -13.46
N VAL G 103 -50.21 -21.54 -12.80
CA VAL G 103 -49.49 -21.00 -11.66
C VAL G 103 -48.06 -20.72 -12.11
N TYR G 104 -47.64 -19.46 -11.98
CA TYR G 104 -46.34 -19.02 -12.47
C TYR G 104 -45.35 -18.96 -11.31
N TYR G 105 -44.20 -19.61 -11.49
CA TYR G 105 -43.16 -19.69 -10.46
C TYR G 105 -41.91 -18.98 -10.95
N CYS G 106 -41.32 -18.16 -10.08
CA CYS G 106 -39.99 -17.61 -10.29
C CYS G 106 -39.00 -18.40 -9.44
N VAL G 107 -37.91 -18.84 -10.06
CA VAL G 107 -36.95 -19.71 -9.40
C VAL G 107 -35.54 -19.19 -9.61
N THR G 108 -34.65 -19.56 -8.71
CA THR G 108 -33.23 -19.23 -8.75
C THR G 108 -32.47 -20.56 -8.70
N HIS G 109 -31.13 -20.49 -8.63
CA HIS G 109 -30.31 -21.70 -8.61
C HIS G 109 -29.26 -21.65 -7.50
N LYS G 110 -29.66 -21.25 -6.30
CA LYS G 110 -28.77 -21.27 -5.14
C LYS G 110 -29.27 -22.31 -4.15
N LEU G 111 -28.68 -23.51 -4.20
CA LEU G 111 -29.07 -24.56 -3.27
C LEU G 111 -28.65 -24.24 -1.84
N TYR G 112 -27.40 -23.84 -1.65
CA TYR G 112 -26.76 -23.88 -0.34
C TYR G 112 -26.33 -22.50 0.09
N ASP G 113 -26.21 -22.32 1.41
CA ASP G 113 -25.90 -21.03 2.00
C ASP G 113 -24.43 -20.63 1.86
N GLY G 114 -23.58 -21.52 1.37
CA GLY G 114 -22.17 -21.21 1.28
C GLY G 114 -21.48 -21.68 0.01
N GLU G 115 -22.25 -21.89 -1.06
CA GLU G 115 -21.70 -22.38 -2.31
C GLU G 115 -21.93 -21.36 -3.42
N ASP G 116 -20.94 -21.24 -4.32
CA ASP G 116 -21.04 -20.36 -5.48
C ASP G 116 -21.63 -21.16 -6.64
N ALA G 117 -22.94 -21.06 -6.82
CA ALA G 117 -23.64 -21.75 -7.90
C ALA G 117 -23.99 -20.82 -9.06
N SER G 118 -23.09 -19.86 -9.34
CA SER G 118 -23.35 -18.88 -10.40
C SER G 118 -23.41 -19.56 -11.77
N ASP G 119 -22.50 -20.49 -12.03
CA ASP G 119 -22.39 -21.10 -13.34
C ASP G 119 -23.25 -22.35 -13.50
N LEU G 120 -23.96 -22.76 -12.45
CA LEU G 120 -24.88 -23.89 -12.51
C LEU G 120 -26.28 -23.31 -12.33
N THR G 121 -26.91 -22.96 -13.46
CA THR G 121 -28.14 -22.18 -13.46
C THR G 121 -29.40 -23.04 -13.48
N TRP G 122 -29.28 -24.36 -13.46
CA TRP G 122 -30.44 -25.24 -13.63
C TRP G 122 -30.73 -26.09 -12.40
N ARG G 123 -30.19 -25.74 -11.25
CA ARG G 123 -30.53 -26.39 -9.98
C ARG G 123 -31.55 -25.49 -9.27
N LEU G 124 -32.82 -25.65 -9.67
CA LEU G 124 -33.88 -24.70 -9.31
C LEU G 124 -34.45 -25.04 -7.94
N ASP G 125 -33.70 -24.66 -6.90
CA ASP G 125 -34.18 -24.86 -5.53
C ASP G 125 -35.17 -23.79 -5.07
N PRO G 126 -34.82 -22.49 -5.13
CA PRO G 126 -35.73 -21.50 -4.49
C PRO G 126 -36.95 -21.14 -5.33
N TRP G 127 -37.95 -22.01 -5.31
CA TRP G 127 -39.18 -21.73 -6.01
C TRP G 127 -40.01 -20.71 -5.24
N GLY G 128 -40.70 -19.86 -6.00
CA GLY G 128 -41.63 -18.92 -5.40
C GLY G 128 -42.92 -19.59 -4.97
N GLN G 129 -43.75 -18.81 -4.28
CA GLN G 129 -45.03 -19.35 -3.80
C GLN G 129 -45.90 -19.79 -4.97
N GLY G 130 -45.94 -19.00 -6.03
CA GLY G 130 -46.78 -19.30 -7.17
C GLY G 130 -47.93 -18.32 -7.30
N THR G 131 -48.01 -17.65 -8.45
CA THR G 131 -49.06 -16.67 -8.73
C THR G 131 -50.05 -17.32 -9.69
N ARG G 132 -51.24 -17.63 -9.19
CA ARG G 132 -52.26 -18.29 -9.99
C ARG G 132 -52.95 -17.27 -10.86
N VAL G 133 -52.51 -17.18 -12.12
CA VAL G 133 -53.14 -16.28 -13.09
C VAL G 133 -54.30 -17.01 -13.75
N ILE G 134 -55.47 -16.41 -13.71
CA ILE G 134 -56.68 -16.96 -14.33
C ILE G 134 -57.10 -16.02 -15.43
N VAL G 135 -57.09 -16.50 -16.67
CA VAL G 135 -57.48 -15.71 -17.84
C VAL G 135 -58.75 -16.32 -18.40
N SER G 136 -59.87 -15.64 -18.21
CA SER G 136 -61.16 -16.12 -18.69
C SER G 136 -62.10 -14.93 -18.83
N SER G 137 -63.19 -15.15 -19.56
CA SER G 137 -64.18 -14.11 -19.79
C SER G 137 -65.40 -14.32 -18.90
N HIS H 1 9.33 18.54 28.48
CA HIS H 1 9.23 19.29 29.72
C HIS H 1 7.78 19.58 30.08
N VAL H 2 7.16 18.66 30.82
CA VAL H 2 5.77 18.82 31.21
C VAL H 2 5.69 19.80 32.38
N GLN H 3 4.86 20.83 32.24
CA GLN H 3 4.66 21.84 33.27
C GLN H 3 3.20 21.79 33.71
N LEU H 4 2.98 21.84 35.03
CA LEU H 4 1.65 21.83 35.60
C LEU H 4 1.41 23.16 36.32
N TRP H 5 0.35 23.86 35.90
CA TRP H 5 -0.03 25.14 36.48
C TRP H 5 -1.40 25.01 37.12
N GLN H 6 -1.53 25.46 38.36
CA GLN H 6 -2.75 25.30 39.12
C GLN H 6 -3.52 26.63 39.15
N SER H 7 -4.60 26.65 39.92
CA SER H 7 -5.42 27.84 40.07
C SER H 7 -4.95 28.64 41.28
N GLY H 8 -5.55 29.80 41.49
CA GLY H 8 -5.17 30.65 42.61
C GLY H 8 -5.69 30.11 43.93
N ALA H 9 -5.10 30.63 45.01
CA ALA H 9 -5.51 30.24 46.35
C ALA H 9 -6.95 30.69 46.61
N GLU H 10 -7.69 29.84 47.32
CA GLU H 10 -9.10 30.09 47.60
C GLU H 10 -9.34 30.04 49.11
N VAL H 11 -10.22 30.92 49.58
CA VAL H 11 -10.63 30.97 50.98
C VAL H 11 -12.11 30.63 51.03
N LYS H 12 -12.43 29.47 51.57
CA LYS H 12 -13.80 28.98 51.64
C LYS H 12 -14.27 28.92 53.09
N LYS H 13 -15.47 28.40 53.29
CA LYS H 13 -16.10 28.25 54.58
C LYS H 13 -16.52 26.81 54.76
N PRO H 14 -16.66 26.34 56.01
CA PRO H 14 -17.10 24.95 56.23
C PRO H 14 -18.42 24.66 55.53
N GLY H 15 -18.47 23.52 54.85
CA GLY H 15 -19.63 23.12 54.09
C GLY H 15 -19.61 23.53 52.63
N ALA H 16 -18.63 24.33 52.21
CA ALA H 16 -18.54 24.79 50.83
C ALA H 16 -17.78 23.76 49.98
N SER H 17 -17.58 24.11 48.72
CA SER H 17 -16.89 23.24 47.77
C SER H 17 -15.87 24.06 46.98
N VAL H 18 -14.67 23.51 46.83
CA VAL H 18 -13.59 24.17 46.10
C VAL H 18 -13.22 23.31 44.90
N LYS H 19 -12.97 23.95 43.77
CA LYS H 19 -12.63 23.27 42.52
C LYS H 19 -11.30 23.84 42.04
N ILE H 20 -10.22 23.08 42.23
CA ILE H 20 -8.88 23.51 41.84
C ILE H 20 -8.57 22.94 40.46
N SER H 21 -8.23 23.83 39.53
CA SER H 21 -7.84 23.43 38.19
C SER H 21 -6.34 23.12 38.14
N CYS H 22 -5.94 22.39 37.11
CA CYS H 22 -4.53 22.03 36.93
C CYS H 22 -4.19 21.95 35.45
N SER H 23 -3.65 23.03 34.89
CA SER H 23 -3.34 23.06 33.47
C SER H 23 -2.02 22.34 33.22
N ALA H 24 -2.06 21.35 32.33
CA ALA H 24 -0.89 20.56 31.96
C ALA H 24 -0.63 20.72 30.47
N TRP H 25 0.64 20.97 30.12
CA TRP H 25 1.02 21.19 28.73
C TRP H 25 2.45 20.70 28.51
N GLY H 26 2.71 20.16 27.32
CA GLY H 26 4.04 19.76 26.95
C GLY H 26 4.25 18.26 26.94
N PHE H 27 3.17 17.50 27.06
CA PHE H 27 3.28 16.04 27.11
C PHE H 27 3.79 15.48 25.79
N GLY H 28 3.15 15.83 24.68
CA GLY H 28 3.44 15.26 23.39
C GLY H 28 2.23 14.57 22.80
N THR H 29 2.36 14.21 21.52
CA THR H 29 1.25 13.66 20.75
C THR H 29 1.32 12.16 20.55
N THR H 30 2.52 11.59 20.41
CA THR H 30 2.67 10.17 20.11
C THR H 30 2.13 9.33 21.27
N SER H 31 1.55 8.18 20.93
CA SER H 31 1.00 7.28 21.93
C SER H 31 2.07 6.87 22.94
N GLY H 32 1.69 6.90 24.21
CA GLY H 32 2.63 6.69 25.29
C GLY H 32 3.30 7.95 25.78
N TYR H 33 3.22 9.04 25.00
CA TYR H 33 3.77 10.33 25.38
C TYR H 33 2.69 11.41 25.44
N SER H 34 1.43 11.01 25.46
CA SER H 34 0.32 11.95 25.42
C SER H 34 -0.34 12.08 26.79
N PHE H 35 -1.17 13.11 26.93
CA PHE H 35 -1.86 13.34 28.19
C PHE H 35 -2.86 12.23 28.52
N ARG H 36 -3.31 11.47 27.53
CA ARG H 36 -4.26 10.38 27.74
C ARG H 36 -3.60 9.11 28.25
N ASP H 37 -2.36 9.19 28.74
CA ASP H 37 -1.67 8.03 29.27
C ASP H 37 -1.08 8.23 30.66
N TYR H 38 -0.90 9.46 31.11
CA TYR H 38 -0.20 9.76 32.35
C TYR H 38 -1.21 10.26 33.38
N ARG H 39 -1.37 9.53 34.48
CA ARG H 39 -2.33 9.89 35.51
C ARG H 39 -1.92 11.19 36.19
N VAL H 40 -2.92 11.91 36.69
CA VAL H 40 -2.71 13.15 37.41
C VAL H 40 -3.13 12.92 38.86
N HIS H 41 -2.16 12.57 39.70
CA HIS H 41 -2.42 12.41 41.12
C HIS H 41 -2.72 13.76 41.75
N TRP H 42 -3.40 13.72 42.90
CA TRP H 42 -3.72 14.91 43.67
C TRP H 42 -3.24 14.69 45.10
N VAL H 43 -2.24 15.44 45.52
CA VAL H 43 -1.57 15.24 46.80
C VAL H 43 -1.83 16.45 47.68
N ARG H 44 -2.27 16.19 48.92
CA ARG H 44 -2.55 17.24 49.89
C ARG H 44 -1.42 17.31 50.91
N HIS H 45 -0.95 18.52 51.17
CA HIS H 45 0.14 18.77 52.11
C HIS H 45 -0.40 19.63 53.27
N ILE H 46 -0.85 18.96 54.32
CA ILE H 46 -1.27 19.66 55.53
C ILE H 46 -0.04 20.04 56.34
N ALA H 47 0.05 21.31 56.72
CA ALA H 47 1.21 21.80 57.47
C ALA H 47 1.29 21.12 58.83
N GLY H 48 2.32 20.27 59.00
CA GLY H 48 2.56 19.57 60.24
C GLY H 48 2.36 18.07 60.16
N GLN H 49 1.41 17.62 59.33
CA GLN H 49 1.10 16.20 59.19
C GLN H 49 1.73 15.58 57.95
N GLY H 50 2.57 16.32 57.23
CA GLY H 50 3.19 15.78 56.05
C GLY H 50 2.25 15.72 54.86
N PHE H 51 2.75 15.10 53.79
CA PHE H 51 1.99 14.99 52.57
C PHE H 51 0.95 13.87 52.68
N GLN H 52 -0.14 14.01 51.92
CA GLN H 52 -1.21 13.04 51.92
C GLN H 52 -1.70 12.84 50.49
N TRP H 53 -1.96 11.58 50.13
CA TRP H 53 -2.43 11.23 48.79
C TRP H 53 -3.95 11.17 48.80
N MET H 54 -4.57 11.88 47.85
CA MET H 54 -6.00 12.03 47.78
C MET H 54 -6.64 11.22 46.66
N GLY H 55 -5.98 11.11 45.52
CA GLY H 55 -6.49 10.31 44.42
C GLY H 55 -5.76 10.65 43.14
N HIS H 56 -5.95 9.80 42.14
CA HIS H 56 -5.37 10.01 40.83
C HIS H 56 -6.43 9.80 39.75
N MET H 57 -6.26 10.52 38.65
CA MET H 57 -7.21 10.53 37.54
C MET H 57 -6.45 10.22 36.25
N GLN H 58 -6.86 9.15 35.56
CA GLN H 58 -6.20 8.77 34.32
C GLN H 58 -6.93 9.42 33.15
N PRO H 59 -6.29 10.33 32.41
CA PRO H 59 -7.03 11.23 31.52
C PRO H 59 -7.51 10.62 30.21
N ARG H 60 -7.32 9.32 29.97
CA ARG H 60 -7.83 8.73 28.74
C ARG H 60 -9.35 8.64 28.78
N TYR H 61 -9.88 7.89 29.74
CA TYR H 61 -11.32 7.74 29.92
C TYR H 61 -11.84 8.44 31.17
N GLY H 62 -10.99 9.18 31.87
CA GLY H 62 -11.40 9.82 33.11
C GLY H 62 -11.49 8.89 34.30
N ALA H 63 -10.93 7.69 34.20
CA ALA H 63 -10.98 6.74 35.31
C ALA H 63 -10.29 7.32 36.54
N VAL H 64 -11.06 7.56 37.59
CA VAL H 64 -10.54 8.14 38.81
C VAL H 64 -10.39 7.05 39.84
N ASN H 65 -9.65 7.36 40.91
CA ASN H 65 -9.47 6.42 42.02
C ASN H 65 -9.16 7.25 43.26
N TYR H 66 -10.16 7.45 44.11
CA TYR H 66 -10.01 8.30 45.29
C TYR H 66 -9.50 7.50 46.48
N ALA H 67 -8.89 8.22 47.42
CA ALA H 67 -8.48 7.61 48.68
C ALA H 67 -9.70 7.33 49.56
N ARG H 68 -9.52 6.41 50.51
CA ARG H 68 -10.64 5.94 51.32
C ARG H 68 -11.23 7.07 52.18
N GLN H 69 -10.36 7.92 52.72
CA GLN H 69 -10.83 8.97 53.62
C GLN H 69 -11.68 10.02 52.90
N PHE H 70 -11.61 10.09 51.58
CA PHE H 70 -12.28 11.14 50.82
C PHE H 70 -13.40 10.63 49.93
N GLN H 71 -13.71 9.34 49.96
CA GLN H 71 -14.75 8.79 49.08
C GLN H 71 -16.10 9.43 49.40
N GLY H 72 -16.82 9.82 48.34
CA GLY H 72 -18.12 10.44 48.47
C GLY H 72 -18.10 11.95 48.52
N ARG H 73 -16.92 12.57 48.63
CA ARG H 73 -16.83 14.02 48.70
C ARG H 73 -15.78 14.63 47.76
N ILE H 74 -15.11 13.82 46.94
CA ILE H 74 -14.11 14.32 46.00
C ILE H 74 -14.45 13.81 44.61
N THR H 75 -14.33 14.70 43.62
CA THR H 75 -14.60 14.36 42.23
C THR H 75 -13.53 14.96 41.34
N MET H 76 -13.03 14.17 40.39
CA MET H 76 -12.00 14.61 39.46
C MET H 76 -12.53 14.51 38.03
N THR H 77 -12.31 15.56 37.25
CA THR H 77 -12.70 15.62 35.85
C THR H 77 -11.52 16.12 35.02
N ARG H 78 -11.60 15.91 33.72
CA ARG H 78 -10.50 16.24 32.82
C ARG H 78 -11.03 17.14 31.69
N GLU H 79 -10.12 17.82 31.01
CA GLU H 79 -10.44 18.56 29.79
C GLU H 79 -9.36 18.33 28.75
N VAL H 80 -9.00 17.07 28.52
CA VAL H 80 -7.94 16.72 27.57
C VAL H 80 -8.19 17.40 26.23
N SER H 81 -7.12 17.99 25.67
CA SER H 81 -7.25 18.82 24.49
C SER H 81 -7.31 17.96 23.23
N PHE H 82 -7.26 18.61 22.07
CA PHE H 82 -7.37 17.91 20.80
C PHE H 82 -6.10 17.13 20.48
N ASP H 83 -4.95 17.82 20.50
CA ASP H 83 -3.68 17.18 20.18
C ASP H 83 -3.23 16.19 21.24
N ALA H 84 -3.87 16.19 22.42
CA ALA H 84 -3.56 15.28 23.52
C ALA H 84 -2.16 15.49 24.08
N SER H 85 -1.52 16.61 23.72
CA SER H 85 -0.26 17.00 24.32
C SER H 85 -0.45 17.89 25.55
N GLY H 86 -1.69 18.29 25.83
CA GLY H 86 -2.00 19.09 27.00
C GLY H 86 -3.34 18.75 27.58
N GLY H 87 -3.84 19.58 28.47
CA GLY H 87 -5.13 19.35 29.08
C GLY H 87 -5.24 20.06 30.41
N THR H 88 -6.40 19.90 31.03
CA THR H 88 -6.69 20.49 32.33
C THR H 88 -7.31 19.45 33.24
N ALA H 89 -6.87 19.43 34.49
CA ALA H 89 -7.36 18.48 35.49
C ALA H 89 -8.02 19.25 36.62
N TYR H 90 -9.23 18.83 36.99
CA TYR H 90 -10.00 19.46 38.05
C TYR H 90 -10.19 18.50 39.21
N MET H 91 -10.35 19.08 40.41
CA MET H 91 -10.69 18.33 41.60
C MET H 91 -11.67 19.15 42.43
N GLU H 92 -12.79 18.54 42.81
CA GLU H 92 -13.81 19.20 43.60
C GLU H 92 -13.94 18.49 44.94
N LEU H 93 -13.76 19.23 46.03
CA LEU H 93 -13.94 18.71 47.38
C LEU H 93 -15.18 19.37 47.95
N ARG H 94 -16.28 18.63 48.00
CA ARG H 94 -17.62 19.19 48.18
C ARG H 94 -18.02 19.32 49.65
N SER H 95 -17.21 18.81 50.57
CA SER H 95 -17.55 18.80 52.00
C SER H 95 -16.42 19.42 52.82
N LEU H 96 -15.98 20.61 52.41
CA LEU H 96 -14.85 21.27 53.05
C LEU H 96 -15.08 21.45 54.55
N ARG H 97 -14.06 21.13 55.33
CA ARG H 97 -14.08 21.28 56.78
C ARG H 97 -12.83 22.05 57.21
N SER H 98 -12.81 22.40 58.51
CA SER H 98 -11.70 23.20 59.02
C SER H 98 -10.37 22.46 58.93
N ASP H 99 -10.40 21.14 58.93
CA ASP H 99 -9.17 20.35 58.85
C ASP H 99 -8.72 20.08 57.42
N ASP H 100 -9.41 20.61 56.42
CA ASP H 100 -9.03 20.44 55.02
C ASP H 100 -8.17 21.59 54.51
N THR H 101 -7.81 22.54 55.36
CA THR H 101 -6.95 23.64 54.93
C THR H 101 -5.52 23.14 54.75
N ALA H 102 -5.00 23.30 53.54
CA ALA H 102 -3.68 22.80 53.17
C ALA H 102 -3.33 23.35 51.80
N VAL H 103 -2.19 22.90 51.27
CA VAL H 103 -1.75 23.22 49.92
C VAL H 103 -1.93 21.98 49.06
N TYR H 104 -2.72 22.09 48.00
CA TYR H 104 -3.07 20.96 47.16
C TYR H 104 -2.20 20.97 45.90
N TYR H 105 -1.56 19.84 45.63
CA TYR H 105 -0.66 19.69 44.49
C TYR H 105 -1.22 18.68 43.51
N CYS H 106 -1.19 19.01 42.22
CA CYS H 106 -1.45 18.05 41.16
C CYS H 106 -0.12 17.64 40.56
N VAL H 107 0.09 16.33 40.41
CA VAL H 107 1.38 15.80 39.96
C VAL H 107 1.15 14.78 38.86
N THR H 108 2.19 14.59 38.05
CA THR H 108 2.22 13.61 36.97
C THR H 108 3.43 12.71 37.22
N HIS H 109 3.72 11.80 36.29
CA HIS H 109 4.84 10.87 36.45
C HIS H 109 5.70 10.81 35.19
N LYS H 110 6.04 11.96 34.62
CA LYS H 110 6.93 12.03 33.47
C LYS H 110 8.22 12.71 33.90
N LEU H 111 9.24 11.92 34.24
CA LEU H 111 10.53 12.49 34.63
C LEU H 111 11.23 13.16 33.46
N TYR H 112 11.32 12.47 32.32
CA TYR H 112 12.28 12.81 31.28
C TYR H 112 11.57 13.14 29.97
N ASP H 113 12.26 13.92 29.14
CA ASP H 113 11.69 14.42 27.90
C ASP H 113 11.62 13.37 26.80
N GLY H 114 12.19 12.19 27.01
CA GLY H 114 12.21 11.19 25.96
C GLY H 114 11.96 9.77 26.43
N GLU H 115 11.32 9.61 27.58
CA GLU H 115 11.05 8.29 28.14
C GLU H 115 9.55 8.05 28.26
N ASP H 116 9.13 6.81 28.01
CA ASP H 116 7.74 6.40 28.13
C ASP H 116 7.52 5.89 29.56
N ALA H 117 7.04 6.76 30.44
CA ALA H 117 6.77 6.42 31.83
C ALA H 117 5.28 6.21 32.08
N SER H 118 4.57 5.65 31.10
CA SER H 118 3.13 5.45 31.24
C SER H 118 2.81 4.45 32.35
N ASP H 119 3.57 3.36 32.43
CA ASP H 119 3.28 2.29 33.37
C ASP H 119 3.95 2.48 34.73
N LEU H 120 4.75 3.53 34.89
CA LEU H 120 5.38 3.87 36.17
C LEU H 120 4.72 5.17 36.65
N THR H 121 3.64 5.02 37.41
CA THR H 121 2.77 6.14 37.76
C THR H 121 3.14 6.81 39.08
N TRP H 122 4.18 6.37 39.76
CA TRP H 122 4.49 6.87 41.09
C TRP H 122 5.83 7.61 41.16
N ARG H 123 6.38 8.03 40.02
CA ARG H 123 7.56 8.88 39.98
C ARG H 123 7.07 10.32 39.77
N LEU H 124 6.68 10.96 40.87
CA LEU H 124 5.93 12.22 40.84
C LEU H 124 6.90 13.40 40.71
N ASP H 125 7.39 13.60 39.49
CA ASP H 125 8.27 14.74 39.22
C ASP H 125 7.50 16.04 39.01
N PRO H 126 6.54 16.13 38.07
CA PRO H 126 5.97 17.46 37.75
C PRO H 126 4.92 17.94 38.74
N TRP H 127 5.39 18.43 39.89
CA TRP H 127 4.48 18.99 40.88
C TRP H 127 3.97 20.35 40.43
N GLY H 128 2.71 20.62 40.76
CA GLY H 128 2.14 21.93 40.52
C GLY H 128 2.63 22.96 41.51
N GLN H 129 2.27 24.22 41.26
CA GLN H 129 2.69 25.29 42.15
C GLN H 129 2.14 25.09 43.56
N GLY H 130 0.88 24.68 43.66
CA GLY H 130 0.24 24.50 44.94
C GLY H 130 -0.85 25.53 45.19
N THR H 131 -2.07 25.07 45.42
CA THR H 131 -3.22 25.93 45.67
C THR H 131 -3.52 25.87 47.16
N ARG H 132 -3.24 26.98 47.86
CA ARG H 132 -3.44 27.05 49.30
C ARG H 132 -4.91 27.28 49.59
N VAL H 133 -5.63 26.21 49.89
CA VAL H 133 -7.05 26.32 50.26
C VAL H 133 -7.14 26.55 51.75
N ILE H 134 -7.83 27.61 52.15
CA ILE H 134 -8.04 27.95 53.55
C ILE H 134 -9.54 27.84 53.83
N VAL H 135 -9.91 26.93 54.73
CA VAL H 135 -11.30 26.70 55.10
C VAL H 135 -11.45 27.12 56.56
N SER H 136 -12.10 28.25 56.79
CA SER H 136 -12.31 28.76 58.13
C SER H 136 -13.51 29.69 58.13
N SER H 137 -14.02 29.96 59.32
CA SER H 137 -15.18 30.85 59.47
C SER H 137 -14.74 32.24 59.93
N HIS I 1 5.29 15.90 -30.96
CA HIS I 1 5.45 16.95 -31.95
C HIS I 1 5.13 18.33 -31.36
N VAL I 2 6.14 18.98 -30.79
CA VAL I 2 5.95 20.29 -30.19
C VAL I 2 5.90 21.34 -31.29
N GLN I 3 4.85 22.15 -31.29
CA GLN I 3 4.66 23.22 -32.26
C GLN I 3 4.65 24.55 -31.53
N LEU I 4 5.36 25.53 -32.07
CA LEU I 4 5.42 26.87 -31.49
C LEU I 4 4.80 27.86 -32.46
N TRP I 5 3.77 28.57 -31.99
CA TRP I 5 3.07 29.57 -32.79
C TRP I 5 3.26 30.94 -32.14
N GLN I 6 3.65 31.92 -32.94
CA GLN I 6 3.96 33.25 -32.45
C GLN I 6 2.79 34.20 -32.74
N SER I 7 3.00 35.48 -32.44
CA SER I 7 2.01 36.50 -32.69
C SER I 7 2.26 37.14 -34.05
N GLY I 8 1.36 38.03 -34.46
CA GLY I 8 1.48 38.68 -35.75
C GLY I 8 2.58 39.73 -35.76
N ALA I 9 2.97 40.11 -36.97
CA ALA I 9 4.00 41.13 -37.14
C ALA I 9 3.51 42.47 -36.61
N GLU I 10 4.41 43.23 -35.99
CA GLU I 10 4.09 44.50 -35.38
C GLU I 10 4.99 45.60 -35.94
N VAL I 11 4.41 46.78 -36.13
CA VAL I 11 5.14 47.96 -36.58
C VAL I 11 5.10 48.97 -35.46
N LYS I 12 6.25 49.22 -34.84
CA LYS I 12 6.35 50.13 -33.71
C LYS I 12 7.17 51.35 -34.09
N LYS I 13 7.43 52.21 -33.12
CA LYS I 13 8.19 53.44 -33.26
C LYS I 13 9.30 53.44 -32.24
N PRO I 14 10.38 54.19 -32.50
CA PRO I 14 11.48 54.25 -31.52
C PRO I 14 10.98 54.71 -30.15
N GLY I 15 11.42 54.00 -29.12
CA GLY I 15 11.00 54.27 -27.76
C GLY I 15 9.80 53.48 -27.29
N ALA I 16 9.17 52.72 -28.18
CA ALA I 16 7.99 51.94 -27.82
C ALA I 16 8.42 50.56 -27.29
N SER I 17 7.42 49.73 -26.98
CA SER I 17 7.66 48.40 -26.44
C SER I 17 6.78 47.39 -27.19
N VAL I 18 7.37 46.27 -27.57
CA VAL I 18 6.67 45.21 -28.28
C VAL I 18 6.68 43.95 -27.42
N LYS I 19 5.55 43.24 -27.40
CA LYS I 19 5.38 42.03 -26.60
C LYS I 19 4.95 40.91 -27.55
N ILE I 20 5.89 40.03 -27.89
CA ILE I 20 5.62 38.92 -28.80
C ILE I 20 5.27 37.69 -28.00
N SER I 21 4.11 37.11 -28.27
CA SER I 21 3.68 35.88 -27.62
C SER I 21 4.22 34.67 -28.37
N CYS I 22 4.23 33.53 -27.69
CA CYS I 22 4.70 32.29 -28.30
C CYS I 22 3.94 31.09 -27.73
N SER I 23 2.90 30.67 -28.44
CA SER I 23 2.09 29.55 -27.95
C SER I 23 2.76 28.23 -28.25
N ALA I 24 2.97 27.43 -27.20
CA ALA I 24 3.60 26.12 -27.30
C ALA I 24 2.63 25.06 -26.83
N TRP I 25 2.50 23.99 -27.61
CA TRP I 25 1.59 22.90 -27.29
C TRP I 25 2.12 21.58 -27.82
N GLY I 26 1.86 20.51 -27.08
CA GLY I 26 2.25 19.17 -27.52
C GLY I 26 3.43 18.60 -26.76
N PHE I 27 3.84 19.26 -25.68
CA PHE I 27 5.00 18.80 -24.93
C PHE I 27 4.74 17.44 -24.27
N GLY I 28 3.65 17.33 -23.53
CA GLY I 28 3.37 16.16 -22.73
C GLY I 28 3.26 16.49 -21.26
N THR I 29 2.78 15.50 -20.50
CA THR I 29 2.48 15.69 -19.09
C THR I 29 3.52 15.09 -18.15
N THR I 30 4.13 13.96 -18.52
CA THR I 30 5.06 13.28 -17.64
C THR I 30 6.28 14.15 -17.37
N SER I 31 6.82 14.03 -16.16
CA SER I 31 8.00 14.80 -15.77
C SER I 31 9.16 14.53 -16.71
N GLY I 32 9.84 15.60 -17.13
CA GLY I 32 10.86 15.52 -18.15
C GLY I 32 10.34 15.69 -19.55
N TYR I 33 9.03 15.57 -19.75
CA TYR I 33 8.40 15.76 -21.05
C TYR I 33 7.37 16.89 -21.02
N SER I 34 7.41 17.72 -19.99
CA SER I 34 6.43 18.78 -19.80
C SER I 34 7.02 20.14 -20.12
N PHE I 35 6.13 21.13 -20.27
CA PHE I 35 6.57 22.48 -20.58
C PHE I 35 7.40 23.11 -19.47
N ARG I 36 7.26 22.61 -18.24
CA ARG I 36 8.01 23.14 -17.09
C ARG I 36 9.44 22.59 -17.03
N ASP I 37 9.95 22.02 -18.11
CA ASP I 37 11.32 21.51 -18.13
C ASP I 37 12.14 21.99 -19.32
N TYR I 38 11.52 22.48 -20.38
CA TYR I 38 12.21 22.82 -21.61
C TYR I 38 12.22 24.35 -21.78
N ARG I 39 13.42 24.92 -21.79
CA ARG I 39 13.57 26.37 -21.90
C ARG I 39 13.09 26.86 -23.26
N VAL I 40 12.62 28.10 -23.29
CA VAL I 40 12.15 28.74 -24.50
C VAL I 40 13.13 29.87 -24.82
N HIS I 41 14.13 29.59 -25.65
CA HIS I 41 15.04 30.62 -26.09
C HIS I 41 14.34 31.61 -27.00
N TRP I 42 14.92 32.80 -27.12
CA TRP I 42 14.42 33.85 -27.99
C TRP I 42 15.56 34.31 -28.87
N VAL I 43 15.47 34.05 -30.17
CA VAL I 43 16.56 34.29 -31.12
C VAL I 43 16.12 35.37 -32.10
N ARG I 44 16.97 36.38 -32.27
CA ARG I 44 16.70 37.49 -33.19
C ARG I 44 17.51 37.30 -34.45
N HIS I 45 16.86 37.46 -35.61
CA HIS I 45 17.49 37.32 -36.92
C HIS I 45 17.43 38.65 -37.64
N ILE I 46 18.47 39.46 -37.49
CA ILE I 46 18.59 40.71 -38.22
C ILE I 46 19.07 40.41 -39.63
N ALA I 47 18.36 40.94 -40.63
CA ALA I 47 18.70 40.69 -42.02
C ALA I 47 20.07 41.27 -42.36
N GLY I 48 21.05 40.40 -42.61
CA GLY I 48 22.40 40.79 -42.96
C GLY I 48 23.43 40.45 -41.91
N GLN I 49 23.06 40.52 -40.63
CA GLN I 49 23.98 40.25 -39.53
C GLN I 49 23.83 38.86 -38.96
N GLY I 50 23.02 38.00 -39.57
CA GLY I 50 22.85 36.65 -39.07
C GLY I 50 21.97 36.61 -37.84
N PHE I 51 21.89 35.40 -37.28
CA PHE I 51 21.05 35.17 -36.11
C PHE I 51 21.75 35.69 -34.84
N GLN I 52 20.93 36.05 -33.85
CA GLN I 52 21.43 36.57 -32.59
C GLN I 52 20.62 35.99 -31.45
N TRP I 53 21.29 35.61 -30.37
CA TRP I 53 20.63 35.04 -29.21
C TRP I 53 20.33 36.13 -28.20
N MET I 54 19.09 36.20 -27.74
CA MET I 54 18.61 37.26 -26.87
C MET I 54 18.40 36.80 -25.44
N GLY I 55 17.94 35.57 -25.23
CA GLY I 55 17.76 35.05 -23.89
C GLY I 55 16.88 33.83 -23.92
N HIS I 56 16.87 33.10 -22.80
CA HIS I 56 16.04 31.93 -22.65
C HIS I 56 15.30 31.97 -21.31
N MET I 57 14.12 31.38 -21.30
CA MET I 57 13.22 31.38 -20.14
C MET I 57 12.84 29.95 -19.81
N GLN I 58 13.15 29.52 -18.59
CA GLN I 58 12.83 28.17 -18.16
C GLN I 58 11.46 28.16 -17.50
N PRO I 59 10.45 27.50 -18.08
CA PRO I 59 9.06 27.73 -17.69
C PRO I 59 8.62 27.11 -16.37
N ARG I 60 9.50 26.45 -15.62
CA ARG I 60 9.09 25.90 -14.32
C ARG I 60 8.84 27.02 -13.32
N TYR I 61 9.88 27.79 -13.01
CA TYR I 61 9.78 28.92 -12.10
C TYR I 61 9.90 30.27 -12.80
N GLY I 62 9.96 30.29 -14.12
CA GLY I 62 10.14 31.53 -14.84
C GLY I 62 11.55 32.07 -14.83
N ALA I 63 12.53 31.26 -14.45
CA ALA I 63 13.91 31.72 -14.41
C ALA I 63 14.37 32.12 -15.79
N VAL I 64 14.66 33.41 -15.96
CA VAL I 64 15.08 33.96 -17.24
C VAL I 64 16.58 34.17 -17.21
N ASN I 65 17.15 34.38 -18.39
CA ASN I 65 18.58 34.66 -18.51
C ASN I 65 18.78 35.43 -19.82
N TYR I 66 18.92 36.75 -19.71
CA TYR I 66 19.03 37.60 -20.89
C TYR I 66 20.48 37.74 -21.34
N ALA I 67 20.65 38.08 -22.61
CA ALA I 67 21.96 38.39 -23.15
C ALA I 67 22.45 39.74 -22.64
N ARG I 68 23.76 39.93 -22.68
CA ARG I 68 24.36 41.13 -22.09
C ARG I 68 23.91 42.40 -22.80
N GLN I 69 23.78 42.36 -24.13
CA GLN I 69 23.42 43.55 -24.89
C GLN I 69 22.00 44.03 -24.59
N PHE I 70 21.16 43.17 -24.03
CA PHE I 70 19.74 43.49 -23.84
C PHE I 70 19.34 43.62 -22.37
N GLN I 71 20.28 43.50 -21.43
CA GLN I 71 19.92 43.57 -20.01
C GLN I 71 19.33 44.94 -19.69
N GLY I 72 18.23 44.92 -18.93
CA GLY I 72 17.55 46.13 -18.52
C GLY I 72 16.42 46.57 -19.44
N ARG I 73 16.29 45.94 -20.61
CA ARG I 73 15.25 46.33 -21.56
C ARG I 73 14.45 45.16 -22.11
N ILE I 74 14.71 43.92 -21.67
CA ILE I 74 13.97 42.76 -22.13
C ILE I 74 13.43 42.00 -20.93
N THR I 75 12.19 41.53 -21.04
CA THR I 75 11.54 40.79 -19.96
C THR I 75 10.78 39.63 -20.57
N MET I 76 10.91 38.45 -19.96
CA MET I 76 10.24 37.24 -20.41
C MET I 76 9.32 36.72 -19.31
N THR I 77 8.09 36.37 -19.68
CA THR I 77 7.11 35.81 -18.76
C THR I 77 6.49 34.57 -19.40
N ARG I 78 5.83 33.77 -18.58
CA ARG I 78 5.27 32.50 -19.03
C ARG I 78 3.79 32.45 -18.66
N GLU I 79 3.06 31.53 -19.30
CA GLU I 79 1.68 31.24 -18.94
C GLU I 79 1.45 29.73 -18.97
N VAL I 80 2.36 28.97 -18.35
CA VAL I 80 2.28 27.51 -18.37
C VAL I 80 0.88 27.05 -17.94
N SER I 81 0.34 26.10 -18.68
CA SER I 81 -1.05 25.68 -18.51
C SER I 81 -1.18 24.71 -17.34
N PHE I 82 -2.37 24.15 -17.18
CA PHE I 82 -2.64 23.25 -16.06
C PHE I 82 -1.96 21.90 -16.27
N ASP I 83 -2.22 21.26 -17.42
CA ASP I 83 -1.64 19.95 -17.69
C ASP I 83 -0.13 20.00 -17.94
N ALA I 84 0.44 21.19 -18.10
CA ALA I 84 1.88 21.39 -18.32
C ALA I 84 2.36 20.76 -19.62
N SER I 85 1.43 20.39 -20.51
CA SER I 85 1.79 19.95 -21.85
C SER I 85 1.82 21.10 -22.84
N GLY I 86 1.40 22.29 -22.43
CA GLY I 86 1.44 23.45 -23.28
C GLY I 86 1.76 24.70 -22.50
N GLY I 87 1.56 25.87 -23.11
CA GLY I 87 1.83 27.12 -22.45
C GLY I 87 2.06 28.22 -23.46
N THR I 88 2.31 29.42 -22.93
CA THR I 88 2.59 30.60 -23.73
C THR I 88 3.80 31.32 -23.17
N ALA I 89 4.68 31.77 -24.06
CA ALA I 89 5.90 32.47 -23.70
C ALA I 89 5.86 33.88 -24.28
N TYR I 90 6.14 34.87 -23.43
CA TYR I 90 6.13 36.27 -23.83
C TYR I 90 7.53 36.86 -23.73
N MET I 91 7.78 37.87 -24.56
CA MET I 91 9.01 38.65 -24.49
C MET I 91 8.68 40.10 -24.76
N GLU I 92 9.12 40.99 -23.87
CA GLU I 92 8.88 42.42 -24.00
C GLU I 92 10.21 43.14 -24.15
N LEU I 93 10.34 43.89 -25.24
CA LEU I 93 11.52 44.71 -25.50
C LEU I 93 11.08 46.16 -25.38
N ARG I 94 11.44 46.79 -24.25
CA ARG I 94 10.83 48.04 -23.82
C ARG I 94 11.53 49.28 -24.37
N SER I 95 12.67 49.13 -25.05
CA SER I 95 13.47 50.25 -25.53
C SER I 95 13.75 50.10 -27.02
N LEU I 96 12.69 49.85 -27.79
CA LEU I 96 12.84 49.60 -29.22
C LEU I 96 13.56 50.75 -29.92
N ARG I 97 14.51 50.40 -30.78
CA ARG I 97 15.27 51.34 -31.57
C ARG I 97 15.24 50.91 -33.03
N SER I 98 15.76 51.79 -33.90
CA SER I 98 15.71 51.53 -35.33
C SER I 98 16.51 50.29 -35.71
N ASP I 99 17.52 49.92 -34.92
CA ASP I 99 18.34 48.75 -35.21
C ASP I 99 17.78 47.47 -34.63
N ASP I 100 16.61 47.51 -34.00
CA ASP I 100 15.96 46.32 -33.45
C ASP I 100 14.97 45.70 -34.42
N THR I 101 14.84 46.22 -35.63
CA THR I 101 13.94 45.64 -36.61
C THR I 101 14.53 44.33 -37.14
N ALA I 102 13.78 43.25 -36.98
CA ALA I 102 14.23 41.90 -37.35
C ALA I 102 13.05 40.95 -37.22
N VAL I 103 13.32 39.67 -37.41
CA VAL I 103 12.35 38.60 -37.22
C VAL I 103 12.74 37.86 -35.95
N TYR I 104 11.83 37.81 -34.98
CA TYR I 104 12.09 37.23 -33.68
C TYR I 104 11.51 35.82 -33.62
N TYR I 105 12.35 34.85 -33.24
CA TYR I 105 11.97 33.45 -33.16
C TYR I 105 12.02 32.97 -31.72
N CYS I 106 10.98 32.25 -31.30
CA CYS I 106 11.00 31.51 -30.04
C CYS I 106 11.24 30.04 -30.35
N VAL I 107 12.19 29.44 -29.65
CA VAL I 107 12.61 28.07 -29.94
C VAL I 107 12.66 27.26 -28.66
N THR I 108 12.54 25.95 -28.80
CA THR I 108 12.63 24.98 -27.71
C THR I 108 13.74 24.00 -28.09
N HIS I 109 13.93 22.95 -27.28
CA HIS I 109 14.98 21.96 -27.54
C HIS I 109 14.46 20.54 -27.43
N LYS I 110 13.30 20.26 -28.03
CA LYS I 110 12.75 18.91 -28.08
C LYS I 110 12.77 18.42 -29.52
N LEU I 111 13.82 17.66 -29.88
CA LEU I 111 13.90 17.12 -31.23
C LEU I 111 12.83 16.06 -31.49
N TYR I 112 12.69 15.10 -30.58
CA TYR I 112 12.01 13.85 -30.88
C TYR I 112 10.80 13.67 -29.98
N ASP I 113 9.85 12.86 -30.45
CA ASP I 113 8.58 12.66 -29.77
C ASP I 113 8.70 11.73 -28.56
N GLY I 114 9.85 11.11 -28.34
CA GLY I 114 9.98 10.17 -27.25
C GLY I 114 11.29 10.23 -26.49
N GLU I 115 11.97 11.37 -26.54
CA GLU I 115 13.26 11.55 -25.89
C GLU I 115 13.17 12.65 -24.85
N ASP I 116 13.87 12.45 -23.72
CA ASP I 116 13.95 13.44 -22.65
C ASP I 116 15.16 14.33 -22.93
N ALA I 117 14.92 15.48 -23.56
CA ALA I 117 15.98 16.44 -23.88
C ALA I 117 15.96 17.63 -22.92
N SER I 118 15.63 17.38 -21.65
CA SER I 118 15.55 18.47 -20.68
C SER I 118 16.91 19.12 -20.44
N ASP I 119 17.96 18.30 -20.34
CA ASP I 119 19.28 18.80 -19.98
C ASP I 119 20.10 19.20 -21.19
N LEU I 120 19.59 19.01 -22.41
CA LEU I 120 20.25 19.43 -23.63
C LEU I 120 19.42 20.58 -24.22
N THR I 121 19.75 21.80 -23.81
CA THR I 121 18.92 22.96 -24.09
C THR I 121 19.29 23.70 -25.36
N TRP I 122 20.28 23.22 -26.12
CA TRP I 122 20.78 23.96 -27.27
C TRP I 122 20.57 23.24 -28.59
N ARG I 123 19.67 22.24 -28.63
CA ARG I 123 19.25 21.59 -29.86
C ARG I 123 17.92 22.21 -30.30
N LEU I 124 18.03 23.37 -30.96
CA LEU I 124 16.88 24.25 -31.20
C LEU I 124 16.12 23.79 -32.44
N ASP I 125 15.33 22.74 -32.28
CA ASP I 125 14.49 22.24 -33.37
C ASP I 125 13.20 23.05 -33.55
N PRO I 126 12.35 23.19 -32.50
CA PRO I 126 11.02 23.79 -32.77
C PRO I 126 11.03 25.31 -32.86
N TRP I 127 11.45 25.81 -34.01
CA TRP I 127 11.44 27.25 -34.25
C TRP I 127 10.01 27.74 -34.49
N GLY I 128 9.74 28.94 -34.02
CA GLY I 128 8.46 29.57 -34.30
C GLY I 128 8.39 30.12 -35.71
N GLN I 129 7.20 30.58 -36.09
CA GLN I 129 7.02 31.13 -37.43
C GLN I 129 7.91 32.34 -37.65
N GLY I 130 8.01 33.21 -36.65
CA GLY I 130 8.78 34.43 -36.77
C GLY I 130 7.91 35.66 -36.80
N THR I 131 8.14 36.57 -35.85
CA THR I 131 7.37 37.81 -35.76
C THR I 131 8.26 38.94 -36.27
N ARG I 132 7.91 39.49 -37.43
CA ARG I 132 8.70 40.53 -38.07
C ARG I 132 8.36 41.87 -37.41
N VAL I 133 9.20 42.28 -36.46
CA VAL I 133 9.02 43.56 -35.80
C VAL I 133 9.74 44.63 -36.62
N ILE I 134 9.02 45.68 -36.99
CA ILE I 134 9.57 46.80 -37.75
C ILE I 134 9.50 48.04 -36.87
N VAL I 135 10.66 48.60 -36.54
CA VAL I 135 10.74 49.79 -35.71
C VAL I 135 11.29 50.92 -36.57
N SER I 136 10.41 51.86 -36.93
CA SER I 136 10.81 52.99 -37.76
C SER I 136 9.83 54.12 -37.53
N SER I 137 10.24 55.32 -37.96
CA SER I 137 9.41 56.50 -37.81
C SER I 137 8.72 56.86 -39.12
N GLY J 1 -33.24 -29.60 -27.95
CA GLY J 1 -34.46 -30.36 -28.13
C GLY J 1 -34.42 -31.72 -27.45
N VAL J 2 -34.91 -31.77 -26.21
CA VAL J 2 -34.95 -33.00 -25.43
C VAL J 2 -36.40 -33.27 -25.05
N HIS J 3 -36.87 -34.49 -25.35
CA HIS J 3 -38.24 -34.90 -25.03
C HIS J 3 -38.16 -35.79 -23.79
N LEU J 4 -38.13 -35.16 -22.61
CA LEU J 4 -38.13 -35.91 -21.38
C LEU J 4 -39.47 -36.62 -21.19
N THR J 5 -39.41 -37.91 -20.86
CA THR J 5 -40.61 -38.72 -20.66
C THR J 5 -40.46 -39.51 -19.37
N GLN J 6 -41.38 -39.30 -18.43
CA GLN J 6 -41.34 -39.95 -17.13
C GLN J 6 -42.51 -40.92 -17.00
N SER J 7 -42.21 -42.14 -16.59
CA SER J 7 -43.20 -43.19 -16.37
C SER J 7 -42.87 -43.93 -15.09
N PRO J 8 -43.89 -44.47 -14.40
CA PRO J 8 -45.31 -44.40 -14.71
C PRO J 8 -45.98 -43.12 -14.20
N ALA J 9 -47.23 -42.90 -14.60
CA ALA J 9 -47.97 -41.72 -14.14
C ALA J 9 -48.16 -41.75 -12.63
N SER J 10 -48.51 -42.90 -12.08
CA SER J 10 -48.74 -43.04 -10.65
C SER J 10 -48.10 -44.34 -10.16
N LEU J 11 -47.74 -44.37 -8.88
CA LEU J 11 -47.09 -45.54 -8.28
C LEU J 11 -47.59 -45.67 -6.84
N SER J 12 -48.58 -46.53 -6.63
CA SER J 12 -49.07 -46.82 -5.30
C SER J 12 -48.16 -47.83 -4.61
N ALA J 13 -47.90 -47.61 -3.33
CA ALA J 13 -47.01 -48.49 -2.57
C ALA J 13 -47.34 -48.38 -1.10
N SER J 14 -46.77 -49.31 -0.33
CA SER J 14 -46.94 -49.35 1.11
C SER J 14 -45.76 -48.71 1.82
N VAL J 15 -45.92 -48.47 3.12
CA VAL J 15 -44.87 -47.83 3.91
C VAL J 15 -43.70 -48.79 4.06
N GLY J 16 -42.50 -48.29 3.75
CA GLY J 16 -41.29 -49.09 3.83
C GLY J 16 -40.89 -49.76 2.53
N ASP J 17 -41.82 -49.91 1.59
CA ASP J 17 -41.49 -50.48 0.29
C ASP J 17 -40.73 -49.48 -0.57
N ARG J 18 -39.80 -49.99 -1.37
CA ARG J 18 -39.03 -49.15 -2.26
C ARG J 18 -39.75 -49.03 -3.61
N VAL J 19 -39.64 -47.85 -4.21
CA VAL J 19 -40.30 -47.57 -5.48
C VAL J 19 -39.26 -47.07 -6.48
N THR J 20 -39.55 -47.30 -7.76
CA THR J 20 -38.66 -46.89 -8.84
C THR J 20 -39.49 -46.38 -10.01
N PHE J 21 -38.99 -45.32 -10.65
CA PHE J 21 -39.62 -44.77 -11.84
C PHE J 21 -38.57 -44.00 -12.63
N THR J 22 -38.72 -44.02 -13.95
CA THR J 22 -37.68 -43.57 -14.86
C THR J 22 -38.13 -42.35 -15.64
N CYS J 23 -37.15 -41.52 -16.01
CA CYS J 23 -37.35 -40.35 -16.86
C CYS J 23 -36.53 -40.56 -18.12
N GLN J 24 -37.14 -41.18 -19.12
CA GLN J 24 -36.46 -41.47 -20.38
C GLN J 24 -36.35 -40.22 -21.23
N ALA J 25 -35.14 -39.92 -21.70
CA ALA J 25 -34.88 -38.79 -22.57
C ALA J 25 -34.84 -39.26 -24.03
N SER J 26 -34.56 -38.34 -24.94
CA SER J 26 -34.47 -38.64 -26.36
C SER J 26 -33.04 -38.70 -26.88
N GLN J 27 -32.18 -37.79 -26.43
CA GLN J 27 -30.78 -37.77 -26.82
C GLN J 27 -29.90 -37.88 -25.58
N ASP J 28 -28.59 -37.84 -25.80
CA ASP J 28 -27.63 -37.99 -24.71
C ASP J 28 -27.56 -36.68 -23.92
N ILE J 29 -27.90 -36.74 -22.64
CA ILE J 29 -27.82 -35.59 -21.75
C ILE J 29 -26.82 -35.84 -20.62
N THR J 30 -25.94 -36.83 -20.79
CA THR J 30 -24.92 -37.19 -19.82
C THR J 30 -25.53 -37.45 -18.45
N ASN J 31 -25.24 -36.57 -17.48
CA ASN J 31 -25.79 -36.66 -16.14
C ASN J 31 -26.25 -35.28 -15.67
N ALA J 32 -26.89 -34.53 -16.57
CA ALA J 32 -27.34 -33.17 -16.28
C ALA J 32 -28.83 -33.12 -16.00
N ILE J 33 -29.36 -34.11 -15.31
CA ILE J 33 -30.77 -34.20 -14.97
C ILE J 33 -30.95 -33.94 -13.48
N ASN J 34 -32.06 -33.32 -13.11
CA ASN J 34 -32.36 -33.02 -11.72
C ASN J 34 -33.75 -33.56 -11.37
N TRP J 35 -33.92 -33.96 -10.12
CA TRP J 35 -35.17 -34.56 -9.65
C TRP J 35 -35.80 -33.64 -8.61
N TYR J 36 -37.13 -33.51 -8.68
CA TYR J 36 -37.86 -32.58 -7.83
C TYR J 36 -39.00 -33.32 -7.13
N GLN J 37 -39.48 -32.72 -6.04
CA GLN J 37 -40.61 -33.25 -5.28
C GLN J 37 -41.65 -32.16 -5.14
N LEU J 38 -42.87 -32.45 -5.59
CA LEU J 38 -43.97 -31.49 -5.58
C LEU J 38 -45.05 -32.02 -4.63
N ARG J 39 -44.96 -31.62 -3.37
CA ARG J 39 -46.02 -31.98 -2.43
C ARG J 39 -47.30 -31.22 -2.78
N PRO J 40 -48.47 -31.81 -2.51
CA PRO J 40 -49.73 -31.15 -2.86
C PRO J 40 -49.88 -29.82 -2.13
N GLY J 41 -49.98 -28.75 -2.92
CA GLY J 41 -50.15 -27.41 -2.37
C GLY J 41 -48.86 -26.70 -2.02
N LYS J 42 -47.71 -27.33 -2.21
CA LYS J 42 -46.42 -26.74 -1.87
C LYS J 42 -45.57 -26.56 -3.13
N THR J 43 -44.54 -25.73 -2.99
CA THR J 43 -43.64 -25.47 -4.11
C THR J 43 -42.74 -26.68 -4.36
N PRO J 44 -42.28 -26.85 -5.60
CA PRO J 44 -41.34 -27.95 -5.89
C PRO J 44 -40.07 -27.83 -5.08
N LYS J 45 -39.56 -28.97 -4.64
CA LYS J 45 -38.33 -29.05 -3.86
C LYS J 45 -37.38 -30.03 -4.52
N LEU J 46 -36.12 -29.64 -4.67
CA LEU J 46 -35.15 -30.48 -5.36
C LEU J 46 -34.85 -31.74 -4.56
N MET J 47 -34.82 -32.88 -5.25
CA MET J 47 -34.50 -34.16 -4.62
C MET J 47 -33.08 -34.60 -4.96
N ILE J 48 -32.78 -34.70 -6.26
CA ILE J 48 -31.47 -35.12 -6.74
C ILE J 48 -31.06 -34.16 -7.85
N HIS J 49 -29.83 -33.66 -7.78
CA HIS J 49 -29.28 -32.78 -8.80
C HIS J 49 -28.04 -33.42 -9.41
N ASP J 50 -27.77 -33.08 -10.67
CA ASP J 50 -26.66 -33.65 -11.44
C ASP J 50 -26.74 -35.16 -11.54
N GLY J 51 -27.95 -35.70 -11.57
CA GLY J 51 -28.16 -37.14 -11.76
C GLY J 51 -28.01 -38.04 -10.57
N SER J 52 -26.93 -37.90 -9.80
CA SER J 52 -26.64 -38.81 -8.71
C SER J 52 -26.41 -38.09 -7.39
N THR J 53 -25.97 -36.84 -7.46
CA THR J 53 -25.65 -36.09 -6.25
C THR J 53 -26.91 -35.85 -5.42
N LEU J 54 -26.76 -35.95 -4.11
CA LEU J 54 -27.87 -35.87 -3.18
C LEU J 54 -27.94 -34.49 -2.52
N ARG J 55 -29.16 -34.00 -2.31
CA ARG J 55 -29.35 -32.77 -1.57
C ARG J 55 -28.96 -32.96 -0.12
N ARG J 56 -28.38 -31.92 0.47
CA ARG J 56 -27.80 -32.05 1.81
C ARG J 56 -28.88 -32.33 2.86
N GLY J 57 -29.99 -31.59 2.82
CA GLY J 57 -30.97 -31.68 3.88
C GLY J 57 -31.67 -33.03 3.95
N VAL J 58 -32.08 -33.57 2.80
CA VAL J 58 -32.87 -34.80 2.76
C VAL J 58 -32.02 -36.01 3.12
N PRO J 59 -32.61 -37.04 3.70
CA PRO J 59 -31.83 -38.25 4.04
C PRO J 59 -31.32 -38.96 2.79
N SER J 60 -30.51 -39.99 3.04
CA SER J 60 -29.88 -40.77 1.98
C SER J 60 -30.78 -41.84 1.39
N ARG J 61 -32.01 -41.99 1.91
CA ARG J 61 -32.93 -42.97 1.36
C ARG J 61 -33.30 -42.65 -0.08
N PHE J 62 -33.29 -41.37 -0.46
CA PHE J 62 -33.58 -40.97 -1.83
C PHE J 62 -32.31 -41.14 -2.67
N ALA J 63 -32.36 -42.04 -3.65
CA ALA J 63 -31.21 -42.33 -4.49
C ALA J 63 -31.62 -42.26 -5.95
N GLY J 64 -30.81 -41.57 -6.75
CA GLY J 64 -31.06 -41.47 -8.18
C GLY J 64 -29.84 -41.85 -8.99
N SER J 65 -30.02 -42.75 -9.96
CA SER J 65 -28.93 -43.24 -10.77
C SER J 65 -29.34 -43.28 -12.23
N GLY J 66 -28.36 -43.21 -13.11
CA GLY J 66 -28.59 -43.26 -14.54
C GLY J 66 -27.56 -42.43 -15.28
N PHE J 67 -27.33 -42.82 -16.54
CA PHE J 67 -26.38 -42.11 -17.40
C PHE J 67 -26.80 -42.33 -18.84
N GLY J 68 -26.68 -41.28 -19.65
CA GLY J 68 -27.07 -41.36 -21.04
C GLY J 68 -28.47 -40.83 -21.30
N THR J 69 -29.42 -41.73 -21.52
CA THR J 69 -30.79 -41.36 -21.84
C THR J 69 -31.80 -41.78 -20.77
N LYS J 70 -31.61 -42.94 -20.16
CA LYS J 70 -32.54 -43.47 -19.17
C LYS J 70 -31.98 -43.24 -17.77
N PHE J 71 -32.78 -42.59 -16.92
CA PHE J 71 -32.38 -42.29 -15.55
C PHE J 71 -33.41 -42.86 -14.59
N THR J 72 -32.95 -43.26 -13.41
CA THR J 72 -33.77 -43.97 -12.44
C THR J 72 -33.79 -43.22 -11.12
N PHE J 73 -34.98 -43.07 -10.54
CA PHE J 73 -35.16 -42.50 -9.22
C PHE J 73 -35.72 -43.57 -8.29
N THR J 74 -35.05 -43.77 -7.16
CA THR J 74 -35.41 -44.81 -6.20
C THR J 74 -35.67 -44.18 -4.84
N ILE J 75 -36.73 -44.62 -4.19
CA ILE J 75 -37.09 -44.15 -2.85
C ILE J 75 -37.20 -45.39 -1.95
N ASP J 76 -36.11 -45.73 -1.29
CA ASP J 76 -36.11 -46.85 -0.36
C ASP J 76 -36.67 -46.44 0.99
N ASN J 77 -37.35 -47.39 1.65
CA ASN J 77 -37.94 -47.20 2.97
C ASN J 77 -38.94 -46.04 2.94
N LEU J 78 -40.01 -46.25 2.18
CA LEU J 78 -41.03 -45.22 2.02
C LEU J 78 -41.70 -44.91 3.35
N GLN J 79 -42.01 -43.63 3.54
CA GLN J 79 -42.66 -43.11 4.74
C GLN J 79 -43.82 -42.22 4.32
N PRO J 80 -44.79 -42.00 5.22
CA PRO J 80 -45.96 -41.18 4.84
C PRO J 80 -45.63 -39.74 4.48
N GLU J 81 -44.38 -39.29 4.62
CA GLU J 81 -44.01 -37.94 4.22
C GLU J 81 -43.53 -37.86 2.77
N ASP J 82 -43.30 -39.00 2.12
CA ASP J 82 -42.83 -39.01 0.74
C ASP J 82 -43.97 -39.01 -0.27
N LEU J 83 -45.22 -39.03 0.18
CA LEU J 83 -46.37 -39.02 -0.73
C LEU J 83 -46.46 -37.66 -1.38
N ALA J 84 -46.01 -37.56 -2.63
CA ALA J 84 -45.98 -36.32 -3.37
C ALA J 84 -45.84 -36.66 -4.86
N THR J 85 -45.68 -35.63 -5.68
CA THR J 85 -45.49 -35.79 -7.11
C THR J 85 -44.06 -35.42 -7.46
N TYR J 86 -43.39 -36.29 -8.22
CA TYR J 86 -42.00 -36.08 -8.61
C TYR J 86 -41.90 -35.90 -10.12
N PHE J 87 -40.89 -35.14 -10.54
CA PHE J 87 -40.64 -34.93 -11.96
C PHE J 87 -39.17 -34.62 -12.16
N CYS J 88 -38.65 -35.05 -13.31
CA CYS J 88 -37.27 -34.78 -13.69
C CYS J 88 -37.16 -33.38 -14.30
N GLN J 89 -35.92 -32.97 -14.58
CA GLN J 89 -35.71 -31.68 -15.24
C GLN J 89 -34.30 -31.67 -15.85
N HIS J 90 -34.23 -31.54 -17.16
CA HIS J 90 -32.96 -31.37 -17.87
C HIS J 90 -32.98 -29.97 -18.49
N TYR J 91 -32.23 -29.05 -17.89
CA TYR J 91 -32.13 -27.67 -18.33
C TYR J 91 -33.53 -27.07 -18.35
N GLU J 92 -34.04 -26.61 -19.49
CA GLU J 92 -35.34 -25.97 -19.57
C GLU J 92 -36.47 -26.94 -19.91
N PHE J 93 -36.18 -28.24 -19.98
CA PHE J 93 -37.15 -29.23 -20.40
C PHE J 93 -37.70 -30.01 -19.21
N PHE J 94 -39.01 -30.18 -19.18
CA PHE J 94 -39.70 -30.90 -18.12
C PHE J 94 -40.54 -32.02 -18.70
N PRO J 95 -40.78 -33.09 -17.93
CA PRO J 95 -41.63 -34.16 -18.43
C PRO J 95 -43.08 -33.70 -18.49
N PRO J 96 -43.87 -34.27 -19.40
CA PRO J 96 -45.27 -33.82 -19.53
C PRO J 96 -46.11 -34.07 -18.30
N VAL J 97 -45.87 -35.16 -17.56
CA VAL J 97 -46.78 -35.55 -16.48
C VAL J 97 -46.05 -35.70 -15.14
N GLY J 98 -44.97 -36.49 -15.11
CA GLY J 98 -44.33 -36.81 -13.86
C GLY J 98 -44.97 -38.00 -13.16
N THR J 99 -44.36 -38.40 -12.05
CA THR J 99 -44.80 -39.54 -11.27
C THR J 99 -45.38 -39.08 -9.94
N GLN J 100 -46.55 -39.61 -9.59
CA GLN J 100 -47.23 -39.30 -8.33
C GLN J 100 -47.23 -40.56 -7.46
N VAL J 101 -46.50 -40.51 -6.35
CA VAL J 101 -46.42 -41.63 -5.43
C VAL J 101 -47.60 -41.57 -4.46
N GLU J 102 -48.31 -42.68 -4.32
CA GLU J 102 -49.48 -42.76 -3.46
C GLU J 102 -49.33 -43.94 -2.50
N LEU J 103 -50.15 -43.93 -1.46
CA LEU J 103 -50.14 -44.98 -0.45
C LEU J 103 -51.06 -46.12 -0.85
N ASN J 104 -50.60 -47.34 -0.63
CA ASN J 104 -51.39 -48.53 -0.95
C ASN J 104 -52.59 -48.65 -0.02
N GLY K 1 -1.45 -1.14 52.68
CA GLY K 1 -1.24 -0.57 53.99
C GLY K 1 0.21 -0.58 54.42
N VAL K 2 0.91 0.52 54.13
CA VAL K 2 2.32 0.68 54.48
C VAL K 2 2.46 1.89 55.37
N HIS K 3 3.10 1.71 56.52
CA HIS K 3 3.34 2.80 57.47
C HIS K 3 4.78 3.24 57.32
N LEU K 4 5.03 4.12 56.35
CA LEU K 4 6.36 4.67 56.15
C LEU K 4 6.74 5.56 57.34
N THR K 5 7.93 5.35 57.88
CA THR K 5 8.42 6.12 59.02
C THR K 5 9.85 6.57 58.72
N GLN K 6 10.07 7.88 58.74
CA GLN K 6 11.37 8.46 58.42
C GLN K 6 11.94 9.13 59.67
N SER K 7 13.19 8.81 59.98
CA SER K 7 13.90 9.36 61.12
C SER K 7 15.32 9.69 60.69
N PRO K 8 15.95 10.71 61.31
CA PRO K 8 15.40 11.60 62.34
C PRO K 8 14.61 12.77 61.76
N ALA K 9 13.93 13.51 62.63
CA ALA K 9 13.16 14.66 62.19
C ALA K 9 14.06 15.73 61.57
N SER K 10 15.21 16.00 62.19
CA SER K 10 16.15 16.99 61.70
C SER K 10 17.57 16.45 61.80
N LEU K 11 18.45 16.95 60.94
CA LEU K 11 19.84 16.51 60.89
C LEU K 11 20.72 17.71 60.57
N SER K 12 21.30 18.33 61.60
CA SER K 12 22.23 19.42 61.41
C SER K 12 23.62 18.88 61.07
N ALA K 13 24.29 19.53 60.13
CA ALA K 13 25.60 19.08 59.69
C ALA K 13 26.36 20.25 59.09
N SER K 14 27.65 20.03 58.87
CA SER K 14 28.54 21.03 58.29
C SER K 14 28.72 20.77 56.80
N VAL K 15 29.30 21.75 56.12
CA VAL K 15 29.51 21.64 54.68
C VAL K 15 30.59 20.60 54.40
N GLY K 16 30.28 19.66 53.51
CA GLY K 16 31.18 18.58 53.15
C GLY K 16 30.98 17.30 53.94
N ASP K 17 30.32 17.37 55.09
CA ASP K 17 30.03 16.18 55.87
C ASP K 17 28.90 15.38 55.23
N ARG K 18 29.00 14.05 55.33
CA ARG K 18 27.97 13.18 54.80
C ARG K 18 26.90 12.92 55.86
N VAL K 19 25.65 12.82 55.42
CA VAL K 19 24.52 12.62 56.32
C VAL K 19 23.76 11.38 55.87
N THR K 20 23.08 10.75 56.83
CA THR K 20 22.30 9.55 56.57
C THR K 20 21.02 9.59 57.39
N PHE K 21 19.93 9.15 56.78
CA PHE K 21 18.64 9.04 57.46
C PHE K 21 17.80 8.00 56.74
N THR K 22 16.97 7.29 57.51
CA THR K 22 16.29 6.11 57.03
C THR K 22 14.78 6.31 57.00
N CYS K 23 14.13 5.60 56.09
CA CYS K 23 12.67 5.57 55.96
C CYS K 23 12.23 4.13 56.19
N GLN K 24 11.96 3.79 57.45
CA GLN K 24 11.55 2.44 57.82
C GLN K 24 10.10 2.20 57.44
N ALA K 25 9.85 1.11 56.73
CA ALA K 25 8.51 0.71 56.35
C ALA K 25 7.99 -0.35 57.34
N SER K 26 6.79 -0.84 57.07
CA SER K 26 6.16 -1.86 57.91
C SER K 26 6.18 -3.25 57.29
N GLN K 27 5.94 -3.35 55.98
CA GLN K 27 5.98 -4.62 55.27
C GLN K 27 7.01 -4.55 54.15
N ASP K 28 7.12 -5.64 53.40
CA ASP K 28 8.10 -5.72 52.32
C ASP K 28 7.60 -4.93 51.11
N ILE K 29 8.36 -3.91 50.72
CA ILE K 29 8.04 -3.10 49.55
C ILE K 29 9.14 -3.22 48.49
N THR K 30 9.97 -4.25 48.60
CA THR K 30 11.06 -4.51 47.66
C THR K 30 11.97 -3.30 47.50
N ASN K 31 11.95 -2.68 46.33
CA ASN K 31 12.72 -1.47 46.06
C ASN K 31 11.87 -0.45 45.32
N ALA K 32 10.61 -0.31 45.74
CA ALA K 32 9.65 0.58 45.09
C ALA K 32 9.47 1.87 45.87
N ILE K 33 10.54 2.40 46.45
CA ILE K 33 10.51 3.63 47.23
C ILE K 33 11.20 4.73 46.44
N ASN K 34 10.72 5.96 46.61
CA ASN K 34 11.27 7.12 45.94
C ASN K 34 11.61 8.20 46.96
N TRP K 35 12.66 8.97 46.67
CA TRP K 35 13.13 10.01 47.57
C TRP K 35 12.94 11.38 46.93
N TYR K 36 12.51 12.35 47.73
CA TYR K 36 12.17 13.67 47.25
C TYR K 36 12.93 14.73 48.05
N GLN K 37 13.04 15.93 47.46
CA GLN K 37 13.67 17.07 48.11
C GLN K 37 12.71 18.24 48.08
N LEU K 38 12.39 18.78 49.25
CA LEU K 38 11.44 19.88 49.40
C LEU K 38 12.20 21.10 49.92
N ARG K 39 12.69 21.92 49.00
CA ARG K 39 13.31 23.17 49.40
C ARG K 39 12.26 24.12 49.96
N PRO K 40 12.63 24.99 50.91
CA PRO K 40 11.64 25.90 51.51
C PRO K 40 11.04 26.83 50.48
N GLY K 41 9.72 26.73 50.31
CA GLY K 41 9.01 27.57 49.37
C GLY K 41 8.94 27.04 47.95
N LYS K 42 9.55 25.88 47.68
CA LYS K 42 9.58 25.32 46.34
C LYS K 42 8.85 23.98 46.32
N THR K 43 8.52 23.53 45.12
CA THR K 43 7.82 22.26 44.95
C THR K 43 8.77 21.09 45.20
N PRO K 44 8.25 19.95 45.63
CA PRO K 44 9.10 18.76 45.81
C PRO K 44 9.77 18.35 44.51
N LYS K 45 11.02 17.91 44.63
CA LYS K 45 11.82 17.46 43.49
C LYS K 45 12.36 16.08 43.79
N LEU K 46 12.23 15.16 42.83
CA LEU K 46 12.65 13.79 43.05
C LEU K 46 14.16 13.69 43.18
N MET K 47 14.63 12.93 44.17
CA MET K 47 16.04 12.70 44.38
C MET K 47 16.47 11.32 43.91
N ILE K 48 15.82 10.28 44.43
CA ILE K 48 16.11 8.89 44.08
C ILE K 48 14.79 8.19 43.81
N HIS K 49 14.71 7.47 42.69
CA HIS K 49 13.52 6.69 42.35
C HIS K 49 13.91 5.21 42.24
N ASP K 50 12.93 4.35 42.50
CA ASP K 50 13.12 2.90 42.49
C ASP K 50 14.21 2.47 43.48
N GLY K 51 14.33 3.19 44.58
CA GLY K 51 15.26 2.81 45.64
C GLY K 51 16.73 3.16 45.47
N SER K 52 17.30 2.87 44.31
CA SER K 52 18.74 3.07 44.11
C SER K 52 19.04 3.90 42.88
N THR K 53 18.13 3.89 41.90
CA THR K 53 18.38 4.61 40.65
C THR K 53 18.43 6.12 40.91
N LEU K 54 19.35 6.78 40.21
CA LEU K 54 19.62 8.20 40.40
C LEU K 54 18.96 9.04 39.33
N ARG K 55 18.45 10.21 39.72
CA ARG K 55 17.92 11.16 38.76
C ARG K 55 19.05 11.69 37.88
N ARG K 56 18.74 11.92 36.60
CA ARG K 56 19.78 12.28 35.64
C ARG K 56 20.40 13.64 35.96
N GLY K 57 19.58 14.64 36.27
CA GLY K 57 20.10 15.99 36.42
C GLY K 57 21.03 16.16 37.61
N VAL K 58 20.65 15.60 38.76
CA VAL K 58 21.38 15.81 40.00
C VAL K 58 22.71 15.06 39.98
N PRO K 59 23.74 15.54 40.67
CA PRO K 59 25.02 14.85 40.70
C PRO K 59 24.92 13.50 41.41
N SER K 60 26.02 12.76 41.37
CA SER K 60 26.10 11.42 41.93
C SER K 60 26.37 11.42 43.44
N ARG K 61 26.54 12.59 44.05
CA ARG K 61 26.76 12.66 45.49
C ARG K 61 25.55 12.14 46.26
N PHE K 62 24.35 12.28 45.71
CA PHE K 62 23.14 11.76 46.35
C PHE K 62 23.02 10.27 46.06
N ALA K 63 23.10 9.45 47.10
CA ALA K 63 23.05 8.01 46.96
C ALA K 63 22.01 7.43 47.92
N GLY K 64 21.16 6.55 47.41
CA GLY K 64 20.17 5.89 48.20
C GLY K 64 20.21 4.38 48.07
N SER K 65 20.27 3.67 49.19
CA SER K 65 20.38 2.22 49.18
C SER K 65 19.42 1.64 50.21
N GLY K 66 19.02 0.40 49.98
CA GLY K 66 18.14 -0.32 50.87
C GLY K 66 17.28 -1.30 50.11
N PHE K 67 16.85 -2.35 50.81
CA PHE K 67 15.98 -3.37 50.22
C PHE K 67 15.18 -4.01 51.35
N GLY K 68 13.91 -4.28 51.07
CA GLY K 68 13.03 -4.86 52.07
C GLY K 68 12.18 -3.84 52.79
N THR K 69 12.53 -3.53 54.03
CA THR K 69 11.77 -2.60 54.85
C THR K 69 12.53 -1.34 55.20
N LYS K 70 13.83 -1.44 55.46
CA LYS K 70 14.65 -0.29 55.86
C LYS K 70 15.43 0.21 54.66
N PHE K 71 15.30 1.50 54.37
CA PHE K 71 15.99 2.14 53.25
C PHE K 71 16.80 3.32 53.76
N THR K 72 17.92 3.58 53.09
CA THR K 72 18.89 4.56 53.55
C THR K 72 19.12 5.61 52.46
N PHE K 73 19.12 6.88 52.85
CA PHE K 73 19.45 7.99 51.97
C PHE K 73 20.71 8.67 52.48
N THR K 74 21.70 8.80 51.60
CA THR K 74 23.00 9.35 51.95
C THR K 74 23.31 10.55 51.07
N ILE K 75 23.82 11.61 51.67
CA ILE K 75 24.21 12.83 50.96
C ILE K 75 25.67 13.10 51.29
N ASP K 76 26.57 12.60 50.45
CA ASP K 76 27.99 12.84 50.64
C ASP K 76 28.39 14.20 50.09
N ASN K 77 29.37 14.82 50.74
CA ASN K 77 29.91 16.13 50.34
C ASN K 77 28.79 17.18 50.32
N LEU K 78 28.27 17.44 51.51
CA LEU K 78 27.18 18.40 51.66
C LEU K 78 27.61 19.79 51.22
N GLN K 79 26.70 20.51 50.58
CA GLN K 79 26.90 21.86 50.11
C GLN K 79 25.72 22.72 50.54
N PRO K 80 25.88 24.05 50.58
CA PRO K 80 24.78 24.91 51.05
C PRO K 80 23.54 24.87 50.18
N GLU K 81 23.55 24.17 49.05
CA GLU K 81 22.35 24.03 48.24
C GLU K 81 21.50 22.81 48.61
N ASP K 82 22.02 21.92 49.44
CA ASP K 82 21.29 20.73 49.85
C ASP K 82 20.43 20.96 51.09
N LEU K 83 20.46 22.15 51.67
CA LEU K 83 19.66 22.45 52.85
C LEU K 83 18.19 22.51 52.45
N ALA K 84 17.46 21.44 52.74
CA ALA K 84 16.04 21.33 52.38
C ALA K 84 15.43 20.21 53.22
N THR K 85 14.18 19.89 52.94
CA THR K 85 13.46 18.82 53.63
C THR K 85 13.27 17.66 52.67
N TYR K 86 13.60 16.46 53.13
CA TYR K 86 13.50 15.25 52.32
C TYR K 86 12.46 14.32 52.91
N PHE K 87 11.83 13.53 52.04
CA PHE K 87 10.85 12.54 52.47
C PHE K 87 10.80 11.41 51.45
N CYS K 88 10.53 10.21 51.94
CA CYS K 88 10.39 9.04 51.09
C CYS K 88 8.97 8.99 50.51
N GLN K 89 8.73 8.02 49.62
CA GLN K 89 7.40 7.82 49.06
C GLN K 89 7.31 6.43 48.48
N HIS K 90 6.43 5.61 49.01
CA HIS K 90 6.12 4.29 48.46
C HIS K 90 4.68 4.32 47.96
N TYR K 91 4.50 4.40 46.65
CA TYR K 91 3.19 4.45 45.99
C TYR K 91 2.44 5.64 46.56
N GLU K 92 1.28 5.46 47.19
CA GLU K 92 0.47 6.56 47.70
C GLU K 92 0.77 6.89 49.15
N PHE K 93 1.78 6.28 49.76
CA PHE K 93 2.07 6.45 51.17
C PHE K 93 3.27 7.35 51.37
N PHE K 94 3.16 8.29 52.30
CA PHE K 94 4.21 9.24 52.62
C PHE K 94 4.53 9.20 54.10
N PRO K 95 5.77 9.53 54.49
CA PRO K 95 6.10 9.55 55.91
C PRO K 95 5.41 10.72 56.60
N PRO K 96 5.12 10.57 57.90
CA PRO K 96 4.41 11.66 58.59
C PRO K 96 5.18 12.96 58.65
N VAL K 97 6.50 12.93 58.76
CA VAL K 97 7.27 14.13 59.02
C VAL K 97 8.35 14.37 57.98
N GLY K 98 9.21 13.38 57.73
CA GLY K 98 10.35 13.57 56.87
C GLY K 98 11.55 14.12 57.62
N THR K 99 12.66 14.23 56.90
CA THR K 99 13.93 14.71 57.46
C THR K 99 14.26 16.09 56.90
N GLN K 100 14.64 17.01 57.77
CA GLN K 100 15.03 18.37 57.40
C GLN K 100 16.52 18.53 57.68
N VAL K 101 17.31 18.69 56.63
CA VAL K 101 18.75 18.87 56.76
C VAL K 101 19.05 20.35 56.99
N GLU K 102 19.84 20.63 58.03
CA GLU K 102 20.18 22.01 58.40
C GLU K 102 21.69 22.14 58.50
N LEU K 103 22.16 23.39 58.50
CA LEU K 103 23.57 23.68 58.59
C LEU K 103 24.00 23.81 60.04
N ASN K 104 25.17 23.24 60.34
CA ASN K 104 25.71 23.29 61.70
C ASN K 104 26.12 24.71 62.07
N GLY L 1 32.64 33.16 -24.64
CA GLY L 1 33.05 33.99 -25.77
C GLY L 1 33.61 33.19 -26.92
N VAL L 2 32.75 32.81 -27.86
CA VAL L 2 33.12 32.03 -29.03
C VAL L 2 32.76 32.84 -30.28
N HIS L 3 33.74 33.02 -31.16
CA HIS L 3 33.54 33.75 -32.41
C HIS L 3 33.40 32.73 -33.53
N LEU L 4 32.19 32.20 -33.71
CA LEU L 4 31.94 31.26 -34.78
C LEU L 4 32.05 31.96 -36.13
N THR L 5 32.79 31.36 -37.05
CA THR L 5 32.99 31.94 -38.38
C THR L 5 32.77 30.84 -39.42
N GLN L 6 31.81 31.06 -40.32
CA GLN L 6 31.45 30.09 -41.34
C GLN L 6 31.82 30.62 -42.71
N SER L 7 32.52 29.81 -43.50
CA SER L 7 32.92 30.14 -44.85
C SER L 7 32.70 28.94 -45.75
N PRO L 8 32.44 29.15 -47.05
CA PRO L 8 32.27 30.43 -47.72
C PRO L 8 30.86 31.01 -47.58
N ALA L 9 30.68 32.25 -48.01
CA ALA L 9 29.36 32.87 -47.95
C ALA L 9 28.36 32.14 -48.83
N SER L 10 28.77 31.76 -50.04
CA SER L 10 27.91 31.05 -50.97
C SER L 10 28.68 29.93 -51.64
N LEU L 11 27.95 28.90 -52.07
CA LEU L 11 28.56 27.72 -52.69
C LEU L 11 27.63 27.21 -53.78
N SER L 12 27.90 27.61 -55.02
CA SER L 12 27.14 27.12 -56.16
C SER L 12 27.64 25.74 -56.57
N ALA L 13 26.71 24.85 -56.91
CA ALA L 13 27.06 23.49 -57.28
C ALA L 13 25.96 22.90 -58.14
N SER L 14 26.27 21.76 -58.75
CA SER L 14 25.32 21.03 -59.60
C SER L 14 24.67 19.90 -58.83
N VAL L 15 23.61 19.34 -59.42
CA VAL L 15 22.87 18.27 -58.77
C VAL L 15 23.73 17.01 -58.73
N GLY L 16 23.84 16.42 -57.55
CA GLY L 16 24.64 15.22 -57.34
C GLY L 16 26.05 15.49 -56.86
N ASP L 17 26.56 16.71 -57.06
CA ASP L 17 27.90 17.05 -56.57
C ASP L 17 27.87 17.26 -55.06
N ARG L 18 28.97 16.87 -54.42
CA ARG L 18 29.10 17.04 -52.97
C ARG L 18 29.73 18.40 -52.67
N VAL L 19 29.28 19.02 -51.58
CA VAL L 19 29.74 20.34 -51.19
C VAL L 19 30.26 20.26 -49.76
N THR L 20 31.18 21.17 -49.44
CA THR L 20 31.77 21.24 -48.10
C THR L 20 31.98 22.70 -47.72
N PHE L 21 31.72 22.99 -46.44
CA PHE L 21 31.94 24.32 -45.90
C PHE L 21 32.12 24.20 -44.39
N THR L 22 32.96 25.07 -43.84
CA THR L 22 33.45 24.94 -42.47
C THR L 22 32.96 26.08 -41.61
N CYS L 23 32.80 25.80 -40.31
CA CYS L 23 32.44 26.77 -39.29
C CYS L 23 33.60 26.83 -38.30
N GLN L 24 34.57 27.70 -38.56
CA GLN L 24 35.74 27.83 -37.70
C GLN L 24 35.39 28.61 -36.43
N ALA L 25 35.74 28.03 -35.28
CA ALA L 25 35.55 28.67 -33.99
C ALA L 25 36.83 29.36 -33.55
N SER L 26 36.80 29.92 -32.35
CA SER L 26 37.97 30.61 -31.79
C SER L 26 38.65 29.80 -30.68
N GLN L 27 37.89 29.14 -29.82
CA GLN L 27 38.43 28.32 -28.76
C GLN L 27 37.92 26.88 -28.91
N ASP L 28 38.32 26.03 -27.98
CA ASP L 28 37.93 24.62 -28.01
C ASP L 28 36.48 24.49 -27.55
N ILE L 29 35.62 23.97 -28.43
CA ILE L 29 34.23 23.72 -28.11
C ILE L 29 33.90 22.23 -28.21
N THR L 30 34.93 21.38 -28.21
CA THR L 30 34.79 19.93 -28.30
C THR L 30 33.95 19.53 -29.50
N ASN L 31 32.76 18.99 -29.25
CA ASN L 31 31.83 18.60 -30.31
C ASN L 31 30.42 19.07 -29.98
N ALA L 32 30.30 20.29 -29.45
CA ALA L 32 29.03 20.85 -29.02
C ALA L 32 28.48 21.85 -30.04
N ILE L 33 28.65 21.55 -31.32
CA ILE L 33 28.18 22.41 -32.40
C ILE L 33 27.00 21.75 -33.08
N ASN L 34 26.05 22.56 -33.56
CA ASN L 34 24.87 22.07 -34.25
C ASN L 34 24.74 22.76 -35.59
N TRP L 35 24.19 22.05 -36.58
CA TRP L 35 24.04 22.56 -37.94
C TRP L 35 22.56 22.69 -38.27
N TYR L 36 22.22 23.77 -38.96
CA TYR L 36 20.83 24.12 -39.25
C TYR L 36 20.67 24.35 -40.74
N GLN L 37 19.43 24.25 -41.21
CA GLN L 37 19.07 24.52 -42.60
C GLN L 37 17.95 25.55 -42.63
N LEU L 38 18.19 26.65 -43.33
CA LEU L 38 17.23 27.76 -43.42
C LEU L 38 16.77 27.88 -44.86
N ARG L 39 15.69 27.19 -45.19
CA ARG L 39 15.10 27.34 -46.52
C ARG L 39 14.50 28.73 -46.67
N PRO L 40 14.50 29.29 -47.88
CA PRO L 40 13.95 30.65 -48.06
C PRO L 40 12.48 30.72 -47.69
N GLY L 41 12.18 31.56 -46.70
CA GLY L 41 10.82 31.75 -46.24
C GLY L 41 10.35 30.76 -45.18
N LYS L 42 11.19 29.81 -44.78
CA LYS L 42 10.83 28.81 -43.80
C LYS L 42 11.69 28.94 -42.55
N THR L 43 11.23 28.31 -41.47
CA THR L 43 11.95 28.35 -40.21
C THR L 43 13.19 27.48 -40.28
N PRO L 44 14.23 27.80 -39.49
CA PRO L 44 15.42 26.95 -39.47
C PRO L 44 15.09 25.53 -39.01
N LYS L 45 15.75 24.56 -39.62
CA LYS L 45 15.58 23.15 -39.31
C LYS L 45 16.94 22.53 -39.02
N LEU L 46 17.02 21.77 -37.93
CA LEU L 46 18.30 21.20 -37.52
C LEU L 46 18.77 20.15 -38.51
N MET L 47 20.06 20.20 -38.86
CA MET L 47 20.65 19.23 -39.76
C MET L 47 21.52 18.22 -39.00
N ILE L 48 22.49 18.72 -38.24
CA ILE L 48 23.40 17.89 -37.47
C ILE L 48 23.50 18.49 -36.07
N HIS L 49 23.36 17.66 -35.04
CA HIS L 49 23.50 18.08 -33.66
C HIS L 49 24.63 17.31 -33.00
N ASP L 50 25.25 17.94 -32.00
CA ASP L 50 26.40 17.37 -31.29
C ASP L 50 27.56 17.07 -32.24
N GLY L 51 27.70 17.86 -33.30
CA GLY L 51 28.84 17.72 -34.21
C GLY L 51 28.77 16.66 -35.27
N SER L 52 28.41 15.42 -34.90
CA SER L 52 28.44 14.31 -35.84
C SER L 52 27.11 13.57 -35.89
N THR L 53 26.33 13.62 -34.81
CA THR L 53 25.07 12.89 -34.76
C THR L 53 24.08 13.44 -35.79
N LEU L 54 23.34 12.52 -36.41
CA LEU L 54 22.43 12.85 -37.49
C LEU L 54 21.00 12.92 -37.01
N ARG L 55 20.23 13.86 -37.55
CA ARG L 55 18.81 13.94 -37.27
C ARG L 55 18.10 12.73 -37.87
N ARG L 56 17.08 12.23 -37.16
CA ARG L 56 16.45 10.98 -37.56
C ARG L 56 15.73 11.10 -38.90
N GLY L 57 14.98 12.19 -39.09
CA GLY L 57 14.14 12.30 -40.28
C GLY L 57 14.93 12.40 -41.57
N VAL L 58 15.97 13.22 -41.59
CA VAL L 58 16.73 13.51 -42.80
C VAL L 58 17.57 12.31 -43.22
N PRO L 59 17.82 12.12 -44.52
CA PRO L 59 18.66 10.99 -44.96
C PRO L 59 20.10 11.12 -44.47
N SER L 60 20.86 10.06 -44.74
CA SER L 60 22.26 9.98 -44.30
C SER L 60 23.22 10.71 -45.23
N ARG L 61 22.72 11.30 -46.33
CA ARG L 61 23.60 12.04 -47.23
C ARG L 61 24.22 13.25 -46.54
N PHE L 62 23.52 13.84 -45.56
CA PHE L 62 24.05 14.96 -44.80
C PHE L 62 24.99 14.44 -43.72
N ALA L 63 26.27 14.79 -43.82
CA ALA L 63 27.28 14.33 -42.89
C ALA L 63 28.08 15.51 -42.37
N GLY L 64 28.27 15.55 -41.05
CA GLY L 64 29.06 16.60 -40.43
C GLY L 64 30.14 16.04 -39.53
N SER L 65 31.37 16.49 -39.72
CA SER L 65 32.51 15.98 -38.95
C SER L 65 33.37 17.15 -38.51
N GLY L 66 34.11 16.94 -37.44
CA GLY L 66 35.01 17.93 -36.90
C GLY L 66 35.11 17.81 -35.39
N PHE L 67 36.25 18.25 -34.86
CA PHE L 67 36.50 18.23 -33.43
C PHE L 67 37.50 19.33 -33.09
N GLY L 68 37.28 20.01 -31.98
CA GLY L 68 38.15 21.11 -31.59
C GLY L 68 37.62 22.47 -31.98
N THR L 69 38.22 23.06 -33.00
CA THR L 69 37.85 24.40 -33.45
C THR L 69 37.25 24.42 -34.86
N LYS L 70 37.75 23.59 -35.76
CA LYS L 70 37.28 23.58 -37.14
C LYS L 70 36.34 22.40 -37.35
N PHE L 71 35.14 22.69 -37.86
CA PHE L 71 34.12 21.68 -38.10
C PHE L 71 33.70 21.74 -39.56
N THR L 72 33.33 20.58 -40.11
CA THR L 72 33.05 20.44 -41.53
C THR L 72 31.63 19.90 -41.73
N PHE L 73 30.90 20.51 -42.65
CA PHE L 73 29.57 20.05 -43.06
C PHE L 73 29.64 19.62 -44.52
N THR L 74 29.21 18.39 -44.80
CA THR L 74 29.27 17.82 -46.14
C THR L 74 27.88 17.40 -46.57
N ILE L 75 27.54 17.70 -47.83
CA ILE L 75 26.25 17.32 -48.42
C ILE L 75 26.56 16.54 -49.68
N ASP L 76 26.62 15.22 -49.56
CA ASP L 76 26.85 14.37 -50.71
C ASP L 76 25.55 14.12 -51.47
N ASN L 77 25.67 13.98 -52.79
CA ASN L 77 24.55 13.72 -53.69
C ASN L 77 23.50 14.82 -53.56
N LEU L 78 23.91 16.03 -53.97
CA LEU L 78 23.04 17.19 -53.88
C LEU L 78 21.79 17.01 -54.76
N GLN L 79 20.67 17.49 -54.26
CA GLN L 79 19.38 17.44 -54.92
C GLN L 79 18.74 18.81 -54.86
N PRO L 80 17.78 19.10 -55.75
CA PRO L 80 17.17 20.45 -55.77
C PRO L 80 16.42 20.81 -54.50
N GLU L 81 16.27 19.90 -53.54
CA GLU L 81 15.63 20.24 -52.28
C GLU L 81 16.61 20.74 -51.22
N ASP L 82 17.91 20.62 -51.46
CA ASP L 82 18.92 21.06 -50.51
C ASP L 82 19.31 22.52 -50.69
N LEU L 83 18.76 23.21 -51.70
CA LEU L 83 19.09 24.61 -51.95
C LEU L 83 18.49 25.46 -50.82
N ALA L 84 19.33 25.86 -49.88
CA ALA L 84 18.90 26.63 -48.73
C ALA L 84 20.13 27.28 -48.11
N THR L 85 19.95 27.95 -46.98
CA THR L 85 21.04 28.59 -46.25
C THR L 85 21.31 27.80 -44.97
N TYR L 86 22.58 27.50 -44.72
CA TYR L 86 22.98 26.72 -43.57
C TYR L 86 23.84 27.58 -42.64
N PHE L 87 23.79 27.26 -41.34
CA PHE L 87 24.60 27.96 -40.37
C PHE L 87 24.83 27.05 -39.17
N CYS L 88 26.00 27.20 -38.55
CA CYS L 88 26.35 26.44 -37.36
C CYS L 88 25.74 27.10 -36.12
N GLN L 89 25.89 26.46 -34.97
CA GLN L 89 25.42 27.03 -33.71
C GLN L 89 26.12 26.34 -32.56
N HIS L 90 26.89 27.08 -31.78
CA HIS L 90 27.50 26.58 -30.55
C HIS L 90 26.88 27.35 -29.39
N TYR L 91 25.97 26.68 -28.66
CA TYR L 91 25.27 27.26 -27.52
C TYR L 91 24.54 28.51 -27.99
N GLU L 92 24.82 29.69 -27.46
CA GLU L 92 24.12 30.92 -27.82
C GLU L 92 24.80 31.69 -28.93
N PHE L 93 25.86 31.15 -29.53
CA PHE L 93 26.64 31.85 -30.53
C PHE L 93 26.33 31.34 -31.93
N PHE L 94 26.14 32.27 -32.86
CA PHE L 94 25.82 31.98 -34.25
C PHE L 94 26.83 32.65 -35.16
N PRO L 95 27.07 32.07 -36.35
CA PRO L 95 27.99 32.71 -37.29
C PRO L 95 27.38 33.98 -37.86
N PRO L 96 28.20 34.95 -38.24
CA PRO L 96 27.65 36.22 -38.76
C PRO L 96 26.84 36.07 -40.03
N VAL L 97 27.22 35.14 -40.93
CA VAL L 97 26.62 35.09 -42.25
C VAL L 97 26.02 33.71 -42.56
N GLY L 98 26.81 32.65 -42.41
CA GLY L 98 26.38 31.34 -42.84
C GLY L 98 26.66 31.08 -44.31
N THR L 99 26.37 29.86 -44.73
CA THR L 99 26.61 29.41 -46.10
C THR L 99 25.29 29.22 -46.83
N GLN L 100 25.19 29.75 -48.03
CA GLN L 100 24.00 29.62 -48.88
C GLN L 100 24.36 28.75 -50.08
N VAL L 101 23.76 27.56 -50.15
CA VAL L 101 24.01 26.65 -51.26
C VAL L 101 23.08 26.99 -52.42
N GLU L 102 23.66 27.15 -53.61
CA GLU L 102 22.91 27.51 -54.80
C GLU L 102 23.18 26.51 -55.91
N LEU L 103 22.31 26.52 -56.93
CA LEU L 103 22.43 25.62 -58.07
C LEU L 103 23.32 26.24 -59.14
N ASN L 104 24.19 25.41 -59.72
CA ASN L 104 25.08 25.86 -60.78
C ASN L 104 24.30 26.20 -62.05
C1 NAG M . 13.79 -35.27 31.16
C2 NAG M . 13.83 -36.13 29.89
C3 NAG M . 13.60 -37.59 30.27
C4 NAG M . 14.62 -38.01 31.32
C5 NAG M . 14.55 -37.08 32.52
C6 NAG M . 15.61 -37.36 33.56
C7 NAG M . 12.83 -36.04 27.64
C8 NAG M . 11.66 -35.57 26.84
N2 NAG M . 12.85 -35.66 28.92
O3 NAG M . 13.69 -38.42 29.12
O4 NAG M . 14.34 -39.34 31.74
O5 NAG M . 14.74 -35.72 32.10
O6 NAG M . 16.92 -37.15 33.03
O7 NAG M . 13.70 -36.75 27.15
C1 NAG M . 15.39 -40.26 31.64
C2 NAG M . 14.96 -41.58 32.27
C3 NAG M . 16.09 -42.59 32.12
C4 NAG M . 16.49 -42.72 30.66
C5 NAG M . 16.85 -41.35 30.10
C6 NAG M . 17.13 -41.39 28.61
C7 NAG M . 15.47 -41.12 34.60
C8 NAG M . 14.95 -41.11 36.01
N2 NAG M . 14.59 -41.42 33.65
O3 NAG M . 15.69 -43.84 32.66
O4 NAG M . 17.61 -43.59 30.55
O5 NAG M . 15.77 -40.43 30.28
O6 NAG M . 15.99 -41.82 27.89
O7 NAG M . 16.64 -40.85 34.34
C1 NAG N . -41.55 11.66 14.95
C2 NAG N . -42.66 10.61 15.08
C3 NAG N . -43.40 10.50 13.75
C4 NAG N . -43.92 11.87 13.34
C5 NAG N . -42.77 12.86 13.27
C6 NAG N . -43.20 14.28 12.98
C7 NAG N . -42.29 8.81 16.70
C8 NAG N . -41.86 7.39 16.87
N2 NAG N . -42.13 9.33 15.48
O3 NAG N . -44.45 9.56 13.88
O4 NAG N . -44.51 11.76 12.05
O5 NAG N . -42.09 12.90 14.54
O6 NAG N . -42.07 15.15 12.91
O7 NAG N . -42.75 9.47 17.62
C1 NAG N . -45.80 12.26 11.89
C2 NAG N . -46.11 12.14 10.41
C3 NAG N . -47.56 12.51 10.16
C4 NAG N . -48.49 11.69 11.04
C5 NAG N . -48.08 11.84 12.51
C6 NAG N . -48.87 10.94 13.43
C7 NAG N . -44.23 12.51 8.88
C8 NAG N . -44.16 11.02 8.74
N2 NAG N . -45.22 12.98 9.65
O3 NAG N . -47.87 12.32 8.79
O4 NAG N . -49.82 12.16 10.88
O5 NAG N . -46.69 11.49 12.69
O6 NAG N . -48.66 9.57 13.10
O7 NAG N . -43.43 13.26 8.32
C1 NAG O . -35.50 23.39 7.40
C2 NAG O . -35.63 23.53 8.91
C3 NAG O . -36.72 24.53 9.23
C4 NAG O . -36.43 25.87 8.55
C5 NAG O . -36.28 25.65 7.04
C6 NAG O . -35.84 26.88 6.30
C7 NAG O . -35.67 21.88 10.72
C8 NAG O . -34.46 22.50 11.34
N2 NAG O . -35.90 22.22 9.45
O3 NAG O . -36.83 24.71 10.64
O4 NAG O . -37.52 26.74 8.81
O5 NAG O . -35.26 24.66 6.80
O6 NAG O . -34.54 27.29 6.71
O7 NAG O . -36.39 21.11 11.32
C1 NAG O . -37.27 28.11 8.92
C2 NAG O . -38.60 28.82 9.11
C3 NAG O . -38.35 30.32 9.27
C4 NAG O . -37.38 30.56 10.41
C5 NAG O . -36.09 29.78 10.17
C6 NAG O . -35.11 29.88 11.32
C7 NAG O . -39.50 28.71 6.72
C8 NAG O . -38.40 29.58 6.19
N2 NAG O . -39.53 28.49 8.05
O3 NAG O . -39.58 31.00 9.50
O4 NAG O . -37.07 31.95 10.49
O5 NAG O . -36.39 28.37 10.00
O6 NAG O . -34.67 31.22 11.50
O7 NAG O . -40.33 28.21 5.98
C1 NAG P . -17.83 19.75 22.49
C2 NAG P . -16.88 20.41 23.48
C3 NAG P . -17.20 19.93 24.89
C4 NAG P . -18.65 20.21 25.21
C5 NAG P . -19.54 19.54 24.16
C6 NAG P . -21.00 19.86 24.34
C7 NAG P . -14.69 21.09 22.68
C8 NAG P . -13.53 20.63 21.86
N2 NAG P . -15.50 20.15 23.14
O3 NAG P . -16.34 20.58 25.82
O4 NAG P . -18.99 19.67 26.49
O5 NAG P . -19.18 20.02 22.86
O6 NAG P . -21.22 21.27 24.26
O7 NAG P . -14.88 22.28 22.90
C1 NAG P . -19.28 20.62 27.48
C2 NAG P . -19.83 19.85 28.68
C3 NAG P . -20.10 20.82 29.82
C4 NAG P . -18.85 21.61 30.14
C5 NAG P . -18.34 22.30 28.89
C6 NAG P . -17.03 23.03 29.08
C7 NAG P . -21.11 17.82 28.20
C8 NAG P . -22.44 17.26 27.79
N2 NAG P . -21.05 19.15 28.32
O3 NAG P . -20.56 20.08 30.94
O4 NAG P . -19.11 22.61 31.12
O5 NAG P . -18.12 21.35 27.83
O6 NAG P . -16.65 23.73 27.90
O7 NAG P . -20.13 17.10 28.39
C1 BMA P . -18.94 22.33 32.47
C2 BMA P . -19.21 23.58 33.26
C3 BMA P . -19.06 23.32 34.74
C4 BMA P . -19.97 22.17 35.15
C5 BMA P . -19.68 20.93 34.31
C6 BMA P . -20.63 19.80 34.57
O2 BMA P . -20.51 24.08 32.96
O3 BMA P . -19.39 24.50 35.47
O4 BMA P . -19.75 21.85 36.53
O5 BMA P . -19.80 21.27 32.91
O6 BMA P . -20.53 19.33 35.91
C1 NAG Q . -21.02 -14.11 22.66
C2 NAG Q . -21.51 -12.84 21.96
C3 NAG Q . -22.96 -13.03 21.53
C4 NAG Q . -23.10 -14.28 20.68
C5 NAG Q . -22.56 -15.49 21.44
C6 NAG Q . -22.54 -16.74 20.60
C7 NAG Q . -20.50 -10.72 22.65
C8 NAG Q . -19.54 -10.89 21.52
N2 NAG Q . -21.39 -11.70 22.83
O3 NAG Q . -23.38 -11.88 20.82
O4 NAG Q . -24.47 -14.52 20.41
O5 NAG Q . -21.20 -15.25 21.84
O6 NAG Q . -21.92 -17.81 21.31
O7 NAG Q . -20.46 -9.73 23.38
C1 NAG Q . -24.83 -14.43 19.07
C2 NAG Q . -26.20 -15.06 18.87
C3 NAG Q . -26.57 -14.97 17.40
C4 NAG Q . -26.50 -13.52 16.93
C5 NAG Q . -25.12 -12.96 17.21
C6 NAG Q . -25.04 -11.48 16.92
C7 NAG Q . -26.83 -16.77 20.48
C8 NAG Q . -26.40 -18.06 21.10
N2 NAG Q . -26.19 -16.42 19.36
O3 NAG Q . -27.87 -15.49 17.20
O4 NAG Q . -26.71 -13.45 15.53
O5 NAG Q . -24.80 -13.09 18.62
O6 NAG Q . -25.99 -10.78 17.71
O7 NAG Q . -27.69 -16.06 20.99
C1 BMA Q . -27.95 -12.97 15.10
C2 BMA Q . -27.86 -12.57 13.66
C3 BMA Q . -29.18 -12.01 13.19
C4 BMA Q . -30.28 -13.03 13.45
C5 BMA Q . -30.30 -13.43 14.92
C6 BMA Q . -31.28 -14.54 15.22
O2 BMA Q . -27.48 -13.69 12.87
O3 BMA Q . -29.11 -11.69 11.81
O4 BMA Q . -31.55 -12.46 13.11
O5 BMA Q . -29.00 -13.91 15.31
O6 BMA Q . -30.79 -15.79 14.74
C1 NAG R . 6.21 -4.72 40.06
C2 NAG R . 6.70 -4.21 38.71
C3 NAG R . 8.21 -4.35 38.63
C4 NAG R . 8.85 -3.62 39.80
C5 NAG R . 8.30 -4.16 41.12
C6 NAG R . 8.78 -3.39 42.31
C7 NAG R . 6.26 -6.18 37.27
C8 NAG R . 5.96 -6.55 35.86
N2 NAG R . 6.07 -4.91 37.60
O3 NAG R . 8.66 -3.81 37.40
O4 NAG R . 10.26 -3.86 39.79
O5 NAG R . 6.86 -4.04 41.11
O6 NAG R . 8.51 -2.00 42.17
O7 NAG R . 6.66 -7.01 38.09
C1 NAG R . 11.03 -2.72 39.64
C2 NAG R . 12.48 -3.08 39.93
C3 NAG R . 13.33 -1.81 39.80
C4 NAG R . 13.14 -1.23 38.42
C5 NAG R . 11.66 -0.94 38.19
C6 NAG R . 11.38 -0.44 36.80
C7 NAG R . 12.79 -5.06 41.30
C8 NAG R . 13.14 -5.76 40.02
N2 NAG R . 12.59 -3.74 41.21
O3 NAG R . 14.69 -2.10 40.08
O4 NAG R . 13.83 0.01 38.28
O5 NAG R . 10.91 -2.15 38.34
O6 NAG R . 9.98 -0.37 36.55
O7 NAG R . 12.65 -5.67 42.36
C1 BMA R . 15.00 -0.01 37.53
C2 BMA R . 15.25 1.40 37.07
C3 BMA R . 16.54 1.49 36.33
C4 BMA R . 17.67 0.97 37.19
C5 BMA R . 17.36 -0.44 37.64
C6 BMA R . 18.38 -1.00 38.62
O2 BMA R . 15.24 2.28 38.19
O3 BMA R . 16.78 2.84 35.96
O4 BMA R . 18.89 0.95 36.45
O5 BMA R . 16.09 -0.47 38.33
O6 BMA R . 17.96 -2.29 39.03
C1 MAN R . 16.80 3.06 34.59
C2 MAN R . 17.16 4.49 34.26
C3 MAN R . 16.07 5.43 34.69
C4 MAN R . 14.76 5.01 34.05
C5 MAN R . 14.45 3.56 34.40
C6 MAN R . 13.21 3.01 33.72
O2 MAN R . 17.44 4.62 32.87
O3 MAN R . 16.40 6.76 34.31
O4 MAN R . 13.69 5.83 34.50
O5 MAN R . 15.55 2.71 33.99
O6 MAN R . 13.32 3.10 32.30
C1 MAN R . 19.00 -3.21 39.17
C2 MAN R . 18.39 -4.59 39.11
C3 MAN R . 17.48 -4.82 40.29
C4 MAN R . 18.24 -4.58 41.58
C5 MAN R . 18.85 -3.18 41.58
C6 MAN R . 19.74 -2.92 42.77
O2 MAN R . 19.42 -5.58 39.06
O3 MAN R . 16.98 -6.15 40.26
O4 MAN R . 17.37 -4.70 42.70
O5 MAN R . 19.68 -3.01 40.41
O6 MAN R . 19.02 -3.08 44.00
C1 NAG S . -30.39 -16.91 29.72
C2 NAG S . -31.18 -17.40 30.94
C3 NAG S . -31.20 -18.92 30.95
C4 NAG S . -31.73 -19.47 29.64
C5 NAG S . -30.91 -18.90 28.48
C6 NAG S . -31.47 -19.27 27.12
C7 NAG S . -30.40 -15.65 32.51
C8 NAG S . -29.29 -15.40 33.47
N2 NAG S . -30.64 -16.94 32.19
O3 NAG S . -31.99 -19.36 32.05
O4 NAG S . -31.61 -20.89 29.64
O5 NAG S . -30.91 -17.47 28.52
O6 NAG S . -30.74 -18.64 26.08
O7 NAG S . -31.08 -14.74 32.04
C1 NAG S . -32.78 -21.64 29.80
C2 NAG S . -32.37 -23.10 29.93
C3 NAG S . -33.61 -23.96 30.15
C4 NAG S . -34.37 -23.45 31.37
C5 NAG S . -34.71 -21.97 31.19
C6 NAG S . -35.37 -21.36 32.39
C7 NAG S . -31.52 -23.00 27.60
C8 NAG S . -32.74 -22.97 26.72
N2 NAG S . -31.65 -23.62 28.78
O3 NAG S . -33.23 -25.31 30.34
O4 NAG S . -35.58 -24.19 31.50
O5 NAG S . -33.50 -21.22 30.95
O6 NAG S . -34.56 -21.48 33.56
O7 NAG S . -30.46 -22.51 27.24
C1 NAG T . -40.94 -6.18 14.50
C2 NAG T . -41.55 -7.56 14.68
C3 NAG T . -41.49 -8.31 13.37
C4 NAG T . -42.17 -7.50 12.27
C5 NAG T . -41.51 -6.12 12.18
C6 NAG T . -42.19 -5.22 11.19
C7 NAG T . -40.36 -9.45 15.80
C8 NAG T . -38.90 -9.53 16.12
N2 NAG T . -40.89 -8.22 15.79
O3 NAG T . -42.11 -9.59 13.49
O4 NAG T . -42.01 -8.18 11.02
O5 NAG T . -41.58 -5.46 13.46
O6 NAG T . -43.59 -5.09 11.48
O7 NAG T . -41.03 -10.45 15.58
C1 NAG T . -43.10 -8.16 10.15
C2 NAG T . -42.60 -8.56 8.76
C3 NAG T . -43.79 -8.66 7.82
C4 NAG T . -44.83 -9.61 8.37
C5 NAG T . -45.24 -9.18 9.78
C6 NAG T . -46.19 -10.14 10.44
C7 NAG T . -40.36 -7.77 8.12
C8 NAG T . -39.88 -9.17 8.32
N2 NAG T . -41.67 -7.55 8.27
O3 NAG T . -43.31 -9.10 6.55
O4 NAG T . -45.98 -9.59 7.53
O5 NAG T . -44.09 -9.07 10.63
O6 NAG T . -46.63 -9.64 11.69
O7 NAG T . -39.60 -6.85 7.82
C1 NAG U . -34.68 -10.30 32.63
C2 NAG U . -35.57 -10.85 31.53
C3 NAG U . -36.91 -10.13 31.57
C4 NAG U . -37.53 -10.31 32.94
C5 NAG U . -36.58 -9.77 34.00
C6 NAG U . -37.07 -10.00 35.40
C7 NAG U . -33.83 -11.33 29.85
C8 NAG U . -33.19 -10.81 28.59
N2 NAG U . -34.99 -10.77 30.19
O3 NAG U . -37.74 -10.64 30.54
O4 NAG U . -38.75 -9.59 33.03
O5 NAG U . -35.32 -10.46 33.88
O6 NAG U . -36.08 -9.59 36.35
O7 NAG U . -33.32 -12.22 30.50
C1 NAG U . -39.95 -10.27 32.81
C2 NAG U . -41.08 -9.30 33.15
C3 NAG U . -42.42 -9.97 32.90
C4 NAG U . -42.48 -10.48 31.47
C5 NAG U . -41.30 -11.41 31.20
C6 NAG U . -41.22 -11.86 29.77
C7 NAG U . -40.62 -7.60 34.83
C8 NAG U . -40.55 -7.28 36.30
N2 NAG U . -40.98 -8.84 34.53
O3 NAG U . -43.46 -9.06 33.16
O4 NAG U . -43.69 -11.21 31.29
O5 NAG U . -40.06 -10.73 31.48
O6 NAG U . -40.98 -10.76 28.90
O7 NAG U . -40.37 -6.76 33.97
C1 NAG V . -22.88 4.04 42.26
C2 NAG V . -23.48 4.96 41.21
C3 NAG V . -23.91 6.26 41.87
C4 NAG V . -24.86 5.96 43.03
C5 NAG V . -24.20 5.00 44.00
C6 NAG V . -25.12 4.55 45.11
C7 NAG V . -22.60 4.75 38.94
C8 NAG V . -23.97 4.34 38.51
N2 NAG V . -22.49 5.21 40.18
O3 NAG V . -24.54 7.06 40.89
O4 NAG V . -25.18 7.16 43.72
O5 NAG V . -23.78 3.80 43.32
O6 NAG V . -26.19 3.77 44.59
O7 NAG V . -21.64 4.66 38.18
C1 NAG V . -26.37 7.79 43.40
C2 NAG V . -26.65 9.01 44.26
C3 NAG V . -27.99 9.61 43.84
C4 NAG V . -27.96 9.95 42.36
C5 NAG V . -27.64 8.68 41.57
C6 NAG V . -27.48 8.93 40.08
C7 NAG V . -25.72 8.17 46.39
C8 NAG V . -24.37 8.81 46.29
N2 NAG V . -26.70 8.74 45.69
O3 NAG V . -28.27 10.76 44.63
O4 NAG V . -29.25 10.40 41.96
O5 NAG V . -26.38 8.14 42.02
O6 NAG V . -26.33 9.72 39.81
O7 NAG V . -25.92 7.19 47.10
C1 BMA V . -29.39 11.75 41.65
C2 BMA V . -30.74 11.91 41.02
C3 BMA V . -30.96 13.35 40.61
C4 BMA V . -30.79 14.24 41.82
C5 BMA V . -29.42 14.01 42.45
C6 BMA V . -29.22 14.78 43.73
O2 BMA V . -31.75 11.49 41.93
O3 BMA V . -32.26 13.47 40.06
O4 BMA V . -30.91 15.60 41.43
O5 BMA V . -29.27 12.62 42.78
O6 BMA V . -27.94 14.53 44.31
C1 MAN V . -32.48 12.61 38.97
C2 MAN V . -31.74 13.10 37.75
C3 MAN V . -32.35 14.40 37.26
C4 MAN V . -33.83 14.21 37.02
C5 MAN V . -34.51 13.68 38.27
C6 MAN V . -35.97 13.33 38.06
O2 MAN V . -31.76 12.11 36.74
O3 MAN V . -31.69 14.81 36.07
O4 MAN V . -34.42 15.45 36.65
O5 MAN V . -33.87 12.47 38.70
O6 MAN V . -36.11 12.27 37.12
C1 NAG W . -26.94 2.94 38.52
C2 NAG W . -27.71 4.26 38.39
C3 NAG W . -28.00 4.81 39.77
C4 NAG W . -28.77 3.79 40.58
C5 NAG W . -27.95 2.51 40.66
C6 NAG W . -28.69 1.39 41.34
C7 NAG W . -26.65 5.26 36.37
C8 NAG W . -27.60 4.65 35.39
N2 NAG W . -27.06 5.31 37.64
O3 NAG W . -28.74 6.02 39.61
O4 NAG W . -29.01 4.27 41.91
O5 NAG W . -27.69 2.05 39.32
O6 NAG W . -29.85 1.03 40.60
O7 NAG W . -25.58 5.74 36.02
C1 NAG W . -30.27 4.87 42.10
C2 NAG W . -30.48 5.17 43.58
C3 NAG W . -31.87 5.77 43.79
C4 NAG W . -32.04 6.99 42.90
C5 NAG W . -31.76 6.62 41.45
C6 NAG W . -31.79 7.81 40.53
C7 NAG W . -29.30 3.79 45.19
C8 NAG W . -29.13 2.41 45.75
N2 NAG W . -30.32 3.97 44.37
O3 NAG W . -32.02 6.09 45.16
O4 NAG W . -33.38 7.46 42.96
O5 NAG W . -30.45 6.04 41.32
O6 NAG W . -31.52 7.41 39.18
O7 NAG W . -28.54 4.71 45.49
C1 BMA W . -33.86 8.32 43.95
C2 BMA W . -35.26 8.69 43.51
C3 BMA W . -35.92 9.59 44.52
C4 BMA W . -35.91 8.92 45.87
C5 BMA W . -34.49 8.55 46.27
C6 BMA W . -34.43 7.77 47.56
O2 BMA W . -36.04 7.51 43.32
O3 BMA W . -37.27 9.87 44.11
O4 BMA W . -36.46 9.79 46.86
O5 BMA W . -33.90 7.71 45.24
O6 BMA W . -35.60 6.97 47.69
C1 MAN W . -35.41 5.58 47.68
C2 MAN W . -36.03 5.04 46.40
C3 MAN W . -37.53 5.24 46.38
C4 MAN W . -38.16 4.70 47.65
C5 MAN W . -37.48 5.33 48.87
C6 MAN W . -38.00 4.80 50.18
O2 MAN W . -35.69 3.67 46.24
O3 MAN W . -38.09 4.60 45.23
O4 MAN W . -39.55 5.00 47.68
O5 MAN W . -36.07 5.03 48.82
O6 MAN W . -37.25 5.31 51.28
C1 NAG X . -26.73 -2.93 47.48
C2 NAG X . -27.96 -2.13 47.02
C3 NAG X . -28.84 -1.82 48.21
C4 NAG X . -29.21 -3.09 48.97
C5 NAG X . -27.99 -3.97 49.21
C6 NAG X . -28.35 -5.35 49.71
C7 NAG X . -27.61 -0.80 44.98
C8 NAG X . -28.39 -1.85 44.24
N2 NAG X . -27.58 -0.92 46.31
O3 NAG X . -30.01 -1.15 47.75
O4 NAG X . -29.72 -2.72 50.25
O5 NAG X . -27.24 -4.14 47.99
O6 NAG X . -27.55 -6.36 49.11
O7 NAG X . -27.03 0.11 44.40
C1 NAG X . -31.05 -3.00 50.56
C2 NAG X . -31.73 -1.66 50.86
C3 NAG X . -33.23 -1.86 51.07
C4 NAG X . -33.84 -2.69 49.94
C5 NAG X . -33.06 -3.99 49.79
C6 NAG X . -33.56 -4.84 48.64
C7 NAG X . -30.29 0.01 51.91
C8 NAG X . -30.52 1.14 52.86
N2 NAG X . -31.14 -1.02 52.02
O3 NAG X . -33.85 -0.60 51.17
O4 NAG X . -35.19 -2.99 50.27
O5 NAG X . -31.68 -3.67 49.50
O6 NAG X . -32.93 -6.12 48.66
O7 NAG X . -29.39 0.03 51.08
C1 NAG Y . -20.18 -20.44 27.67
C2 NAG Y . -19.91 -20.64 26.18
C3 NAG Y . -20.18 -22.10 25.82
C4 NAG Y . -19.34 -23.01 26.70
C5 NAG Y . -19.62 -22.72 28.16
C6 NAG Y . -18.71 -23.49 29.08
C7 NAG Y . -20.19 -18.78 24.61
C8 NAG Y . -18.70 -18.61 24.69
N2 NAG Y . -20.71 -19.76 25.35
O3 NAG Y . -19.89 -22.30 24.44
O4 NAG Y . -19.66 -24.37 26.43
O5 NAG Y . -19.39 -21.33 28.43
O6 NAG Y . -17.36 -23.08 28.90
O7 NAG Y . -20.88 -18.07 23.89
C1 NAG Y . -18.61 -25.18 26.00
C2 NAG Y . -18.93 -26.63 26.33
C3 NAG Y . -17.79 -27.52 25.87
C4 NAG Y . -17.52 -27.29 24.38
C5 NAG Y . -17.25 -25.81 24.14
C6 NAG Y . -17.10 -25.47 22.68
C7 NAG Y . -20.43 -27.01 28.20
C8 NAG Y . -20.54 -27.28 29.68
N2 NAG Y . -19.19 -26.80 27.74
O3 NAG Y . -18.12 -28.87 26.14
O4 NAG Y . -16.37 -27.99 23.93
O5 NAG Y . -18.36 -25.01 24.62
O6 NAG Y . -18.30 -25.76 21.96
O7 NAG Y . -21.41 -26.98 27.47
C1 NAG Z . 48.62 -1.22 -3.70
C2 NAG Z . 48.35 -2.30 -2.67
C3 NAG Z . 49.53 -2.40 -1.71
C4 NAG Z . 50.83 -2.62 -2.48
C5 NAG Z . 51.01 -1.51 -3.51
C6 NAG Z . 52.16 -1.73 -4.46
C7 NAG Z . 46.43 -2.91 -1.21
C8 NAG Z . 45.05 -2.48 -0.80
N2 NAG Z . 47.08 -2.04 -1.99
O3 NAG Z . 49.33 -3.44 -0.77
O4 NAG Z . 51.85 -2.61 -1.47
O5 NAG Z . 49.84 -1.44 -4.37
O6 NAG Z . 52.22 -0.71 -5.45
O7 NAG Z . 46.91 -3.98 -0.88
C1 NAG Z . 53.18 -3.02 -1.61
C2 NAG Z . 53.27 -4.34 -2.38
C3 NAG Z . 54.74 -4.78 -2.41
C4 NAG Z . 55.62 -3.68 -2.97
C5 NAG Z . 55.42 -2.39 -2.17
C6 NAG Z . 56.17 -1.22 -2.75
C7 NAG Z . 52.57 -6.00 -0.68
C8 NAG Z . 51.70 -7.20 -0.47
N2 NAG Z . 52.42 -5.38 -1.85
O3 NAG Z . 54.86 -5.97 -3.17
O4 NAG Z . 56.98 -4.07 -2.88
O5 NAG Z . 54.02 -2.02 -2.15
O6 NAG Z . 57.57 -1.45 -2.77
O7 NAG Z . 53.36 -5.62 0.18
C1 NAG AA . -8.87 43.05 12.53
C2 NAG AA . -8.25 43.64 13.79
C3 NAG AA . -9.12 43.30 14.99
C4 NAG AA . -10.54 43.79 14.76
C5 NAG AA . -11.08 43.18 13.46
C6 NAG AA . -12.44 43.70 13.07
C7 NAG AA . -5.81 43.88 13.76
C8 NAG AA . -4.52 43.28 14.22
N2 NAG AA . -6.90 43.14 13.98
O3 NAG AA . -8.56 43.89 16.15
O4 NAG AA . -11.36 43.39 15.85
O5 NAG AA . -10.20 43.51 12.37
O6 NAG AA . -12.88 43.10 11.85
O7 NAG AA . -5.86 44.97 13.22
C1 NAG AA . -12.13 44.38 16.44
C2 NAG AA . -12.87 43.80 17.66
C3 NAG AA . -13.60 44.92 18.37
C4 NAG AA . -12.63 46.05 18.73
C5 NAG AA . -11.92 46.53 17.47
C6 NAG AA . -10.85 47.55 17.77
C7 NAG AA . -13.56 41.63 16.69
C8 NAG AA . -12.48 40.78 17.28
N2 NAG AA . -13.82 42.77 17.32
O3 NAG AA . -14.22 44.40 19.54
O4 NAG AA . -13.37 47.12 19.30
O5 NAG AA . -11.27 45.43 16.82
O6 NAG AA . -9.86 47.01 18.65
O7 NAG AA . -14.18 41.29 15.68
C1 NAG BA . -20.75 37.39 5.39
C2 NAG BA . -20.39 38.35 4.26
C3 NAG BA . -21.33 39.56 4.31
C4 NAG BA . -22.78 39.09 4.25
C5 NAG BA . -23.04 38.10 5.38
C6 NAG BA . -24.42 37.50 5.31
C7 NAG BA . -18.43 39.41 5.36
C8 NAG BA . -17.02 39.06 5.69
N2 NAG BA . -18.99 38.72 4.36
O3 NAG BA . -21.03 40.42 3.22
O4 NAG BA . -23.64 40.21 4.40
O5 NAG BA . -22.10 37.01 5.31
O6 NAG BA . -24.59 36.81 4.08
O7 NAG BA . -19.05 40.27 5.98
C1 NAG BA . -24.43 40.58 3.33
C2 NAG BA . -25.21 41.81 3.78
C3 NAG BA . -26.03 42.35 2.62
C4 NAG BA . -25.13 42.63 1.42
C5 NAG BA . -24.37 41.36 1.06
C6 NAG BA . -23.37 41.57 -0.06
C7 NAG BA . -25.79 41.91 6.16
C8 NAG BA . -24.67 42.89 6.30
N2 NAG BA . -26.05 41.48 4.91
O3 NAG BA . -26.72 43.52 3.03
O4 NAG BA . -25.93 43.03 0.32
O5 NAG BA . -23.63 40.88 2.20
O6 NAG BA . -24.04 41.88 -1.28
O7 NAG BA . -26.43 41.50 7.12
C1 NAG CA . -5.32 32.44 -11.45
C2 NAG CA . -5.08 32.45 -12.96
C3 NAG CA . -3.83 33.26 -13.27
C4 NAG CA . -3.98 34.67 -12.69
C5 NAG CA . -4.26 34.57 -11.20
C6 NAG CA . -4.54 35.90 -10.55
C7 NAG CA . -5.89 30.54 -14.25
C8 NAG CA . -6.71 31.49 -15.06
N2 NAG CA . -4.96 31.10 -13.47
O3 NAG CA . -3.63 33.30 -14.67
O4 NAG CA . -2.78 35.39 -12.91
O5 NAG CA . -5.43 33.76 -10.97
O6 NAG CA . -5.72 36.49 -11.08
O7 NAG CA . -6.06 29.33 -14.29
C1 NAG CA . -2.93 36.64 -13.52
C2 NAG CA . -1.55 37.28 -13.59
C3 NAG CA . -1.63 38.60 -14.35
C4 NAG CA . -2.26 38.37 -15.72
C5 NAG CA . -3.61 37.69 -15.55
C6 NAG CA . -4.24 37.32 -16.87
C7 NAG CA . -1.42 38.26 -11.31
C8 NAG CA . -0.75 38.11 -9.98
N2 NAG CA . -0.97 37.44 -12.27
O3 NAG CA . -0.33 39.14 -14.44
O4 NAG CA . -2.48 39.61 -16.40
O5 NAG CA . -3.47 36.46 -14.81
O6 NAG CA . -5.52 36.70 -16.68
O7 NAG CA . -2.32 39.07 -11.50
C1 BMA CA . -1.44 40.25 -17.06
C2 BMA CA . -2.02 41.30 -17.98
C3 BMA CA . -0.92 42.03 -18.70
C4 BMA CA . 0.05 42.63 -17.70
C5 BMA CA . 0.58 41.54 -16.78
C6 BMA CA . 1.45 42.08 -15.66
O2 BMA CA . -2.84 42.20 -17.25
O3 BMA CA . -1.48 43.05 -19.53
O4 BMA CA . 1.14 43.24 -18.37
O5 BMA CA . -0.53 40.86 -16.14
O6 BMA CA . 2.62 42.70 -16.17
C1 NAG DA . 20.04 25.34 10.46
C2 NAG DA . 18.54 25.64 10.41
C3 NAG DA . 18.15 26.40 11.67
C4 NAG DA . 18.57 25.62 12.90
C5 NAG DA . 20.06 25.33 12.86
C6 NAG DA . 20.52 24.43 13.98
C7 NAG DA . 17.55 25.95 8.18
C8 NAG DA . 17.16 24.50 8.24
N2 NAG DA . 18.23 26.42 9.23
O3 NAG DA . 16.74 26.60 11.65
O4 NAG DA . 18.33 26.43 14.06
O5 NAG DA . 20.38 24.63 11.64
O6 NAG DA . 21.88 24.07 13.80
O7 NAG DA . 17.27 26.65 7.22
C1 NAG DA . 17.40 25.94 14.97
C2 NAG DA . 17.46 26.85 16.20
C3 NAG DA . 16.41 26.42 17.20
C4 NAG DA . 15.04 26.40 16.54
C5 NAG DA . 15.07 25.51 15.29
C6 NAG DA . 13.79 25.58 14.51
C7 NAG DA . 19.63 27.84 16.70
C8 NAG DA . 21.08 27.52 16.85
N2 NAG DA . 18.79 26.80 16.76
O3 NAG DA . 16.43 27.34 18.29
O4 NAG DA . 14.06 25.86 17.41
O5 NAG DA . 16.10 25.93 14.40
O6 NAG DA . 13.56 26.92 14.06
O7 NAG DA . 19.23 28.98 16.52
C1 BMA DA . 13.40 26.65 18.34
C2 BMA DA . 12.19 25.87 18.78
C3 BMA DA . 11.41 26.63 19.82
C4 BMA DA . 12.31 26.98 20.98
C5 BMA DA . 13.54 27.74 20.49
C6 BMA DA . 14.55 28.02 21.57
O2 BMA DA . 12.60 24.61 19.28
O3 BMA DA . 10.31 25.84 20.29
O4 BMA DA . 11.61 27.79 21.91
O5 BMA DA . 14.21 26.97 19.47
O6 BMA DA . 15.56 27.02 21.66
C1 NAG EA . 29.36 18.77 -21.22
C2 NAG EA . 28.19 17.80 -21.19
C3 NAG EA . 28.51 16.60 -22.06
C4 NAG EA . 28.84 17.07 -23.46
C5 NAG EA . 29.99 18.06 -23.42
C6 NAG EA . 30.29 18.65 -24.77
C7 NAG EA . 28.62 16.59 -19.06
C8 NAG EA . 27.87 15.70 -18.12
N2 NAG EA . 27.86 17.37 -19.84
O3 NAG EA . 27.38 15.73 -22.07
O4 NAG EA . 29.26 15.95 -24.22
O5 NAG EA . 29.65 19.15 -22.56
O6 NAG EA . 29.10 19.10 -25.37
O7 NAG EA . 29.85 16.60 -19.09
C1 NAG EA . 28.50 15.64 -25.35
C2 NAG EA . 29.32 14.62 -26.13
C3 NAG EA . 28.55 14.29 -27.39
C4 NAG EA . 27.19 13.73 -27.00
C5 NAG EA . 26.46 14.78 -26.19
C6 NAG EA . 25.10 14.34 -25.71
C7 NAG EA . 31.72 14.70 -25.76
C8 NAG EA . 31.50 13.57 -24.80
N2 NAG EA . 30.64 15.13 -26.40
O3 NAG EA . 29.29 13.38 -28.19
O4 NAG EA . 26.42 13.45 -28.16
O5 NAG EA . 27.24 15.09 -25.01
O6 NAG EA . 25.19 13.18 -24.90
O7 NAG EA . 32.83 15.21 -25.91
C1 BMA EA . 26.30 12.11 -28.51
C2 BMA EA . 24.91 11.99 -29.02
C3 BMA EA . 24.64 10.62 -29.52
C4 BMA EA . 25.70 10.21 -30.53
C5 BMA EA . 27.09 10.38 -29.97
C6 BMA EA . 28.11 10.17 -31.07
O2 BMA EA . 24.72 12.91 -30.08
O3 BMA EA . 23.39 10.69 -30.19
O4 BMA EA . 25.53 8.84 -30.87
O5 BMA EA . 27.26 11.71 -29.48
O6 BMA EA . 29.38 10.75 -30.83
C1 MAN EA . 22.45 9.78 -29.74
C2 MAN EA . 21.29 9.68 -30.69
C3 MAN EA . 20.55 10.99 -30.75
C4 MAN EA . 20.11 11.38 -29.37
C5 MAN EA . 21.32 11.44 -28.44
C6 MAN EA . 20.98 11.76 -27.01
O2 MAN EA . 20.42 8.61 -30.32
O3 MAN EA . 19.41 10.84 -31.60
O4 MAN EA . 19.46 12.63 -29.39
O5 MAN EA . 22.01 10.18 -28.44
O6 MAN EA . 22.15 11.81 -26.20
C1 MAN EA . 30.39 9.80 -30.88
C2 MAN EA . 30.62 9.29 -29.48
C3 MAN EA . 31.31 10.35 -28.65
C4 MAN EA . 32.59 10.79 -29.32
C5 MAN EA . 32.30 11.27 -30.74
C6 MAN EA . 33.56 11.59 -31.50
O2 MAN EA . 31.37 8.08 -29.53
O3 MAN EA . 31.61 9.87 -27.34
O4 MAN EA . 33.21 11.83 -28.57
O5 MAN EA . 31.62 10.23 -31.47
O6 MAN EA . 33.28 11.96 -32.86
C1 NAG FA . 24.46 35.87 14.50
C2 NAG FA . 25.42 37.04 14.67
C3 NAG FA . 26.58 36.62 15.56
C4 NAG FA . 26.08 36.07 16.88
C5 NAG FA . 25.10 34.92 16.62
C6 NAG FA . 24.43 34.42 17.88
C7 NAG FA . 25.23 37.89 12.35
C8 NAG FA . 25.87 37.69 11.02
N2 NAG FA . 25.96 37.51 13.41
O3 NAG FA . 27.43 37.74 15.77
O4 NAG FA . 27.19 35.58 17.63
O5 NAG FA . 24.04 35.37 15.76
O6 NAG FA . 23.46 33.42 17.57
O7 NAG FA . 24.11 38.37 12.48
C1 NAG FA . 27.62 36.31 18.73
C2 NAG FA . 28.90 35.66 19.25
C3 NAG FA . 29.45 36.49 20.40
C4 NAG FA . 29.66 37.93 19.97
C5 NAG FA . 28.35 38.50 19.43
C6 NAG FA . 28.49 39.89 18.87
C7 NAG FA . 27.56 33.66 19.84
C8 NAG FA . 26.77 34.05 21.05
N2 NAG FA . 28.73 34.28 19.67
O3 NAG FA . 30.67 35.91 20.85
O4 NAG FA . 30.07 38.70 21.10
O5 NAG FA . 27.85 37.66 18.36
O6 NAG FA . 29.44 39.94 17.82
O7 NAG FA . 27.17 32.79 19.06
C1 NAG GA . 4.79 37.27 22.74
C2 NAG GA . 5.88 37.40 23.81
C3 NAG GA . 5.67 36.32 24.86
C4 NAG GA . 4.27 36.39 25.42
C5 NAG GA . 3.24 36.30 24.30
C6 NAG GA . 1.82 36.50 24.76
C7 NAG GA . 8.21 36.60 23.47
C8 NAG GA . 8.71 35.70 22.39
N2 NAG GA . 7.17 37.37 23.16
O3 NAG GA . 6.62 36.45 25.90
O4 NAG GA . 4.08 35.28 26.30
O5 NAG GA . 3.50 37.33 23.32
O6 NAG GA . 1.68 37.76 25.42
O7 NAG GA . 8.75 36.66 24.57
C1 NAG GA . 3.26 35.42 27.41
C2 NAG GA . 2.57 34.09 27.67
C3 NAG GA . 1.69 34.22 28.91
C4 NAG GA . 2.50 34.73 30.09
C5 NAG GA . 3.19 36.03 29.72
C6 NAG GA . 4.11 36.52 30.81
C7 NAG GA . 1.29 32.51 26.27
C8 NAG GA . 0.21 32.44 25.23
N2 NAG GA . 1.81 33.71 26.50
O3 NAG GA . 1.09 32.96 29.21
O4 NAG GA . 1.63 34.95 31.19
O5 NAG GA . 3.99 35.87 28.54
O6 NAG GA . 5.13 35.56 31.08
O7 NAG GA . 1.67 31.50 26.88
C1 NAG HA . 20.18 42.64 11.92
C2 NAG HA . 19.83 42.48 13.40
C3 NAG HA . 19.03 43.69 13.84
C4 NAG HA . 19.83 44.96 13.59
C5 NAG HA . 20.18 45.02 12.10
C6 NAG HA . 21.05 46.20 11.76
C7 NAG HA . 19.55 40.03 13.46
C8 NAG HA . 18.51 38.95 13.49
N2 NAG HA . 19.11 41.27 13.73
O3 NAG HA . 18.71 43.55 15.22
O4 NAG HA . 19.08 46.11 13.92
O5 NAG HA . 20.90 43.84 11.73
O6 NAG HA . 22.33 46.06 12.37
O7 NAG HA . 20.73 39.81 13.23
C1 NAG HA . 19.22 46.68 15.19
C2 NAG HA . 18.43 47.99 15.19
C3 NAG HA . 18.52 48.63 16.57
C4 NAG HA . 18.04 47.65 17.63
C5 NAG HA . 18.84 46.36 17.53
C6 NAG HA . 18.35 45.29 18.47
C7 NAG HA . 18.23 49.18 13.08
C8 NAG HA . 18.88 50.12 12.11
N2 NAG HA . 18.93 48.89 14.17
O3 NAG HA . 17.75 49.82 16.58
O4 NAG HA . 18.24 48.23 18.92
O5 NAG HA . 18.75 45.81 16.20
O6 NAG HA . 17.03 44.88 18.13
O7 NAG HA . 17.12 48.69 12.87
C1 NAG IA . 17.53 43.78 -8.79
C2 NAG IA . 16.08 43.89 -8.33
C3 NAG IA . 15.42 45.06 -9.04
C4 NAG IA . 16.21 46.34 -8.80
C5 NAG IA . 17.65 46.13 -9.25
C6 NAG IA . 18.54 47.30 -8.90
C7 NAG IA . 15.11 41.76 -7.64
C8 NAG IA . 13.75 41.14 -7.73
N2 NAG IA . 15.41 42.64 -8.59
O3 NAG IA . 14.09 45.17 -8.55
O4 NAG IA . 15.67 47.39 -9.59
O5 NAG IA . 18.23 45.00 -8.56
O6 NAG IA . 18.04 48.52 -9.46
O7 NAG IA . 15.90 41.48 -6.75
C1 NAG IA . 14.66 48.19 -9.06
C2 NAG IA . 14.51 49.47 -9.88
C3 NAG IA . 13.52 50.39 -9.17
C4 NAG IA . 12.19 49.67 -8.99
C5 NAG IA . 12.44 48.37 -8.22
C6 NAG IA . 11.18 47.53 -8.09
C7 NAG IA . 16.33 50.15 -11.33
C8 NAG IA . 17.54 51.01 -11.49
N2 NAG IA . 15.78 50.13 -10.12
O3 NAG IA . 13.36 51.59 -9.91
O4 NAG IA . 11.31 50.49 -8.25
O5 NAG IA . 13.39 47.56 -8.92
O6 NAG IA . 11.46 46.31 -7.44
O7 NAG IA . 15.87 49.49 -12.25
C1 BMA IA . 10.05 50.68 -8.80
C2 BMA IA . 9.08 51.16 -7.76
C3 BMA IA . 7.71 51.30 -8.36
C4 BMA IA . 7.78 52.24 -9.56
C5 BMA IA . 8.79 51.72 -10.56
C6 BMA IA . 9.00 52.66 -11.72
O2 BMA IA . 9.53 52.39 -7.21
O3 BMA IA . 6.77 51.78 -7.40
O4 BMA IA . 6.50 52.32 -10.18
O5 BMA IA . 10.07 51.58 -9.91
O6 BMA IA . 10.00 52.16 -12.62
C1 MAN IA . 6.40 50.85 -6.43
C2 MAN IA . 4.96 51.14 -6.05
C3 MAN IA . 4.85 52.46 -5.32
C4 MAN IA . 5.78 52.46 -4.12
C5 MAN IA . 7.20 52.13 -4.55
C6 MAN IA . 8.15 51.98 -3.37
O2 MAN IA . 4.44 50.07 -5.27
O3 MAN IA . 3.50 52.67 -4.91
O4 MAN IA . 5.76 53.73 -3.49
O5 MAN IA . 7.23 50.88 -5.27
O6 MAN IA . 7.62 51.06 -2.41
C1 NAG JA . 15.52 44.21 -3.72
C2 NAG JA . 14.20 44.93 -4.03
C3 NAG JA . 14.49 46.21 -4.81
C4 NAG JA . 15.48 47.08 -4.04
C5 NAG JA . 16.74 46.28 -3.75
C6 NAG JA . 17.70 47.03 -2.86
C7 NAG JA . 12.20 43.55 -4.31
C8 NAG JA . 11.87 43.89 -2.89
N2 NAG JA . 13.32 44.08 -4.79
O3 NAG JA . 13.26 46.88 -5.02
O4 NAG JA . 15.82 48.22 -4.81
O5 NAG JA . 16.40 45.08 -3.04
O6 NAG JA . 17.12 47.27 -1.59
O7 NAG JA . 11.47 42.83 -4.99
C1 NAG JA . 15.32 49.45 -4.36
C2 NAG JA . 15.95 50.56 -5.19
C3 NAG JA . 15.42 51.91 -4.72
C4 NAG JA . 13.90 51.92 -4.79
C5 NAG JA . 13.35 50.75 -3.98
C6 NAG JA . 11.85 50.63 -4.08
C7 NAG JA . 18.16 50.18 -6.12
C8 NAG JA . 19.57 49.81 -5.80
N2 NAG JA . 17.40 50.51 -5.09
O3 NAG JA . 15.99 52.92 -5.54
O4 NAG JA . 13.37 53.12 -4.23
O5 NAG JA . 13.90 49.51 -4.44
O6 NAG JA . 11.46 50.53 -5.45
O7 NAG JA . 17.73 50.19 -7.27
C1 BMA JA . 13.27 54.31 -4.94
C2 BMA JA . 12.56 55.29 -4.04
C3 BMA JA . 12.47 56.64 -4.70
C4 BMA JA . 13.86 57.12 -5.08
C5 BMA JA . 14.54 56.09 -5.96
C6 BMA JA . 15.98 56.43 -6.28
O2 BMA JA . 13.23 55.37 -2.80
O3 BMA JA . 11.86 57.57 -3.81
O4 BMA JA . 13.78 58.36 -5.77
O5 BMA JA . 14.55 54.81 -5.29
O6 BMA JA . 16.51 57.37 -5.35
C1 MAN JA . 17.66 56.99 -4.65
C2 MAN JA . 17.27 56.26 -3.36
C3 MAN JA . 16.48 57.17 -2.44
C4 MAN JA . 17.23 58.46 -2.20
C5 MAN JA . 17.57 59.11 -3.52
C6 MAN JA . 18.39 60.37 -3.37
O2 MAN JA . 18.44 55.75 -2.72
O3 MAN JA . 16.23 56.49 -1.21
O4 MAN JA . 16.43 59.35 -1.43
O5 MAN JA . 18.36 58.19 -4.32
O6 MAN JA . 18.40 61.12 -4.59
C1 NAG KA . 24.78 47.99 -5.04
C2 NAG KA . 23.67 48.52 -4.15
C3 NAG KA . 23.64 50.05 -4.16
C4 NAG KA . 25.04 50.63 -3.94
C5 NAG KA . 26.01 50.03 -4.94
C6 NAG KA . 27.43 50.49 -4.71
C7 NAG KA . 21.64 47.14 -3.87
C8 NAG KA . 22.01 46.97 -2.43
N2 NAG KA . 22.38 48.02 -4.56
O3 NAG KA . 22.75 50.51 -3.15
O4 NAG KA . 24.97 52.04 -4.16
O5 NAG KA . 26.02 48.60 -4.77
O6 NAG KA . 27.91 50.04 -3.46
O7 NAG KA . 20.73 46.52 -4.39
C1 NAG KA . 25.37 52.90 -3.14
C2 NAG KA . 25.58 54.27 -3.77
C3 NAG KA . 25.87 55.30 -2.68
C4 NAG KA . 24.84 55.24 -1.58
C5 NAG KA . 24.75 53.82 -1.04
C6 NAG KA . 23.71 53.66 0.04
C7 NAG KA . 26.42 54.07 -6.04
C8 NAG KA . 27.62 53.72 -6.88
N2 NAG KA . 26.65 54.24 -4.74
O3 NAG KA . 25.90 56.61 -3.27
O4 NAG KA . 25.23 56.11 -0.51
O5 NAG KA . 24.38 52.94 -2.12
O6 NAG KA . 24.31 53.46 1.31
O7 NAG KA . 25.31 54.20 -6.53
C1 NAG LA . 28.35 26.15 10.85
C2 NAG LA . 27.47 25.13 11.56
C3 NAG LA . 28.19 24.61 12.80
C4 NAG LA . 29.56 24.06 12.42
C5 NAG LA . 30.36 25.13 11.69
C6 NAG LA . 31.66 24.62 11.14
C7 NAG LA . 25.08 25.14 12.17
C8 NAG LA . 24.02 26.00 12.79
N2 NAG LA . 26.20 25.76 11.85
O3 NAG LA . 27.40 23.61 13.42
O4 NAG LA . 30.26 23.70 13.61
O5 NAG LA . 29.62 25.60 10.55
O6 NAG LA . 31.43 23.65 10.13
O7 NAG LA . 24.90 23.95 11.94
C1 NAG LA . 30.97 22.50 13.57
C2 NAG LA . 32.18 22.56 14.50
C3 NAG LA . 32.95 21.25 14.41
C4 NAG LA . 32.02 20.08 14.71
C5 NAG LA . 30.82 20.11 13.78
C6 NAG LA . 29.78 19.06 14.11
C7 NAG LA . 33.12 24.76 14.94
C8 NAG LA . 34.10 25.81 14.50
N2 NAG LA . 33.03 23.69 14.17
O3 NAG LA . 34.04 21.28 15.31
O4 NAG LA . 32.75 18.87 14.48
O5 NAG LA . 30.15 21.39 13.88
O6 NAG LA . 29.24 19.29 15.42
O7 NAG LA . 32.45 24.89 15.96
C1 BMA LA . 32.78 17.91 15.49
C2 BMA LA . 33.66 16.79 15.01
C3 BMA LA . 33.83 15.75 16.09
C4 BMA LA . 34.37 16.40 17.35
C5 BMA LA . 33.45 17.55 17.77
C6 BMA LA . 33.97 18.32 18.95
O2 BMA LA . 34.92 17.31 14.60
O3 BMA LA . 34.72 14.73 15.65
O4 BMA LA . 34.44 15.45 18.41
O5 BMA LA . 33.30 18.48 16.69
O6 BMA LA . 33.06 19.35 19.33
C1 NAG MA . 8.82 -38.80 -28.84
C2 NAG MA . 10.27 -38.34 -28.74
C3 NAG MA . 11.02 -38.83 -29.97
C4 NAG MA . 10.87 -40.34 -30.12
C5 NAG MA . 9.39 -40.71 -30.16
C6 NAG MA . 9.16 -42.20 -30.18
C7 NAG MA . 11.44 -36.25 -28.23
C8 NAG MA . 11.37 -34.76 -28.30
N2 NAG MA . 10.34 -36.91 -28.59
O3 NAG MA . 12.39 -38.47 -29.89
O4 NAG MA . 11.49 -40.76 -31.33
O5 NAG MA . 8.72 -40.20 -28.99
O6 NAG MA . 9.68 -42.81 -29.00
O7 NAG MA . 12.46 -36.82 -27.87
C1 NAG MA . 12.48 -41.72 -31.23
C2 NAG MA . 12.87 -42.15 -32.65
C3 NAG MA . 14.00 -43.17 -32.58
C4 NAG MA . 15.16 -42.62 -31.76
C5 NAG MA . 14.68 -42.19 -30.38
C6 NAG MA . 15.75 -41.50 -29.57
C7 NAG MA . 11.50 -43.78 -33.96
C8 NAG MA . 11.08 -43.70 -35.40
N2 NAG MA . 11.68 -42.61 -33.34
O3 NAG MA . 14.42 -43.52 -33.89
O4 NAG MA . 16.15 -43.63 -31.61
O5 NAG MA . 13.60 -41.24 -30.51
O6 NAG MA . 16.20 -40.32 -30.23
O7 NAG MA . 11.66 -44.85 -33.39
C1 NAG NA . -27.17 26.44 -25.47
C2 NAG NA . -26.74 26.94 -26.85
C3 NAG NA . -25.94 28.23 -26.68
C4 NAG NA . -26.75 29.26 -25.92
C5 NAG NA . -27.18 28.67 -24.57
C6 NAG NA . -28.08 29.57 -23.78
C7 NAG NA . -26.42 25.24 -28.59
C8 NAG NA . -27.85 25.46 -28.96
N2 NAG NA . -25.97 25.94 -27.54
O3 NAG NA . -25.56 28.71 -27.96
O4 NAG NA . -25.93 30.41 -25.71
O5 NAG NA . -27.91 27.44 -24.79
O6 NAG NA . -28.42 28.97 -22.53
O7 NAG NA . -25.70 24.46 -29.20
C1 NAG NA . -26.47 31.65 -26.03
C2 NAG NA . -25.38 32.71 -25.93
C3 NAG NA . -25.91 34.04 -26.47
C4 NAG NA . -26.43 33.87 -27.88
C5 NAG NA . -27.48 32.77 -27.90
C6 NAG NA . -27.97 32.45 -29.30
C7 NAG NA . -24.42 32.01 -23.75
C8 NAG NA . -23.21 31.28 -24.24
N2 NAG NA . -24.91 32.94 -24.58
O3 NAG NA . -24.86 35.00 -26.43
O4 NAG NA . -27.02 35.09 -28.30
O5 NAG NA . -26.95 31.55 -27.36
O6 NAG NA . -29.01 31.47 -29.25
O7 NAG NA . -24.91 31.79 -22.66
C1 NAG OA . -29.58 29.62 -10.58
C2 NAG OA . -30.71 28.86 -11.27
C3 NAG OA . -31.90 29.78 -11.49
C4 NAG OA . -32.34 30.39 -10.17
C5 NAG OA . -31.15 31.09 -9.51
C6 NAG OA . -31.44 31.63 -8.13
C7 NAG OA . -30.78 27.35 -13.24
C8 NAG OA . -31.42 26.24 -12.44
N2 NAG OA . -30.21 28.32 -12.52
O3 NAG OA . -32.97 29.08 -12.10
O4 NAG OA . -33.37 31.33 -10.44
O5 NAG OA . -30.05 30.17 -9.37
O6 NAG OA . -32.19 32.84 -8.17
O7 NAG OA . -30.76 27.35 -14.47
C1 NAG OA . -34.46 31.48 -9.59
C2 NAG OA . -35.20 32.72 -10.12
C3 NAG OA . -36.48 32.93 -9.30
C4 NAG OA . -37.33 31.67 -9.34
C5 NAG OA . -36.51 30.48 -8.83
C6 NAG OA . -37.25 29.18 -8.93
C7 NAG OA . -33.83 34.48 -11.12
C8 NAG OA . -34.26 33.93 -12.44
N2 NAG OA . -34.34 33.88 -10.05
O3 NAG OA . -37.19 34.04 -9.82
O4 NAG OA . -38.46 31.86 -8.49
O5 NAG OA . -35.31 30.34 -9.62
O6 NAG OA . -36.51 28.13 -8.30
O7 NAG OA . -33.04 35.41 -11.03
C1 NAG PA . -32.81 6.14 -9.92
C2 NAG PA . -33.76 5.04 -9.41
C3 NAG PA . -34.38 4.33 -10.61
C4 NAG PA . -35.08 5.33 -11.50
C5 NAG PA . -34.09 6.40 -11.94
C6 NAG PA . -34.74 7.50 -12.74
C7 NAG PA . -33.28 4.07 -7.23
C8 NAG PA . -34.63 4.54 -6.78
N2 NAG PA . -33.06 4.13 -8.56
O3 NAG PA . -35.28 3.33 -10.14
O4 NAG PA . -35.60 4.69 -12.67
O5 NAG PA . -33.52 7.02 -10.77
O6 NAG PA . -35.76 8.14 -11.99
O7 NAG PA . -32.43 3.66 -6.46
C1 NAG PA . -36.98 4.57 -12.73
C2 NAG PA . -37.35 4.12 -14.13
C3 NAG PA . -38.87 3.96 -14.22
C4 NAG PA . -39.35 3.01 -13.14
C5 NAG PA . -38.90 3.51 -11.78
C6 NAG PA . -39.25 2.57 -10.66
C7 NAG PA . -35.90 4.86 -15.96
C8 NAG PA . -35.25 3.51 -15.87
N2 NAG PA . -36.90 5.08 -15.11
O3 NAG PA . -39.19 3.49 -15.52
O4 NAG PA . -40.78 2.94 -13.14
O5 NAG PA . -37.46 3.67 -11.75
O6 NAG PA . -40.65 2.40 -10.54
O7 NAG PA . -35.50 5.73 -16.74
C1 BMA PA . -41.42 1.96 -13.88
C2 BMA PA . -42.91 2.06 -13.63
C3 BMA PA . -43.64 1.01 -14.42
C4 BMA PA . -43.31 1.13 -15.89
C5 BMA PA . -41.80 1.04 -16.08
C6 BMA PA . -41.37 1.29 -17.51
O2 BMA PA . -43.37 3.37 -13.96
O3 BMA PA . -45.05 1.17 -14.22
O4 BMA PA . -43.93 0.08 -16.63
O5 BMA PA . -41.14 2.05 -15.28
O6 BMA PA . -41.86 0.27 -18.38
C1 NAG QA . -8.78 -1.14 -32.75
C2 NAG QA . -9.36 0.00 -31.93
C3 NAG QA . -9.24 1.30 -32.70
C4 NAG QA . -7.79 1.53 -33.11
C5 NAG QA . -7.27 0.33 -33.89
C6 NAG QA . -5.80 0.43 -34.21
C7 NAG QA . -11.21 -0.54 -30.40
C8 NAG QA . -10.20 -0.54 -29.30
N2 NAG QA . -10.76 -0.26 -31.62
O3 NAG QA . -9.71 2.37 -31.90
O4 NAG QA . -7.69 2.67 -33.96
O5 NAG QA . -7.44 -0.87 -33.12
O6 NAG QA . -5.33 -0.77 -34.80
O7 NAG QA . -12.39 -0.80 -30.19
C1 NAG QA . -7.04 3.76 -33.41
C2 NAG QA . -6.50 4.66 -34.52
C3 NAG QA . -5.71 5.80 -33.89
C4 NAG QA . -6.59 6.54 -32.91
C5 NAG QA . -7.13 5.58 -31.86
C6 NAG QA . -8.12 6.23 -30.93
C7 NAG QA . -6.17 3.58 -36.68
C8 NAG QA . -5.41 2.55 -37.43
N2 NAG QA . -5.72 3.88 -35.46
O3 NAG QA . -5.23 6.67 -34.90
O4 NAG QA . -5.83 7.54 -32.25
O5 NAG QA . -7.84 4.50 -32.50
O6 NAG QA . -9.24 6.71 -31.66
O7 NAG QA . -7.18 4.11 -37.13
C1 BMA QA . -6.18 8.86 -32.49
C2 BMA QA . -5.52 9.77 -31.49
C3 BMA QA . -5.91 11.20 -31.75
C4 BMA QA . -5.58 11.57 -33.17
C5 BMA QA . -6.25 10.60 -34.14
C6 BMA QA . -5.85 10.83 -35.58
O2 BMA QA . -4.11 9.61 -31.57
O3 BMA QA . -5.22 12.05 -30.83
O4 BMA QA . -6.04 12.90 -33.45
O5 BMA QA . -5.86 9.26 -33.82
O6 BMA QA . -4.55 10.32 -35.84
C1 NAG RA . -20.89 -29.28 -19.10
C2 NAG RA . -20.33 -28.72 -17.79
C3 NAG RA . -19.85 -29.87 -16.91
C4 NAG RA . -20.99 -30.86 -16.70
C5 NAG RA . -21.52 -31.35 -18.04
C6 NAG RA . -22.74 -32.22 -17.88
C7 NAG RA . -18.04 -28.07 -18.50
C8 NAG RA . -16.95 -27.13 -18.12
N2 NAG RA . -19.26 -27.78 -18.02
O3 NAG RA . -19.40 -29.34 -15.68
O4 NAG RA . -20.50 -31.98 -15.98
O5 NAG RA . -21.93 -30.22 -18.84
O6 NAG RA . -23.75 -31.56 -17.15
O7 NAG RA . -17.85 -29.04 -19.21
C1 NAG RA . -21.08 -32.16 -14.72
C2 NAG RA . -20.66 -33.53 -14.19
C3 NAG RA . -21.31 -33.74 -12.84
C4 NAG RA . -20.89 -32.61 -11.91
C5 NAG RA . -21.31 -31.28 -12.52
C6 NAG RA . -20.84 -30.10 -11.71
C7 NAG RA . -20.03 -35.13 -15.91
C8 NAG RA . -18.62 -34.83 -15.53
N2 NAG RA . -20.98 -34.55 -15.17
O3 NAG RA . -20.95 -35.01 -12.31
O4 NAG RA . -21.54 -32.71 -10.64
O5 NAG RA . -20.69 -31.14 -13.82
O6 NAG RA . -21.02 -28.89 -12.42
O7 NAG RA . -20.31 -35.85 -16.87
C1 BMA RA . -20.82 -33.25 -9.59
C2 BMA RA . -21.47 -32.75 -8.34
C3 BMA RA . -20.82 -33.36 -7.12
C4 BMA RA . -20.87 -34.86 -7.22
C5 BMA RA . -20.21 -35.32 -8.52
C6 BMA RA . -20.33 -36.80 -8.76
O2 BMA RA . -22.86 -33.04 -8.37
O3 BMA RA . -21.53 -32.92 -5.96
O4 BMA RA . -20.16 -35.45 -6.13
O5 BMA RA . -20.86 -34.67 -9.63
O6 BMA RA . -19.73 -37.10 -10.01
C1 MAN RA . -20.81 -32.01 -5.18
C2 MAN RA . -21.54 -31.68 -3.90
C3 MAN RA . -22.75 -30.84 -4.18
C4 MAN RA . -22.36 -29.60 -4.95
C5 MAN RA . -21.61 -29.99 -6.22
C6 MAN RA . -21.09 -28.81 -7.00
O2 MAN RA . -20.66 -31.02 -2.98
O3 MAN RA . -23.37 -30.48 -2.95
O4 MAN RA . -23.50 -28.83 -5.29
O5 MAN RA . -20.48 -30.81 -5.89
O6 MAN RA . -20.17 -28.05 -6.23
C1 MAN RA . -18.85 -38.19 -9.97
C2 MAN RA . -17.89 -38.03 -11.13
C3 MAN RA . -18.63 -38.10 -12.44
C4 MAN RA . -19.43 -39.40 -12.51
C5 MAN RA . -20.36 -39.51 -11.30
C6 MAN RA . -21.07 -40.85 -11.24
O2 MAN RA . -16.88 -39.04 -11.06
O3 MAN RA . -17.72 -38.03 -13.53
O4 MAN RA . -20.20 -39.45 -13.71
O5 MAN RA . -19.59 -39.40 -10.08
O6 MAN RA . -21.87 -41.06 -12.40
C1 NAG SA . -13.24 1.08 -43.83
C2 NAG SA . -13.84 0.82 -45.22
C3 NAG SA . -12.73 0.41 -46.17
C4 NAG SA . -11.60 1.43 -46.18
C5 NAG SA . -11.09 1.64 -44.77
C6 NAG SA . -10.08 2.76 -44.66
C7 NAG SA . -15.93 -0.20 -44.41
C8 NAG SA . -16.43 -1.56 -44.01
N2 NAG SA . -14.85 -0.19 -45.20
O3 NAG SA . -13.29 0.25 -47.48
O4 NAG SA . -10.55 0.94 -47.00
O5 NAG SA . -12.17 2.01 -43.90
O6 NAG SA . -9.72 2.98 -43.30
O7 NAG SA . -16.48 0.83 -44.05
C1 NAG SA . -10.32 1.55 -48.22
C2 NAG SA . -9.24 0.76 -48.95
C3 NAG SA . -9.03 1.34 -50.34
C4 NAG SA . -10.36 1.38 -51.11
C5 NAG SA . -11.38 2.16 -50.29
C6 NAG SA . -12.76 2.15 -50.93
C7 NAG SA . -7.65 1.46 -47.20
C8 NAG SA . -7.35 2.90 -47.47
N2 NAG SA . -7.98 0.71 -48.26
O3 NAG SA . -8.07 0.56 -51.05
O4 NAG SA . -10.15 2.03 -52.36
O5 NAG SA . -11.52 1.59 -48.99
O6 NAG SA . -13.26 0.83 -51.06
O7 NAG SA . -7.58 0.98 -46.07
C1 NAG TA . -13.60 21.04 -36.09
C2 NAG TA . -12.81 20.93 -37.39
C3 NAG TA . -11.38 21.40 -37.14
C4 NAG TA . -11.39 22.81 -36.56
C5 NAG TA . -12.25 22.84 -35.29
C6 NAG TA . -12.42 24.23 -34.72
C7 NAG TA . -11.91 18.78 -38.27
C8 NAG TA . -11.80 17.47 -37.54
N2 NAG TA . -12.91 19.57 -37.89
O3 NAG TA . -10.64 21.37 -38.35
O4 NAG TA . -10.06 23.17 -36.23
O5 NAG TA . -13.57 22.35 -35.58
O6 NAG TA . -12.97 25.10 -35.69
O7 NAG TA . -11.15 19.08 -39.17
C1 NAG TA . -9.67 24.50 -36.37
C2 NAG TA . -8.62 24.80 -35.30
C3 NAG TA . -8.15 26.24 -35.46
C4 NAG TA . -7.66 26.48 -36.88
C5 NAG TA . -8.76 26.11 -37.88
C6 NAG TA . -8.29 26.21 -39.31
C7 NAG TA . -8.50 24.47 -32.86
C8 NAG TA . -9.28 24.65 -31.60
N2 NAG TA . -9.18 24.56 -33.99
O3 NAG TA . -7.11 26.52 -34.53
O4 NAG TA . -7.35 27.86 -37.04
O5 NAG TA . -9.19 24.75 -37.68
O6 NAG TA . -7.20 25.33 -39.55
O7 NAG TA . -7.29 24.26 -32.85
C1 NAG UA . -20.90 4.57 -43.78
C2 NAG UA . -19.96 5.73 -44.10
C3 NAG UA . -20.80 6.93 -44.48
C4 NAG UA . -21.69 6.58 -45.67
C5 NAG UA . -22.57 5.40 -45.29
C6 NAG UA . -23.41 4.91 -46.43
C7 NAG UA . -18.15 5.22 -42.52
C8 NAG UA . -17.55 5.61 -41.21
N2 NAG UA . -19.04 6.07 -43.04
O3 NAG UA . -19.94 8.02 -44.79
O4 NAG UA . -22.54 7.68 -46.01
O5 NAG UA . -21.73 4.30 -44.90
O6 NAG UA . -24.13 3.73 -46.06
O7 NAG UA . -17.84 4.18 -43.09
C1 NAG UA . -22.15 8.52 -47.04
C2 NAG UA . -23.32 9.48 -47.30
C3 NAG UA . -22.95 10.45 -48.41
C4 NAG UA . -21.67 11.18 -48.04
C5 NAG UA . -20.56 10.17 -47.75
C6 NAG UA . -19.28 10.82 -47.26
C7 NAG UA . -25.56 8.64 -46.83
C8 NAG UA . -26.71 7.81 -47.31
N2 NAG UA . -24.52 8.74 -47.64
O3 NAG UA . -24.02 11.36 -48.61
O4 NAG UA . -21.27 12.01 -49.13
O5 NAG UA . -20.98 9.25 -46.72
O6 NAG UA . -19.49 11.45 -46.00
O7 NAG UA . -25.58 9.19 -45.73
C1 NAG VA . -34.90 -5.93 -32.07
C2 NAG VA . -34.91 -4.48 -31.58
C3 NAG VA . -36.34 -4.01 -31.42
C4 NAG VA . -37.10 -4.17 -32.72
C5 NAG VA . -37.02 -5.63 -33.15
C6 NAG VA . -37.68 -5.91 -34.49
C7 NAG VA . -32.95 -3.87 -30.27
C8 NAG VA . -32.74 -2.85 -29.19
N2 NAG VA . -34.17 -4.38 -30.35
O3 NAG VA . -36.31 -2.66 -30.99
O4 NAG VA . -38.48 -3.84 -32.58
O5 NAG VA . -35.64 -6.04 -33.29
O6 NAG VA . -36.97 -5.26 -35.54
O7 NAG VA . -32.05 -4.19 -31.02
C1 NAG VA . -38.90 -2.52 -32.63
C2 NAG VA . -40.42 -2.38 -32.82
C3 NAG VA . -40.76 -0.91 -32.95
C4 NAG VA . -40.29 -0.17 -31.71
C5 NAG VA . -38.79 -0.38 -31.57
C6 NAG VA . -38.21 0.26 -30.32
C7 NAG VA . -40.93 -4.46 -34.03
C8 NAG VA . -41.19 -5.04 -35.38
N2 NAG VA . -40.97 -3.14 -33.93
O3 NAG VA . -42.16 -0.75 -33.15
O4 NAG VA . -40.58 1.21 -31.87
O5 NAG VA . -38.52 -1.79 -31.47
O6 NAG VA . -38.59 -0.46 -29.15
O7 NAG VA . -40.69 -5.17 -33.05
C1 NAG WA . -32.72 -1.18 -33.82
C2 NAG WA . -33.74 -0.19 -33.26
C3 NAG WA . -35.12 -0.51 -33.80
C4 NAG WA . -35.10 -0.51 -35.32
C5 NAG WA . -34.04 -1.49 -35.81
C6 NAG WA . -33.85 -1.45 -37.30
C7 NAG WA . -33.30 0.73 -31.03
C8 NAG WA . -32.75 1.93 -31.73
N2 NAG WA . -33.76 -0.25 -31.82
O3 NAG WA . -36.03 0.46 -33.30
O4 NAG WA . -36.37 -0.91 -35.85
O5 NAG WA . -32.76 -1.16 -35.24
O6 NAG WA . -33.36 -0.17 -37.70
O7 NAG WA . -33.32 0.64 -29.81
C1 NAG WA . -37.11 0.11 -36.43
C2 NAG WA . -38.35 -0.50 -37.09
C3 NAG WA . -39.19 0.60 -37.72
C4 NAG WA . -39.53 1.66 -36.69
C5 NAG WA . -38.25 2.18 -36.05
C6 NAG WA . -38.52 3.15 -34.92
C7 NAG WA . -38.15 -2.79 -37.90
C8 NAG WA . -37.60 -3.67 -38.97
N2 NAG WA . -37.95 -1.48 -38.07
O3 NAG WA . -40.35 0.02 -38.29
O4 NAG WA . -40.19 2.76 -37.29
O5 NAG WA . -37.49 1.10 -35.49
O6 NAG WA . -39.36 2.55 -33.94
O7 NAG WA . -38.74 -3.22 -36.92
C1 BMA WA . -41.57 2.81 -37.50
C2 BMA WA . -41.87 4.21 -37.96
C3 BMA WA . -43.34 4.37 -38.27
C4 BMA WA . -43.74 3.34 -39.30
C5 BMA WA . -43.40 1.95 -38.81
C6 BMA WA . -43.67 0.89 -39.86
O2 BMA WA . -41.08 4.54 -39.09
O3 BMA WA . -43.57 5.69 -38.75
O4 BMA WA . -45.14 3.42 -39.55
O5 BMA WA . -41.99 1.87 -38.51
O6 BMA WA . -43.44 1.43 -41.16
C1 MAN WA . -42.41 0.83 -41.90
C2 MAN WA . -41.21 1.78 -41.90
C3 MAN WA . -41.55 3.10 -42.57
C4 MAN WA . -42.13 2.84 -43.95
C5 MAN WA . -43.32 1.88 -43.85
C6 MAN WA . -43.90 1.51 -45.19
O2 MAN WA . -40.09 1.16 -42.51
O3 MAN WA . -40.38 3.91 -42.68
O4 MAN WA . -42.57 4.06 -44.54
O5 MAN WA . -42.88 0.66 -43.24
O6 MAN WA . -45.00 0.63 -45.04
C1 NAG XA . -34.36 -7.72 -41.21
C2 NAG XA . -34.48 -6.21 -41.27
C3 NAG XA . -35.64 -5.79 -42.17
C4 NAG XA . -35.63 -6.52 -43.49
C5 NAG XA . -35.56 -8.03 -43.24
C6 NAG XA . -35.46 -8.84 -44.52
C7 NAG XA . -33.74 -4.92 -39.31
C8 NAG XA . -32.63 -4.38 -40.15
N2 NAG XA . -34.66 -5.63 -39.96
O3 NAG XA . -35.58 -4.38 -42.38
O4 NAG XA . -36.85 -6.24 -44.18
O5 NAG XA . -34.37 -8.32 -42.49
O6 NAG XA . -34.20 -8.64 -45.14
O7 NAG XA . -33.81 -4.71 -38.11
C1 NAG XA . -36.77 -5.64 -45.44
C2 NAG XA . -38.17 -5.75 -46.06
C3 NAG XA . -38.21 -4.99 -47.39
C4 NAG XA . -37.65 -3.58 -47.24
C5 NAG XA . -36.27 -3.65 -46.62
C6 NAG XA . -35.66 -2.29 -46.38
C7 NAG XA . -39.31 -7.78 -45.37
C8 NAG XA . -39.18 -9.28 -45.38
N2 NAG XA . -38.54 -7.13 -46.25
O3 NAG XA . -39.55 -4.96 -47.86
O4 NAG XA . -37.57 -2.98 -48.51
O5 NAG XA . -36.35 -4.30 -45.34
O6 NAG XA . -34.74 -1.96 -47.42
O7 NAG XA . -40.05 -7.20 -44.59
C1 NAG YA . -7.18 -6.52 -38.68
C2 NAG YA . -6.10 -5.91 -37.78
C3 NAG YA . -4.80 -5.81 -38.57
C4 NAG YA . -4.41 -7.17 -39.11
C5 NAG YA . -5.55 -7.72 -39.96
C6 NAG YA . -5.30 -9.14 -40.42
C7 NAG YA . -6.13 -4.05 -36.16
C8 NAG YA . -5.60 -4.95 -35.09
N2 NAG YA . -6.58 -4.64 -37.26
O3 NAG YA . -3.76 -5.27 -37.75
O4 NAG YA . -3.25 -7.07 -39.94
O5 NAG YA . -6.75 -7.77 -39.18
O6 NAG YA . -5.25 -10.02 -39.30
O7 NAG YA . -6.17 -2.83 -36.01
C1 NAG YA . -2.18 -7.89 -39.62
C2 NAG YA . -1.37 -8.17 -40.88
C3 NAG YA . -0.18 -9.06 -40.53
C4 NAG YA . 0.64 -8.40 -39.44
C5 NAG YA . -0.24 -8.11 -38.23
C6 NAG YA . 0.49 -7.34 -37.15
C7 NAG YA . -2.57 -8.14 -43.00
C8 NAG YA . -3.35 -8.95 -44.00
N2 NAG YA . -2.19 -8.79 -41.90
O3 NAG YA . 0.60 -9.28 -41.69
O4 NAG YA . 1.68 -9.29 -39.04
O5 NAG YA . -1.36 -7.30 -38.61
O6 NAG YA . 0.91 -6.06 -37.62
O7 NAG YA . -2.31 -6.96 -43.18
C1 NAG ZA . -37.98 16.10 27.23
C2 NAG ZA . -38.87 17.35 27.24
C3 NAG ZA . -38.10 18.51 27.85
C4 NAG ZA . -37.61 18.13 29.24
C5 NAG ZA . -36.77 16.86 29.15
C6 NAG ZA . -36.32 16.36 30.50
C7 NAG ZA . -40.59 17.54 25.52
C8 NAG ZA . -41.03 18.36 24.34
N2 NAG ZA . -39.33 17.70 25.92
O3 NAG ZA . -38.93 19.66 27.90
O4 NAG ZA . -36.80 19.19 29.76
O5 NAG ZA . -37.54 15.81 28.54
O6 NAG ZA . -35.53 17.33 31.17
O7 NAG ZA . -41.35 16.75 26.07
C1 NAG AB . 4.61 -16.54 40.12
C2 NAG AB . 5.26 -16.00 41.40
C3 NAG AB . 6.66 -16.57 41.52
C4 NAG AB . 6.62 -18.09 41.47
C5 NAG AB . 5.94 -18.54 40.19
C6 NAG AB . 5.76 -20.03 40.10
C7 NAG AB . 4.27 -13.74 41.39
C8 NAG AB . 4.58 -12.34 40.94
N2 NAG AB . 5.32 -14.57 41.49
O3 NAG AB . 7.25 -16.12 42.73
O4 NAG AB . 7.95 -18.59 41.50
O5 NAG AB . 4.62 -17.95 40.10
O6 NAG AB . 5.12 -20.40 38.88
O7 NAG AB . 3.13 -14.10 41.66
C1 NAG BB . -23.94 -15.17 48.86
C2 NAG BB . -25.12 -14.73 49.71
C3 NAG BB . -24.60 -14.28 51.07
C4 NAG BB . -23.78 -15.40 51.70
C5 NAG BB . -22.65 -15.80 50.76
C6 NAG BB . -21.86 -16.98 51.28
C7 NAG BB . -26.30 -12.55 49.44
C8 NAG BB . -25.74 -11.35 48.74
N2 NAG BB . -25.88 -13.73 48.99
O3 NAG BB . -25.69 -13.92 51.93
O4 NAG BB . -23.20 -14.93 52.92
O5 NAG BB . -23.17 -16.19 49.48
O6 NAG BB . -20.86 -17.40 50.34
O7 NAG BB . -27.09 -12.45 50.36
C1 NAG CB . -5.74 -18.44 54.64
C2 NAG CB . -4.81 -19.44 55.34
C3 NAG CB . -4.37 -20.50 54.34
C4 NAG CB . -5.57 -21.16 53.70
C5 NAG CB . -6.47 -20.11 53.05
C6 NAG CB . -7.75 -20.67 52.50
C7 NAG CB . -3.61 -17.79 56.74
C8 NAG CB . -4.27 -18.01 58.07
N2 NAG CB . -3.63 -18.83 55.90
O3 NAG CB . -3.55 -21.45 55.02
O4 NAG CB . -5.14 -22.08 52.69
O5 NAG CB . -6.84 -19.11 54.04
O6 NAG CB . -7.48 -21.55 51.41
O7 NAG CB . -3.09 -16.72 56.43
C1 NAG DB . 30.04 -15.14 29.07
C2 NAG DB . 30.43 -14.09 30.11
C3 NAG DB . 30.12 -14.63 31.51
C4 NAG DB . 28.66 -15.04 31.60
C5 NAG DB . 28.34 -16.06 30.51
C6 NAG DB . 26.88 -16.42 30.46
C7 NAG DB . 32.52 -13.24 29.05
C8 NAG DB . 34.01 -13.38 29.13
N2 NAG DB . 31.83 -13.70 30.09
O3 NAG DB . 30.43 -13.63 32.47
O4 NAG DB . 28.42 -15.65 32.87
O5 NAG DB . 28.69 -15.52 29.21
O6 NAG DB . 26.44 -16.96 31.70
O7 NAG DB . 31.98 -12.70 28.09
C1 NAG EB . -4.00 49.31 1.58
C2 NAG EB . -4.79 50.57 1.25
C3 NAG EB . -5.01 50.65 -0.25
C4 NAG EB . -3.68 50.59 -0.98
C5 NAG EB . -2.94 49.32 -0.57
C6 NAG EB . -1.55 49.21 -1.15
C7 NAG EB . -6.29 50.63 3.23
C8 NAG EB . -7.68 50.25 3.65
N2 NAG EB . -6.07 50.69 1.91
O3 NAG EB . -5.71 51.83 -0.57
O4 NAG EB . -3.89 50.57 -2.38
O5 NAG EB . -2.78 49.29 0.87
O6 NAG EB . -0.92 48.00 -0.75
O7 NAG EB . -5.41 50.91 4.04
C1 NAG FB . 38.15 16.90 -13.59
C2 NAG FB . 38.51 17.28 -15.02
C3 NAG FB . 39.26 16.13 -15.67
C4 NAG FB . 40.48 15.75 -14.85
C5 NAG FB . 40.04 15.43 -13.43
C6 NAG FB . 41.20 15.16 -12.49
C7 NAG FB . 36.47 18.57 -15.54
C8 NAG FB . 35.10 18.36 -16.11
N2 NAG FB . 37.37 17.63 -15.84
O3 NAG FB . 39.63 16.48 -17.00
O4 NAG FB . 41.11 14.61 -15.43
O5 NAG FB . 39.32 16.54 -12.86
O6 NAG FB . 40.74 14.80 -11.20
O7 NAG FB . 36.75 19.53 -14.84
C1 NAG GB . 36.43 43.00 -0.08
C2 NAG GB . 36.52 44.52 -0.10
C3 NAG GB . 37.22 44.94 -1.38
C4 NAG GB . 38.57 44.24 -1.49
C5 NAG GB . 38.38 42.73 -1.41
C6 NAG GB . 39.69 41.97 -1.40
C7 NAG GB . 34.60 46.04 -0.62
C8 NAG GB . 33.21 45.73 -1.09
N2 NAG GB . 35.20 45.08 0.10
O3 NAG GB . 37.39 46.35 -1.42
O4 NAG GB . 39.17 44.55 -2.75
O5 NAG GB . 37.69 42.38 -0.20
O6 NAG GB . 39.48 40.57 -1.26
O7 NAG GB . 35.15 47.11 -0.86
C1 NAG HB . 46.33 32.40 -14.78
C2 NAG HB . 47.30 32.10 -15.93
C3 NAG HB . 47.96 30.75 -15.70
C4 NAG HB . 48.65 30.73 -14.34
C5 NAG HB . 47.63 31.06 -13.26
C6 NAG HB . 48.25 31.17 -11.89
C7 NAG HB . 46.80 33.10 -18.12
C8 NAG HB . 47.80 34.16 -17.75
N2 NAG HB . 46.62 32.13 -17.20
O3 NAG HB . 48.91 30.50 -16.75
O4 NAG HB . 49.16 29.43 -14.10
O5 NAG HB . 47.01 32.33 -13.54
O6 NAG HB . 47.26 31.46 -10.90
O7 NAG HB . 46.18 33.11 -19.18
C1 NAG IB . 35.14 -8.19 -26.08
C2 NAG IB . 34.86 -6.94 -26.90
C3 NAG IB . 36.15 -6.49 -27.58
C4 NAG IB . 37.24 -6.29 -26.54
C5 NAG IB . 37.43 -7.57 -25.74
C6 NAG IB . 38.43 -7.40 -24.62
C7 NAG IB . 32.65 -6.47 -27.84
C8 NAG IB . 31.63 -6.90 -28.84
N2 NAG IB . 33.82 -7.11 -27.90
O3 NAG IB . 35.92 -5.30 -28.32
O4 NAG IB . 38.47 -5.97 -27.21
O5 NAG IB . 36.17 -7.95 -25.13
O6 NAG IB . 38.08 -6.30 -23.79
O7 NAG IB . 32.44 -5.58 -27.02
C1 NAG JB . -37.64 18.63 -26.52
C2 NAG JB . -38.76 19.56 -26.04
C3 NAG JB . -39.76 18.76 -25.21
C4 NAG JB . -40.28 17.58 -26.04
C5 NAG JB . -39.11 16.74 -26.52
C6 NAG JB . -39.53 15.62 -27.44
C7 NAG JB . -38.28 21.94 -25.67
C8 NAG JB . -37.91 22.97 -24.64
N2 NAG JB . -38.25 20.66 -25.25
O3 NAG JB . -40.82 19.60 -24.81
O4 NAG JB . -41.13 16.78 -25.22
O5 NAG JB . -38.17 17.55 -27.26
O6 NAG JB . -40.50 14.77 -26.82
O7 NAG JB . -38.58 22.23 -26.81
C1 NAG KB . -12.92 -31.66 -27.51
C2 NAG KB . -13.99 -32.71 -27.22
C3 NAG KB . -13.31 -33.96 -26.67
C4 NAG KB . -12.26 -34.46 -27.65
C5 NAG KB . -11.25 -33.34 -27.91
C6 NAG KB . -10.23 -33.70 -28.96
C7 NAG KB . -15.74 -31.17 -26.40
C8 NAG KB . -16.25 -30.58 -25.12
N2 NAG KB . -15.00 -32.27 -26.27
O3 NAG KB . -14.30 -34.96 -26.44
O4 NAG KB . -11.58 -35.58 -27.07
O5 NAG KB . -11.94 -32.17 -28.40
O6 NAG KB . -9.29 -32.64 -29.14
O7 NAG KB . -15.99 -30.66 -27.49
C1 NAG LB . -25.16 -14.49 -48.31
C2 NAG LB . -26.30 -14.05 -49.23
C3 NAG LB . -27.32 -15.19 -49.31
C4 NAG LB . -26.62 -16.46 -49.77
C5 NAG LB . -25.46 -16.80 -48.83
C6 NAG LB . -24.66 -17.99 -49.28
C7 NAG LB . -28.10 -12.44 -48.55
C8 NAG LB . -28.41 -11.82 -47.22
N2 NAG LB . -26.83 -12.78 -48.75
O3 NAG LB . -28.38 -14.85 -50.19
O4 NAG LB . -27.55 -17.54 -49.74
O5 NAG LB . -24.55 -15.69 -48.75
O6 NAG LB . -23.55 -18.23 -48.42
O7 NAG LB . -28.96 -12.60 -49.41
C1 NAG MB . -23.72 -33.89 -41.28
C2 NAG MB . -23.99 -35.38 -41.10
C3 NAG MB . -22.67 -36.10 -40.79
C4 NAG MB . -21.66 -35.81 -41.88
C5 NAG MB . -21.48 -34.31 -42.02
C6 NAG MB . -20.56 -33.93 -43.16
C7 NAG MB . -26.20 -36.06 -40.29
C8 NAG MB . -26.56 -36.30 -41.73
N2 NAG MB . -24.96 -35.63 -40.06
O3 NAG MB . -22.92 -37.50 -40.68
O4 NAG MB . -20.41 -36.39 -41.52
O5 NAG MB . -22.74 -33.67 -42.28
O6 NAG MB . -20.40 -32.51 -43.26
O7 NAG MB . -27.00 -36.27 -39.38
C1 NAG NB . -1.79 -44.43 -5.01
C2 NAG NB . -2.92 -43.93 -5.92
C3 NAG NB . -3.29 -45.03 -6.90
C4 NAG NB . -2.08 -45.51 -7.68
C5 NAG NB . -1.00 -45.96 -6.70
C6 NAG NB . 0.29 -46.33 -7.40
C7 NAG NB . -4.29 -42.63 -4.28
C8 NAG NB . -3.65 -41.31 -4.51
N2 NAG NB . -4.14 -43.55 -5.25
O3 NAG NB . -4.30 -44.54 -7.79
O4 NAG NB . -2.43 -46.60 -8.51
O5 NAG NB . -0.68 -44.90 -5.78
O6 NAG NB . 1.21 -46.93 -6.49
O7 NAG NB . -4.95 -42.87 -3.27
#